data_1NZ8
#
_entry.id   1NZ8
#
_entity_poly.entity_id   1
_entity_poly.type   'polypeptide(L)'
_entity_poly.pdbx_seq_one_letter_code
;SIEWYAVHTLVGQEEKAKANLEKRIKAFGLQDKIFQVLIPTEEVVELREGGKKEVVRKKLFPGYLFIQMDLGDEEEPNEA
WEVVRGTPGITGFVGAGMRPVPLSPDEVRHILEVSGLLG
;
_entity_poly.pdbx_strand_id   A
#
# COMPACT_ATOMS: atom_id res chain seq x y z
N SER A 1 15.05 8.61 -2.63
CA SER A 1 15.67 7.71 -3.64
C SER A 1 14.75 6.54 -3.97
N ILE A 2 13.94 6.14 -2.99
CA ILE A 2 13.01 5.03 -3.18
C ILE A 2 11.76 5.49 -3.93
N GLU A 3 10.73 4.65 -3.95
CA GLU A 3 9.50 4.99 -4.65
C GLU A 3 8.29 4.28 -4.04
N TRP A 4 7.10 4.85 -4.26
CA TRP A 4 5.86 4.29 -3.74
C TRP A 4 5.19 3.43 -4.79
N TYR A 5 5.44 2.12 -4.72
CA TYR A 5 4.86 1.18 -5.67
C TYR A 5 3.44 0.78 -5.25
N ALA A 6 2.46 1.15 -6.07
CA ALA A 6 1.07 0.82 -5.78
C ALA A 6 0.56 -0.29 -6.68
N VAL A 7 -0.11 -1.27 -6.08
CA VAL A 7 -0.64 -2.40 -6.83
C VAL A 7 -2.13 -2.61 -6.51
N HIS A 8 -2.81 -3.34 -7.40
CA HIS A 8 -4.23 -3.62 -7.22
C HIS A 8 -4.44 -4.89 -6.43
N THR A 9 -5.63 -5.03 -5.85
CA THR A 9 -5.97 -6.21 -5.06
C THR A 9 -7.47 -6.47 -5.08
N LEU A 10 -7.90 -7.46 -4.30
CA LEU A 10 -9.32 -7.82 -4.23
C LEU A 10 -10.06 -6.95 -3.22
N VAL A 11 -11.27 -6.53 -3.58
CA VAL A 11 -12.08 -5.69 -2.70
C VAL A 11 -12.52 -6.46 -1.46
N GLY A 12 -12.16 -5.95 -0.29
CA GLY A 12 -12.54 -6.60 0.94
C GLY A 12 -11.44 -7.50 1.48
N GLN A 13 -10.61 -8.01 0.59
CA GLN A 13 -9.51 -8.90 0.99
C GLN A 13 -8.23 -8.10 1.22
N GLU A 14 -8.20 -6.86 0.75
CA GLU A 14 -7.03 -5.99 0.91
C GLU A 14 -6.59 -5.94 2.37
N GLU A 15 -7.55 -5.74 3.28
CA GLU A 15 -7.25 -5.67 4.69
C GLU A 15 -6.61 -6.97 5.19
N LYS A 16 -6.98 -8.08 4.55
CA LYS A 16 -6.44 -9.38 4.92
C LYS A 16 -5.12 -9.64 4.21
N ALA A 17 -4.98 -9.09 3.00
CA ALA A 17 -3.77 -9.27 2.22
C ALA A 17 -2.57 -8.63 2.92
N LYS A 18 -2.82 -7.55 3.65
CA LYS A 18 -1.76 -6.85 4.36
C LYS A 18 -1.06 -7.78 5.34
N ALA A 19 -1.84 -8.50 6.15
CA ALA A 19 -1.28 -9.43 7.13
C ALA A 19 -0.56 -10.58 6.44
N ASN A 20 -1.26 -11.24 5.52
CA ASN A 20 -0.69 -12.37 4.80
C ASN A 20 0.54 -11.94 4.01
N LEU A 21 0.53 -10.70 3.55
CA LEU A 21 1.64 -10.15 2.78
C LEU A 21 2.77 -9.71 3.69
N GLU A 22 2.48 -8.76 4.58
CA GLU A 22 3.47 -8.23 5.52
C GLU A 22 4.24 -9.36 6.20
N LYS A 23 3.55 -10.47 6.46
CA LYS A 23 4.18 -11.62 7.11
C LYS A 23 5.23 -12.24 6.19
N ARG A 24 4.86 -12.45 4.93
CA ARG A 24 5.77 -13.03 3.96
C ARG A 24 6.98 -12.13 3.74
N ILE A 25 6.75 -10.83 3.72
CA ILE A 25 7.82 -9.86 3.52
C ILE A 25 8.83 -9.93 4.67
N LYS A 26 8.35 -10.31 5.85
CA LYS A 26 9.21 -10.41 7.02
C LYS A 26 9.73 -11.84 7.18
N ALA A 27 8.94 -12.81 6.73
CA ALA A 27 9.32 -14.21 6.83
C ALA A 27 10.48 -14.54 5.90
N PHE A 28 10.42 -14.03 4.68
CA PHE A 28 11.47 -14.26 3.70
C PHE A 28 12.65 -13.33 3.93
N GLY A 29 12.37 -12.15 4.46
CA GLY A 29 13.42 -11.18 4.73
C GLY A 29 13.55 -10.14 3.63
N LEU A 30 12.52 -9.31 3.48
CA LEU A 30 12.53 -8.26 2.46
C LEU A 30 12.27 -6.89 3.09
N GLN A 31 12.57 -6.77 4.38
CA GLN A 31 12.39 -5.51 5.08
C GLN A 31 13.44 -4.48 4.68
N ASP A 32 14.45 -4.92 3.94
CA ASP A 32 15.52 -4.04 3.49
C ASP A 32 15.07 -3.21 2.28
N LYS A 33 14.18 -3.78 1.48
CA LYS A 33 13.67 -3.09 0.30
C LYS A 33 12.43 -2.28 0.64
N ILE A 34 11.45 -2.92 1.27
CA ILE A 34 10.22 -2.26 1.64
C ILE A 34 10.41 -1.44 2.91
N PHE A 35 10.03 -0.17 2.87
CA PHE A 35 10.16 0.71 4.02
C PHE A 35 8.79 1.13 4.56
N GLN A 36 7.94 1.67 3.68
CA GLN A 36 6.62 2.12 4.09
C GLN A 36 5.53 1.27 3.46
N VAL A 37 4.36 1.27 4.09
CA VAL A 37 3.21 0.50 3.60
C VAL A 37 1.91 1.15 4.03
N LEU A 38 1.59 2.29 3.42
CA LEU A 38 0.37 3.03 3.75
C LEU A 38 -0.81 2.51 2.95
N ILE A 39 -2.01 2.61 3.53
CA ILE A 39 -3.23 2.15 2.89
C ILE A 39 -4.07 3.35 2.43
N PRO A 40 -4.53 3.34 1.17
CA PRO A 40 -5.35 4.43 0.62
C PRO A 40 -6.69 4.57 1.32
N THR A 41 -6.66 5.08 2.55
CA THR A 41 -7.88 5.26 3.33
C THR A 41 -7.78 6.48 4.23
N GLU A 42 -8.79 7.34 4.19
CA GLU A 42 -8.80 8.54 5.02
C GLU A 42 -9.23 8.22 6.44
N GLU A 43 -8.60 8.88 7.42
CA GLU A 43 -8.92 8.67 8.82
C GLU A 43 -9.90 9.71 9.34
N VAL A 44 -10.78 9.29 10.23
CA VAL A 44 -11.78 10.19 10.81
C VAL A 44 -12.12 9.78 12.23
N VAL A 45 -11.82 10.65 13.19
CA VAL A 45 -12.10 10.37 14.59
C VAL A 45 -13.42 10.98 15.03
N GLU A 46 -14.19 10.22 15.82
CA GLU A 46 -15.48 10.68 16.30
C GLU A 46 -15.74 10.16 17.71
N LEU A 47 -15.93 11.09 18.65
CA LEU A 47 -16.18 10.71 20.04
C LEU A 47 -17.47 11.35 20.54
N ARG A 48 -18.14 10.66 21.46
CA ARG A 48 -19.39 11.16 22.03
C ARG A 48 -19.28 11.32 23.54
N GLU A 49 -18.72 10.30 24.19
CA GLU A 49 -18.56 10.32 25.63
C GLU A 49 -17.12 9.97 26.02
N GLY A 50 -16.83 10.03 27.32
CA GLY A 50 -15.49 9.72 27.79
C GLY A 50 -15.35 8.27 28.18
N GLY A 51 -14.28 7.63 27.70
CA GLY A 51 -14.04 6.24 28.00
C GLY A 51 -14.13 5.35 26.77
N LYS A 52 -15.18 5.57 25.97
CA LYS A 52 -15.39 4.78 24.77
C LYS A 52 -15.18 5.63 23.52
N LYS A 53 -14.32 5.16 22.62
CA LYS A 53 -14.03 5.88 21.39
C LYS A 53 -14.01 4.93 20.19
N GLU A 54 -14.61 5.37 19.09
CA GLU A 54 -14.66 4.56 17.87
C GLU A 54 -14.11 5.34 16.69
N VAL A 55 -13.00 4.86 16.13
CA VAL A 55 -12.36 5.51 14.99
C VAL A 55 -12.48 4.65 13.74
N VAL A 56 -12.83 5.28 12.62
CA VAL A 56 -12.98 4.58 11.35
C VAL A 56 -12.17 5.27 10.25
N ARG A 57 -12.24 4.73 9.04
CA ARG A 57 -11.52 5.30 7.92
C ARG A 57 -12.17 4.92 6.59
N LYS A 58 -12.26 5.88 5.68
CA LYS A 58 -12.86 5.63 4.37
C LYS A 58 -11.79 5.38 3.33
N LYS A 59 -11.94 4.29 2.58
CA LYS A 59 -10.97 3.93 1.54
C LYS A 59 -11.15 4.79 0.30
N LEU A 60 -10.19 5.68 0.05
CA LEU A 60 -10.25 6.56 -1.11
C LEU A 60 -9.98 5.77 -2.39
N PHE A 61 -8.90 4.98 -2.38
CA PHE A 61 -8.54 4.17 -3.53
C PHE A 61 -8.83 2.69 -3.26
N PRO A 62 -9.98 2.19 -3.74
CA PRO A 62 -10.38 0.80 -3.53
C PRO A 62 -9.43 -0.20 -4.18
N GLY A 63 -9.11 -1.26 -3.46
CA GLY A 63 -8.21 -2.28 -3.98
C GLY A 63 -6.83 -1.73 -4.30
N TYR A 64 -6.44 -0.66 -3.61
CA TYR A 64 -5.14 -0.05 -3.84
C TYR A 64 -4.28 -0.13 -2.59
N LEU A 65 -2.97 -0.30 -2.80
CA LEU A 65 -2.04 -0.38 -1.67
C LEU A 65 -0.72 0.31 -2.02
N PHE A 66 -0.43 1.41 -1.33
CA PHE A 66 0.79 2.16 -1.56
C PHE A 66 1.93 1.64 -0.70
N ILE A 67 3.03 1.26 -1.35
CA ILE A 67 4.19 0.73 -0.64
C ILE A 67 5.47 1.44 -1.07
N GLN A 68 6.12 2.12 -0.13
CA GLN A 68 7.36 2.83 -0.41
C GLN A 68 8.53 1.85 -0.43
N MET A 69 8.57 1.02 -1.47
CA MET A 69 9.64 0.02 -1.62
C MET A 69 10.81 0.59 -2.40
N ASP A 70 11.79 -0.27 -2.70
CA ASP A 70 12.97 0.13 -3.45
C ASP A 70 13.26 -0.85 -4.58
N LEU A 71 12.48 -0.78 -5.65
CA LEU A 71 12.65 -1.67 -6.80
C LEU A 71 13.63 -1.09 -7.80
N GLY A 72 14.28 0.02 -7.43
CA GLY A 72 15.23 0.64 -8.33
C GLY A 72 16.57 -0.07 -8.35
N ASP A 73 16.55 -1.33 -8.77
CA ASP A 73 17.77 -2.13 -8.83
C ASP A 73 18.53 -1.85 -10.12
N GLU A 74 17.97 -2.25 -11.24
CA GLU A 74 18.58 -2.04 -12.54
C GLU A 74 17.56 -2.22 -13.66
N GLU A 75 17.36 -3.46 -14.09
CA GLU A 75 16.40 -3.76 -15.15
C GLU A 75 15.02 -4.06 -14.57
N GLU A 76 14.90 -5.19 -13.91
CA GLU A 76 13.65 -5.60 -13.30
C GLU A 76 13.73 -5.53 -11.77
N PRO A 77 12.58 -5.44 -11.09
CA PRO A 77 12.52 -5.37 -9.63
C PRO A 77 13.17 -6.59 -8.97
N ASN A 78 13.27 -6.57 -7.65
CA ASN A 78 13.87 -7.67 -6.91
C ASN A 78 12.83 -8.74 -6.59
N GLU A 79 13.23 -9.72 -5.78
CA GLU A 79 12.33 -10.80 -5.39
C GLU A 79 11.07 -10.27 -4.71
N ALA A 80 11.15 -9.05 -4.19
CA ALA A 80 10.01 -8.44 -3.52
C ALA A 80 8.75 -8.50 -4.38
N TRP A 81 8.91 -8.23 -5.67
CA TRP A 81 7.80 -8.25 -6.60
C TRP A 81 7.23 -9.66 -6.72
N GLU A 82 8.11 -10.66 -6.74
CA GLU A 82 7.69 -12.05 -6.85
C GLU A 82 6.80 -12.45 -5.67
N VAL A 83 7.19 -12.04 -4.48
CA VAL A 83 6.43 -12.35 -3.27
C VAL A 83 5.01 -11.81 -3.36
N VAL A 84 4.90 -10.53 -3.69
CA VAL A 84 3.60 -9.88 -3.81
C VAL A 84 2.77 -10.52 -4.92
N ARG A 85 3.41 -10.81 -6.05
CA ARG A 85 2.74 -11.41 -7.18
C ARG A 85 2.29 -12.84 -6.86
N GLY A 86 2.86 -13.42 -5.82
CA GLY A 86 2.51 -14.77 -5.43
C GLY A 86 1.67 -14.83 -4.17
N THR A 87 1.63 -13.74 -3.41
CA THR A 87 0.85 -13.69 -2.18
C THR A 87 -0.63 -13.89 -2.47
N PRO A 88 -1.35 -14.61 -1.58
CA PRO A 88 -2.79 -14.86 -1.75
C PRO A 88 -3.59 -13.58 -1.93
N GLY A 89 -3.02 -12.46 -1.49
CA GLY A 89 -3.72 -11.18 -1.60
C GLY A 89 -3.37 -10.44 -2.87
N ILE A 90 -3.18 -11.17 -3.97
CA ILE A 90 -2.86 -10.55 -5.25
C ILE A 90 -3.65 -11.19 -6.40
N THR A 91 -4.19 -10.35 -7.27
CA THR A 91 -4.96 -10.85 -8.41
C THR A 91 -4.23 -10.58 -9.72
N GLY A 92 -3.65 -9.40 -9.84
CA GLY A 92 -2.92 -9.05 -11.05
C GLY A 92 -2.39 -7.62 -11.01
N PHE A 93 -2.72 -6.86 -12.04
CA PHE A 93 -2.28 -5.46 -12.12
C PHE A 93 -3.25 -4.63 -12.96
N VAL A 94 -2.96 -3.34 -13.09
CA VAL A 94 -3.81 -2.43 -13.86
C VAL A 94 -4.01 -2.95 -15.28
N GLY A 95 -2.93 -3.46 -15.88
CA GLY A 95 -3.01 -3.98 -17.23
C GLY A 95 -2.88 -2.89 -18.28
N ALA A 96 -1.94 -1.98 -18.05
CA ALA A 96 -1.71 -0.88 -18.99
C ALA A 96 -0.39 -1.05 -19.72
N GLY A 97 0.70 -0.71 -19.05
CA GLY A 97 2.02 -0.84 -19.64
C GLY A 97 2.90 -1.82 -18.91
N MET A 98 3.10 -1.59 -17.61
CA MET A 98 3.92 -2.47 -16.79
C MET A 98 3.05 -3.22 -15.78
N ARG A 99 3.70 -3.96 -14.88
CA ARG A 99 2.98 -4.72 -13.87
C ARG A 99 2.60 -3.83 -12.68
N PRO A 100 3.55 -3.07 -12.12
CA PRO A 100 3.29 -2.18 -11.00
C PRO A 100 2.67 -0.86 -11.41
N VAL A 101 2.59 0.07 -10.47
CA VAL A 101 2.02 1.39 -10.74
C VAL A 101 2.60 2.45 -9.80
N PRO A 102 3.89 2.81 -10.00
CA PRO A 102 4.57 3.80 -9.17
C PRO A 102 3.87 5.16 -9.20
N LEU A 103 3.66 5.75 -8.03
CA LEU A 103 3.00 7.05 -7.93
C LEU A 103 4.01 8.18 -8.04
N SER A 104 3.53 9.38 -8.33
CA SER A 104 4.38 10.55 -8.48
C SER A 104 4.56 11.26 -7.13
N PRO A 105 5.67 11.98 -6.94
CA PRO A 105 5.96 12.70 -5.70
C PRO A 105 4.79 13.61 -5.29
N ASP A 106 4.29 14.39 -6.23
CA ASP A 106 3.18 15.30 -5.97
C ASP A 106 1.94 14.53 -5.54
N GLU A 107 1.79 13.31 -6.06
CA GLU A 107 0.64 12.48 -5.73
C GLU A 107 0.87 11.75 -4.40
N VAL A 108 2.11 11.36 -4.15
CA VAL A 108 2.45 10.65 -2.92
C VAL A 108 2.13 11.51 -1.69
N ARG A 109 2.50 12.77 -1.74
CA ARG A 109 2.25 13.69 -0.63
C ARG A 109 0.75 13.85 -0.39
N HIS A 110 -0.04 13.66 -1.43
CA HIS A 110 -1.49 13.79 -1.32
C HIS A 110 -2.11 12.52 -0.76
N ILE A 111 -1.58 11.38 -1.15
CA ILE A 111 -2.08 10.10 -0.67
C ILE A 111 -1.52 9.77 0.71
N LEU A 112 -0.42 10.42 1.06
CA LEU A 112 0.22 10.20 2.36
C LEU A 112 -0.39 11.12 3.41
N GLU A 113 -0.79 12.32 2.99
CA GLU A 113 -1.40 13.29 3.90
C GLU A 113 -2.76 12.80 4.39
N VAL A 114 -3.46 12.07 3.51
CA VAL A 114 -4.77 11.54 3.86
C VAL A 114 -4.65 10.26 4.67
N SER A 115 -3.63 9.46 4.37
CA SER A 115 -3.40 8.21 5.08
C SER A 115 -3.16 8.46 6.56
N GLY A 116 -2.08 9.18 6.86
CA GLY A 116 -1.75 9.49 8.24
C GLY A 116 -0.27 9.69 8.46
N LEU A 117 0.38 10.40 7.54
CA LEU A 117 1.80 10.66 7.65
C LEU A 117 2.07 12.16 7.77
N LEU A 118 1.59 12.93 6.81
CA LEU A 118 1.78 14.38 6.81
C LEU A 118 0.78 15.05 7.74
N GLY A 119 -0.40 14.45 7.88
CA GLY A 119 -1.42 15.00 8.75
C GLY A 119 -2.80 14.43 8.46
N SER A 1 14.47 8.63 -1.21
CA SER A 1 15.38 7.46 -1.30
C SER A 1 14.66 6.26 -1.91
N ILE A 2 13.34 6.19 -1.72
CA ILE A 2 12.55 5.09 -2.26
C ILE A 2 11.30 5.63 -2.96
N GLU A 3 10.39 4.73 -3.33
CA GLU A 3 9.17 5.15 -4.01
C GLU A 3 7.98 4.24 -3.66
N TRP A 4 6.78 4.74 -3.96
CA TRP A 4 5.55 4.01 -3.70
C TRP A 4 5.12 3.23 -4.94
N TYR A 5 4.65 2.00 -4.74
CA TYR A 5 4.19 1.17 -5.83
C TYR A 5 2.77 0.68 -5.57
N ALA A 6 1.83 1.20 -6.34
CA ALA A 6 0.42 0.83 -6.18
C ALA A 6 0.09 -0.45 -6.93
N VAL A 7 -0.90 -1.18 -6.41
CA VAL A 7 -1.33 -2.43 -7.02
C VAL A 7 -2.82 -2.66 -6.79
N HIS A 8 -3.41 -3.56 -7.58
CA HIS A 8 -4.84 -3.86 -7.45
C HIS A 8 -5.05 -5.15 -6.66
N THR A 9 -6.20 -5.24 -5.99
CA THR A 9 -6.53 -6.42 -5.20
C THR A 9 -8.04 -6.64 -5.17
N LEU A 10 -8.47 -7.66 -4.45
CA LEU A 10 -9.89 -7.98 -4.34
C LEU A 10 -10.53 -7.25 -3.16
N VAL A 11 -11.74 -6.77 -3.36
CA VAL A 11 -12.46 -6.06 -2.31
C VAL A 11 -12.70 -6.95 -1.10
N GLY A 12 -12.27 -6.50 0.07
CA GLY A 12 -12.45 -7.27 1.28
C GLY A 12 -11.22 -8.08 1.64
N GLN A 13 -10.55 -8.62 0.64
CA GLN A 13 -9.35 -9.41 0.84
C GLN A 13 -8.12 -8.52 1.00
N GLU A 14 -8.21 -7.30 0.50
CA GLU A 14 -7.10 -6.35 0.59
C GLU A 14 -6.64 -6.18 2.03
N GLU A 15 -7.60 -6.06 2.94
CA GLU A 15 -7.30 -5.88 4.36
C GLU A 15 -6.39 -7.01 4.87
N LYS A 16 -6.74 -8.24 4.52
CA LYS A 16 -5.95 -9.40 4.93
C LYS A 16 -4.73 -9.60 4.02
N ALA A 17 -4.84 -9.09 2.80
CA ALA A 17 -3.74 -9.21 1.84
C ALA A 17 -2.47 -8.56 2.36
N LYS A 18 -2.60 -7.32 2.82
CA LYS A 18 -1.45 -6.58 3.34
C LYS A 18 -0.84 -7.30 4.54
N ALA A 19 -1.69 -7.97 5.32
CA ALA A 19 -1.25 -8.71 6.49
C ALA A 19 -0.46 -9.96 6.10
N ASN A 20 -1.06 -10.76 5.22
CA ASN A 20 -0.42 -11.98 4.76
C ASN A 20 0.91 -11.67 4.07
N LEU A 21 0.96 -10.53 3.40
CA LEU A 21 2.17 -10.10 2.71
C LEU A 21 3.23 -9.65 3.70
N GLU A 22 2.87 -8.70 4.55
CA GLU A 22 3.79 -8.17 5.56
C GLU A 22 4.46 -9.30 6.34
N LYS A 23 3.74 -10.42 6.48
CA LYS A 23 4.26 -11.57 7.19
C LYS A 23 5.34 -12.27 6.37
N ARG A 24 5.09 -12.42 5.07
CA ARG A 24 6.05 -13.07 4.18
C ARG A 24 7.31 -12.23 4.05
N ILE A 25 7.15 -10.90 4.08
CA ILE A 25 8.27 -9.99 3.97
C ILE A 25 9.15 -10.05 5.22
N LYS A 26 8.53 -10.32 6.35
CA LYS A 26 9.25 -10.41 7.62
C LYS A 26 9.85 -11.79 7.81
N ALA A 27 9.17 -12.81 7.29
CA ALA A 27 9.63 -14.18 7.41
C ALA A 27 10.79 -14.44 6.46
N PHE A 28 10.68 -13.93 5.24
CA PHE A 28 11.73 -14.10 4.23
C PHE A 28 12.87 -13.10 4.45
N GLY A 29 12.54 -11.97 5.09
CA GLY A 29 13.56 -10.96 5.35
C GLY A 29 13.67 -9.95 4.23
N LEU A 30 12.52 -9.53 3.70
CA LEU A 30 12.49 -8.57 2.60
C LEU A 30 12.18 -7.16 3.13
N GLN A 31 12.56 -6.91 4.38
CA GLN A 31 12.33 -5.61 4.99
C GLN A 31 13.24 -4.54 4.39
N ASP A 32 14.22 -4.97 3.60
CA ASP A 32 15.15 -4.04 2.97
C ASP A 32 14.53 -3.41 1.73
N LYS A 33 13.57 -4.09 1.14
CA LYS A 33 12.89 -3.59 -0.05
C LYS A 33 11.69 -2.73 0.33
N ILE A 34 10.79 -3.30 1.13
CA ILE A 34 9.61 -2.59 1.58
C ILE A 34 9.90 -1.79 2.85
N PHE A 35 9.38 -0.57 2.92
CA PHE A 35 9.60 0.28 4.08
C PHE A 35 8.30 0.87 4.60
N GLN A 36 7.58 1.57 3.72
CA GLN A 36 6.33 2.20 4.11
C GLN A 36 5.12 1.51 3.47
N VAL A 37 4.10 1.27 4.29
CA VAL A 37 2.88 0.63 3.83
C VAL A 37 1.67 1.50 4.18
N LEU A 38 1.19 2.25 3.19
CA LEU A 38 0.04 3.13 3.39
C LEU A 38 -1.17 2.64 2.62
N ILE A 39 -2.28 2.44 3.34
CA ILE A 39 -3.52 1.97 2.73
C ILE A 39 -4.34 3.14 2.22
N PRO A 40 -4.73 3.12 0.92
CA PRO A 40 -5.52 4.18 0.31
C PRO A 40 -6.90 4.33 0.96
N THR A 41 -6.93 4.94 2.14
CA THR A 41 -8.18 5.15 2.86
C THR A 41 -8.04 6.26 3.89
N GLU A 42 -9.15 6.91 4.20
CA GLU A 42 -9.14 7.99 5.18
C GLU A 42 -9.45 7.47 6.57
N GLU A 43 -8.78 8.01 7.57
CA GLU A 43 -8.99 7.58 8.96
C GLU A 43 -9.47 8.74 9.82
N VAL A 44 -10.74 8.68 10.21
CA VAL A 44 -11.33 9.73 11.04
C VAL A 44 -12.21 9.12 12.13
N VAL A 45 -11.98 9.57 13.37
CA VAL A 45 -12.74 9.08 14.51
C VAL A 45 -12.64 10.06 15.68
N GLU A 46 -13.78 10.34 16.32
CA GLU A 46 -13.80 11.27 17.44
C GLU A 46 -14.24 10.55 18.72
N LEU A 47 -14.38 11.32 19.80
CA LEU A 47 -14.79 10.76 21.08
C LEU A 47 -16.31 10.74 21.21
N ARG A 48 -16.81 9.96 22.15
CA ARG A 48 -18.26 9.86 22.36
C ARG A 48 -18.58 9.84 23.86
N GLU A 49 -17.74 10.52 24.64
CA GLU A 49 -17.94 10.59 26.08
C GLU A 49 -18.96 11.67 26.45
N GLY A 50 -18.99 12.73 25.64
CA GLY A 50 -19.93 13.81 25.89
C GLY A 50 -19.54 15.09 25.17
N GLY A 51 -20.09 15.28 23.98
CA GLY A 51 -19.79 16.47 23.20
C GLY A 51 -19.92 16.24 21.71
N LYS A 52 -19.16 15.28 21.20
CA LYS A 52 -19.20 14.95 19.77
C LYS A 52 -19.51 13.48 19.56
N LYS A 53 -19.50 13.06 18.30
CA LYS A 53 -19.78 11.67 17.95
C LYS A 53 -18.57 11.03 17.27
N GLU A 54 -18.55 9.70 17.26
CA GLU A 54 -17.45 8.96 16.65
C GLU A 54 -17.62 8.89 15.13
N VAL A 55 -16.51 8.73 14.43
CA VAL A 55 -16.53 8.65 12.97
C VAL A 55 -16.03 7.28 12.51
N VAL A 56 -15.44 7.21 11.31
CA VAL A 56 -14.94 5.94 10.78
C VAL A 56 -13.92 6.16 9.67
N ARG A 57 -13.44 5.06 9.10
CA ARG A 57 -12.46 5.12 8.02
C ARG A 57 -13.15 5.17 6.66
N LYS A 58 -12.63 6.01 5.77
CA LYS A 58 -13.18 6.16 4.44
C LYS A 58 -12.33 5.43 3.41
N LYS A 59 -12.57 5.70 2.14
CA LYS A 59 -11.82 5.06 1.06
C LYS A 59 -11.47 6.07 -0.04
N LEU A 60 -10.18 6.29 -0.23
CA LEU A 60 -9.71 7.24 -1.25
C LEU A 60 -9.49 6.52 -2.57
N PHE A 61 -8.67 5.48 -2.55
CA PHE A 61 -8.38 4.71 -3.76
C PHE A 61 -8.77 3.24 -3.57
N PRO A 62 -10.07 2.94 -3.70
CA PRO A 62 -10.59 1.56 -3.53
C PRO A 62 -9.91 0.56 -4.46
N GLY A 63 -9.70 -0.65 -3.96
CA GLY A 63 -9.07 -1.69 -4.76
C GLY A 63 -7.61 -1.41 -5.04
N TYR A 64 -7.00 -0.52 -4.26
CA TYR A 64 -5.59 -0.18 -4.46
C TYR A 64 -4.82 -0.28 -3.14
N LEU A 65 -3.50 -0.34 -3.26
CA LEU A 65 -2.64 -0.44 -2.09
C LEU A 65 -1.28 0.21 -2.37
N PHE A 66 -0.93 1.19 -1.57
CA PHE A 66 0.35 1.90 -1.74
C PHE A 66 1.46 1.23 -0.96
N ILE A 67 2.58 0.98 -1.64
CA ILE A 67 3.73 0.33 -1.02
C ILE A 67 5.02 1.11 -1.31
N GLN A 68 5.58 1.72 -0.28
CA GLN A 68 6.82 2.48 -0.43
C GLN A 68 8.03 1.56 -0.48
N MET A 69 8.13 0.79 -1.55
CA MET A 69 9.24 -0.14 -1.74
C MET A 69 10.38 0.52 -2.50
N ASP A 70 11.30 -0.30 -3.02
CA ASP A 70 12.43 0.22 -3.77
C ASP A 70 12.75 -0.69 -4.96
N LEU A 71 11.87 -0.67 -5.97
CA LEU A 71 12.07 -1.50 -7.16
C LEU A 71 13.05 -0.84 -8.12
N GLY A 72 13.05 0.49 -8.16
CA GLY A 72 13.94 1.22 -9.04
C GLY A 72 15.40 1.05 -8.65
N ASP A 73 15.97 -0.12 -8.93
CA ASP A 73 17.35 -0.40 -8.60
C ASP A 73 18.08 -1.04 -9.77
N GLU A 74 17.85 -2.33 -9.97
CA GLU A 74 18.47 -3.07 -11.06
C GLU A 74 17.60 -3.04 -12.31
N GLU A 75 18.06 -3.70 -13.37
CA GLU A 75 17.32 -3.75 -14.63
C GLU A 75 15.96 -4.40 -14.43
N GLU A 76 15.88 -5.33 -13.49
CA GLU A 76 14.63 -6.04 -13.21
C GLU A 76 14.34 -6.04 -11.71
N PRO A 77 13.10 -6.39 -11.32
CA PRO A 77 12.70 -6.44 -9.91
C PRO A 77 13.43 -7.54 -9.14
N ASN A 78 13.61 -7.32 -7.84
CA ASN A 78 14.29 -8.30 -6.99
C ASN A 78 13.33 -9.39 -6.54
N GLU A 79 13.75 -10.18 -5.57
CA GLU A 79 12.94 -11.27 -5.05
C GLU A 79 11.70 -10.73 -4.34
N ALA A 80 11.82 -9.52 -3.80
CA ALA A 80 10.70 -8.88 -3.10
C ALA A 80 9.43 -8.88 -3.94
N TRP A 81 9.59 -8.64 -5.24
CA TRP A 81 8.45 -8.62 -6.14
C TRP A 81 7.95 -10.03 -6.43
N GLU A 82 8.88 -10.98 -6.45
CA GLU A 82 8.52 -12.38 -6.72
C GLU A 82 7.59 -12.91 -5.63
N VAL A 83 7.76 -12.39 -4.41
CA VAL A 83 6.92 -12.82 -3.29
C VAL A 83 5.61 -12.04 -3.26
N VAL A 84 5.71 -10.72 -3.47
CA VAL A 84 4.53 -9.87 -3.46
C VAL A 84 3.60 -10.22 -4.61
N ARG A 85 4.17 -10.44 -5.78
CA ARG A 85 3.39 -10.79 -6.97
C ARG A 85 2.76 -12.17 -6.82
N GLY A 86 3.22 -12.94 -5.83
CA GLY A 86 2.68 -14.26 -5.62
C GLY A 86 1.92 -14.40 -4.31
N THR A 87 2.07 -13.41 -3.43
CA THR A 87 1.39 -13.44 -2.14
C THR A 87 -0.12 -13.53 -2.32
N PRO A 88 -0.84 -13.97 -1.27
CA PRO A 88 -2.31 -14.09 -1.32
C PRO A 88 -3.00 -12.74 -1.34
N GLY A 89 -3.81 -12.51 -2.38
CA GLY A 89 -4.51 -11.25 -2.50
C GLY A 89 -4.07 -10.44 -3.70
N ILE A 90 -2.83 -10.65 -4.12
CA ILE A 90 -2.28 -9.93 -5.28
C ILE A 90 -2.65 -10.63 -6.58
N THR A 91 -3.58 -10.02 -7.32
CA THR A 91 -4.03 -10.57 -8.60
C THR A 91 -5.28 -9.84 -9.08
N GLY A 92 -5.14 -8.54 -9.36
CA GLY A 92 -6.26 -7.75 -9.81
C GLY A 92 -6.02 -7.13 -11.18
N PHE A 93 -4.93 -6.38 -11.28
CA PHE A 93 -4.59 -5.71 -12.54
C PHE A 93 -3.10 -5.79 -12.82
N VAL A 94 -2.31 -5.07 -12.04
CA VAL A 94 -0.86 -5.06 -12.20
C VAL A 94 -0.22 -6.23 -11.48
N GLY A 95 1.09 -6.39 -11.66
CA GLY A 95 1.80 -7.49 -11.01
C GLY A 95 2.68 -8.25 -11.99
N ALA A 96 3.73 -7.60 -12.47
CA ALA A 96 4.64 -8.23 -13.42
C ALA A 96 6.03 -7.60 -13.34
N GLY A 97 6.08 -6.27 -13.43
CA GLY A 97 7.34 -5.56 -13.36
C GLY A 97 7.25 -4.15 -13.91
N MET A 98 6.60 -4.01 -15.06
CA MET A 98 6.44 -2.70 -15.69
C MET A 98 5.00 -2.21 -15.54
N ARG A 99 4.06 -3.14 -15.48
CA ARG A 99 2.65 -2.80 -15.33
C ARG A 99 2.40 -1.95 -14.09
N PRO A 100 3.01 -2.31 -12.95
CA PRO A 100 2.84 -1.55 -11.70
C PRO A 100 3.01 -0.06 -11.89
N VAL A 101 2.02 0.71 -11.44
CA VAL A 101 2.07 2.17 -11.58
C VAL A 101 2.55 2.83 -10.28
N PRO A 102 3.81 3.32 -10.27
CA PRO A 102 4.37 3.98 -9.08
C PRO A 102 3.84 5.39 -8.90
N LEU A 103 3.28 5.65 -7.74
CA LEU A 103 2.72 6.97 -7.44
C LEU A 103 3.78 8.05 -7.54
N SER A 104 3.44 9.15 -8.21
CA SER A 104 4.35 10.27 -8.38
C SER A 104 4.46 11.09 -7.10
N PRO A 105 5.63 11.73 -6.87
CA PRO A 105 5.86 12.54 -5.67
C PRO A 105 4.80 13.63 -5.50
N ASP A 106 4.28 14.13 -6.61
CA ASP A 106 3.26 15.16 -6.58
C ASP A 106 1.93 14.61 -6.07
N GLU A 107 1.70 13.32 -6.30
CA GLU A 107 0.48 12.68 -5.86
C GLU A 107 0.66 11.99 -4.52
N VAL A 108 1.84 11.40 -4.31
CA VAL A 108 2.14 10.71 -3.07
C VAL A 108 2.01 11.65 -1.87
N ARG A 109 2.27 12.93 -2.10
CA ARG A 109 2.18 13.92 -1.04
C ARG A 109 0.77 13.98 -0.45
N HIS A 110 -0.23 13.86 -1.33
CA HIS A 110 -1.62 13.88 -0.88
C HIS A 110 -1.94 12.64 -0.06
N ILE A 111 -1.71 11.47 -0.65
CA ILE A 111 -1.97 10.22 0.05
C ILE A 111 -1.07 10.09 1.27
N LEU A 112 0.05 10.81 1.27
CA LEU A 112 0.98 10.79 2.39
C LEU A 112 0.37 11.49 3.61
N GLU A 113 -0.33 12.59 3.36
CA GLU A 113 -0.96 13.34 4.44
C GLU A 113 -1.96 12.47 5.20
N VAL A 114 -2.54 11.50 4.50
CA VAL A 114 -3.49 10.59 5.12
C VAL A 114 -2.79 9.61 6.05
N SER A 115 -1.64 9.12 5.61
CA SER A 115 -0.85 8.17 6.42
C SER A 115 -0.45 8.80 7.74
N GLY A 116 0.32 9.87 7.66
CA GLY A 116 0.77 10.56 8.84
C GLY A 116 2.27 10.85 8.79
N LEU A 117 2.76 11.16 7.60
CA LEU A 117 4.18 11.46 7.41
C LEU A 117 4.38 12.92 7.04
N LEU A 118 3.37 13.52 6.40
CA LEU A 118 3.44 14.91 6.00
C LEU A 118 3.15 15.84 7.17
N GLY A 119 2.05 15.57 7.86
CA GLY A 119 1.69 16.39 9.00
C GLY A 119 0.23 16.79 8.99
N SER A 1 14.61 8.37 -3.54
CA SER A 1 15.04 7.34 -2.55
C SER A 1 14.31 6.02 -2.77
N ILE A 2 12.99 6.06 -2.71
CA ILE A 2 12.17 4.87 -2.91
C ILE A 2 10.94 5.19 -3.75
N GLU A 3 9.99 4.26 -3.81
CA GLU A 3 8.78 4.46 -4.59
C GLU A 3 7.55 3.88 -3.90
N TRP A 4 6.40 4.50 -4.15
CA TRP A 4 5.13 4.06 -3.58
C TRP A 4 4.39 3.15 -4.55
N TYR A 5 4.67 1.85 -4.48
CA TYR A 5 4.03 0.89 -5.37
C TYR A 5 2.65 0.51 -4.87
N ALA A 6 1.65 0.70 -5.72
CA ALA A 6 0.27 0.38 -5.37
C ALA A 6 -0.22 -0.85 -6.14
N VAL A 7 -0.73 -1.84 -5.41
CA VAL A 7 -1.23 -3.05 -6.03
C VAL A 7 -2.76 -3.11 -5.97
N HIS A 8 -3.32 -3.94 -6.83
CA HIS A 8 -4.78 -4.11 -6.90
C HIS A 8 -5.26 -5.11 -5.86
N THR A 9 -6.35 -4.79 -5.18
CA THR A 9 -6.91 -5.66 -4.16
C THR A 9 -8.43 -5.61 -4.17
N LEU A 10 -9.06 -6.71 -3.77
CA LEU A 10 -10.51 -6.78 -3.73
C LEU A 10 -11.06 -6.13 -2.46
N VAL A 11 -12.13 -5.35 -2.61
CA VAL A 11 -12.74 -4.66 -1.49
C VAL A 11 -13.17 -5.64 -0.40
N GLY A 12 -12.49 -5.59 0.74
CA GLY A 12 -12.82 -6.48 1.84
C GLY A 12 -11.78 -7.56 2.04
N GLN A 13 -10.99 -7.83 1.01
CA GLN A 13 -9.95 -8.86 1.08
C GLN A 13 -8.57 -8.23 1.28
N GLU A 14 -8.45 -6.94 0.99
CA GLU A 14 -7.18 -6.24 1.13
C GLU A 14 -6.60 -6.41 2.53
N GLU A 15 -7.49 -6.50 3.52
CA GLU A 15 -7.06 -6.67 4.91
C GLU A 15 -6.28 -7.96 5.09
N LYS A 16 -6.64 -8.97 4.29
CA LYS A 16 -5.98 -10.27 4.36
C LYS A 16 -4.78 -10.32 3.42
N ALA A 17 -4.83 -9.51 2.35
CA ALA A 17 -3.74 -9.48 1.39
C ALA A 17 -2.44 -9.03 2.03
N LYS A 18 -2.52 -8.00 2.87
CA LYS A 18 -1.34 -7.47 3.55
C LYS A 18 -0.77 -8.50 4.53
N ALA A 19 -1.66 -9.33 5.08
CA ALA A 19 -1.24 -10.35 6.03
C ALA A 19 -0.44 -11.46 5.34
N ASN A 20 -0.98 -11.97 4.25
CA ASN A 20 -0.32 -13.03 3.49
C ASN A 20 1.02 -12.55 2.94
N LEU A 21 1.15 -11.24 2.76
CA LEU A 21 2.38 -10.66 2.24
C LEU A 21 3.37 -10.38 3.36
N GLU A 22 2.93 -9.58 4.34
CA GLU A 22 3.78 -9.22 5.48
C GLU A 22 4.49 -10.44 6.04
N LYS A 23 3.80 -11.58 6.06
CA LYS A 23 4.38 -12.82 6.58
C LYS A 23 5.44 -13.35 5.64
N ARG A 24 5.24 -13.13 4.34
CA ARG A 24 6.18 -13.59 3.33
C ARG A 24 7.42 -12.69 3.30
N ILE A 25 7.22 -11.41 3.60
CA ILE A 25 8.31 -10.44 3.62
C ILE A 25 9.23 -10.70 4.80
N LYS A 26 8.66 -11.20 5.89
CA LYS A 26 9.44 -11.48 7.09
C LYS A 26 10.09 -12.86 7.00
N ALA A 27 9.45 -13.78 6.28
CA ALA A 27 9.96 -15.12 6.11
C ALA A 27 11.09 -15.15 5.08
N PHE A 28 10.89 -14.42 3.99
CA PHE A 28 11.90 -14.36 2.93
C PHE A 28 13.01 -13.39 3.29
N GLY A 29 12.70 -12.41 4.14
CA GLY A 29 13.70 -11.44 4.55
C GLY A 29 13.79 -10.28 3.58
N LEU A 30 12.74 -9.48 3.51
CA LEU A 30 12.70 -8.33 2.62
C LEU A 30 12.36 -7.06 3.39
N GLN A 31 12.74 -7.01 4.66
CA GLN A 31 12.48 -5.86 5.51
C GLN A 31 13.21 -4.62 4.99
N ASP A 32 14.30 -4.86 4.26
CA ASP A 32 15.11 -3.77 3.71
C ASP A 32 14.48 -3.22 2.42
N LYS A 33 13.37 -3.82 2.00
CA LYS A 33 12.68 -3.38 0.79
C LYS A 33 11.49 -2.49 1.13
N ILE A 34 10.56 -3.03 1.91
CA ILE A 34 9.37 -2.29 2.32
C ILE A 34 9.68 -1.37 3.50
N PHE A 35 9.25 -0.12 3.40
CA PHE A 35 9.49 0.86 4.46
C PHE A 35 8.19 1.52 4.90
N GLN A 36 7.42 2.02 3.94
CA GLN A 36 6.17 2.69 4.24
C GLN A 36 4.98 1.95 3.64
N VAL A 37 3.80 2.18 4.23
CA VAL A 37 2.57 1.55 3.77
C VAL A 37 1.36 2.35 4.28
N LEU A 38 0.62 2.94 3.36
CA LEU A 38 -0.55 3.73 3.73
C LEU A 38 -1.79 3.34 2.94
N ILE A 39 -2.91 3.99 3.27
CA ILE A 39 -4.18 3.75 2.61
C ILE A 39 -5.00 5.04 2.59
N PRO A 40 -4.61 6.00 1.73
CA PRO A 40 -5.29 7.29 1.62
C PRO A 40 -6.81 7.20 1.67
N THR A 41 -7.38 7.75 2.74
CA THR A 41 -8.83 7.76 2.94
C THR A 41 -9.31 9.19 3.23
N GLU A 42 -10.30 9.63 2.48
CA GLU A 42 -10.83 10.99 2.65
C GLU A 42 -11.79 11.04 3.84
N GLU A 43 -11.65 12.09 4.64
CA GLU A 43 -12.50 12.27 5.81
C GLU A 43 -13.21 13.61 5.78
N VAL A 44 -14.43 13.65 6.27
CA VAL A 44 -15.21 14.89 6.29
C VAL A 44 -16.03 15.00 7.56
N VAL A 45 -16.24 16.23 8.03
CA VAL A 45 -17.01 16.47 9.24
C VAL A 45 -18.21 17.38 8.96
N GLU A 46 -19.33 17.10 9.59
CA GLU A 46 -20.54 17.89 9.41
C GLU A 46 -21.05 18.44 10.75
N LEU A 47 -21.69 19.59 10.71
CA LEU A 47 -22.23 20.21 11.91
C LEU A 47 -23.67 20.65 11.71
N ARG A 48 -24.36 20.95 12.81
CA ARG A 48 -25.75 21.37 12.76
C ARG A 48 -26.07 22.32 13.91
N GLU A 49 -25.66 21.94 15.11
CA GLU A 49 -25.90 22.75 16.29
C GLU A 49 -24.73 22.65 17.28
N GLY A 50 -24.29 21.41 17.53
CA GLY A 50 -23.18 21.20 18.45
C GLY A 50 -23.34 19.92 19.25
N GLY A 51 -24.57 19.43 19.36
CA GLY A 51 -24.82 18.21 20.11
C GLY A 51 -24.34 16.97 19.37
N LYS A 52 -25.02 16.62 18.30
CA LYS A 52 -24.67 15.45 17.51
C LYS A 52 -23.57 15.78 16.51
N LYS A 53 -22.77 14.78 16.16
CA LYS A 53 -21.67 14.96 15.21
C LYS A 53 -21.72 13.90 14.12
N GLU A 54 -21.64 14.33 12.87
CA GLU A 54 -21.67 13.42 11.74
C GLU A 54 -20.35 13.46 10.95
N VAL A 55 -19.64 12.34 10.96
CA VAL A 55 -18.37 12.25 10.25
C VAL A 55 -18.24 10.92 9.52
N VAL A 56 -17.70 10.97 8.30
CA VAL A 56 -17.53 9.77 7.50
C VAL A 56 -16.16 9.75 6.84
N ARG A 57 -15.72 8.55 6.44
CA ARG A 57 -14.43 8.38 5.79
C ARG A 57 -14.58 7.58 4.50
N LYS A 58 -14.16 8.17 3.39
CA LYS A 58 -14.25 7.51 2.09
C LYS A 58 -12.86 7.25 1.53
N LYS A 59 -12.53 5.96 1.37
CA LYS A 59 -11.23 5.58 0.84
C LYS A 59 -10.98 6.20 -0.54
N LEU A 60 -9.98 7.06 -0.62
CA LEU A 60 -9.64 7.71 -1.87
C LEU A 60 -9.22 6.68 -2.91
N PHE A 61 -8.38 5.74 -2.47
CA PHE A 61 -7.90 4.69 -3.37
C PHE A 61 -8.40 3.33 -2.90
N PRO A 62 -9.69 3.01 -3.17
CA PRO A 62 -10.29 1.74 -2.76
C PRO A 62 -9.72 0.56 -3.54
N GLY A 63 -9.27 -0.46 -2.80
CA GLY A 63 -8.70 -1.63 -3.44
C GLY A 63 -7.28 -1.42 -3.91
N TYR A 64 -6.62 -0.41 -3.34
CA TYR A 64 -5.24 -0.10 -3.70
C TYR A 64 -4.36 0.01 -2.46
N LEU A 65 -3.46 -0.95 -2.29
CA LEU A 65 -2.55 -0.95 -1.15
C LEU A 65 -1.26 -0.21 -1.49
N PHE A 66 -1.03 0.91 -0.81
CA PHE A 66 0.18 1.70 -1.05
C PHE A 66 1.37 1.14 -0.28
N ILE A 67 2.42 0.81 -1.02
CA ILE A 67 3.62 0.25 -0.42
C ILE A 67 4.87 1.02 -0.86
N GLN A 68 5.47 1.76 0.07
CA GLN A 68 6.66 2.53 -0.22
C GLN A 68 7.90 1.63 -0.20
N MET A 69 7.99 0.76 -1.21
CA MET A 69 9.13 -0.16 -1.31
C MET A 69 10.24 0.44 -2.13
N ASP A 70 11.32 -0.32 -2.32
CA ASP A 70 12.47 0.14 -3.10
C ASP A 70 12.70 -0.75 -4.31
N LEU A 71 12.22 -0.31 -5.47
CA LEU A 71 12.39 -1.06 -6.71
C LEU A 71 12.98 -0.19 -7.81
N GLY A 72 12.46 1.04 -7.93
CA GLY A 72 12.95 1.95 -8.94
C GLY A 72 14.44 2.17 -8.86
N ASP A 73 15.20 1.36 -9.61
CA ASP A 73 16.65 1.46 -9.62
C ASP A 73 17.22 0.99 -10.95
N GLU A 74 16.74 -0.15 -11.41
CA GLU A 74 17.19 -0.71 -12.68
C GLU A 74 16.01 -1.29 -13.46
N GLU A 75 16.32 -1.94 -14.59
CA GLU A 75 15.30 -2.53 -15.44
C GLU A 75 14.80 -3.85 -14.85
N GLU A 76 15.63 -4.48 -14.01
CA GLU A 76 15.27 -5.74 -13.38
C GLU A 76 14.86 -5.54 -11.92
N PRO A 77 13.56 -5.65 -11.61
CA PRO A 77 13.05 -5.48 -10.25
C PRO A 77 13.82 -6.31 -9.24
N ASN A 78 13.52 -6.11 -7.96
CA ASN A 78 14.19 -6.85 -6.89
C ASN A 78 13.51 -8.20 -6.66
N GLU A 79 14.05 -8.97 -5.72
CA GLU A 79 13.50 -10.28 -5.40
C GLU A 79 12.13 -10.16 -4.75
N ALA A 80 11.87 -9.02 -4.11
CA ALA A 80 10.59 -8.78 -3.45
C ALA A 80 9.42 -9.03 -4.39
N TRP A 81 9.66 -8.82 -5.69
CA TRP A 81 8.63 -9.01 -6.70
C TRP A 81 8.19 -10.47 -6.76
N GLU A 82 9.17 -11.37 -6.82
CA GLU A 82 8.89 -12.80 -6.89
C GLU A 82 8.10 -13.26 -5.67
N VAL A 83 8.30 -12.58 -4.54
CA VAL A 83 7.60 -12.91 -3.30
C VAL A 83 6.18 -12.39 -3.33
N VAL A 84 6.02 -11.11 -3.67
CA VAL A 84 4.70 -10.49 -3.72
C VAL A 84 3.79 -11.20 -4.72
N ARG A 85 4.29 -11.34 -5.94
CA ARG A 85 3.53 -12.00 -7.01
C ARG A 85 3.15 -13.42 -6.60
N GLY A 86 3.90 -14.00 -5.66
CA GLY A 86 3.62 -15.35 -5.22
C GLY A 86 2.63 -15.39 -4.06
N THR A 87 2.66 -14.36 -3.21
CA THR A 87 1.77 -14.29 -2.07
C THR A 87 0.31 -14.31 -2.51
N PRO A 88 -0.52 -15.17 -1.90
CA PRO A 88 -1.95 -15.28 -2.24
C PRO A 88 -2.66 -13.93 -2.16
N GLY A 89 -2.11 -13.03 -1.35
CA GLY A 89 -2.72 -11.72 -1.19
C GLY A 89 -2.93 -11.01 -2.50
N ILE A 90 -2.09 -11.30 -3.48
CA ILE A 90 -2.19 -10.69 -4.80
C ILE A 90 -3.21 -11.41 -5.66
N THR A 91 -4.06 -10.63 -6.34
CA THR A 91 -5.08 -11.19 -7.21
C THR A 91 -4.81 -10.85 -8.67
N GLY A 92 -4.29 -9.65 -8.91
CA GLY A 92 -3.98 -9.23 -10.26
C GLY A 92 -3.55 -7.78 -10.32
N PHE A 93 -2.25 -7.56 -10.44
CA PHE A 93 -1.69 -6.21 -10.52
C PHE A 93 -2.32 -5.42 -11.67
N VAL A 94 -1.83 -4.21 -11.89
CA VAL A 94 -2.34 -3.36 -12.96
C VAL A 94 -2.29 -4.07 -14.31
N GLY A 95 -3.34 -3.89 -15.11
CA GLY A 95 -3.40 -4.53 -16.41
C GLY A 95 -3.02 -3.59 -17.53
N ALA A 96 -2.18 -2.60 -17.22
CA ALA A 96 -1.73 -1.63 -18.21
C ALA A 96 -0.22 -1.71 -18.42
N GLY A 97 0.20 -2.46 -19.43
CA GLY A 97 1.61 -2.60 -19.71
C GLY A 97 2.36 -3.22 -18.56
N MET A 98 2.81 -2.38 -17.62
CA MET A 98 3.53 -2.85 -16.46
C MET A 98 2.59 -3.17 -15.31
N ARG A 99 2.83 -4.28 -14.62
CA ARG A 99 1.99 -4.68 -13.51
C ARG A 99 2.12 -3.70 -12.34
N PRO A 100 3.35 -3.37 -11.93
CA PRO A 100 3.58 -2.43 -10.82
C PRO A 100 3.49 -0.97 -11.28
N VAL A 101 2.71 -0.18 -10.54
CA VAL A 101 2.53 1.23 -10.88
C VAL A 101 2.78 2.13 -9.67
N PRO A 102 3.98 2.73 -9.56
CA PRO A 102 4.33 3.61 -8.45
C PRO A 102 3.81 5.02 -8.65
N LEU A 103 3.30 5.61 -7.57
CA LEU A 103 2.76 6.97 -7.62
C LEU A 103 3.86 7.99 -7.89
N SER A 104 3.47 9.14 -8.43
CA SER A 104 4.43 10.20 -8.72
C SER A 104 4.67 11.08 -7.49
N PRO A 105 5.89 11.65 -7.37
CA PRO A 105 6.25 12.50 -6.23
C PRO A 105 5.17 13.53 -5.89
N ASP A 106 4.70 14.25 -6.91
CA ASP A 106 3.67 15.26 -6.71
C ASP A 106 2.39 14.65 -6.13
N GLU A 107 2.03 13.46 -6.60
CA GLU A 107 0.84 12.78 -6.13
C GLU A 107 1.10 12.11 -4.78
N VAL A 108 2.32 11.63 -4.58
CA VAL A 108 2.69 10.97 -3.34
C VAL A 108 2.49 11.89 -2.13
N ARG A 109 2.65 13.19 -2.34
CA ARG A 109 2.48 14.15 -1.27
C ARG A 109 1.00 14.38 -0.96
N HIS A 110 0.15 14.17 -1.95
CA HIS A 110 -1.29 14.34 -1.78
C HIS A 110 -1.92 13.12 -1.11
N ILE A 111 -1.33 11.95 -1.34
CA ILE A 111 -1.84 10.72 -0.76
C ILE A 111 -1.39 10.56 0.69
N LEU A 112 -0.20 11.07 0.98
CA LEU A 112 0.36 10.98 2.33
C LEU A 112 -0.29 12.02 3.24
N GLU A 113 -0.78 13.11 2.65
CA GLU A 113 -1.43 14.17 3.41
C GLU A 113 -2.83 13.75 3.86
N VAL A 114 -3.48 12.94 3.04
CA VAL A 114 -4.83 12.47 3.36
C VAL A 114 -4.79 11.39 4.44
N SER A 115 -3.91 10.41 4.25
CA SER A 115 -3.78 9.31 5.21
C SER A 115 -3.42 9.84 6.60
N GLY A 116 -2.29 10.52 6.69
CA GLY A 116 -1.86 11.07 7.97
C GLY A 116 -0.38 10.88 8.21
N LEU A 117 0.45 11.55 7.43
CA LEU A 117 1.90 11.45 7.56
C LEU A 117 2.54 12.82 7.65
N LEU A 118 2.13 13.71 6.74
CA LEU A 118 2.67 15.07 6.70
C LEU A 118 1.98 15.95 7.74
N GLY A 119 0.67 16.12 7.60
CA GLY A 119 -0.07 16.93 8.53
C GLY A 119 -1.41 16.31 8.90
N SER A 1 16.45 7.94 -1.01
CA SER A 1 15.34 8.04 -1.99
C SER A 1 14.87 6.66 -2.42
N ILE A 2 13.55 6.46 -2.41
CA ILE A 2 12.97 5.19 -2.80
C ILE A 2 11.79 5.40 -3.76
N GLU A 3 10.98 4.36 -3.95
CA GLU A 3 9.84 4.45 -4.86
C GLU A 3 8.55 4.01 -4.19
N TRP A 4 7.48 4.75 -4.49
CA TRP A 4 6.15 4.44 -3.95
C TRP A 4 5.36 3.60 -4.95
N TYR A 5 5.39 2.29 -4.76
CA TYR A 5 4.68 1.38 -5.67
C TYR A 5 3.31 1.01 -5.11
N ALA A 6 2.27 1.45 -5.79
CA ALA A 6 0.90 1.15 -5.38
C ALA A 6 0.25 0.16 -6.33
N VAL A 7 -0.42 -0.84 -5.77
CA VAL A 7 -1.08 -1.87 -6.59
C VAL A 7 -2.49 -2.14 -6.09
N HIS A 8 -3.30 -2.72 -6.96
CA HIS A 8 -4.69 -3.04 -6.64
C HIS A 8 -4.77 -4.36 -5.88
N THR A 9 -5.74 -4.45 -4.98
CA THR A 9 -5.93 -5.66 -4.18
C THR A 9 -7.35 -6.20 -4.35
N LEU A 10 -7.69 -7.23 -3.58
CA LEU A 10 -9.01 -7.84 -3.64
C LEU A 10 -9.98 -7.13 -2.70
N VAL A 11 -11.13 -6.71 -3.24
CA VAL A 11 -12.13 -6.02 -2.47
C VAL A 11 -12.61 -6.88 -1.31
N GLY A 12 -12.34 -6.44 -0.09
CA GLY A 12 -12.76 -7.18 1.09
C GLY A 12 -11.66 -8.06 1.64
N GLN A 13 -10.76 -8.51 0.76
CA GLN A 13 -9.65 -9.36 1.16
C GLN A 13 -8.38 -8.54 1.41
N GLU A 14 -8.43 -7.25 1.08
CA GLU A 14 -7.29 -6.37 1.27
C GLU A 14 -6.81 -6.39 2.72
N GLU A 15 -7.76 -6.42 3.64
CA GLU A 15 -7.46 -6.44 5.07
C GLU A 15 -6.57 -7.63 5.42
N LYS A 16 -7.00 -8.83 5.03
CA LYS A 16 -6.24 -10.04 5.30
C LYS A 16 -5.12 -10.24 4.28
N ALA A 17 -5.17 -9.50 3.18
CA ALA A 17 -4.16 -9.61 2.14
C ALA A 17 -2.83 -9.03 2.61
N LYS A 18 -2.87 -7.80 3.12
CA LYS A 18 -1.66 -7.13 3.61
C LYS A 18 -0.96 -7.97 4.66
N ALA A 19 -1.74 -8.55 5.56
CA ALA A 19 -1.20 -9.38 6.64
C ALA A 19 -0.52 -10.63 6.08
N ASN A 20 -1.17 -11.27 5.11
CA ASN A 20 -0.64 -12.47 4.49
C ASN A 20 0.69 -12.18 3.79
N LEU A 21 0.81 -10.98 3.23
CA LEU A 21 2.03 -10.58 2.53
C LEU A 21 3.07 -10.05 3.52
N GLU A 22 2.63 -9.20 4.44
CA GLU A 22 3.51 -8.62 5.43
C GLU A 22 4.25 -9.70 6.21
N LYS A 23 3.66 -10.88 6.31
CA LYS A 23 4.27 -12.00 7.01
C LYS A 23 5.35 -12.64 6.15
N ARG A 24 5.01 -12.91 4.90
CA ARG A 24 5.95 -13.51 3.97
C ARG A 24 7.07 -12.53 3.63
N ILE A 25 6.75 -11.24 3.72
CA ILE A 25 7.74 -10.19 3.42
C ILE A 25 8.80 -10.13 4.52
N LYS A 26 8.42 -10.50 5.73
CA LYS A 26 9.34 -10.48 6.86
C LYS A 26 10.11 -11.80 6.96
N ALA A 27 9.46 -12.88 6.54
CA ALA A 27 10.07 -14.21 6.59
C ALA A 27 11.16 -14.33 5.53
N PHE A 28 10.96 -13.65 4.40
CA PHE A 28 11.93 -13.69 3.30
C PHE A 28 13.00 -12.62 3.47
N GLY A 29 12.98 -11.92 4.60
CA GLY A 29 13.96 -10.88 4.86
C GLY A 29 13.86 -9.73 3.87
N LEU A 30 12.63 -9.25 3.65
CA LEU A 30 12.41 -8.15 2.71
C LEU A 30 11.98 -6.88 3.44
N GLN A 31 12.07 -6.90 4.78
CA GLN A 31 11.69 -5.75 5.58
C GLN A 31 12.60 -4.55 5.29
N ASP A 32 13.74 -4.81 4.67
CA ASP A 32 14.69 -3.75 4.35
C ASP A 32 14.27 -3.00 3.08
N LYS A 33 13.75 -3.74 2.11
CA LYS A 33 13.30 -3.16 0.85
C LYS A 33 12.06 -2.30 1.06
N ILE A 34 11.04 -2.88 1.70
CA ILE A 34 9.80 -2.16 1.97
C ILE A 34 9.95 -1.25 3.17
N PHE A 35 9.81 0.04 2.95
CA PHE A 35 9.94 1.03 4.02
C PHE A 35 8.58 1.49 4.54
N GLN A 36 7.72 1.94 3.62
CA GLN A 36 6.39 2.41 4.01
C GLN A 36 5.31 1.43 3.58
N VAL A 37 4.11 1.68 4.08
CA VAL A 37 2.94 0.86 3.76
C VAL A 37 1.68 1.69 3.97
N LEU A 38 1.43 2.62 3.05
CA LEU A 38 0.28 3.50 3.13
C LEU A 38 -0.99 2.82 2.65
N ILE A 39 -2.09 3.06 3.37
CA ILE A 39 -3.38 2.47 3.04
C ILE A 39 -4.26 3.48 2.29
N PRO A 40 -4.97 3.04 1.23
CA PRO A 40 -5.84 3.90 0.44
C PRO A 40 -7.11 4.29 1.19
N THR A 41 -6.95 4.94 2.35
CA THR A 41 -8.09 5.36 3.14
C THR A 41 -7.87 6.75 3.75
N GLU A 42 -8.91 7.30 4.35
CA GLU A 42 -8.84 8.62 4.95
C GLU A 42 -8.76 8.50 6.47
N GLU A 43 -8.09 9.46 7.10
CA GLU A 43 -7.93 9.47 8.54
C GLU A 43 -8.16 10.87 9.11
N VAL A 44 -9.24 11.03 9.85
CA VAL A 44 -9.57 12.33 10.45
C VAL A 44 -9.59 12.24 11.97
N VAL A 45 -8.74 13.03 12.61
CA VAL A 45 -8.64 13.05 14.07
C VAL A 45 -9.35 14.27 14.65
N GLU A 46 -9.74 14.17 15.91
CA GLU A 46 -10.42 15.25 16.60
C GLU A 46 -9.63 15.73 17.81
N LEU A 47 -10.27 16.54 18.66
CA LEU A 47 -9.63 17.05 19.86
C LEU A 47 -10.53 16.88 21.08
N ARG A 48 -10.06 16.10 22.05
CA ARG A 48 -10.83 15.85 23.27
C ARG A 48 -10.42 16.82 24.38
N GLU A 49 -11.04 16.67 25.54
CA GLU A 49 -10.75 17.54 26.67
C GLU A 49 -9.46 17.11 27.37
N GLY A 50 -8.34 17.61 26.87
CA GLY A 50 -7.05 17.26 27.46
C GLY A 50 -6.54 15.92 26.98
N GLY A 51 -6.46 15.74 25.67
CA GLY A 51 -5.99 14.50 25.11
C GLY A 51 -6.12 14.44 23.60
N LYS A 52 -5.81 13.28 23.02
CA LYS A 52 -5.90 13.11 21.58
C LYS A 52 -6.84 11.97 21.22
N LYS A 53 -7.89 12.28 20.48
CA LYS A 53 -8.88 11.28 20.07
C LYS A 53 -9.16 11.36 18.57
N GLU A 54 -9.37 10.21 17.94
CA GLU A 54 -9.65 10.15 16.51
C GLU A 54 -11.13 10.37 16.24
N VAL A 55 -11.50 10.38 14.97
CA VAL A 55 -12.89 10.57 14.58
C VAL A 55 -13.42 9.39 13.79
N VAL A 56 -12.95 9.23 12.56
CA VAL A 56 -13.39 8.13 11.70
C VAL A 56 -12.39 7.88 10.58
N ARG A 57 -12.69 6.89 9.74
CA ARG A 57 -11.82 6.54 8.63
C ARG A 57 -12.64 6.20 7.38
N LYS A 58 -12.42 6.95 6.31
CA LYS A 58 -13.13 6.73 5.06
C LYS A 58 -12.28 5.89 4.11
N LYS A 59 -12.61 5.93 2.82
CA LYS A 59 -11.86 5.15 1.83
C LYS A 59 -11.71 5.93 0.53
N LEU A 60 -10.46 6.16 0.13
CA LEU A 60 -10.18 6.91 -1.10
C LEU A 60 -10.08 5.96 -2.29
N PHE A 61 -9.07 5.10 -2.28
CA PHE A 61 -8.86 4.15 -3.36
C PHE A 61 -9.29 2.75 -2.94
N PRO A 62 -10.57 2.40 -3.17
CA PRO A 62 -11.10 1.08 -2.82
C PRO A 62 -10.42 -0.06 -3.58
N GLY A 63 -9.86 -1.00 -2.84
CA GLY A 63 -9.19 -2.13 -3.46
C GLY A 63 -7.81 -1.77 -3.98
N TYR A 64 -7.17 -0.80 -3.33
CA TYR A 64 -5.82 -0.37 -3.72
C TYR A 64 -4.82 -0.62 -2.60
N LEU A 65 -3.55 -0.32 -2.88
CA LEU A 65 -2.49 -0.50 -1.90
C LEU A 65 -1.28 0.35 -2.26
N PHE A 66 -0.54 0.79 -1.23
CA PHE A 66 0.64 1.63 -1.45
C PHE A 66 1.82 1.10 -0.64
N ILE A 67 2.94 0.84 -1.32
CA ILE A 67 4.14 0.34 -0.65
C ILE A 67 5.37 1.12 -1.10
N GLN A 68 5.95 1.87 -0.18
CA GLN A 68 7.15 2.65 -0.50
C GLN A 68 8.40 1.77 -0.47
N MET A 69 8.51 0.93 -1.48
CA MET A 69 9.66 0.02 -1.61
C MET A 69 10.77 0.67 -2.42
N ASP A 70 11.74 -0.14 -2.84
CA ASP A 70 12.86 0.35 -3.63
C ASP A 70 13.18 -0.59 -4.79
N LEU A 71 12.38 -0.52 -5.85
CA LEU A 71 12.58 -1.37 -7.02
C LEU A 71 13.31 -0.61 -8.13
N GLY A 72 12.82 0.59 -8.42
CA GLY A 72 13.43 1.40 -9.46
C GLY A 72 13.16 0.85 -10.84
N ASP A 73 13.99 -0.10 -11.28
CA ASP A 73 13.84 -0.70 -12.59
C ASP A 73 14.92 -1.75 -12.83
N GLU A 74 16.12 -1.30 -13.21
CA GLU A 74 17.23 -2.20 -13.47
C GLU A 74 16.85 -3.25 -14.51
N GLU A 75 17.76 -4.18 -14.76
CA GLU A 75 17.53 -5.24 -15.74
C GLU A 75 16.31 -6.06 -15.35
N GLU A 76 16.09 -6.22 -14.05
CA GLU A 76 14.96 -6.98 -13.54
C GLU A 76 14.66 -6.62 -12.09
N PRO A 77 13.36 -6.60 -11.71
CA PRO A 77 12.96 -6.26 -10.34
C PRO A 77 13.66 -7.13 -9.30
N ASN A 78 13.35 -6.87 -8.03
CA ASN A 78 13.96 -7.62 -6.94
C ASN A 78 13.12 -8.86 -6.59
N GLU A 79 13.48 -9.52 -5.50
CA GLU A 79 12.76 -10.72 -5.07
C GLU A 79 11.39 -10.36 -4.53
N ALA A 80 11.25 -9.13 -4.03
CA ALA A 80 9.98 -8.67 -3.47
C ALA A 80 8.84 -8.86 -4.47
N TRP A 81 9.17 -8.81 -5.76
CA TRP A 81 8.17 -8.97 -6.81
C TRP A 81 7.65 -10.41 -6.84
N GLU A 82 8.54 -11.36 -6.59
CA GLU A 82 8.17 -12.78 -6.59
C GLU A 82 7.22 -13.09 -5.45
N VAL A 83 7.33 -12.34 -4.35
CA VAL A 83 6.48 -12.54 -3.19
C VAL A 83 5.14 -11.84 -3.37
N VAL A 84 5.18 -10.59 -3.83
CA VAL A 84 3.98 -9.80 -4.04
C VAL A 84 3.07 -10.45 -5.08
N ARG A 85 3.65 -10.81 -6.23
CA ARG A 85 2.89 -11.44 -7.31
C ARG A 85 2.38 -12.81 -6.88
N GLY A 86 3.13 -13.46 -6.00
CA GLY A 86 2.74 -14.78 -5.52
C GLY A 86 1.68 -14.72 -4.43
N THR A 87 1.66 -13.62 -3.69
CA THR A 87 0.69 -13.43 -2.61
C THR A 87 -0.72 -13.26 -3.18
N PRO A 88 -1.73 -13.74 -2.45
CA PRO A 88 -3.14 -13.63 -2.88
C PRO A 88 -3.65 -12.20 -2.85
N GLY A 89 -2.99 -11.35 -2.07
CA GLY A 89 -3.39 -9.96 -1.96
C GLY A 89 -3.45 -9.27 -3.31
N ILE A 90 -2.63 -9.73 -4.25
CA ILE A 90 -2.60 -9.16 -5.58
C ILE A 90 -3.53 -9.90 -6.53
N THR A 91 -4.47 -9.17 -7.12
CA THR A 91 -5.43 -9.75 -8.05
C THR A 91 -5.37 -9.05 -9.40
N GLY A 92 -5.29 -7.74 -9.39
CA GLY A 92 -5.22 -6.97 -10.62
C GLY A 92 -4.20 -5.85 -10.55
N PHE A 93 -3.79 -5.35 -11.71
CA PHE A 93 -2.81 -4.27 -11.78
C PHE A 93 -3.35 -3.11 -12.59
N VAL A 94 -2.53 -2.08 -12.77
CA VAL A 94 -2.92 -0.89 -13.52
C VAL A 94 -2.80 -1.14 -15.02
N GLY A 95 -1.57 -1.31 -15.50
CA GLY A 95 -1.35 -1.54 -16.91
C GLY A 95 -0.17 -0.76 -17.45
N ALA A 96 -0.27 -0.33 -18.71
CA ALA A 96 0.80 0.43 -19.34
C ALA A 96 2.10 -0.35 -19.37
N GLY A 97 2.02 -1.60 -19.83
CA GLY A 97 3.20 -2.45 -19.89
C GLY A 97 3.46 -3.19 -18.61
N MET A 98 4.10 -2.51 -17.65
CA MET A 98 4.40 -3.11 -16.36
C MET A 98 3.15 -3.20 -15.48
N ARG A 99 3.16 -4.14 -14.54
CA ARG A 99 2.02 -4.32 -13.64
C ARG A 99 2.02 -3.26 -12.55
N PRO A 100 3.16 -3.03 -11.88
CA PRO A 100 3.27 -2.03 -10.81
C PRO A 100 3.42 -0.61 -11.35
N VAL A 101 2.82 0.35 -10.66
CA VAL A 101 2.89 1.74 -11.08
C VAL A 101 3.36 2.64 -9.93
N PRO A 102 4.59 3.19 -10.03
CA PRO A 102 5.15 4.06 -9.00
C PRO A 102 4.59 5.48 -9.09
N LEU A 103 4.17 6.02 -7.95
CA LEU A 103 3.61 7.37 -7.90
C LEU A 103 4.73 8.41 -7.74
N SER A 104 4.52 9.58 -8.32
CA SER A 104 5.49 10.67 -8.24
C SER A 104 5.23 11.55 -7.02
N PRO A 105 6.25 12.31 -6.58
CA PRO A 105 6.12 13.19 -5.42
C PRO A 105 4.86 14.05 -5.47
N ASP A 106 4.38 14.32 -6.68
CA ASP A 106 3.19 15.13 -6.87
C ASP A 106 1.94 14.40 -6.37
N GLU A 107 1.84 13.13 -6.72
CA GLU A 107 0.69 12.32 -6.30
C GLU A 107 0.97 11.64 -4.95
N VAL A 108 2.22 11.31 -4.71
CA VAL A 108 2.62 10.65 -3.47
C VAL A 108 2.33 11.54 -2.27
N ARG A 109 2.36 12.85 -2.48
CA ARG A 109 2.11 13.81 -1.40
C ARG A 109 0.65 13.76 -0.97
N HIS A 110 -0.23 13.40 -1.91
CA HIS A 110 -1.66 13.32 -1.62
C HIS A 110 -1.97 12.11 -0.74
N ILE A 111 -1.49 10.94 -1.16
CA ILE A 111 -1.72 9.72 -0.40
C ILE A 111 -0.96 9.75 0.92
N LEU A 112 -0.03 10.69 1.05
CA LEU A 112 0.76 10.82 2.27
C LEU A 112 0.00 11.63 3.32
N GLU A 113 -0.66 12.69 2.88
CA GLU A 113 -1.41 13.56 3.77
C GLU A 113 -2.67 12.86 4.28
N VAL A 114 -3.34 12.13 3.40
CA VAL A 114 -4.55 11.41 3.77
C VAL A 114 -4.25 10.23 4.66
N SER A 115 -3.23 9.46 4.30
CA SER A 115 -2.82 8.29 5.07
C SER A 115 -2.53 8.66 6.51
N GLY A 116 -1.53 9.51 6.71
CA GLY A 116 -1.15 9.93 8.05
C GLY A 116 0.34 10.06 8.23
N LEU A 117 1.01 10.63 7.24
CA LEU A 117 2.45 10.81 7.29
C LEU A 117 2.81 12.30 7.41
N LEU A 118 2.02 13.14 6.75
CA LEU A 118 2.24 14.58 6.78
C LEU A 118 1.32 15.24 7.80
N GLY A 119 0.11 14.70 7.93
CA GLY A 119 -0.84 15.26 8.88
C GLY A 119 -1.56 14.19 9.66
N SER A 1 17.35 5.67 -4.89
CA SER A 1 16.11 6.22 -4.27
C SER A 1 15.01 5.16 -4.21
N ILE A 2 13.87 5.53 -3.64
CA ILE A 2 12.74 4.61 -3.53
C ILE A 2 11.45 5.29 -3.99
N GLU A 3 10.42 4.49 -4.27
CA GLU A 3 9.15 5.02 -4.73
C GLU A 3 7.97 4.28 -4.12
N TRP A 4 6.79 4.90 -4.21
CA TRP A 4 5.56 4.32 -3.67
C TRP A 4 4.89 3.44 -4.71
N TYR A 5 5.14 2.13 -4.64
CA TYR A 5 4.55 1.19 -5.58
C TYR A 5 3.11 0.86 -5.17
N ALA A 6 2.18 1.06 -6.09
CA ALA A 6 0.77 0.80 -5.83
C ALA A 6 0.24 -0.35 -6.68
N VAL A 7 -0.50 -1.26 -6.05
CA VAL A 7 -1.08 -2.39 -6.74
C VAL A 7 -2.58 -2.48 -6.50
N HIS A 8 -3.18 -3.60 -6.83
CA HIS A 8 -4.62 -3.79 -6.65
C HIS A 8 -4.91 -5.14 -6.00
N THR A 9 -6.11 -5.25 -5.43
CA THR A 9 -6.52 -6.48 -4.77
C THR A 9 -8.04 -6.59 -4.72
N LEU A 10 -8.55 -7.72 -4.24
CA LEU A 10 -9.98 -7.94 -4.15
C LEU A 10 -10.61 -7.02 -3.10
N VAL A 11 -11.77 -6.47 -3.42
CA VAL A 11 -12.47 -5.57 -2.52
C VAL A 11 -12.90 -6.31 -1.24
N GLY A 12 -12.51 -5.76 -0.09
CA GLY A 12 -12.87 -6.37 1.17
C GLY A 12 -11.78 -7.27 1.71
N GLN A 13 -10.99 -7.85 0.81
CA GLN A 13 -9.91 -8.75 1.20
C GLN A 13 -8.59 -7.99 1.36
N GLU A 14 -8.53 -6.78 0.80
CA GLU A 14 -7.33 -5.95 0.87
C GLU A 14 -6.84 -5.82 2.31
N GLU A 15 -7.78 -5.75 3.25
CA GLU A 15 -7.44 -5.63 4.66
C GLU A 15 -6.60 -6.82 5.13
N LYS A 16 -6.83 -7.97 4.50
CA LYS A 16 -6.10 -9.18 4.85
C LYS A 16 -4.82 -9.31 4.03
N ALA A 17 -4.85 -8.75 2.83
CA ALA A 17 -3.69 -8.79 1.94
C ALA A 17 -2.49 -8.12 2.57
N LYS A 18 -2.74 -7.12 3.41
CA LYS A 18 -1.67 -6.40 4.10
C LYS A 18 -0.86 -7.34 4.97
N ALA A 19 -1.53 -8.07 5.84
CA ALA A 19 -0.87 -9.01 6.75
C ALA A 19 -0.23 -10.15 5.97
N ASN A 20 -0.96 -10.67 4.99
CA ASN A 20 -0.47 -11.77 4.16
C ASN A 20 0.82 -11.38 3.44
N LEU A 21 0.94 -10.10 3.12
CA LEU A 21 2.12 -9.59 2.42
C LEU A 21 3.20 -9.16 3.43
N GLU A 22 2.79 -8.38 4.42
CA GLU A 22 3.72 -7.91 5.45
C GLU A 22 4.30 -9.07 6.24
N LYS A 23 3.59 -10.19 6.27
CA LYS A 23 4.05 -11.36 6.99
C LYS A 23 5.07 -12.12 6.14
N ARG A 24 4.82 -12.18 4.85
CA ARG A 24 5.73 -12.87 3.93
C ARG A 24 7.02 -12.07 3.75
N ILE A 25 6.93 -10.76 4.02
CA ILE A 25 8.08 -9.89 3.89
C ILE A 25 9.10 -10.13 5.01
N LYS A 26 8.60 -10.57 6.16
CA LYS A 26 9.45 -10.85 7.30
C LYS A 26 9.95 -12.29 7.29
N ALA A 27 9.14 -13.19 6.72
CA ALA A 27 9.50 -14.59 6.64
C ALA A 27 10.58 -14.82 5.60
N PHE A 28 10.51 -14.08 4.50
CA PHE A 28 11.49 -14.19 3.43
C PHE A 28 12.69 -13.30 3.69
N GLY A 29 12.46 -12.19 4.37
CA GLY A 29 13.54 -11.26 4.68
C GLY A 29 13.68 -10.17 3.64
N LEU A 30 12.54 -9.64 3.18
CA LEU A 30 12.55 -8.59 2.16
C LEU A 30 12.31 -7.22 2.80
N GLN A 31 12.65 -7.09 4.08
CA GLN A 31 12.48 -5.85 4.81
C GLN A 31 13.40 -4.76 4.27
N ASP A 32 14.42 -5.16 3.51
CA ASP A 32 15.36 -4.21 2.93
C ASP A 32 14.79 -3.56 1.68
N LYS A 33 13.87 -4.25 1.03
CA LYS A 33 13.24 -3.73 -0.19
C LYS A 33 12.15 -2.73 0.15
N ILE A 34 11.13 -3.17 0.87
CA ILE A 34 10.03 -2.31 1.27
C ILE A 34 10.41 -1.45 2.47
N PHE A 35 9.71 -0.35 2.66
CA PHE A 35 9.98 0.55 3.77
C PHE A 35 8.70 1.15 4.32
N GLN A 36 7.87 1.68 3.43
CA GLN A 36 6.62 2.31 3.86
C GLN A 36 5.42 1.58 3.24
N VAL A 37 4.32 1.53 4.01
CA VAL A 37 3.10 0.88 3.55
C VAL A 37 1.88 1.53 4.18
N LEU A 38 1.19 2.37 3.40
CA LEU A 38 0.00 3.06 3.87
C LEU A 38 -1.25 2.56 3.15
N ILE A 39 -2.40 2.71 3.81
CA ILE A 39 -3.67 2.29 3.24
C ILE A 39 -4.47 3.48 2.72
N PRO A 40 -4.90 3.43 1.44
CA PRO A 40 -5.69 4.51 0.84
C PRO A 40 -7.09 4.63 1.42
N THR A 41 -7.16 4.92 2.72
CA THR A 41 -8.44 5.07 3.39
C THR A 41 -8.48 6.34 4.24
N GLU A 42 -9.62 7.00 4.24
CA GLU A 42 -9.79 8.23 5.01
C GLU A 42 -10.28 7.93 6.42
N GLU A 43 -9.89 8.76 7.38
CA GLU A 43 -10.29 8.58 8.76
C GLU A 43 -10.74 9.89 9.38
N VAL A 44 -12.02 9.96 9.75
CA VAL A 44 -12.57 11.16 10.35
C VAL A 44 -13.22 10.86 11.69
N VAL A 45 -12.71 11.52 12.74
CA VAL A 45 -13.24 11.33 14.09
C VAL A 45 -13.14 12.63 14.90
N GLU A 46 -14.12 12.84 15.77
CA GLU A 46 -14.15 14.05 16.59
C GLU A 46 -14.65 13.75 18.00
N LEU A 47 -14.82 14.79 18.80
CA LEU A 47 -15.29 14.64 20.17
C LEU A 47 -16.81 14.78 20.24
N ARG A 48 -17.44 13.96 21.07
CA ARG A 48 -18.89 14.00 21.21
C ARG A 48 -19.31 15.01 22.28
N GLU A 49 -20.48 15.60 22.09
CA GLU A 49 -21.00 16.58 23.03
C GLU A 49 -21.95 15.94 24.04
N GLY A 50 -22.63 14.88 23.60
CA GLY A 50 -23.56 14.19 24.48
C GLY A 50 -22.93 12.99 25.17
N GLY A 51 -22.09 12.27 24.45
CA GLY A 51 -21.43 11.11 25.02
C GLY A 51 -21.44 9.90 24.10
N LYS A 52 -21.41 10.15 22.79
CA LYS A 52 -21.41 9.08 21.80
C LYS A 52 -20.87 9.57 20.46
N LYS A 53 -19.80 8.95 19.99
CA LYS A 53 -19.18 9.33 18.72
C LYS A 53 -18.99 8.09 17.83
N GLU A 54 -18.86 8.32 16.53
CA GLU A 54 -18.67 7.23 15.58
C GLU A 54 -17.48 7.50 14.68
N VAL A 55 -16.83 6.43 14.22
CA VAL A 55 -15.67 6.55 13.33
C VAL A 55 -16.05 6.18 11.90
N VAL A 56 -15.83 7.12 10.99
CA VAL A 56 -16.15 6.88 9.58
C VAL A 56 -14.89 6.61 8.76
N ARG A 57 -15.05 5.91 7.65
CA ARG A 57 -13.92 5.59 6.78
C ARG A 57 -14.38 5.50 5.33
N LYS A 58 -13.75 6.28 4.47
CA LYS A 58 -14.08 6.28 3.05
C LYS A 58 -12.85 5.99 2.20
N LYS A 59 -12.72 4.73 1.78
CA LYS A 59 -11.58 4.31 0.96
C LYS A 59 -11.46 5.17 -0.29
N LEU A 60 -10.46 6.04 -0.30
CA LEU A 60 -10.23 6.92 -1.43
C LEU A 60 -9.89 6.12 -2.69
N PHE A 61 -8.92 5.22 -2.55
CA PHE A 61 -8.51 4.38 -3.67
C PHE A 61 -9.02 2.94 -3.47
N PRO A 62 -10.19 2.61 -4.07
CA PRO A 62 -10.78 1.28 -3.94
C PRO A 62 -9.83 0.18 -4.43
N GLY A 63 -9.63 -0.84 -3.60
CA GLY A 63 -8.77 -1.94 -3.97
C GLY A 63 -7.37 -1.49 -4.33
N TYR A 64 -6.85 -0.51 -3.58
CA TYR A 64 -5.52 0.01 -3.84
C TYR A 64 -4.64 -0.10 -2.59
N LEU A 65 -3.36 -0.36 -2.80
CA LEU A 65 -2.41 -0.48 -1.69
C LEU A 65 -1.11 0.21 -2.02
N PHE A 66 -0.68 1.13 -1.16
CA PHE A 66 0.56 1.87 -1.38
C PHE A 66 1.72 1.23 -0.62
N ILE A 67 2.85 1.07 -1.30
CA ILE A 67 4.04 0.48 -0.69
C ILE A 67 5.31 1.18 -1.18
N GLN A 68 5.99 1.86 -0.27
CA GLN A 68 7.23 2.56 -0.64
C GLN A 68 8.40 1.60 -0.71
N MET A 69 8.45 0.83 -1.79
CA MET A 69 9.52 -0.13 -2.00
C MET A 69 10.67 0.49 -2.79
N ASP A 70 11.59 -0.35 -3.25
CA ASP A 70 12.73 0.11 -4.03
C ASP A 70 13.28 -1.01 -4.91
N LEU A 71 12.78 -1.08 -6.14
CA LEU A 71 13.22 -2.11 -7.08
C LEU A 71 14.56 -1.72 -7.72
N GLY A 72 14.80 -0.42 -7.84
CA GLY A 72 16.03 0.05 -8.44
C GLY A 72 15.93 0.24 -9.94
N ASP A 73 15.41 -0.78 -10.62
CA ASP A 73 15.24 -0.72 -12.08
C ASP A 73 13.92 -1.34 -12.50
N GLU A 74 13.64 -1.29 -13.80
CA GLU A 74 12.41 -1.85 -14.34
C GLU A 74 12.67 -3.17 -15.07
N GLU A 75 13.89 -3.32 -15.57
CA GLU A 75 14.27 -4.53 -16.30
C GLU A 75 13.83 -5.80 -15.55
N GLU A 76 14.59 -6.18 -14.54
CA GLU A 76 14.28 -7.36 -13.76
C GLU A 76 14.13 -7.02 -12.27
N PRO A 77 12.89 -7.05 -11.74
CA PRO A 77 12.63 -6.73 -10.34
C PRO A 77 13.49 -7.57 -9.39
N ASN A 78 13.41 -7.26 -8.10
CA ASN A 78 14.18 -7.98 -7.09
C ASN A 78 13.40 -9.18 -6.55
N GLU A 79 13.93 -9.80 -5.51
CA GLU A 79 13.28 -10.95 -4.89
C GLU A 79 11.96 -10.56 -4.25
N ALA A 80 11.85 -9.31 -3.83
CA ALA A 80 10.64 -8.81 -3.19
C ALA A 80 9.42 -9.05 -4.06
N TRP A 81 9.59 -8.88 -5.38
CA TRP A 81 8.50 -9.08 -6.32
C TRP A 81 8.09 -10.55 -6.38
N GLU A 82 9.07 -11.44 -6.26
CA GLU A 82 8.81 -12.87 -6.29
C GLU A 82 7.86 -13.28 -5.17
N VAL A 83 7.93 -12.57 -4.05
CA VAL A 83 7.08 -12.85 -2.91
C VAL A 83 5.73 -12.15 -3.03
N VAL A 84 5.77 -10.92 -3.53
CA VAL A 84 4.55 -10.13 -3.71
C VAL A 84 3.70 -10.67 -4.85
N ARG A 85 4.37 -11.21 -5.87
CA ARG A 85 3.67 -11.76 -7.03
C ARG A 85 2.98 -13.07 -6.68
N GLY A 86 3.39 -13.69 -5.57
CA GLY A 86 2.78 -14.94 -5.15
C GLY A 86 1.92 -14.80 -3.91
N THR A 87 1.89 -13.61 -3.33
CA THR A 87 1.09 -13.37 -2.13
C THR A 87 -0.40 -13.37 -2.46
N PRO A 88 -1.22 -14.08 -1.67
CA PRO A 88 -2.67 -14.16 -1.89
C PRO A 88 -3.31 -12.77 -1.98
N GLY A 89 -3.95 -12.50 -3.11
CA GLY A 89 -4.60 -11.22 -3.30
C GLY A 89 -4.12 -10.49 -4.54
N ILE A 90 -2.87 -10.74 -4.92
CA ILE A 90 -2.29 -10.11 -6.09
C ILE A 90 -2.72 -10.81 -7.37
N THR A 91 -3.46 -10.10 -8.22
CA THR A 91 -3.95 -10.66 -9.47
C THR A 91 -3.80 -9.66 -10.61
N GLY A 92 -2.84 -8.76 -10.48
CA GLY A 92 -2.61 -7.76 -11.51
C GLY A 92 -3.82 -6.89 -11.73
N PHE A 93 -3.61 -5.71 -12.33
CA PHE A 93 -4.70 -4.77 -12.60
C PHE A 93 -4.17 -3.50 -13.25
N VAL A 94 -3.00 -3.05 -12.80
CA VAL A 94 -2.39 -1.84 -13.34
C VAL A 94 -2.28 -1.90 -14.86
N GLY A 95 -2.18 -3.12 -15.40
CA GLY A 95 -2.06 -3.28 -16.83
C GLY A 95 -0.76 -2.74 -17.38
N ALA A 96 -0.64 -2.70 -18.70
CA ALA A 96 0.57 -2.19 -19.34
C ALA A 96 1.79 -2.99 -18.91
N GLY A 97 1.90 -4.21 -19.43
CA GLY A 97 3.04 -5.05 -19.08
C GLY A 97 2.87 -5.73 -17.73
N MET A 98 1.74 -5.49 -17.07
CA MET A 98 1.47 -6.09 -15.77
C MET A 98 2.50 -5.64 -14.74
N ARG A 99 3.20 -4.54 -15.03
CA ARG A 99 4.22 -4.02 -14.11
C ARG A 99 3.60 -3.03 -13.13
N PRO A 100 4.21 -2.89 -11.93
CA PRO A 100 3.73 -1.97 -10.90
C PRO A 100 3.57 -0.54 -11.42
N VAL A 101 3.02 0.33 -10.58
CA VAL A 101 2.82 1.72 -10.96
C VAL A 101 3.15 2.66 -9.81
N PRO A 102 4.39 3.18 -9.77
CA PRO A 102 4.85 4.09 -8.71
C PRO A 102 4.25 5.49 -8.86
N LEU A 103 3.70 6.01 -7.78
CA LEU A 103 3.11 7.35 -7.79
C LEU A 103 4.18 8.43 -7.70
N SER A 104 3.81 9.65 -8.07
CA SER A 104 4.75 10.77 -8.03
C SER A 104 4.72 11.46 -6.67
N PRO A 105 5.81 12.16 -6.30
CA PRO A 105 5.90 12.87 -5.02
C PRO A 105 4.80 13.88 -4.85
N ASP A 106 4.33 14.45 -5.96
CA ASP A 106 3.27 15.45 -5.92
C ASP A 106 1.92 14.79 -5.57
N GLU A 107 1.78 13.52 -5.94
CA GLU A 107 0.55 12.79 -5.66
C GLU A 107 0.67 12.01 -4.35
N VAL A 108 1.84 11.45 -4.09
CA VAL A 108 2.08 10.69 -2.87
C VAL A 108 1.83 11.54 -1.63
N ARG A 109 2.16 12.81 -1.71
CA ARG A 109 1.97 13.73 -0.59
C ARG A 109 0.50 13.88 -0.25
N HIS A 110 -0.36 13.65 -1.25
CA HIS A 110 -1.80 13.75 -1.05
C HIS A 110 -2.35 12.49 -0.38
N ILE A 111 -1.87 11.34 -0.81
CA ILE A 111 -2.32 10.08 -0.25
C ILE A 111 -1.70 9.82 1.13
N LEU A 112 -0.57 10.48 1.40
CA LEU A 112 0.10 10.33 2.68
C LEU A 112 -0.50 11.27 3.72
N GLU A 113 -1.03 12.41 3.26
CA GLU A 113 -1.64 13.39 4.15
C GLU A 113 -3.00 12.91 4.62
N VAL A 114 -3.69 12.14 3.77
CA VAL A 114 -5.01 11.62 4.09
C VAL A 114 -4.90 10.43 5.04
N SER A 115 -3.90 9.59 4.83
CA SER A 115 -3.68 8.42 5.67
C SER A 115 -3.35 8.83 7.10
N GLY A 116 -2.27 9.58 7.26
CA GLY A 116 -1.86 10.02 8.58
C GLY A 116 -0.36 10.17 8.72
N LEU A 117 0.24 10.98 7.85
CA LEU A 117 1.67 11.22 7.88
C LEU A 117 1.99 12.71 7.92
N LEU A 118 1.55 13.43 6.89
CA LEU A 118 1.79 14.86 6.81
C LEU A 118 0.79 15.63 7.67
N GLY A 119 -0.44 15.12 7.73
CA GLY A 119 -1.46 15.77 8.53
C GLY A 119 -1.54 15.22 9.94
N SER A 1 16.47 6.90 -2.38
CA SER A 1 16.24 6.61 -3.82
C SER A 1 15.17 5.53 -4.01
N ILE A 2 14.25 5.45 -3.06
CA ILE A 2 13.18 4.46 -3.12
C ILE A 2 12.01 4.98 -3.96
N GLU A 3 10.89 4.26 -3.93
CA GLU A 3 9.72 4.67 -4.71
C GLU A 3 8.42 4.15 -4.11
N TRP A 4 7.35 4.92 -4.31
CA TRP A 4 6.03 4.57 -3.81
C TRP A 4 5.28 3.72 -4.84
N TYR A 5 5.36 2.40 -4.70
CA TYR A 5 4.68 1.50 -5.62
C TYR A 5 3.28 1.17 -5.15
N ALA A 6 2.27 1.57 -5.91
CA ALA A 6 0.89 1.33 -5.55
C ALA A 6 0.32 0.14 -6.33
N VAL A 7 -0.53 -0.64 -5.66
CA VAL A 7 -1.16 -1.80 -6.28
C VAL A 7 -2.59 -1.96 -5.78
N HIS A 8 -3.40 -2.70 -6.54
CA HIS A 8 -4.79 -2.92 -6.17
C HIS A 8 -5.15 -4.40 -6.27
N THR A 9 -6.13 -4.82 -5.46
CA THR A 9 -6.58 -6.20 -5.45
C THR A 9 -8.10 -6.28 -5.34
N LEU A 10 -8.61 -7.46 -5.02
CA LEU A 10 -10.05 -7.66 -4.88
C LEU A 10 -10.58 -6.97 -3.63
N VAL A 11 -11.72 -6.28 -3.78
CA VAL A 11 -12.33 -5.57 -2.66
C VAL A 11 -12.83 -6.55 -1.60
N GLY A 12 -12.55 -6.24 -0.34
CA GLY A 12 -12.99 -7.11 0.75
C GLY A 12 -11.89 -8.07 1.19
N GLN A 13 -11.06 -8.48 0.25
CA GLN A 13 -9.96 -9.41 0.54
C GLN A 13 -8.68 -8.65 0.84
N GLU A 14 -8.59 -7.41 0.37
CA GLU A 14 -7.41 -6.58 0.60
C GLU A 14 -7.02 -6.56 2.07
N GLU A 15 -8.02 -6.64 2.94
CA GLU A 15 -7.79 -6.63 4.38
C GLU A 15 -6.83 -7.73 4.79
N LYS A 16 -7.10 -8.95 4.30
CA LYS A 16 -6.24 -10.09 4.60
C LYS A 16 -4.94 -10.03 3.84
N ALA A 17 -4.97 -9.36 2.69
CA ALA A 17 -3.78 -9.22 1.85
C ALA A 17 -2.70 -8.41 2.56
N LYS A 18 -3.14 -7.37 3.27
CA LYS A 18 -2.21 -6.50 3.99
C LYS A 18 -1.41 -7.29 5.01
N ALA A 19 -2.09 -8.19 5.72
CA ALA A 19 -1.44 -9.02 6.73
C ALA A 19 -0.65 -10.15 6.09
N ASN A 20 -1.20 -10.70 5.01
CA ASN A 20 -0.55 -11.80 4.30
C ASN A 20 0.80 -11.34 3.72
N LEU A 21 0.85 -10.08 3.29
CA LEU A 21 2.07 -9.53 2.72
C LEU A 21 3.14 -9.35 3.79
N GLU A 22 2.81 -8.58 4.83
CA GLU A 22 3.75 -8.33 5.92
C GLU A 22 4.36 -9.63 6.43
N LYS A 23 3.57 -10.69 6.43
CA LYS A 23 4.04 -12.00 6.89
C LYS A 23 5.05 -12.58 5.92
N ARG A 24 4.76 -12.48 4.63
CA ARG A 24 5.66 -12.98 3.60
C ARG A 24 6.93 -12.14 3.53
N ILE A 25 6.78 -10.83 3.70
CA ILE A 25 7.91 -9.93 3.68
C ILE A 25 8.82 -10.16 4.88
N LYS A 26 8.23 -10.58 5.99
CA LYS A 26 8.99 -10.84 7.21
C LYS A 26 9.53 -12.27 7.22
N ALA A 27 8.81 -13.17 6.57
CA ALA A 27 9.22 -14.57 6.50
C ALA A 27 10.49 -14.74 5.69
N PHE A 28 10.53 -14.12 4.51
CA PHE A 28 11.69 -14.20 3.63
C PHE A 28 12.72 -13.14 3.97
N GLY A 29 12.26 -12.04 4.57
CA GLY A 29 13.17 -10.97 4.94
C GLY A 29 13.29 -9.93 3.84
N LEU A 30 12.17 -9.29 3.51
CA LEU A 30 12.16 -8.26 2.47
C LEU A 30 12.22 -6.87 3.07
N GLN A 31 12.83 -6.75 4.25
CA GLN A 31 12.96 -5.47 4.93
C GLN A 31 14.12 -4.66 4.37
N ASP A 32 14.55 -4.99 3.14
CA ASP A 32 15.64 -4.27 2.50
C ASP A 32 15.14 -3.41 1.36
N LYS A 33 13.91 -3.66 0.90
CA LYS A 33 13.32 -2.90 -0.18
C LYS A 33 12.09 -2.13 0.28
N ILE A 34 11.22 -2.81 1.03
CA ILE A 34 10.01 -2.17 1.54
C ILE A 34 10.30 -1.34 2.79
N PHE A 35 9.74 -0.14 2.84
CA PHE A 35 9.94 0.76 3.97
C PHE A 35 8.62 1.34 4.45
N GLN A 36 7.95 2.08 3.56
CA GLN A 36 6.68 2.71 3.90
C GLN A 36 5.49 1.92 3.35
N VAL A 37 4.49 1.71 4.21
CA VAL A 37 3.29 0.98 3.82
C VAL A 37 2.05 1.80 4.18
N LEU A 38 1.77 2.81 3.36
CA LEU A 38 0.63 3.68 3.60
C LEU A 38 -0.67 3.03 3.10
N ILE A 39 -1.73 3.19 3.87
CA ILE A 39 -3.03 2.62 3.51
C ILE A 39 -3.93 3.68 2.87
N PRO A 40 -4.64 3.32 1.78
CA PRO A 40 -5.53 4.24 1.09
C PRO A 40 -6.87 4.44 1.80
N THR A 41 -6.80 4.84 3.07
CA THR A 41 -8.00 5.07 3.86
C THR A 41 -8.01 6.47 4.46
N GLU A 42 -9.19 7.05 4.60
CA GLU A 42 -9.33 8.39 5.17
C GLU A 42 -9.63 8.32 6.66
N GLU A 43 -9.62 9.48 7.31
CA GLU A 43 -9.90 9.56 8.73
C GLU A 43 -10.99 10.58 9.02
N VAL A 44 -12.17 10.09 9.39
CA VAL A 44 -13.30 10.96 9.70
C VAL A 44 -13.83 10.69 11.10
N VAL A 45 -14.60 11.63 11.63
CA VAL A 45 -15.17 11.50 12.97
C VAL A 45 -16.65 11.82 12.97
N GLU A 46 -17.47 10.79 13.14
CA GLU A 46 -18.92 10.96 13.16
C GLU A 46 -19.54 10.27 14.38
N LEU A 47 -20.66 10.79 14.85
CA LEU A 47 -21.33 10.22 16.01
C LEU A 47 -22.79 10.65 16.06
N ARG A 48 -23.58 10.02 16.92
CA ARG A 48 -24.99 10.33 17.06
C ARG A 48 -25.23 11.17 18.32
N GLU A 49 -26.51 11.34 18.67
CA GLU A 49 -26.87 12.12 19.84
C GLU A 49 -26.60 11.34 21.12
N GLY A 50 -26.71 10.01 21.04
CA GLY A 50 -26.46 9.18 22.20
C GLY A 50 -24.98 8.89 22.40
N GLY A 51 -24.47 7.91 21.65
CA GLY A 51 -23.07 7.56 21.77
C GLY A 51 -22.78 6.17 21.25
N LYS A 52 -23.06 5.94 19.97
CA LYS A 52 -22.83 4.64 19.35
C LYS A 52 -21.76 4.73 18.28
N LYS A 53 -20.91 5.72 18.42
CA LYS A 53 -19.83 5.95 17.47
C LYS A 53 -18.72 6.78 18.11
N GLU A 54 -17.57 6.85 17.45
CA GLU A 54 -16.43 7.61 17.96
C GLU A 54 -15.46 7.94 16.83
N VAL A 55 -15.04 6.92 16.08
CA VAL A 55 -14.11 7.11 14.99
C VAL A 55 -14.36 6.09 13.87
N VAL A 56 -14.26 6.55 12.64
CA VAL A 56 -14.47 5.69 11.48
C VAL A 56 -13.50 6.02 10.35
N ARG A 57 -13.42 5.14 9.36
CA ARG A 57 -12.52 5.34 8.23
C ARG A 57 -13.23 5.04 6.92
N LYS A 58 -12.74 5.64 5.84
CA LYS A 58 -13.33 5.44 4.52
C LYS A 58 -12.25 5.23 3.47
N LYS A 59 -12.17 4.01 2.94
CA LYS A 59 -11.18 3.67 1.93
C LYS A 59 -11.31 4.59 0.71
N LEU A 60 -10.38 5.53 0.58
CA LEU A 60 -10.40 6.46 -0.55
C LEU A 60 -10.20 5.72 -1.86
N PHE A 61 -9.15 4.90 -1.93
CA PHE A 61 -8.86 4.13 -3.13
C PHE A 61 -9.40 2.71 -3.01
N PRO A 62 -10.44 2.36 -3.79
CA PRO A 62 -11.05 1.03 -3.76
C PRO A 62 -10.06 -0.09 -4.06
N GLY A 63 -9.91 -1.03 -3.13
CA GLY A 63 -9.00 -2.14 -3.32
C GLY A 63 -7.62 -1.72 -3.80
N TYR A 64 -7.09 -0.65 -3.22
CA TYR A 64 -5.77 -0.15 -3.60
C TYR A 64 -4.79 -0.24 -2.44
N LEU A 65 -3.52 0.07 -2.71
CA LEU A 65 -2.49 0.02 -1.67
C LEU A 65 -1.28 0.85 -2.08
N PHE A 66 -0.56 1.36 -1.08
CA PHE A 66 0.62 2.18 -1.33
C PHE A 66 1.83 1.61 -0.58
N ILE A 67 2.88 1.26 -1.32
CA ILE A 67 4.08 0.70 -0.70
C ILE A 67 5.34 1.41 -1.20
N GLN A 68 6.02 2.09 -0.28
CA GLN A 68 7.25 2.79 -0.61
C GLN A 68 8.43 1.83 -0.59
N MET A 69 8.47 0.94 -1.56
CA MET A 69 9.54 -0.05 -1.66
C MET A 69 10.68 0.47 -2.53
N ASP A 70 11.60 -0.42 -2.89
CA ASP A 70 12.73 -0.06 -3.73
C ASP A 70 13.02 -1.16 -4.76
N LEU A 71 11.97 -1.60 -5.45
CA LEU A 71 12.10 -2.64 -6.45
C LEU A 71 12.64 -2.09 -7.76
N GLY A 72 12.32 -0.83 -8.04
CA GLY A 72 12.79 -0.19 -9.27
C GLY A 72 14.30 -0.20 -9.38
N ASP A 73 14.84 -1.27 -9.95
CA ASP A 73 16.28 -1.40 -10.12
C ASP A 73 16.70 -1.01 -11.54
N GLU A 74 16.52 -1.93 -12.48
CA GLU A 74 16.86 -1.68 -13.87
C GLU A 74 16.21 -2.70 -14.79
N GLU A 75 16.65 -3.94 -14.70
CA GLU A 75 16.11 -5.02 -15.53
C GLU A 75 14.76 -5.48 -15.02
N GLU A 76 14.76 -6.35 -14.01
CA GLU A 76 13.52 -6.87 -13.44
C GLU A 76 13.57 -6.84 -11.91
N PRO A 77 12.47 -6.42 -11.26
CA PRO A 77 12.39 -6.34 -9.80
C PRO A 77 12.08 -7.69 -9.16
N ASN A 78 13.13 -8.45 -8.84
CA ASN A 78 12.96 -9.75 -8.22
C ASN A 78 12.97 -9.63 -6.70
N GLU A 79 13.07 -10.77 -6.02
CA GLU A 79 13.09 -10.80 -4.56
C GLU A 79 11.85 -10.13 -3.96
N ALA A 80 11.89 -8.81 -3.86
CA ALA A 80 10.77 -8.05 -3.30
C ALA A 80 9.47 -8.35 -4.03
N TRP A 81 9.54 -8.41 -5.36
CA TRP A 81 8.37 -8.69 -6.17
C TRP A 81 8.06 -10.18 -6.21
N GLU A 82 9.11 -10.99 -6.20
CA GLU A 82 8.96 -12.44 -6.22
C GLU A 82 8.12 -12.92 -5.05
N VAL A 83 8.15 -12.15 -3.95
CA VAL A 83 7.38 -12.50 -2.76
C VAL A 83 5.98 -11.94 -2.83
N VAL A 84 5.86 -10.65 -3.10
CA VAL A 84 4.57 -9.99 -3.20
C VAL A 84 3.70 -10.64 -4.26
N ARG A 85 4.27 -10.84 -5.44
CA ARG A 85 3.55 -11.46 -6.55
C ARG A 85 3.05 -12.85 -6.17
N GLY A 86 3.71 -13.47 -5.19
CA GLY A 86 3.34 -14.80 -4.76
C GLY A 86 2.22 -14.78 -3.73
N THR A 87 2.13 -13.68 -2.98
CA THR A 87 1.10 -13.55 -1.95
C THR A 87 -0.29 -13.71 -2.54
N PRO A 88 -1.21 -14.35 -1.80
CA PRO A 88 -2.59 -14.57 -2.26
C PRO A 88 -3.41 -13.28 -2.30
N GLY A 89 -2.89 -12.23 -1.65
CA GLY A 89 -3.59 -10.96 -1.62
C GLY A 89 -3.66 -10.30 -2.99
N ILE A 90 -2.68 -10.59 -3.83
CA ILE A 90 -2.63 -10.02 -5.18
C ILE A 90 -3.48 -10.83 -6.15
N THR A 91 -3.98 -10.17 -7.18
CA THR A 91 -4.80 -10.84 -8.19
C THR A 91 -4.75 -10.08 -9.52
N GLY A 92 -4.99 -8.78 -9.47
CA GLY A 92 -4.96 -7.98 -10.68
C GLY A 92 -4.11 -6.74 -10.53
N PHE A 93 -3.71 -6.14 -11.66
CA PHE A 93 -2.88 -4.95 -11.64
C PHE A 93 -3.41 -3.91 -12.62
N VAL A 94 -2.71 -2.79 -12.73
CA VAL A 94 -3.11 -1.71 -13.62
C VAL A 94 -3.19 -2.19 -15.06
N GLY A 95 -4.33 -1.96 -15.71
CA GLY A 95 -4.51 -2.37 -17.09
C GLY A 95 -3.70 -1.53 -18.05
N ALA A 96 -3.25 -0.37 -17.60
CA ALA A 96 -2.47 0.53 -18.44
C ALA A 96 -1.24 -0.17 -19.02
N GLY A 97 -0.74 -1.17 -18.30
CA GLY A 97 0.42 -1.91 -18.75
C GLY A 97 0.50 -3.28 -18.12
N MET A 98 1.70 -3.65 -17.65
CA MET A 98 1.91 -4.95 -17.01
C MET A 98 2.48 -4.78 -15.62
N ARG A 99 3.53 -3.97 -15.50
CA ARG A 99 4.17 -3.72 -14.22
C ARG A 99 3.40 -2.68 -13.40
N PRO A 100 3.63 -2.62 -12.09
CA PRO A 100 2.95 -1.67 -11.20
C PRO A 100 3.09 -0.23 -11.68
N VAL A 101 2.71 0.72 -10.83
CA VAL A 101 2.79 2.14 -11.17
C VAL A 101 3.24 2.97 -9.98
N PRO A 102 4.48 3.51 -10.02
CA PRO A 102 5.02 4.34 -8.95
C PRO A 102 4.54 5.78 -9.03
N LEU A 103 3.87 6.25 -7.98
CA LEU A 103 3.36 7.62 -7.95
C LEU A 103 4.49 8.63 -7.87
N SER A 104 4.24 9.84 -8.32
CA SER A 104 5.23 10.91 -8.30
C SER A 104 5.16 11.69 -6.99
N PRO A 105 6.18 12.52 -6.71
CA PRO A 105 6.22 13.33 -5.48
C PRO A 105 4.95 14.13 -5.27
N ASP A 106 4.27 14.46 -6.37
CA ASP A 106 3.03 15.24 -6.30
C ASP A 106 1.87 14.37 -5.84
N GLU A 107 1.73 13.19 -6.46
CA GLU A 107 0.65 12.28 -6.12
C GLU A 107 0.91 11.61 -4.77
N VAL A 108 2.18 11.37 -4.47
CA VAL A 108 2.56 10.74 -3.21
C VAL A 108 2.16 11.60 -2.02
N ARG A 109 2.42 12.90 -2.12
CA ARG A 109 2.09 13.82 -1.04
C ARG A 109 0.59 13.82 -0.76
N HIS A 110 -0.19 13.49 -1.79
CA HIS A 110 -1.65 13.45 -1.66
C HIS A 110 -2.08 12.24 -0.84
N ILE A 111 -1.64 11.06 -1.27
CA ILE A 111 -1.99 9.83 -0.57
C ILE A 111 -1.33 9.78 0.80
N LEU A 112 -0.35 10.65 1.02
CA LEU A 112 0.36 10.72 2.30
C LEU A 112 -0.46 11.52 3.32
N GLU A 113 -1.06 12.61 2.86
CA GLU A 113 -1.86 13.46 3.73
C GLU A 113 -3.06 12.70 4.29
N VAL A 114 -3.59 11.78 3.50
CA VAL A 114 -4.74 11.00 3.92
C VAL A 114 -4.33 9.90 4.90
N SER A 115 -3.31 9.14 4.55
CA SER A 115 -2.82 8.07 5.41
C SER A 115 -2.45 8.59 6.79
N GLY A 116 -1.49 9.51 6.83
CA GLY A 116 -1.07 10.08 8.10
C GLY A 116 0.42 10.32 8.18
N LEU A 117 0.99 10.86 7.09
CA LEU A 117 2.42 11.15 7.05
C LEU A 117 2.66 12.65 7.07
N LEU A 118 1.94 13.37 6.22
CA LEU A 118 2.07 14.82 6.13
C LEU A 118 0.93 15.52 6.88
N GLY A 119 0.44 14.86 7.93
CA GLY A 119 -0.64 15.42 8.71
C GLY A 119 -1.54 14.36 9.31
N SER A 1 17.35 5.96 -4.59
CA SER A 1 16.02 6.42 -4.09
C SER A 1 15.00 5.28 -4.07
N ILE A 2 13.76 5.61 -3.76
CA ILE A 2 12.69 4.62 -3.71
C ILE A 2 11.43 5.14 -4.38
N GLU A 3 10.37 4.34 -4.39
CA GLU A 3 9.12 4.75 -5.02
C GLU A 3 7.90 4.06 -4.40
N TRP A 4 6.74 4.69 -4.56
CA TRP A 4 5.49 4.16 -4.05
C TRP A 4 4.73 3.42 -5.16
N TYR A 5 5.05 2.16 -5.36
CA TYR A 5 4.40 1.37 -6.40
C TYR A 5 3.05 0.86 -5.94
N ALA A 6 2.01 1.17 -6.70
CA ALA A 6 0.65 0.75 -6.37
C ALA A 6 0.27 -0.54 -7.09
N VAL A 7 -0.39 -1.43 -6.37
CA VAL A 7 -0.82 -2.71 -6.94
C VAL A 7 -2.32 -2.90 -6.75
N HIS A 8 -2.91 -3.78 -7.55
CA HIS A 8 -4.34 -4.04 -7.47
C HIS A 8 -4.63 -5.24 -6.57
N THR A 9 -5.59 -5.07 -5.66
CA THR A 9 -5.95 -6.14 -4.74
C THR A 9 -7.44 -6.47 -4.84
N LEU A 10 -7.88 -7.45 -4.08
CA LEU A 10 -9.28 -7.86 -4.08
C LEU A 10 -10.11 -6.98 -3.15
N VAL A 11 -11.24 -6.50 -3.65
CA VAL A 11 -12.12 -5.65 -2.87
C VAL A 11 -12.69 -6.40 -1.66
N GLY A 12 -12.47 -5.86 -0.48
CA GLY A 12 -12.97 -6.49 0.73
C GLY A 12 -11.93 -7.32 1.44
N GLN A 13 -10.96 -7.83 0.66
CA GLN A 13 -9.90 -8.64 1.22
C GLN A 13 -8.58 -7.87 1.30
N GLU A 14 -8.59 -6.63 0.81
CA GLU A 14 -7.40 -5.79 0.84
C GLU A 14 -6.87 -5.62 2.26
N GLU A 15 -7.79 -5.58 3.23
CA GLU A 15 -7.42 -5.43 4.62
C GLU A 15 -6.50 -6.55 5.08
N LYS A 16 -6.80 -7.76 4.63
CA LYS A 16 -5.99 -8.93 4.99
C LYS A 16 -4.77 -9.06 4.07
N ALA A 17 -4.88 -8.50 2.87
CA ALA A 17 -3.78 -8.54 1.90
C ALA A 17 -2.52 -7.93 2.48
N LYS A 18 -2.64 -6.72 3.01
CA LYS A 18 -1.49 -6.02 3.59
C LYS A 18 -0.90 -6.82 4.74
N ALA A 19 -1.77 -7.46 5.52
CA ALA A 19 -1.34 -8.27 6.65
C ALA A 19 -0.64 -9.54 6.19
N ASN A 20 -1.32 -10.30 5.33
CA ASN A 20 -0.77 -11.54 4.80
C ASN A 20 0.54 -11.28 4.07
N LEU A 21 0.64 -10.11 3.46
CA LEU A 21 1.84 -9.73 2.72
C LEU A 21 2.95 -9.31 3.67
N GLU A 22 2.67 -8.31 4.51
CA GLU A 22 3.65 -7.82 5.48
C GLU A 22 4.26 -8.96 6.27
N LYS A 23 3.47 -10.01 6.49
CA LYS A 23 3.94 -11.18 7.23
C LYS A 23 4.98 -11.95 6.43
N ARG A 24 4.75 -12.05 5.12
CA ARG A 24 5.66 -12.77 4.24
C ARG A 24 6.97 -11.99 4.07
N ILE A 25 6.86 -10.67 4.04
CA ILE A 25 8.01 -9.80 3.89
C ILE A 25 8.92 -9.89 5.12
N LYS A 26 8.30 -10.11 6.28
CA LYS A 26 9.04 -10.20 7.53
C LYS A 26 9.61 -11.60 7.71
N ALA A 27 8.92 -12.60 7.18
CA ALA A 27 9.34 -13.98 7.28
C ALA A 27 10.43 -14.29 6.25
N PHE A 28 10.36 -13.64 5.11
CA PHE A 28 11.33 -13.85 4.04
C PHE A 28 12.56 -12.97 4.24
N GLY A 29 12.37 -11.83 4.92
CA GLY A 29 13.47 -10.93 5.17
C GLY A 29 13.72 -9.98 4.01
N LEU A 30 12.72 -9.16 3.70
CA LEU A 30 12.84 -8.21 2.61
C LEU A 30 12.67 -6.78 3.11
N GLN A 31 13.03 -6.56 4.37
CA GLN A 31 12.92 -5.23 4.97
C GLN A 31 14.00 -4.29 4.44
N ASP A 32 14.94 -4.83 3.68
CA ASP A 32 16.02 -4.02 3.11
C ASP A 32 15.55 -3.27 1.87
N LYS A 33 14.57 -3.84 1.17
CA LYS A 33 14.04 -3.22 -0.03
C LYS A 33 12.77 -2.42 0.30
N ILE A 34 11.80 -3.10 0.90
CA ILE A 34 10.54 -2.45 1.27
C ILE A 34 10.69 -1.66 2.56
N PHE A 35 9.99 -0.53 2.64
CA PHE A 35 10.05 0.31 3.84
C PHE A 35 8.66 0.70 4.32
N GLN A 36 7.80 1.09 3.38
CA GLN A 36 6.45 1.49 3.73
C GLN A 36 5.41 0.64 3.00
N VAL A 37 4.22 0.55 3.60
CA VAL A 37 3.12 -0.22 3.03
C VAL A 37 1.78 0.34 3.52
N LEU A 38 1.46 1.56 3.09
CA LEU A 38 0.22 2.21 3.49
C LEU A 38 -0.96 1.70 2.67
N ILE A 39 -2.14 1.76 3.27
CA ILE A 39 -3.36 1.31 2.60
C ILE A 39 -4.25 2.49 2.21
N PRO A 40 -4.49 2.69 0.90
CA PRO A 40 -5.32 3.81 0.42
C PRO A 40 -6.71 3.83 1.06
N THR A 41 -6.78 4.36 2.27
CA THR A 41 -8.04 4.44 3.00
C THR A 41 -7.98 5.52 4.07
N GLU A 42 -8.95 6.43 4.07
CA GLU A 42 -9.00 7.50 5.06
C GLU A 42 -9.57 6.98 6.38
N GLU A 43 -8.70 6.81 7.38
CA GLU A 43 -9.12 6.32 8.68
C GLU A 43 -9.07 7.42 9.73
N VAL A 44 -10.05 7.41 10.63
CA VAL A 44 -10.13 8.40 11.69
C VAL A 44 -10.48 7.73 13.02
N VAL A 45 -9.71 8.04 14.06
CA VAL A 45 -9.95 7.47 15.38
C VAL A 45 -9.81 8.51 16.47
N GLU A 46 -10.09 8.12 17.70
CA GLU A 46 -9.99 9.02 18.85
C GLU A 46 -9.26 8.35 20.00
N LEU A 47 -9.17 9.05 21.13
CA LEU A 47 -8.50 8.52 22.31
C LEU A 47 -9.49 8.32 23.45
N ARG A 48 -9.36 7.19 24.14
CA ARG A 48 -10.25 6.87 25.25
C ARG A 48 -9.45 6.35 26.44
N GLU A 49 -8.24 6.89 26.63
CA GLU A 49 -7.38 6.47 27.73
C GLU A 49 -7.05 4.99 27.63
N GLY A 50 -6.02 4.57 28.36
CA GLY A 50 -5.62 3.18 28.34
C GLY A 50 -4.62 2.87 27.23
N GLY A 51 -4.98 3.22 25.99
CA GLY A 51 -4.10 2.97 24.88
C GLY A 51 -4.55 3.68 23.61
N LYS A 52 -5.53 3.10 22.91
CA LYS A 52 -6.05 3.69 21.69
C LYS A 52 -7.44 3.17 21.38
N LYS A 53 -8.12 3.81 20.43
CA LYS A 53 -9.47 3.42 20.06
C LYS A 53 -9.65 3.49 18.54
N GLU A 54 -10.75 2.92 18.06
CA GLU A 54 -11.05 2.92 16.63
C GLU A 54 -12.46 3.43 16.37
N VAL A 55 -12.68 3.98 15.19
CA VAL A 55 -13.99 4.50 14.82
C VAL A 55 -14.43 3.99 13.45
N VAL A 56 -13.82 4.51 12.39
CA VAL A 56 -14.15 4.10 11.03
C VAL A 56 -13.04 4.45 10.05
N ARG A 57 -13.19 3.99 8.81
CA ARG A 57 -12.19 4.25 7.77
C ARG A 57 -12.80 4.07 6.39
N LYS A 58 -12.64 5.07 5.53
CA LYS A 58 -13.18 5.01 4.17
C LYS A 58 -12.09 4.61 3.18
N LYS A 59 -12.49 4.34 1.94
CA LYS A 59 -11.54 3.95 0.91
C LYS A 59 -11.25 5.11 -0.04
N LEU A 60 -9.97 5.45 -0.18
CA LEU A 60 -9.55 6.53 -1.06
C LEU A 60 -9.29 6.00 -2.47
N PHE A 61 -8.53 4.91 -2.54
CA PHE A 61 -8.20 4.29 -3.83
C PHE A 61 -8.61 2.81 -3.82
N PRO A 62 -9.86 2.52 -4.22
CA PRO A 62 -10.38 1.15 -4.26
C PRO A 62 -9.46 0.20 -5.02
N GLY A 63 -9.18 -0.95 -4.41
CA GLY A 63 -8.34 -1.95 -5.04
C GLY A 63 -6.93 -1.46 -5.30
N TYR A 64 -6.40 -0.64 -4.40
CA TYR A 64 -5.04 -0.12 -4.56
C TYR A 64 -4.26 -0.23 -3.26
N LEU A 65 -2.95 -0.36 -3.38
CA LEU A 65 -2.08 -0.47 -2.20
C LEU A 65 -0.76 0.25 -2.44
N PHE A 66 -0.49 1.27 -1.62
CA PHE A 66 0.73 2.05 -1.74
C PHE A 66 1.90 1.36 -1.03
N ILE A 67 2.95 1.05 -1.78
CA ILE A 67 4.11 0.38 -1.22
C ILE A 67 5.40 1.12 -1.56
N GLN A 68 5.98 1.77 -0.57
CA GLN A 68 7.24 2.51 -0.76
C GLN A 68 8.42 1.56 -0.74
N MET A 69 8.53 0.74 -1.79
CA MET A 69 9.62 -0.22 -1.90
C MET A 69 10.81 0.37 -2.64
N ASP A 70 11.86 -0.43 -2.79
CA ASP A 70 13.07 -0.01 -3.49
C ASP A 70 13.35 -0.90 -4.69
N LEU A 71 12.81 -0.53 -5.85
CA LEU A 71 13.00 -1.29 -7.06
C LEU A 71 14.32 -0.92 -7.74
N GLY A 72 14.38 0.29 -8.27
CA GLY A 72 15.58 0.75 -8.94
C GLY A 72 15.57 0.47 -10.43
N ASP A 73 15.90 -0.76 -10.80
CA ASP A 73 15.92 -1.16 -12.20
C ASP A 73 14.58 -1.77 -12.62
N GLU A 74 14.14 -1.45 -13.83
CA GLU A 74 12.88 -1.97 -14.35
C GLU A 74 13.12 -3.17 -15.27
N GLU A 75 14.16 -3.93 -14.99
CA GLU A 75 14.50 -5.09 -15.79
C GLU A 75 13.71 -6.32 -15.35
N GLU A 76 13.80 -6.63 -14.06
CA GLU A 76 13.09 -7.77 -13.49
C GLU A 76 12.96 -7.64 -11.98
N PRO A 77 11.83 -7.07 -11.51
CA PRO A 77 11.59 -6.89 -10.07
C PRO A 77 11.60 -8.21 -9.30
N ASN A 78 12.77 -8.57 -8.78
CA ASN A 78 12.92 -9.81 -8.03
C ASN A 78 12.65 -9.60 -6.54
N GLU A 79 12.82 -10.67 -5.76
CA GLU A 79 12.60 -10.61 -4.31
C GLU A 79 11.24 -10.03 -3.96
N ALA A 80 11.17 -8.71 -3.86
CA ALA A 80 9.94 -8.01 -3.52
C ALA A 80 8.75 -8.53 -4.33
N TRP A 81 8.92 -8.59 -5.64
CA TRP A 81 7.85 -9.06 -6.53
C TRP A 81 7.66 -10.57 -6.39
N GLU A 82 8.76 -11.28 -6.13
CA GLU A 82 8.71 -12.72 -5.98
C GLU A 82 7.79 -13.14 -4.84
N VAL A 83 7.75 -12.31 -3.79
CA VAL A 83 6.92 -12.58 -2.64
C VAL A 83 5.53 -11.98 -2.80
N VAL A 84 5.48 -10.72 -3.19
CA VAL A 84 4.21 -10.02 -3.38
C VAL A 84 3.37 -10.69 -4.47
N ARG A 85 4.01 -11.02 -5.59
CA ARG A 85 3.32 -11.67 -6.70
C ARG A 85 2.76 -13.03 -6.30
N GLY A 86 3.28 -13.58 -5.20
CA GLY A 86 2.81 -14.87 -4.74
C GLY A 86 1.85 -14.77 -3.56
N THR A 87 1.96 -13.68 -2.80
CA THR A 87 1.09 -13.47 -1.65
C THR A 87 -0.38 -13.44 -2.05
N PRO A 88 -1.28 -13.96 -1.20
CA PRO A 88 -2.72 -13.98 -1.49
C PRO A 88 -3.27 -12.58 -1.76
N GLY A 89 -2.61 -11.56 -1.22
CA GLY A 89 -3.05 -10.20 -1.41
C GLY A 89 -3.19 -9.83 -2.88
N ILE A 90 -2.32 -10.39 -3.71
CA ILE A 90 -2.35 -10.12 -5.14
C ILE A 90 -3.10 -11.22 -5.89
N THR A 91 -3.69 -10.85 -7.03
CA THR A 91 -4.44 -11.80 -7.83
C THR A 91 -4.93 -11.15 -9.12
N GLY A 92 -5.37 -9.90 -9.02
CA GLY A 92 -5.86 -9.19 -10.18
C GLY A 92 -4.81 -8.29 -10.81
N PHE A 93 -3.99 -7.67 -9.96
CA PHE A 93 -2.92 -6.78 -10.43
C PHE A 93 -3.42 -5.82 -11.49
N VAL A 94 -2.50 -5.06 -12.09
CA VAL A 94 -2.86 -4.10 -13.12
C VAL A 94 -3.38 -4.79 -14.38
N GLY A 95 -4.70 -4.75 -14.57
CA GLY A 95 -5.29 -5.38 -15.72
C GLY A 95 -4.87 -4.73 -17.03
N ALA A 96 -4.62 -3.42 -16.98
CA ALA A 96 -4.21 -2.68 -18.16
C ALA A 96 -2.72 -2.34 -18.10
N GLY A 97 -1.88 -3.32 -18.44
CA GLY A 97 -0.45 -3.11 -18.43
C GLY A 97 0.31 -4.31 -17.89
N MET A 98 1.42 -4.04 -17.21
CA MET A 98 2.23 -5.12 -16.64
C MET A 98 3.04 -4.61 -15.45
N ARG A 99 3.85 -3.59 -15.68
CA ARG A 99 4.68 -3.01 -14.63
C ARG A 99 3.84 -2.20 -13.66
N PRO A 100 4.25 -2.13 -12.38
CA PRO A 100 3.52 -1.38 -11.35
C PRO A 100 3.22 0.04 -11.79
N VAL A 101 2.56 0.80 -10.91
CA VAL A 101 2.20 2.19 -11.21
C VAL A 101 2.54 3.11 -10.04
N PRO A 102 3.75 3.71 -10.05
CA PRO A 102 4.19 4.61 -8.99
C PRO A 102 3.53 5.98 -9.09
N LEU A 103 3.26 6.58 -7.93
CA LEU A 103 2.63 7.90 -7.88
C LEU A 103 3.67 9.00 -7.89
N SER A 104 3.22 10.25 -8.09
CA SER A 104 4.12 11.39 -8.10
C SER A 104 4.28 11.97 -6.71
N PRO A 105 5.45 12.59 -6.42
CA PRO A 105 5.73 13.18 -5.12
C PRO A 105 4.61 14.12 -4.64
N ASP A 106 3.92 14.73 -5.60
CA ASP A 106 2.83 15.64 -5.28
C ASP A 106 1.58 14.88 -4.87
N GLU A 107 1.41 13.69 -5.43
CA GLU A 107 0.24 12.86 -5.12
C GLU A 107 0.53 11.94 -3.94
N VAL A 108 1.77 11.50 -3.82
CA VAL A 108 2.18 10.62 -2.74
C VAL A 108 2.05 11.31 -1.39
N ARG A 109 2.32 12.61 -1.36
CA ARG A 109 2.23 13.38 -0.12
C ARG A 109 0.78 13.55 0.31
N HIS A 110 -0.13 13.56 -0.66
CA HIS A 110 -1.55 13.71 -0.37
C HIS A 110 -2.14 12.40 0.13
N ILE A 111 -1.73 11.30 -0.47
CA ILE A 111 -2.22 9.98 -0.08
C ILE A 111 -1.60 9.54 1.24
N LEU A 112 -0.38 10.01 1.50
CA LEU A 112 0.33 9.66 2.73
C LEU A 112 -0.21 10.47 3.90
N GLU A 113 -0.64 11.70 3.62
CA GLU A 113 -1.17 12.58 4.65
C GLU A 113 -2.50 12.03 5.18
N VAL A 114 -3.26 11.39 4.30
CA VAL A 114 -4.56 10.83 4.67
C VAL A 114 -4.37 9.59 5.54
N SER A 115 -3.33 8.82 5.24
CA SER A 115 -3.04 7.59 5.99
C SER A 115 -2.71 7.92 7.44
N GLY A 116 -1.65 8.71 7.64
CA GLY A 116 -1.24 9.07 8.97
C GLY A 116 0.27 9.17 9.11
N LEU A 117 0.91 9.80 8.12
CA LEU A 117 2.37 9.95 8.14
C LEU A 117 2.75 11.43 8.22
N LEU A 118 2.38 12.19 7.21
CA LEU A 118 2.69 13.61 7.16
C LEU A 118 1.72 14.41 8.02
N GLY A 119 0.43 14.08 7.90
CA GLY A 119 -0.59 14.78 8.67
C GLY A 119 -1.51 13.83 9.40
N SER A 1 17.68 6.07 -3.69
CA SER A 1 16.31 6.47 -3.29
C SER A 1 15.31 5.32 -3.45
N ILE A 2 14.06 5.58 -3.12
CA ILE A 2 13.01 4.57 -3.23
C ILE A 2 11.76 5.14 -3.90
N GLU A 3 10.76 4.30 -4.14
CA GLU A 3 9.55 4.76 -4.79
C GLU A 3 8.29 4.12 -4.19
N TRP A 4 7.16 4.78 -4.40
CA TRP A 4 5.87 4.30 -3.90
C TRP A 4 5.16 3.48 -4.97
N TYR A 5 5.40 2.17 -4.97
CA TYR A 5 4.77 1.28 -5.94
C TYR A 5 3.41 0.81 -5.45
N ALA A 6 2.36 1.46 -5.95
CA ALA A 6 1.00 1.11 -5.56
C ALA A 6 0.50 -0.11 -6.33
N VAL A 7 -0.45 -0.83 -5.74
CA VAL A 7 -1.01 -2.02 -6.37
C VAL A 7 -2.52 -2.09 -6.17
N HIS A 8 -3.19 -2.86 -7.02
CA HIS A 8 -4.64 -3.00 -6.94
C HIS A 8 -5.03 -4.42 -6.52
N THR A 9 -5.98 -4.52 -5.60
CA THR A 9 -6.45 -5.81 -5.12
C THR A 9 -7.97 -5.91 -5.19
N LEU A 10 -8.51 -7.03 -4.72
CA LEU A 10 -9.94 -7.25 -4.73
C LEU A 10 -10.57 -6.74 -3.43
N VAL A 11 -11.77 -6.16 -3.55
CA VAL A 11 -12.48 -5.64 -2.38
C VAL A 11 -12.78 -6.75 -1.39
N GLY A 12 -12.44 -6.51 -0.12
CA GLY A 12 -12.69 -7.50 0.91
C GLY A 12 -11.48 -8.36 1.20
N GLN A 13 -10.62 -8.52 0.20
CA GLN A 13 -9.42 -9.33 0.34
C GLN A 13 -8.19 -8.45 0.63
N GLU A 14 -8.30 -7.16 0.30
CA GLU A 14 -7.21 -6.22 0.52
C GLU A 14 -6.80 -6.21 1.99
N GLU A 15 -7.79 -6.27 2.88
CA GLU A 15 -7.53 -6.26 4.32
C GLU A 15 -6.51 -7.33 4.70
N LYS A 16 -6.90 -8.59 4.55
CA LYS A 16 -6.02 -9.70 4.88
C LYS A 16 -4.77 -9.68 4.01
N ALA A 17 -4.86 -9.05 2.85
CA ALA A 17 -3.74 -8.96 1.93
C ALA A 17 -2.54 -8.29 2.59
N LYS A 18 -2.79 -7.16 3.25
CA LYS A 18 -1.74 -6.41 3.92
C LYS A 18 -1.06 -7.27 4.98
N ALA A 19 -1.88 -7.94 5.81
CA ALA A 19 -1.34 -8.79 6.86
C ALA A 19 -0.58 -9.97 6.28
N ASN A 20 -1.18 -10.66 5.33
CA ASN A 20 -0.55 -11.82 4.70
C ASN A 20 0.75 -11.40 4.01
N LEU A 21 0.71 -10.28 3.30
CA LEU A 21 1.87 -9.78 2.59
C LEU A 21 2.93 -9.26 3.56
N GLU A 22 2.48 -8.43 4.51
CA GLU A 22 3.38 -7.86 5.51
C GLU A 22 4.01 -8.95 6.38
N LYS A 23 3.41 -10.14 6.36
CA LYS A 23 3.93 -11.26 7.13
C LYS A 23 5.03 -11.97 6.37
N ARG A 24 4.79 -12.19 5.07
CA ARG A 24 5.76 -12.85 4.22
C ARG A 24 7.00 -11.98 4.05
N ILE A 25 6.82 -10.67 4.24
CA ILE A 25 7.91 -9.72 4.12
C ILE A 25 8.94 -9.92 5.24
N LYS A 26 8.46 -10.39 6.39
CA LYS A 26 9.33 -10.62 7.54
C LYS A 26 9.83 -12.06 7.55
N ALA A 27 9.03 -12.98 7.02
CA ALA A 27 9.39 -14.39 6.98
C ALA A 27 10.46 -14.64 5.91
N PHE A 28 10.29 -14.00 4.76
CA PHE A 28 11.24 -14.15 3.67
C PHE A 28 12.48 -13.29 3.89
N GLY A 29 12.29 -12.16 4.57
CA GLY A 29 13.40 -11.27 4.84
C GLY A 29 13.46 -10.10 3.87
N LEU A 30 12.30 -9.63 3.43
CA LEU A 30 12.23 -8.52 2.49
C LEU A 30 11.96 -7.20 3.21
N GLN A 31 12.33 -7.15 4.48
CA GLN A 31 12.13 -5.94 5.28
C GLN A 31 13.08 -4.83 4.85
N ASP A 32 14.16 -5.21 4.17
CA ASP A 32 15.14 -4.23 3.70
C ASP A 32 14.66 -3.54 2.43
N LYS A 33 13.81 -4.22 1.67
CA LYS A 33 13.28 -3.67 0.42
C LYS A 33 12.18 -2.66 0.71
N ILE A 34 11.13 -3.11 1.38
CA ILE A 34 9.99 -2.25 1.72
C ILE A 34 10.32 -1.40 2.95
N PHE A 35 10.07 -0.09 2.84
CA PHE A 35 10.34 0.83 3.94
C PHE A 35 9.06 1.48 4.43
N GLN A 36 8.28 1.99 3.49
CA GLN A 36 7.04 2.67 3.82
C GLN A 36 5.83 1.99 3.18
N VAL A 37 4.68 2.12 3.84
CA VAL A 37 3.44 1.53 3.34
C VAL A 37 2.25 2.44 3.64
N LEU A 38 1.48 2.76 2.60
CA LEU A 38 0.32 3.62 2.77
C LEU A 38 -0.98 2.83 2.59
N ILE A 39 -1.93 3.06 3.48
CA ILE A 39 -3.22 2.38 3.44
C ILE A 39 -4.24 3.17 2.60
N PRO A 40 -5.00 2.49 1.73
CA PRO A 40 -6.00 3.15 0.88
C PRO A 40 -7.10 3.86 1.68
N THR A 41 -7.20 3.53 2.97
CA THR A 41 -8.21 4.13 3.82
C THR A 41 -7.63 5.28 4.65
N GLU A 42 -8.39 6.36 4.74
CA GLU A 42 -7.95 7.53 5.51
C GLU A 42 -8.33 7.40 6.98
N GLU A 43 -7.53 8.00 7.85
CA GLU A 43 -7.79 7.94 9.29
C GLU A 43 -8.00 9.34 9.86
N VAL A 44 -9.16 9.56 10.46
CA VAL A 44 -9.48 10.86 11.05
C VAL A 44 -10.32 10.69 12.31
N VAL A 45 -10.32 11.72 13.15
CA VAL A 45 -11.09 11.69 14.39
C VAL A 45 -12.50 12.22 14.20
N GLU A 46 -13.48 11.42 14.58
CA GLU A 46 -14.89 11.80 14.44
C GLU A 46 -15.78 10.98 15.37
N LEU A 47 -17.04 11.37 15.45
CA LEU A 47 -18.00 10.68 16.32
C LEU A 47 -19.34 10.53 15.61
N ARG A 48 -19.80 9.29 15.47
CA ARG A 48 -21.08 9.02 14.81
C ARG A 48 -21.95 8.12 15.68
N GLU A 49 -21.62 6.82 15.68
CA GLU A 49 -22.37 5.85 16.46
C GLU A 49 -21.57 5.38 17.67
N GLY A 50 -22.00 4.28 18.29
CA GLY A 50 -21.31 3.76 19.44
C GLY A 50 -20.29 2.68 19.08
N GLY A 51 -19.76 2.77 17.86
CA GLY A 51 -18.78 1.80 17.41
C GLY A 51 -17.38 2.37 17.38
N LYS A 52 -17.28 3.67 17.17
CA LYS A 52 -15.98 4.35 17.12
C LYS A 52 -16.01 5.64 17.92
N LYS A 53 -14.94 5.88 18.69
CA LYS A 53 -14.85 7.09 19.50
C LYS A 53 -13.41 7.57 19.61
N GLU A 54 -12.64 7.22 18.61
CA GLU A 54 -11.23 7.60 18.55
C GLU A 54 -10.85 8.08 17.15
N VAL A 55 -11.04 7.22 16.16
CA VAL A 55 -10.71 7.55 14.78
C VAL A 55 -11.51 6.69 13.80
N VAL A 56 -12.05 7.31 12.77
CA VAL A 56 -12.83 6.60 11.76
C VAL A 56 -11.96 6.20 10.57
N ARG A 57 -12.53 5.44 9.65
CA ARG A 57 -11.80 4.99 8.47
C ARG A 57 -12.65 5.14 7.22
N LYS A 58 -12.13 5.87 6.23
CA LYS A 58 -12.84 6.09 4.98
C LYS A 58 -11.99 5.66 3.79
N LYS A 59 -12.41 4.62 3.10
CA LYS A 59 -11.68 4.11 1.94
C LYS A 59 -11.82 5.07 0.75
N LEU A 60 -10.71 5.71 0.40
CA LEU A 60 -10.70 6.65 -0.72
C LEU A 60 -10.36 5.94 -2.02
N PHE A 61 -9.42 4.99 -1.94
CA PHE A 61 -9.00 4.22 -3.11
C PHE A 61 -9.44 2.76 -2.97
N PRO A 62 -10.60 2.41 -3.53
CA PRO A 62 -11.13 1.03 -3.46
C PRO A 62 -10.21 0.04 -4.14
N GLY A 63 -9.83 -1.01 -3.41
CA GLY A 63 -8.96 -2.03 -3.97
C GLY A 63 -7.61 -1.47 -4.39
N TYR A 64 -7.09 -0.53 -3.62
CA TYR A 64 -5.81 0.09 -3.92
C TYR A 64 -4.81 -0.17 -2.80
N LEU A 65 -3.54 0.08 -3.08
CA LEU A 65 -2.47 -0.12 -2.10
C LEU A 65 -1.23 0.68 -2.47
N PHE A 66 -0.46 1.08 -1.47
CA PHE A 66 0.76 1.85 -1.70
C PHE A 66 1.94 1.27 -0.93
N ILE A 67 3.05 1.07 -1.62
CA ILE A 67 4.25 0.51 -1.00
C ILE A 67 5.51 1.28 -1.39
N GLN A 68 6.16 1.88 -0.41
CA GLN A 68 7.38 2.65 -0.66
C GLN A 68 8.58 1.72 -0.69
N MET A 69 8.62 0.84 -1.70
CA MET A 69 9.72 -0.11 -1.85
C MET A 69 10.82 0.47 -2.75
N ASP A 70 11.76 -0.38 -3.12
CA ASP A 70 12.87 0.03 -3.98
C ASP A 70 13.26 -1.10 -4.94
N LEU A 71 12.28 -1.63 -5.65
CA LEU A 71 12.51 -2.71 -6.59
C LEU A 71 13.08 -2.18 -7.91
N GLY A 72 12.69 -0.96 -8.26
CA GLY A 72 13.15 -0.35 -9.49
C GLY A 72 14.67 -0.32 -9.57
N ASP A 73 15.26 -1.36 -10.15
CA ASP A 73 16.71 -1.45 -10.29
C ASP A 73 17.09 -2.65 -11.15
N GLU A 74 18.26 -2.56 -11.79
CA GLU A 74 18.74 -3.64 -12.64
C GLU A 74 17.77 -3.90 -13.78
N GLU A 75 18.02 -4.98 -14.53
CA GLU A 75 17.16 -5.34 -15.65
C GLU A 75 15.80 -5.84 -15.17
N GLU A 76 15.79 -6.45 -13.98
CA GLU A 76 14.55 -6.98 -13.41
C GLU A 76 14.48 -6.70 -11.92
N PRO A 77 13.26 -6.52 -11.37
CA PRO A 77 13.07 -6.24 -9.95
C PRO A 77 13.74 -7.28 -9.06
N ASN A 78 13.61 -7.10 -7.75
CA ASN A 78 14.21 -8.03 -6.80
C ASN A 78 13.24 -9.16 -6.45
N GLU A 79 13.67 -10.03 -5.54
CA GLU A 79 12.85 -11.16 -5.12
C GLU A 79 11.55 -10.68 -4.47
N ALA A 80 11.59 -9.48 -3.90
CA ALA A 80 10.41 -8.91 -3.25
C ALA A 80 9.20 -8.92 -4.19
N TRP A 81 9.46 -8.81 -5.49
CA TRP A 81 8.39 -8.81 -6.48
C TRP A 81 7.84 -10.21 -6.68
N GLU A 82 8.69 -11.22 -6.50
CA GLU A 82 8.28 -12.61 -6.67
C GLU A 82 7.43 -13.06 -5.50
N VAL A 83 7.68 -12.48 -4.33
CA VAL A 83 6.93 -12.83 -3.12
C VAL A 83 5.57 -12.12 -3.10
N VAL A 84 5.60 -10.81 -3.28
CA VAL A 84 4.38 -10.01 -3.29
C VAL A 84 3.43 -10.45 -4.39
N ARG A 85 3.99 -10.70 -5.57
CA ARG A 85 3.19 -11.14 -6.73
C ARG A 85 2.67 -12.56 -6.52
N GLY A 86 3.24 -13.28 -5.56
CA GLY A 86 2.81 -14.64 -5.29
C GLY A 86 1.97 -14.76 -4.03
N THR A 87 2.00 -13.73 -3.19
CA THR A 87 1.23 -13.74 -1.96
C THR A 87 -0.27 -13.79 -2.24
N PRO A 88 -1.01 -14.69 -1.57
CA PRO A 88 -2.46 -14.82 -1.77
C PRO A 88 -3.22 -13.60 -1.25
N GLY A 89 -4.21 -13.15 -2.03
CA GLY A 89 -4.99 -12.01 -1.64
C GLY A 89 -4.54 -10.72 -2.31
N ILE A 90 -3.32 -10.73 -2.85
CA ILE A 90 -2.78 -9.56 -3.53
C ILE A 90 -3.33 -9.45 -4.96
N THR A 91 -3.60 -10.59 -5.57
CA THR A 91 -4.14 -10.64 -6.93
C THR A 91 -3.10 -10.17 -7.95
N GLY A 92 -2.69 -8.91 -7.83
CA GLY A 92 -1.70 -8.37 -8.75
C GLY A 92 -2.32 -7.40 -9.75
N PHE A 93 -2.47 -6.15 -9.33
CA PHE A 93 -3.05 -5.12 -10.19
C PHE A 93 -4.48 -5.48 -10.56
N VAL A 94 -5.17 -4.53 -11.21
CA VAL A 94 -6.56 -4.74 -11.63
C VAL A 94 -6.65 -5.75 -12.76
N GLY A 95 -5.60 -5.80 -13.58
CA GLY A 95 -5.57 -6.73 -14.70
C GLY A 95 -5.57 -6.01 -16.04
N ALA A 96 -5.04 -4.79 -16.06
CA ALA A 96 -4.97 -4.00 -17.28
C ALA A 96 -3.64 -3.25 -17.37
N GLY A 97 -2.57 -3.91 -16.95
CA GLY A 97 -1.26 -3.28 -17.00
C GLY A 97 -0.15 -4.24 -16.57
N MET A 98 -0.44 -5.08 -15.58
CA MET A 98 0.53 -6.04 -15.07
C MET A 98 1.65 -5.34 -14.32
N ARG A 99 2.45 -4.55 -15.05
CA ARG A 99 3.56 -3.82 -14.47
C ARG A 99 3.07 -2.89 -13.36
N PRO A 100 3.88 -2.68 -12.32
CA PRO A 100 3.52 -1.80 -11.20
C PRO A 100 3.09 -0.41 -11.66
N VAL A 101 2.86 0.48 -10.71
CA VAL A 101 2.43 1.84 -11.02
C VAL A 101 2.94 2.84 -9.98
N PRO A 102 4.09 3.48 -10.24
CA PRO A 102 4.67 4.46 -9.32
C PRO A 102 3.94 5.81 -9.39
N LEU A 103 3.54 6.31 -8.23
CA LEU A 103 2.82 7.58 -8.17
C LEU A 103 3.80 8.76 -8.26
N SER A 104 3.27 9.91 -8.66
CA SER A 104 4.09 11.12 -8.79
C SER A 104 4.30 11.79 -7.43
N PRO A 105 5.32 12.64 -7.32
CA PRO A 105 5.62 13.34 -6.05
C PRO A 105 4.47 14.23 -5.59
N ASP A 106 4.05 15.15 -6.44
CA ASP A 106 2.95 16.06 -6.12
C ASP A 106 1.72 15.29 -5.64
N GLU A 107 1.60 14.05 -6.09
CA GLU A 107 0.47 13.21 -5.72
C GLU A 107 0.81 12.32 -4.52
N VAL A 108 2.08 11.94 -4.42
CA VAL A 108 2.53 11.09 -3.32
C VAL A 108 2.41 11.80 -1.98
N ARG A 109 2.54 13.11 -2.00
CA ARG A 109 2.44 13.91 -0.78
C ARG A 109 0.99 13.99 -0.31
N HIS A 110 0.07 14.00 -1.27
CA HIS A 110 -1.35 14.06 -0.95
C HIS A 110 -1.83 12.73 -0.39
N ILE A 111 -1.49 11.64 -1.07
CA ILE A 111 -1.87 10.31 -0.61
C ILE A 111 -1.25 10.02 0.74
N LEU A 112 -0.08 10.62 0.99
CA LEU A 112 0.63 10.44 2.24
C LEU A 112 -0.24 10.90 3.43
N GLU A 113 -1.01 11.95 3.20
CA GLU A 113 -1.88 12.49 4.25
C GLU A 113 -2.91 11.45 4.68
N VAL A 114 -3.17 10.47 3.83
CA VAL A 114 -4.15 9.44 4.14
C VAL A 114 -3.63 8.48 5.21
N SER A 115 -2.52 7.80 4.90
CA SER A 115 -1.93 6.85 5.83
C SER A 115 -1.69 7.50 7.19
N GLY A 116 -0.90 8.57 7.19
CA GLY A 116 -0.60 9.26 8.44
C GLY A 116 0.88 9.56 8.60
N LEU A 117 1.51 9.99 7.51
CA LEU A 117 2.94 10.30 7.53
C LEU A 117 3.16 11.81 7.57
N LEU A 118 2.25 12.56 6.95
CA LEU A 118 2.34 14.01 6.91
C LEU A 118 1.85 14.63 8.22
N GLY A 119 0.61 14.31 8.58
CA GLY A 119 0.04 14.84 9.81
C GLY A 119 0.12 13.86 10.95
N SER A 1 16.38 7.14 -1.60
CA SER A 1 15.91 7.13 -3.00
C SER A 1 15.08 5.88 -3.30
N ILE A 2 13.77 5.99 -3.12
CA ILE A 2 12.87 4.87 -3.37
C ILE A 2 11.62 5.33 -4.14
N GLU A 3 10.59 4.49 -4.17
CA GLU A 3 9.37 4.83 -4.88
C GLU A 3 8.14 4.11 -4.32
N TRP A 4 6.98 4.71 -4.54
CA TRP A 4 5.71 4.15 -4.09
C TRP A 4 5.06 3.35 -5.20
N TYR A 5 5.30 2.05 -5.22
CA TYR A 5 4.73 1.18 -6.24
C TYR A 5 3.34 0.70 -5.83
N ALA A 6 2.32 1.21 -6.50
CA ALA A 6 0.94 0.84 -6.21
C ALA A 6 0.48 -0.30 -7.10
N VAL A 7 -0.26 -1.24 -6.53
CA VAL A 7 -0.77 -2.39 -7.28
C VAL A 7 -2.26 -2.61 -7.01
N HIS A 8 -2.91 -3.33 -7.92
CA HIS A 8 -4.34 -3.61 -7.79
C HIS A 8 -4.56 -4.84 -6.91
N THR A 9 -5.76 -4.95 -6.34
CA THR A 9 -6.10 -6.08 -5.49
C THR A 9 -7.60 -6.32 -5.49
N LEU A 10 -8.01 -7.47 -4.96
CA LEU A 10 -9.42 -7.82 -4.90
C LEU A 10 -10.10 -7.14 -3.71
N VAL A 11 -11.33 -6.68 -3.93
CA VAL A 11 -12.09 -6.00 -2.88
C VAL A 11 -12.46 -6.96 -1.76
N GLY A 12 -12.02 -6.65 -0.54
CA GLY A 12 -12.32 -7.50 0.60
C GLY A 12 -11.17 -8.43 0.95
N GLN A 13 -10.31 -8.70 -0.02
CA GLN A 13 -9.16 -9.58 0.20
C GLN A 13 -7.92 -8.78 0.59
N GLU A 14 -7.86 -7.53 0.13
CA GLU A 14 -6.73 -6.66 0.43
C GLU A 14 -6.55 -6.50 1.93
N GLU A 15 -7.66 -6.48 2.66
CA GLU A 15 -7.62 -6.32 4.11
C GLU A 15 -6.73 -7.40 4.75
N LYS A 16 -6.81 -8.61 4.23
CA LYS A 16 -6.01 -9.73 4.75
C LYS A 16 -4.68 -9.81 4.02
N ALA A 17 -4.63 -9.29 2.79
CA ALA A 17 -3.41 -9.32 2.00
C ALA A 17 -2.27 -8.59 2.72
N LYS A 18 -2.61 -7.52 3.42
CA LYS A 18 -1.62 -6.73 4.15
C LYS A 18 -0.89 -7.60 5.17
N ALA A 19 -1.65 -8.20 6.08
CA ALA A 19 -1.07 -9.05 7.11
C ALA A 19 -0.34 -10.24 6.50
N ASN A 20 -0.94 -10.82 5.46
CA ASN A 20 -0.33 -11.96 4.79
C ASN A 20 0.97 -11.57 4.10
N LEU A 21 0.96 -10.40 3.47
CA LEU A 21 2.15 -9.90 2.78
C LEU A 21 3.27 -9.60 3.77
N GLU A 22 2.97 -8.78 4.77
CA GLU A 22 3.95 -8.42 5.78
C GLU A 22 4.55 -9.66 6.44
N LYS A 23 3.74 -10.70 6.57
CA LYS A 23 4.20 -11.94 7.17
C LYS A 23 5.22 -12.64 6.29
N ARG A 24 4.93 -12.68 4.99
CA ARG A 24 5.83 -13.31 4.03
C ARG A 24 7.12 -12.49 3.87
N ILE A 25 6.97 -11.18 3.82
CA ILE A 25 8.10 -10.27 3.68
C ILE A 25 8.94 -10.25 4.95
N LYS A 26 8.31 -10.53 6.09
CA LYS A 26 9.00 -10.54 7.37
C LYS A 26 9.51 -11.94 7.70
N ALA A 27 8.77 -12.95 7.25
CA ALA A 27 9.14 -14.34 7.51
C ALA A 27 10.40 -14.70 6.74
N PHE A 28 10.61 -14.06 5.60
CA PHE A 28 11.78 -14.32 4.77
C PHE A 28 12.84 -13.23 4.97
N GLY A 29 12.39 -12.03 5.35
CA GLY A 29 13.32 -10.94 5.58
C GLY A 29 13.55 -10.11 4.32
N LEU A 30 12.63 -9.20 4.04
CA LEU A 30 12.75 -8.34 2.86
C LEU A 30 12.43 -6.89 3.21
N GLN A 31 12.75 -6.51 4.45
CA GLN A 31 12.50 -5.15 4.91
C GLN A 31 13.53 -4.17 4.35
N ASP A 32 14.49 -4.68 3.58
CA ASP A 32 15.53 -3.84 3.00
C ASP A 32 15.01 -3.11 1.76
N LYS A 33 13.98 -3.66 1.13
CA LYS A 33 13.39 -3.05 -0.06
C LYS A 33 12.04 -2.42 0.27
N ILE A 34 11.15 -3.19 0.89
CA ILE A 34 9.83 -2.70 1.27
C ILE A 34 9.92 -1.88 2.55
N PHE A 35 9.66 -0.59 2.46
CA PHE A 35 9.73 0.29 3.62
C PHE A 35 8.36 0.72 4.10
N GLN A 36 7.57 1.32 3.20
CA GLN A 36 6.24 1.79 3.58
C GLN A 36 5.12 1.03 2.86
N VAL A 37 3.93 1.15 3.42
CA VAL A 37 2.74 0.49 2.86
C VAL A 37 1.48 1.19 3.38
N LEU A 38 1.17 2.34 2.79
CA LEU A 38 0.01 3.13 3.21
C LEU A 38 -1.26 2.74 2.45
N ILE A 39 -2.38 3.24 2.95
CA ILE A 39 -3.70 2.98 2.35
C ILE A 39 -4.66 4.10 2.72
N PRO A 40 -4.51 5.28 2.10
CA PRO A 40 -5.35 6.45 2.38
C PRO A 40 -6.83 6.13 2.51
N THR A 41 -7.42 6.59 3.60
CA THR A 41 -8.84 6.39 3.87
C THR A 41 -9.47 7.67 4.39
N GLU A 42 -10.80 7.75 4.30
CA GLU A 42 -11.52 8.93 4.75
C GLU A 42 -11.71 8.91 6.27
N GLU A 43 -10.99 9.78 6.96
CA GLU A 43 -11.08 9.85 8.41
C GLU A 43 -12.27 10.70 8.84
N VAL A 44 -13.24 10.06 9.47
CA VAL A 44 -14.45 10.76 9.93
C VAL A 44 -14.44 10.93 11.44
N VAL A 45 -15.22 11.89 11.93
CA VAL A 45 -15.31 12.17 13.36
C VAL A 45 -16.71 12.61 13.74
N GLU A 46 -17.30 11.93 14.72
CA GLU A 46 -18.65 12.27 15.19
C GLU A 46 -18.76 12.07 16.69
N LEU A 47 -19.85 12.57 17.27
CA LEU A 47 -20.09 12.45 18.70
C LEU A 47 -21.54 12.09 18.98
N ARG A 48 -21.77 11.35 20.06
CA ARG A 48 -23.12 10.94 20.44
C ARG A 48 -23.83 12.07 21.19
N GLU A 49 -23.34 12.38 22.38
CA GLU A 49 -23.93 13.43 23.19
C GLU A 49 -22.96 13.90 24.27
N GLY A 50 -22.50 12.96 25.08
CA GLY A 50 -21.56 13.30 26.15
C GLY A 50 -21.14 12.08 26.95
N GLY A 51 -20.05 11.44 26.53
CA GLY A 51 -19.56 10.28 27.23
C GLY A 51 -18.38 9.64 26.54
N LYS A 52 -18.57 9.22 25.30
CA LYS A 52 -17.51 8.58 24.53
C LYS A 52 -17.62 8.96 23.05
N LYS A 53 -16.48 8.92 22.35
CA LYS A 53 -16.44 9.26 20.93
C LYS A 53 -15.83 8.11 20.13
N GLU A 54 -15.98 8.18 18.80
CA GLU A 54 -15.44 7.15 17.92
C GLU A 54 -15.01 7.77 16.59
N VAL A 55 -14.30 6.98 15.79
CA VAL A 55 -13.82 7.44 14.49
C VAL A 55 -14.04 6.38 13.41
N VAL A 56 -14.33 6.84 12.20
CA VAL A 56 -14.57 5.93 11.08
C VAL A 56 -13.50 6.10 10.00
N ARG A 57 -13.35 5.09 9.15
CA ARG A 57 -12.37 5.15 8.07
C ARG A 57 -12.95 4.59 6.78
N LYS A 58 -13.16 5.47 5.81
CA LYS A 58 -13.70 5.08 4.51
C LYS A 58 -12.60 5.05 3.46
N LYS A 59 -12.08 3.86 3.17
CA LYS A 59 -11.00 3.69 2.19
C LYS A 59 -11.16 4.63 1.01
N LEU A 60 -10.12 5.40 0.73
CA LEU A 60 -10.13 6.35 -0.38
C LEU A 60 -9.63 5.70 -1.65
N PHE A 61 -8.67 4.79 -1.51
CA PHE A 61 -8.10 4.08 -2.65
C PHE A 61 -8.38 2.58 -2.56
N PRO A 62 -9.59 2.14 -2.95
CA PRO A 62 -9.99 0.74 -2.91
C PRO A 62 -9.13 -0.12 -3.85
N GLY A 63 -8.84 -1.35 -3.43
CA GLY A 63 -8.04 -2.24 -4.24
C GLY A 63 -6.74 -1.61 -4.68
N TYR A 64 -6.27 -0.63 -3.92
CA TYR A 64 -5.02 0.07 -4.24
C TYR A 64 -4.12 0.15 -3.01
N LEU A 65 -2.96 -0.47 -3.10
CA LEU A 65 -2.00 -0.47 -2.00
C LEU A 65 -0.71 0.24 -2.40
N PHE A 66 -0.41 1.34 -1.72
CA PHE A 66 0.80 2.11 -2.00
C PHE A 66 1.96 1.58 -1.17
N ILE A 67 2.95 1.03 -1.83
CA ILE A 67 4.13 0.49 -1.14
C ILE A 67 5.39 1.23 -1.53
N GLN A 68 5.99 1.93 -0.57
CA GLN A 68 7.22 2.66 -0.81
C GLN A 68 8.41 1.71 -0.78
N MET A 69 8.47 0.84 -1.78
CA MET A 69 9.53 -0.16 -1.88
C MET A 69 10.70 0.38 -2.70
N ASP A 70 11.62 -0.52 -3.06
CA ASP A 70 12.77 -0.16 -3.86
C ASP A 70 13.11 -1.26 -4.86
N LEU A 71 12.81 -1.00 -6.13
CA LEU A 71 13.07 -1.99 -7.19
C LEU A 71 14.54 -1.98 -7.60
N GLY A 72 15.33 -1.09 -7.00
CA GLY A 72 16.74 -1.02 -7.34
C GLY A 72 17.02 -0.07 -8.50
N ASP A 73 18.17 -0.24 -9.13
CA ASP A 73 18.56 0.60 -10.25
C ASP A 73 17.82 0.20 -11.53
N GLU A 74 18.28 -0.89 -12.14
CA GLU A 74 17.67 -1.39 -13.37
C GLU A 74 16.16 -1.58 -13.20
N GLU A 75 15.51 -2.02 -14.27
CA GLU A 75 14.08 -2.26 -14.25
C GLU A 75 13.75 -3.68 -13.76
N GLU A 76 14.77 -4.40 -13.31
CA GLU A 76 14.57 -5.76 -12.82
C GLU A 76 14.04 -5.76 -11.39
N PRO A 77 12.89 -6.42 -11.15
CA PRO A 77 12.28 -6.49 -9.83
C PRO A 77 13.08 -7.37 -8.87
N ASN A 78 12.88 -7.16 -7.58
CA ASN A 78 13.57 -7.94 -6.56
C ASN A 78 12.78 -9.20 -6.19
N GLU A 79 13.33 -9.98 -5.26
CA GLU A 79 12.68 -11.20 -4.82
C GLU A 79 11.34 -10.89 -4.17
N ALA A 80 11.25 -9.74 -3.51
CA ALA A 80 10.02 -9.33 -2.84
C ALA A 80 8.85 -9.30 -3.83
N TRP A 81 9.16 -8.98 -5.08
CA TRP A 81 8.13 -8.92 -6.12
C TRP A 81 7.50 -10.29 -6.35
N GLU A 82 8.36 -11.30 -6.50
CA GLU A 82 7.88 -12.67 -6.72
C GLU A 82 6.95 -13.11 -5.59
N VAL A 83 7.18 -12.58 -4.41
CA VAL A 83 6.35 -12.92 -3.25
C VAL A 83 5.05 -12.14 -3.25
N VAL A 84 5.15 -10.82 -3.33
CA VAL A 84 3.97 -9.95 -3.35
C VAL A 84 3.03 -10.33 -4.50
N ARG A 85 3.62 -10.70 -5.63
CA ARG A 85 2.84 -11.09 -6.80
C ARG A 85 2.01 -12.34 -6.52
N GLY A 86 2.41 -13.11 -5.51
CA GLY A 86 1.69 -14.32 -5.17
C GLY A 86 0.89 -14.19 -3.89
N THR A 87 1.19 -13.17 -3.10
CA THR A 87 0.48 -12.95 -1.84
C THR A 87 -1.03 -12.82 -2.07
N PRO A 88 -1.85 -13.39 -1.18
CA PRO A 88 -3.31 -13.33 -1.30
C PRO A 88 -3.83 -11.90 -1.43
N GLY A 89 -4.02 -11.45 -2.66
CA GLY A 89 -4.52 -10.11 -2.89
C GLY A 89 -4.29 -9.64 -4.31
N ILE A 90 -3.23 -10.14 -4.93
CA ILE A 90 -2.91 -9.76 -6.31
C ILE A 90 -3.77 -10.54 -7.31
N THR A 91 -4.35 -9.82 -8.26
CA THR A 91 -5.20 -10.44 -9.28
C THR A 91 -4.51 -10.43 -10.64
N GLY A 92 -4.31 -9.24 -11.18
CA GLY A 92 -3.66 -9.12 -12.47
C GLY A 92 -3.31 -7.69 -12.83
N PHE A 93 -3.04 -6.88 -11.81
CA PHE A 93 -2.69 -5.46 -12.01
C PHE A 93 -3.74 -4.76 -12.87
N VAL A 94 -3.45 -3.52 -13.24
CA VAL A 94 -4.37 -2.73 -14.05
C VAL A 94 -4.79 -3.49 -15.31
N GLY A 95 -5.76 -2.94 -16.03
CA GLY A 95 -6.24 -3.58 -17.25
C GLY A 95 -5.30 -3.36 -18.42
N ALA A 96 -4.91 -2.11 -18.65
CA ALA A 96 -4.00 -1.77 -19.74
C ALA A 96 -2.56 -1.69 -19.26
N GLY A 97 -2.18 -2.60 -18.38
CA GLY A 97 -0.83 -2.62 -17.85
C GLY A 97 -0.59 -3.77 -16.89
N MET A 98 0.54 -4.46 -17.07
CA MET A 98 0.88 -5.59 -16.21
C MET A 98 1.90 -5.18 -15.15
N ARG A 99 2.74 -4.20 -15.48
CA ARG A 99 3.76 -3.72 -14.57
C ARG A 99 3.16 -2.77 -13.54
N PRO A 100 3.88 -2.54 -12.42
CA PRO A 100 3.41 -1.64 -11.35
C PRO A 100 3.11 -0.24 -11.87
N VAL A 101 2.99 0.71 -10.95
CA VAL A 101 2.69 2.10 -11.31
C VAL A 101 3.11 3.05 -10.19
N PRO A 102 4.34 3.60 -10.27
CA PRO A 102 4.86 4.53 -9.26
C PRO A 102 4.13 5.88 -9.30
N LEU A 103 3.61 6.29 -8.14
CA LEU A 103 2.90 7.55 -8.04
C LEU A 103 3.87 8.73 -8.02
N SER A 104 3.38 9.89 -8.46
CA SER A 104 4.21 11.10 -8.50
C SER A 104 4.26 11.77 -7.13
N PRO A 105 5.29 12.59 -6.87
CA PRO A 105 5.44 13.30 -5.60
C PRO A 105 4.25 14.19 -5.28
N ASP A 106 3.59 14.69 -6.32
CA ASP A 106 2.43 15.56 -6.15
C ASP A 106 1.23 14.76 -5.64
N GLU A 107 1.19 13.48 -5.99
CA GLU A 107 0.09 12.61 -5.56
C GLU A 107 0.47 11.85 -4.29
N VAL A 108 1.74 11.50 -4.17
CA VAL A 108 2.23 10.76 -3.01
C VAL A 108 2.20 11.64 -1.76
N ARG A 109 2.31 12.95 -1.96
CA ARG A 109 2.31 13.89 -0.85
C ARG A 109 0.91 14.02 -0.26
N HIS A 110 -0.09 14.00 -1.13
CA HIS A 110 -1.48 14.12 -0.70
C HIS A 110 -1.93 12.85 0.01
N ILE A 111 -1.58 11.69 -0.56
CA ILE A 111 -1.96 10.41 0.03
C ILE A 111 -1.21 10.19 1.34
N LEU A 112 -0.07 10.86 1.50
CA LEU A 112 0.73 10.73 2.71
C LEU A 112 0.06 11.44 3.88
N GLU A 113 -0.68 12.50 3.58
CA GLU A 113 -1.37 13.27 4.62
C GLU A 113 -2.65 12.57 5.06
N VAL A 114 -3.49 12.23 4.10
CA VAL A 114 -4.76 11.56 4.38
C VAL A 114 -4.54 10.24 5.11
N SER A 115 -3.47 9.54 4.73
CA SER A 115 -3.15 8.25 5.34
C SER A 115 -3.00 8.39 6.85
N GLY A 116 -1.99 9.14 7.27
CA GLY A 116 -1.77 9.35 8.70
C GLY A 116 -0.29 9.39 9.05
N LEU A 117 0.49 10.08 8.22
CA LEU A 117 1.93 10.20 8.44
C LEU A 117 2.32 11.64 8.74
N LEU A 118 1.61 12.58 8.13
CA LEU A 118 1.89 14.00 8.32
C LEU A 118 0.98 14.59 9.40
N GLY A 119 0.79 13.83 10.48
CA GLY A 119 -0.05 14.30 11.56
C GLY A 119 0.14 13.49 12.84
N SER A 1 14.29 8.65 -4.15
CA SER A 1 15.19 7.47 -4.22
C SER A 1 14.38 6.18 -4.45
N ILE A 2 13.51 5.85 -3.50
CA ILE A 2 12.68 4.65 -3.61
C ILE A 2 11.49 4.91 -4.53
N GLU A 3 10.51 4.00 -4.48
CA GLU A 3 9.32 4.14 -5.32
C GLU A 3 8.06 3.64 -4.62
N TRP A 4 6.95 4.33 -4.88
CA TRP A 4 5.66 3.98 -4.29
C TRP A 4 4.82 3.22 -5.31
N TYR A 5 4.91 1.89 -5.30
CA TYR A 5 4.14 1.08 -6.23
C TYR A 5 2.79 0.67 -5.64
N ALA A 6 1.73 1.30 -6.14
CA ALA A 6 0.38 1.00 -5.66
C ALA A 6 -0.21 -0.20 -6.40
N VAL A 7 -0.64 -1.21 -5.65
CA VAL A 7 -1.21 -2.40 -6.23
C VAL A 7 -2.74 -2.35 -6.17
N HIS A 8 -3.39 -3.18 -6.97
CA HIS A 8 -4.84 -3.23 -7.01
C HIS A 8 -5.36 -4.64 -6.71
N THR A 9 -6.35 -4.72 -5.83
CA THR A 9 -6.93 -6.00 -5.46
C THR A 9 -8.46 -5.91 -5.40
N LEU A 10 -9.09 -6.99 -4.96
CA LEU A 10 -10.55 -7.03 -4.86
C LEU A 10 -11.02 -6.45 -3.54
N VAL A 11 -12.23 -5.90 -3.54
CA VAL A 11 -12.80 -5.29 -2.35
C VAL A 11 -13.07 -6.34 -1.27
N GLY A 12 -12.51 -6.13 -0.08
CA GLY A 12 -12.70 -7.07 1.00
C GLY A 12 -11.54 -8.03 1.15
N GLN A 13 -10.85 -8.29 0.05
CA GLN A 13 -9.71 -9.20 0.06
C GLN A 13 -8.42 -8.46 0.42
N GLU A 14 -8.39 -7.18 0.10
CA GLU A 14 -7.21 -6.35 0.39
C GLU A 14 -6.88 -6.38 1.88
N GLU A 15 -7.91 -6.42 2.71
CA GLU A 15 -7.73 -6.45 4.17
C GLU A 15 -6.79 -7.58 4.58
N LYS A 16 -6.93 -8.73 3.93
CA LYS A 16 -6.09 -9.89 4.24
C LYS A 16 -4.80 -9.85 3.42
N ALA A 17 -4.86 -9.22 2.25
CA ALA A 17 -3.69 -9.14 1.38
C ALA A 17 -2.61 -8.25 1.99
N LYS A 18 -3.03 -7.28 2.79
CA LYS A 18 -2.10 -6.36 3.45
C LYS A 18 -1.25 -7.10 4.47
N ALA A 19 -1.90 -7.72 5.44
CA ALA A 19 -1.20 -8.46 6.49
C ALA A 19 -0.42 -9.63 5.91
N ASN A 20 -1.07 -10.41 5.05
CA ASN A 20 -0.43 -11.57 4.44
C ASN A 20 0.83 -11.16 3.69
N LEU A 21 0.77 -10.03 3.00
CA LEU A 21 1.91 -9.53 2.25
C LEU A 21 3.05 -9.14 3.18
N GLU A 22 2.75 -8.30 4.17
CA GLU A 22 3.75 -7.86 5.14
C GLU A 22 4.36 -9.04 5.88
N LYS A 23 3.52 -9.96 6.33
CA LYS A 23 3.98 -11.14 7.06
C LYS A 23 4.94 -11.95 6.21
N ARG A 24 4.62 -12.10 4.93
CA ARG A 24 5.46 -12.85 4.01
C ARG A 24 6.81 -12.17 3.81
N ILE A 25 6.77 -10.86 3.59
CA ILE A 25 7.99 -10.08 3.39
C ILE A 25 8.82 -10.05 4.66
N LYS A 26 8.14 -10.08 5.81
CA LYS A 26 8.83 -10.06 7.10
C LYS A 26 9.37 -11.45 7.45
N ALA A 27 8.66 -12.47 7.00
CA ALA A 27 9.06 -13.85 7.28
C ALA A 27 10.25 -14.26 6.41
N PHE A 28 10.25 -13.78 5.17
CA PHE A 28 11.32 -14.09 4.23
C PHE A 28 12.52 -13.18 4.45
N GLY A 29 12.28 -11.99 5.01
CA GLY A 29 13.35 -11.05 5.27
C GLY A 29 13.62 -10.16 4.08
N LEU A 30 12.76 -9.15 3.89
CA LEU A 30 12.91 -8.22 2.78
C LEU A 30 12.60 -6.79 3.24
N GLN A 31 13.03 -6.46 4.44
CA GLN A 31 12.80 -5.12 5.00
C GLN A 31 13.69 -4.08 4.32
N ASP A 32 14.62 -4.53 3.50
CA ASP A 32 15.53 -3.63 2.80
C ASP A 32 14.85 -3.02 1.57
N LYS A 33 13.90 -3.76 0.99
CA LYS A 33 13.18 -3.28 -0.18
C LYS A 33 11.96 -2.47 0.22
N ILE A 34 11.06 -3.09 0.97
CA ILE A 34 9.84 -2.41 1.42
C ILE A 34 10.13 -1.54 2.64
N PHE A 35 9.85 -0.25 2.51
CA PHE A 35 10.09 0.69 3.60
C PHE A 35 8.78 1.18 4.21
N GLN A 36 7.83 1.54 3.35
CA GLN A 36 6.53 2.03 3.82
C GLN A 36 5.38 1.16 3.35
N VAL A 37 4.20 1.43 3.90
CA VAL A 37 2.99 0.70 3.54
C VAL A 37 1.76 1.56 3.80
N LEU A 38 1.37 2.34 2.79
CA LEU A 38 0.22 3.23 2.90
C LEU A 38 -1.09 2.47 2.73
N ILE A 39 -2.17 3.04 3.26
CA ILE A 39 -3.49 2.44 3.15
C ILE A 39 -4.46 3.36 2.42
N PRO A 40 -5.40 2.80 1.64
CA PRO A 40 -6.38 3.59 0.89
C PRO A 40 -7.38 4.32 1.79
N THR A 41 -7.45 3.91 3.05
CA THR A 41 -8.37 4.52 4.01
C THR A 41 -7.75 5.74 4.66
N GLU A 42 -8.47 6.86 4.64
CA GLU A 42 -7.99 8.10 5.24
C GLU A 42 -8.52 8.26 6.65
N GLU A 43 -7.68 8.82 7.52
CA GLU A 43 -8.06 9.04 8.92
C GLU A 43 -8.32 10.51 9.19
N VAL A 44 -9.34 10.80 10.00
CA VAL A 44 -9.69 12.17 10.35
C VAL A 44 -10.23 12.26 11.77
N VAL A 45 -10.22 13.47 12.32
CA VAL A 45 -10.71 13.69 13.67
C VAL A 45 -11.75 14.80 13.70
N GLU A 46 -13.02 14.43 13.56
CA GLU A 46 -14.11 15.40 13.58
C GLU A 46 -15.44 14.73 13.89
N LEU A 47 -16.51 15.52 13.89
CA LEU A 47 -17.84 14.99 14.17
C LEU A 47 -18.88 15.59 13.22
N ARG A 48 -20.10 15.07 13.29
CA ARG A 48 -21.18 15.55 12.44
C ARG A 48 -22.53 15.42 13.15
N GLU A 49 -23.60 15.76 12.44
CA GLU A 49 -24.94 15.68 13.00
C GLU A 49 -25.25 14.27 13.49
N GLY A 50 -26.14 14.17 14.46
CA GLY A 50 -26.51 12.86 15.00
C GLY A 50 -25.57 12.41 16.10
N GLY A 51 -25.49 13.20 17.17
CA GLY A 51 -24.63 12.86 18.29
C GLY A 51 -23.25 13.47 18.16
N LYS A 52 -22.22 12.68 18.44
CA LYS A 52 -20.85 13.15 18.36
C LYS A 52 -19.91 12.02 17.97
N LYS A 53 -18.81 12.37 17.32
CA LYS A 53 -17.82 11.38 16.89
C LYS A 53 -16.49 11.61 17.60
N GLU A 54 -15.46 10.87 17.16
CA GLU A 54 -14.14 10.99 17.76
C GLU A 54 -13.04 10.73 16.73
N VAL A 55 -12.99 9.49 16.25
CA VAL A 55 -12.00 9.11 15.25
C VAL A 55 -12.59 8.17 14.21
N VAL A 56 -12.69 8.65 12.98
CA VAL A 56 -13.24 7.85 11.89
C VAL A 56 -12.34 7.90 10.67
N ARG A 57 -12.49 6.92 9.78
CA ARG A 57 -11.68 6.87 8.57
C ARG A 57 -12.52 6.42 7.37
N LYS A 58 -12.31 7.08 6.24
CA LYS A 58 -13.05 6.76 5.01
C LYS A 58 -12.12 6.14 3.97
N LYS A 59 -12.68 5.28 3.13
CA LYS A 59 -11.92 4.61 2.08
C LYS A 59 -11.74 5.51 0.87
N LEU A 60 -10.52 5.99 0.65
CA LEU A 60 -10.23 6.86 -0.47
C LEU A 60 -10.15 6.05 -1.76
N PHE A 61 -9.11 5.23 -1.87
CA PHE A 61 -8.90 4.39 -3.05
C PHE A 61 -9.37 2.96 -2.78
N PRO A 62 -10.61 2.62 -3.18
CA PRO A 62 -11.16 1.27 -2.97
C PRO A 62 -10.36 0.19 -3.68
N GLY A 63 -9.75 -0.70 -2.89
CA GLY A 63 -8.97 -1.78 -3.46
C GLY A 63 -7.64 -1.31 -4.01
N TYR A 64 -7.01 -0.37 -3.31
CA TYR A 64 -5.72 0.16 -3.75
C TYR A 64 -4.72 0.21 -2.59
N LEU A 65 -3.71 -0.66 -2.65
CA LEU A 65 -2.69 -0.70 -1.60
C LEU A 65 -1.40 -0.05 -2.10
N PHE A 66 -0.78 0.75 -1.23
CA PHE A 66 0.46 1.44 -1.59
C PHE A 66 1.66 0.80 -0.90
N ILE A 67 2.73 0.61 -1.66
CA ILE A 67 3.95 0.01 -1.14
C ILE A 67 5.18 0.78 -1.58
N GLN A 68 5.83 1.46 -0.64
CA GLN A 68 7.04 2.22 -0.95
C GLN A 68 8.27 1.32 -0.89
N MET A 69 8.41 0.47 -1.90
CA MET A 69 9.52 -0.47 -1.97
C MET A 69 10.71 0.13 -2.73
N ASP A 70 11.67 -0.72 -3.08
CA ASP A 70 12.85 -0.29 -3.81
C ASP A 70 13.19 -1.30 -4.92
N LEU A 71 12.72 -1.03 -6.13
CA LEU A 71 12.98 -1.90 -7.26
C LEU A 71 14.37 -1.67 -7.83
N GLY A 72 14.87 -0.43 -7.70
CA GLY A 72 16.18 -0.11 -8.20
C GLY A 72 16.16 0.28 -9.67
N ASP A 73 17.29 0.07 -10.35
CA ASP A 73 17.39 0.41 -11.77
C ASP A 73 17.04 -0.80 -12.64
N GLU A 74 17.03 -0.59 -13.95
CA GLU A 74 16.72 -1.66 -14.89
C GLU A 74 15.32 -2.22 -14.63
N GLU A 75 14.90 -3.16 -15.47
CA GLU A 75 13.58 -3.77 -15.32
C GLU A 75 13.64 -5.00 -14.41
N GLU A 76 14.80 -5.23 -13.78
CA GLU A 76 14.97 -6.37 -12.88
C GLU A 76 14.36 -6.06 -11.51
N PRO A 77 13.33 -6.81 -11.10
CA PRO A 77 12.67 -6.62 -9.81
C PRO A 77 13.49 -7.20 -8.66
N ASN A 78 13.18 -6.76 -7.44
CA ASN A 78 13.88 -7.24 -6.25
C ASN A 78 13.19 -8.46 -5.67
N GLU A 79 13.73 -8.96 -4.56
CA GLU A 79 13.16 -10.13 -3.89
C GLU A 79 11.74 -9.87 -3.44
N ALA A 80 11.44 -8.61 -3.12
CA ALA A 80 10.10 -8.23 -2.67
C ALA A 80 9.04 -8.62 -3.70
N TRP A 81 9.32 -8.33 -4.96
CA TRP A 81 8.40 -8.65 -6.04
C TRP A 81 8.14 -10.15 -6.11
N GLU A 82 9.17 -10.93 -5.84
CA GLU A 82 9.06 -12.38 -5.87
C GLU A 82 8.03 -12.86 -4.84
N VAL A 83 7.93 -12.14 -3.74
CA VAL A 83 6.98 -12.49 -2.68
C VAL A 83 5.61 -11.86 -2.94
N VAL A 84 5.60 -10.56 -3.21
CA VAL A 84 4.36 -9.85 -3.48
C VAL A 84 3.60 -10.47 -4.64
N ARG A 85 4.34 -10.91 -5.65
CA ARG A 85 3.74 -11.53 -6.83
C ARG A 85 3.19 -12.92 -6.50
N GLY A 86 3.71 -13.52 -5.44
CA GLY A 86 3.26 -14.85 -5.05
C GLY A 86 2.61 -14.86 -3.67
N THR A 87 2.16 -13.70 -3.20
CA THR A 87 1.52 -13.60 -1.90
C THR A 87 0.02 -13.87 -2.00
N PRO A 88 -0.57 -14.50 -0.97
CA PRO A 88 -2.01 -14.80 -0.95
C PRO A 88 -2.86 -13.54 -0.81
N GLY A 89 -3.14 -12.89 -1.93
CA GLY A 89 -3.94 -11.69 -1.92
C GLY A 89 -3.93 -10.96 -3.25
N ILE A 90 -2.81 -11.05 -3.95
CA ILE A 90 -2.68 -10.39 -5.25
C ILE A 90 -3.33 -11.22 -6.35
N THR A 91 -4.27 -10.59 -7.05
CA THR A 91 -4.99 -11.26 -8.14
C THR A 91 -5.79 -10.26 -8.96
N GLY A 92 -5.27 -9.04 -9.07
CA GLY A 92 -5.94 -8.01 -9.83
C GLY A 92 -5.15 -6.72 -9.90
N PHE A 93 -3.83 -6.85 -9.95
CA PHE A 93 -2.96 -5.68 -10.03
C PHE A 93 -2.94 -5.10 -11.44
N VAL A 94 -3.66 -4.00 -11.63
CA VAL A 94 -3.74 -3.36 -12.93
C VAL A 94 -2.64 -2.32 -13.10
N GLY A 95 -1.57 -2.69 -13.81
CA GLY A 95 -0.47 -1.78 -14.03
C GLY A 95 -0.56 -1.07 -15.37
N ALA A 96 -1.79 -0.79 -15.79
CA ALA A 96 -2.02 -0.11 -17.06
C ALA A 96 -1.44 -0.91 -18.23
N GLY A 97 -1.53 -2.23 -18.13
CA GLY A 97 -1.00 -3.08 -19.17
C GLY A 97 0.51 -3.26 -19.08
N MET A 98 1.02 -3.30 -17.85
CA MET A 98 2.45 -3.46 -17.63
C MET A 98 2.76 -3.61 -16.15
N ARG A 99 4.04 -3.53 -15.80
CA ARG A 99 4.48 -3.66 -14.42
C ARG A 99 3.74 -2.67 -13.52
N PRO A 100 3.98 -2.72 -12.20
CA PRO A 100 3.33 -1.83 -11.23
C PRO A 100 3.30 -0.38 -11.71
N VAL A 101 2.50 0.45 -11.03
CA VAL A 101 2.39 1.85 -11.38
C VAL A 101 2.77 2.76 -10.21
N PRO A 102 3.90 3.48 -10.34
CA PRO A 102 4.37 4.38 -9.29
C PRO A 102 3.73 5.77 -9.38
N LEU A 103 3.50 6.39 -8.23
CA LEU A 103 2.88 7.71 -8.19
C LEU A 103 3.94 8.80 -8.32
N SER A 104 3.48 10.05 -8.47
CA SER A 104 4.38 11.18 -8.60
C SER A 104 4.70 11.79 -7.23
N PRO A 105 5.87 12.41 -7.08
CA PRO A 105 6.29 13.03 -5.82
C PRO A 105 5.27 14.01 -5.29
N ASP A 106 4.57 14.69 -6.19
CA ASP A 106 3.54 15.65 -5.80
C ASP A 106 2.28 14.96 -5.29
N GLU A 107 1.89 13.89 -5.97
CA GLU A 107 0.70 13.14 -5.59
C GLU A 107 1.00 12.22 -4.41
N VAL A 108 2.24 11.76 -4.32
CA VAL A 108 2.65 10.87 -3.23
C VAL A 108 2.52 11.55 -1.88
N ARG A 109 2.94 12.81 -1.81
CA ARG A 109 2.87 13.57 -0.57
C ARG A 109 1.43 13.68 -0.07
N HIS A 110 0.50 13.84 -1.01
CA HIS A 110 -0.91 13.96 -0.66
C HIS A 110 -1.47 12.62 -0.20
N ILE A 111 -1.24 11.58 -0.98
CA ILE A 111 -1.72 10.26 -0.61
C ILE A 111 -0.99 9.75 0.63
N LEU A 112 0.14 10.38 0.96
CA LEU A 112 0.91 10.00 2.14
C LEU A 112 0.17 10.40 3.42
N GLU A 113 -0.57 11.50 3.35
CA GLU A 113 -1.32 11.99 4.50
C GLU A 113 -2.48 11.05 4.85
N VAL A 114 -2.77 10.09 3.98
CA VAL A 114 -3.85 9.15 4.20
C VAL A 114 -3.46 8.09 5.23
N SER A 115 -2.29 7.49 5.04
CA SER A 115 -1.80 6.46 5.95
C SER A 115 -1.54 7.05 7.33
N GLY A 116 -0.69 8.07 7.37
CA GLY A 116 -0.35 8.70 8.64
C GLY A 116 1.11 9.12 8.71
N LEU A 117 1.61 9.68 7.61
CA LEU A 117 3.00 10.13 7.56
C LEU A 117 3.08 11.65 7.56
N LEU A 118 2.04 12.29 7.04
CA LEU A 118 1.99 13.75 6.98
C LEU A 118 0.97 14.29 7.98
N GLY A 119 -0.08 13.53 8.23
CA GLY A 119 -1.11 13.95 9.17
C GLY A 119 -2.38 13.13 9.03
N SER A 1 15.85 8.09 -1.53
CA SER A 1 15.75 7.81 -2.99
C SER A 1 15.02 6.50 -3.25
N ILE A 2 13.70 6.51 -3.06
CA ILE A 2 12.88 5.33 -3.28
C ILE A 2 11.62 5.67 -4.05
N GLU A 3 10.64 4.77 -4.06
CA GLU A 3 9.40 5.02 -4.79
C GLU A 3 8.20 4.32 -4.13
N TRP A 4 7.02 4.89 -4.36
CA TRP A 4 5.78 4.35 -3.82
C TRP A 4 5.07 3.49 -4.86
N TYR A 5 5.40 2.20 -4.89
CA TYR A 5 4.80 1.29 -5.86
C TYR A 5 3.41 0.86 -5.39
N ALA A 6 2.42 1.05 -6.25
CA ALA A 6 1.05 0.69 -5.92
C ALA A 6 0.59 -0.55 -6.68
N VAL A 7 -0.29 -1.33 -6.05
CA VAL A 7 -0.82 -2.54 -6.66
C VAL A 7 -2.32 -2.64 -6.44
N HIS A 8 -2.99 -3.47 -7.23
CA HIS A 8 -4.44 -3.63 -7.12
C HIS A 8 -4.77 -4.91 -6.35
N THR A 9 -5.88 -4.88 -5.62
CA THR A 9 -6.33 -6.04 -4.84
C THR A 9 -7.85 -6.18 -4.90
N LEU A 10 -8.36 -7.17 -4.18
CA LEU A 10 -9.80 -7.42 -4.15
C LEU A 10 -10.46 -6.57 -3.06
N VAL A 11 -11.54 -5.88 -3.43
CA VAL A 11 -12.27 -5.04 -2.48
C VAL A 11 -12.75 -5.85 -1.28
N GLY A 12 -12.28 -5.48 -0.09
CA GLY A 12 -12.68 -6.18 1.11
C GLY A 12 -11.62 -7.16 1.58
N GLN A 13 -10.78 -7.61 0.67
CA GLN A 13 -9.72 -8.56 1.00
C GLN A 13 -8.39 -7.85 1.24
N GLU A 14 -8.27 -6.63 0.74
CA GLU A 14 -7.05 -5.85 0.91
C GLU A 14 -6.67 -5.73 2.38
N GLU A 15 -7.66 -5.47 3.23
CA GLU A 15 -7.42 -5.34 4.66
C GLU A 15 -6.73 -6.58 5.22
N LYS A 16 -7.23 -7.75 4.83
CA LYS A 16 -6.66 -9.01 5.28
C LYS A 16 -5.40 -9.36 4.49
N ALA A 17 -5.34 -8.87 3.25
CA ALA A 17 -4.19 -9.13 2.40
C ALA A 17 -2.91 -8.57 3.00
N LYS A 18 -2.99 -7.37 3.56
CA LYS A 18 -1.83 -6.73 4.18
C LYS A 18 -1.14 -7.67 5.16
N ALA A 19 -1.92 -8.29 6.03
CA ALA A 19 -1.38 -9.23 7.01
C ALA A 19 -0.70 -10.41 6.33
N ASN A 20 -1.24 -10.81 5.18
CA ASN A 20 -0.69 -11.93 4.43
C ASN A 20 0.71 -11.61 3.91
N LEU A 21 0.90 -10.37 3.48
CA LEU A 21 2.19 -9.94 2.95
C LEU A 21 3.20 -9.74 4.08
N GLU A 22 2.85 -8.90 5.05
CA GLU A 22 3.73 -8.62 6.18
C GLU A 22 4.39 -9.88 6.71
N LYS A 23 3.65 -10.99 6.69
CA LYS A 23 4.19 -12.26 7.17
C LYS A 23 5.11 -12.88 6.13
N ARG A 24 4.74 -12.74 4.86
CA ARG A 24 5.55 -13.27 3.77
C ARG A 24 6.77 -12.41 3.52
N ILE A 25 6.66 -11.12 3.85
CA ILE A 25 7.77 -10.19 3.68
C ILE A 25 8.85 -10.44 4.73
N LYS A 26 8.43 -10.90 5.90
CA LYS A 26 9.37 -11.18 6.98
C LYS A 26 10.04 -12.53 6.79
N ALA A 27 9.33 -13.45 6.15
CA ALA A 27 9.86 -14.79 5.90
C ALA A 27 10.88 -14.77 4.75
N PHE A 28 10.54 -14.04 3.69
CA PHE A 28 11.44 -13.94 2.54
C PHE A 28 12.53 -12.90 2.76
N GLY A 29 12.49 -12.22 3.91
CA GLY A 29 13.49 -11.20 4.21
C GLY A 29 13.52 -10.10 3.18
N LEU A 30 12.59 -9.15 3.29
CA LEU A 30 12.52 -8.03 2.36
C LEU A 30 12.30 -6.71 3.10
N GLN A 31 12.67 -6.68 4.37
CA GLN A 31 12.51 -5.47 5.18
C GLN A 31 13.60 -4.45 4.88
N ASP A 32 14.67 -4.89 4.21
CA ASP A 32 15.78 -4.01 3.87
C ASP A 32 15.46 -3.19 2.62
N LYS A 33 14.33 -3.49 1.97
CA LYS A 33 13.94 -2.77 0.77
C LYS A 33 12.64 -2.02 0.99
N ILE A 34 11.66 -2.69 1.57
CA ILE A 34 10.36 -2.08 1.85
C ILE A 34 10.43 -1.22 3.11
N PHE A 35 10.38 0.09 2.94
CA PHE A 35 10.45 1.02 4.07
C PHE A 35 9.06 1.42 4.54
N GLN A 36 8.29 2.04 3.66
CA GLN A 36 6.95 2.49 4.01
C GLN A 36 5.88 1.64 3.31
N VAL A 37 4.77 1.45 3.99
CA VAL A 37 3.66 0.66 3.46
C VAL A 37 2.33 1.23 3.94
N LEU A 38 1.77 2.16 3.17
CA LEU A 38 0.50 2.78 3.52
C LEU A 38 -0.64 2.21 2.69
N ILE A 39 -1.86 2.50 3.10
CA ILE A 39 -3.05 2.02 2.40
C ILE A 39 -3.90 3.19 1.92
N PRO A 40 -4.39 3.15 0.67
CA PRO A 40 -5.21 4.21 0.09
C PRO A 40 -6.57 4.33 0.78
N THR A 41 -6.55 4.70 2.06
CA THR A 41 -7.77 4.86 2.83
C THR A 41 -7.58 5.88 3.94
N GLU A 42 -8.60 6.70 4.17
CA GLU A 42 -8.53 7.73 5.20
C GLU A 42 -8.81 7.12 6.57
N GLU A 43 -8.32 7.79 7.62
CA GLU A 43 -8.51 7.31 8.98
C GLU A 43 -8.65 8.48 9.96
N VAL A 44 -9.69 8.42 10.78
CA VAL A 44 -9.94 9.46 11.77
C VAL A 44 -10.34 8.86 13.11
N VAL A 45 -10.12 9.62 14.17
CA VAL A 45 -10.45 9.16 15.51
C VAL A 45 -10.57 10.34 16.48
N GLU A 46 -11.78 10.55 17.00
CA GLU A 46 -12.03 11.64 17.93
C GLU A 46 -12.22 11.11 19.35
N LEU A 47 -12.02 11.97 20.33
CA LEU A 47 -12.19 11.59 21.74
C LEU A 47 -12.83 12.72 22.53
N ARG A 48 -13.77 13.42 21.90
CA ARG A 48 -14.47 14.52 22.53
C ARG A 48 -15.96 14.19 22.72
N GLU A 49 -16.71 15.15 23.22
CA GLU A 49 -18.14 14.97 23.43
C GLU A 49 -18.39 13.91 24.52
N GLY A 50 -17.58 13.96 25.57
CA GLY A 50 -17.73 13.00 26.66
C GLY A 50 -16.69 11.90 26.60
N GLY A 51 -17.14 10.66 26.79
CA GLY A 51 -16.23 9.52 26.75
C GLY A 51 -16.63 8.50 25.71
N LYS A 52 -16.34 8.81 24.45
CA LYS A 52 -16.68 7.91 23.35
C LYS A 52 -15.57 7.90 22.30
N LYS A 53 -15.71 7.03 21.30
CA LYS A 53 -14.72 6.93 20.23
C LYS A 53 -15.41 6.71 18.88
N GLU A 54 -14.97 7.47 17.88
CA GLU A 54 -15.53 7.37 16.54
C GLU A 54 -14.44 7.18 15.50
N VAL A 55 -14.46 6.03 14.81
CA VAL A 55 -13.48 5.73 13.80
C VAL A 55 -14.10 5.74 12.40
N VAL A 56 -13.62 6.63 11.54
CA VAL A 56 -14.13 6.74 10.18
C VAL A 56 -13.03 6.50 9.16
N ARG A 57 -13.42 6.18 7.94
CA ARG A 57 -12.46 5.92 6.86
C ARG A 57 -13.01 6.36 5.52
N LYS A 58 -12.12 6.72 4.60
CA LYS A 58 -12.52 7.16 3.27
C LYS A 58 -11.60 6.57 2.21
N LYS A 59 -11.98 5.42 1.66
CA LYS A 59 -11.19 4.74 0.64
C LYS A 59 -10.99 5.64 -0.58
N LEU A 60 -9.80 6.24 -0.68
CA LEU A 60 -9.49 7.13 -1.80
C LEU A 60 -9.27 6.32 -3.07
N PHE A 61 -8.47 5.27 -2.97
CA PHE A 61 -8.18 4.41 -4.11
C PHE A 61 -8.69 2.99 -3.85
N PRO A 62 -9.95 2.71 -4.21
CA PRO A 62 -10.57 1.40 -4.00
C PRO A 62 -9.77 0.26 -4.63
N GLY A 63 -9.43 -0.73 -3.82
CA GLY A 63 -8.68 -1.87 -4.31
C GLY A 63 -7.25 -1.53 -4.66
N TYR A 64 -6.64 -0.62 -3.89
CA TYR A 64 -5.26 -0.23 -4.13
C TYR A 64 -4.42 -0.37 -2.86
N LEU A 65 -3.10 -0.35 -3.03
CA LEU A 65 -2.17 -0.48 -1.91
C LEU A 65 -0.85 0.20 -2.23
N PHE A 66 -0.48 1.20 -1.42
CA PHE A 66 0.76 1.93 -1.63
C PHE A 66 1.91 1.35 -0.80
N ILE A 67 3.09 1.24 -1.42
CA ILE A 67 4.26 0.72 -0.77
C ILE A 67 5.52 1.48 -1.17
N GLN A 68 6.14 2.16 -0.21
CA GLN A 68 7.35 2.93 -0.47
C GLN A 68 8.57 2.02 -0.50
N MET A 69 8.62 1.15 -1.50
CA MET A 69 9.74 0.22 -1.65
C MET A 69 10.83 0.82 -2.53
N ASP A 70 11.81 0.00 -2.89
CA ASP A 70 12.92 0.45 -3.73
C ASP A 70 13.43 -0.69 -4.60
N LEU A 71 13.00 -0.71 -5.86
CA LEU A 71 13.41 -1.74 -6.79
C LEU A 71 14.65 -1.32 -7.58
N GLY A 72 14.47 -0.35 -8.48
CA GLY A 72 15.58 0.13 -9.28
C GLY A 72 15.70 -0.60 -10.60
N ASP A 73 15.65 -1.93 -10.55
CA ASP A 73 15.76 -2.75 -11.74
C ASP A 73 14.50 -2.64 -12.59
N GLU A 74 14.65 -2.82 -13.90
CA GLU A 74 13.53 -2.74 -14.83
C GLU A 74 13.29 -4.08 -15.51
N GLU A 75 14.37 -4.78 -15.82
CA GLU A 75 14.28 -6.08 -16.48
C GLU A 75 13.61 -7.11 -15.57
N GLU A 76 13.99 -7.07 -14.29
CA GLU A 76 13.43 -8.01 -13.31
C GLU A 76 13.62 -7.48 -11.90
N PRO A 77 12.53 -7.32 -11.13
CA PRO A 77 12.60 -6.81 -9.76
C PRO A 77 13.17 -7.85 -8.79
N ASN A 78 13.42 -7.42 -7.56
CA ASN A 78 13.97 -8.31 -6.54
C ASN A 78 12.96 -9.40 -6.17
N GLU A 79 13.38 -10.32 -5.30
CA GLU A 79 12.52 -11.41 -4.87
C GLU A 79 11.23 -10.88 -4.23
N ALA A 80 11.26 -9.63 -3.78
CA ALA A 80 10.10 -9.02 -3.16
C ALA A 80 8.87 -9.11 -4.06
N TRP A 81 9.03 -8.75 -5.33
CA TRP A 81 7.94 -8.80 -6.29
C TRP A 81 7.40 -10.22 -6.42
N GLU A 82 8.30 -11.20 -6.39
CA GLU A 82 7.92 -12.60 -6.50
C GLU A 82 6.98 -12.99 -5.37
N VAL A 83 7.14 -12.36 -4.22
CA VAL A 83 6.30 -12.64 -3.06
C VAL A 83 5.03 -11.81 -3.10
N VAL A 84 5.20 -10.50 -3.27
CA VAL A 84 4.06 -9.59 -3.32
C VAL A 84 3.16 -9.91 -4.52
N ARG A 85 3.77 -10.07 -5.69
CA ARG A 85 3.01 -10.37 -6.90
C ARG A 85 2.51 -11.81 -6.88
N GLY A 86 2.98 -12.60 -5.91
CA GLY A 86 2.56 -14.00 -5.83
C GLY A 86 2.09 -14.38 -4.44
N THR A 87 1.65 -13.40 -3.66
CA THR A 87 1.18 -13.66 -2.30
C THR A 87 -0.22 -14.28 -2.33
N PRO A 88 -0.50 -15.20 -1.39
CA PRO A 88 -1.81 -15.87 -1.32
C PRO A 88 -2.97 -14.89 -1.32
N GLY A 89 -3.55 -14.66 -2.50
CA GLY A 89 -4.67 -13.76 -2.61
C GLY A 89 -4.27 -12.30 -2.63
N ILE A 90 -3.34 -11.95 -3.53
CA ILE A 90 -2.88 -10.57 -3.65
C ILE A 90 -3.53 -9.87 -4.84
N THR A 91 -3.89 -10.66 -5.86
CA THR A 91 -4.54 -10.12 -7.06
C THR A 91 -3.76 -8.93 -7.63
N GLY A 92 -2.47 -9.12 -7.84
CA GLY A 92 -1.63 -8.06 -8.38
C GLY A 92 -2.23 -7.46 -9.65
N PHE A 93 -2.41 -6.15 -9.65
CA PHE A 93 -2.97 -5.46 -10.80
C PHE A 93 -4.39 -5.91 -11.07
N VAL A 94 -5.25 -4.98 -11.48
CA VAL A 94 -6.65 -5.29 -11.76
C VAL A 94 -6.78 -6.53 -12.64
N GLY A 95 -6.25 -6.45 -13.86
CA GLY A 95 -6.32 -7.58 -14.77
C GLY A 95 -5.97 -7.19 -16.20
N ALA A 96 -4.67 -7.03 -16.46
CA ALA A 96 -4.20 -6.67 -17.79
C ALA A 96 -2.68 -6.77 -17.87
N GLY A 97 -2.00 -6.12 -16.94
CA GLY A 97 -0.55 -6.16 -16.93
C GLY A 97 0.01 -6.67 -15.61
N MET A 98 1.31 -6.96 -15.59
CA MET A 98 1.96 -7.46 -14.38
C MET A 98 2.90 -6.40 -13.80
N ARG A 99 3.39 -5.51 -14.64
CA ARG A 99 4.30 -4.46 -14.20
C ARG A 99 3.66 -3.60 -13.11
N PRO A 100 4.44 -3.24 -12.07
CA PRO A 100 3.94 -2.42 -10.96
C PRO A 100 3.29 -1.13 -11.43
N VAL A 101 3.00 -0.23 -10.49
CA VAL A 101 2.39 1.05 -10.81
C VAL A 101 2.76 2.12 -9.78
N PRO A 102 3.89 2.81 -9.99
CA PRO A 102 4.35 3.87 -9.07
C PRO A 102 3.45 5.09 -9.08
N LEU A 103 3.35 5.76 -7.93
CA LEU A 103 2.52 6.94 -7.80
C LEU A 103 3.31 8.20 -8.14
N SER A 104 2.60 9.32 -8.26
CA SER A 104 3.23 10.59 -8.59
C SER A 104 3.63 11.34 -7.31
N PRO A 105 4.72 12.12 -7.37
CA PRO A 105 5.20 12.88 -6.20
C PRO A 105 4.12 13.78 -5.60
N ASP A 106 3.41 14.49 -6.46
CA ASP A 106 2.35 15.39 -6.02
C ASP A 106 1.21 14.59 -5.39
N GLU A 107 1.04 13.35 -5.82
CA GLU A 107 -0.01 12.49 -5.28
C GLU A 107 0.45 11.78 -4.01
N VAL A 108 1.71 11.38 -4.00
CA VAL A 108 2.27 10.69 -2.84
C VAL A 108 2.14 11.53 -1.57
N ARG A 109 2.15 12.85 -1.74
CA ARG A 109 2.03 13.77 -0.61
C ARG A 109 0.58 13.87 -0.15
N HIS A 110 -0.35 13.66 -1.07
CA HIS A 110 -1.77 13.72 -0.76
C HIS A 110 -2.23 12.44 -0.09
N ILE A 111 -1.72 11.31 -0.58
CA ILE A 111 -2.08 10.01 -0.02
C ILE A 111 -1.43 9.81 1.34
N LEU A 112 -0.32 10.50 1.57
CA LEU A 112 0.40 10.40 2.83
C LEU A 112 -0.35 11.13 3.94
N GLU A 113 -1.00 12.24 3.58
CA GLU A 113 -1.76 13.02 4.55
C GLU A 113 -3.07 12.35 4.89
N VAL A 114 -3.63 11.63 3.92
CA VAL A 114 -4.90 10.93 4.13
C VAL A 114 -4.73 9.73 5.03
N SER A 115 -3.65 8.97 4.82
CA SER A 115 -3.37 7.79 5.62
C SER A 115 -3.24 8.16 7.09
N GLY A 116 -2.26 9.00 7.41
CA GLY A 116 -2.04 9.43 8.78
C GLY A 116 -0.57 9.56 9.12
N LEU A 117 0.19 10.16 8.21
CA LEU A 117 1.62 10.35 8.42
C LEU A 117 1.96 11.84 8.56
N LEU A 118 1.24 12.67 7.80
CA LEU A 118 1.46 14.11 7.83
C LEU A 118 0.23 14.84 8.39
N GLY A 119 -0.44 14.21 9.35
CA GLY A 119 -1.61 14.81 9.94
C GLY A 119 -2.89 14.42 9.22
N SER A 1 16.80 5.69 -2.75
CA SER A 1 16.25 5.86 -4.13
C SER A 1 15.10 4.88 -4.38
N ILE A 2 14.06 4.97 -3.56
CA ILE A 2 12.90 4.10 -3.69
C ILE A 2 11.69 4.88 -4.18
N GLU A 3 10.60 4.17 -4.45
CA GLU A 3 9.37 4.81 -4.93
C GLU A 3 8.13 4.13 -4.36
N TRP A 4 7.01 4.85 -4.41
CA TRP A 4 5.74 4.34 -3.91
C TRP A 4 5.02 3.55 -4.99
N TYR A 5 5.34 2.27 -5.09
CA TYR A 5 4.70 1.41 -6.09
C TYR A 5 3.33 0.97 -5.62
N ALA A 6 2.29 1.44 -6.33
CA ALA A 6 0.93 1.11 -5.96
C ALA A 6 0.32 0.08 -6.92
N VAL A 7 -0.36 -0.90 -6.35
CA VAL A 7 -1.00 -1.94 -7.14
C VAL A 7 -2.48 -2.05 -6.78
N HIS A 8 -3.13 -3.11 -7.24
CA HIS A 8 -4.54 -3.33 -6.96
C HIS A 8 -4.78 -4.70 -6.35
N THR A 9 -5.98 -4.90 -5.81
CA THR A 9 -6.34 -6.17 -5.20
C THR A 9 -7.84 -6.41 -5.30
N LEU A 10 -8.31 -7.49 -4.68
CA LEU A 10 -9.73 -7.84 -4.70
C LEU A 10 -10.51 -7.04 -3.66
N VAL A 11 -11.64 -6.48 -4.09
CA VAL A 11 -12.47 -5.68 -3.18
C VAL A 11 -12.92 -6.51 -1.99
N GLY A 12 -12.51 -6.08 -0.80
CA GLY A 12 -12.87 -6.79 0.42
C GLY A 12 -11.77 -7.72 0.90
N GLN A 13 -10.97 -8.22 -0.04
CA GLN A 13 -9.87 -9.11 0.30
C GLN A 13 -8.62 -8.34 0.70
N GLU A 14 -8.56 -7.08 0.30
CA GLU A 14 -7.41 -6.23 0.61
C GLU A 14 -7.16 -6.20 2.12
N GLU A 15 -8.23 -6.30 2.90
CA GLU A 15 -8.13 -6.28 4.36
C GLU A 15 -7.09 -7.28 4.85
N LYS A 16 -7.31 -8.56 4.56
CA LYS A 16 -6.40 -9.62 4.97
C LYS A 16 -5.14 -9.61 4.11
N ALA A 17 -5.22 -9.01 2.93
CA ALA A 17 -4.09 -8.94 2.01
C ALA A 17 -2.97 -8.08 2.60
N LYS A 18 -3.35 -7.06 3.37
CA LYS A 18 -2.37 -6.16 3.98
C LYS A 18 -1.43 -6.92 4.89
N ALA A 19 -2.00 -7.64 5.86
CA ALA A 19 -1.20 -8.42 6.80
C ALA A 19 -0.52 -9.60 6.11
N ASN A 20 -1.27 -10.27 5.25
CA ASN A 20 -0.74 -11.44 4.53
C ASN A 20 0.49 -11.05 3.71
N LEU A 21 0.51 -9.82 3.22
CA LEU A 21 1.63 -9.33 2.42
C LEU A 21 2.79 -8.92 3.32
N GLU A 22 2.50 -8.11 4.32
CA GLU A 22 3.52 -7.63 5.25
C GLU A 22 4.18 -8.80 5.97
N LYS A 23 3.38 -9.66 6.58
CA LYS A 23 3.89 -10.82 7.30
C LYS A 23 4.74 -11.69 6.40
N ARG A 24 4.31 -11.85 5.16
CA ARG A 24 5.04 -12.66 4.19
C ARG A 24 6.39 -12.01 3.85
N ILE A 25 6.39 -10.69 3.72
CA ILE A 25 7.61 -9.96 3.41
C ILE A 25 8.65 -10.13 4.53
N LYS A 26 8.17 -10.21 5.77
CA LYS A 26 9.05 -10.39 6.92
C LYS A 26 9.42 -11.85 7.11
N ALA A 27 8.48 -12.74 6.79
CA ALA A 27 8.71 -14.17 6.93
C ALA A 27 9.87 -14.64 6.07
N PHE A 28 9.95 -14.11 4.85
CA PHE A 28 11.01 -14.47 3.93
C PHE A 28 12.21 -13.51 4.05
N GLY A 29 12.01 -12.42 4.79
CA GLY A 29 13.08 -11.44 4.96
C GLY A 29 13.18 -10.49 3.78
N LEU A 30 12.24 -9.56 3.70
CA LEU A 30 12.22 -8.59 2.61
C LEU A 30 12.16 -7.16 3.15
N GLN A 31 12.61 -6.98 4.39
CA GLN A 31 12.61 -5.66 5.01
C GLN A 31 13.79 -4.82 4.52
N ASP A 32 14.30 -5.15 3.33
CA ASP A 32 15.43 -4.43 2.76
C ASP A 32 14.99 -3.60 1.55
N LYS A 33 13.89 -4.01 0.92
CA LYS A 33 13.36 -3.30 -0.24
C LYS A 33 12.08 -2.55 0.12
N ILE A 34 11.21 -3.21 0.87
CA ILE A 34 9.95 -2.59 1.29
C ILE A 34 10.16 -1.75 2.54
N PHE A 35 10.41 -0.46 2.35
CA PHE A 35 10.64 0.45 3.46
C PHE A 35 9.33 0.93 4.06
N GLN A 36 8.41 1.38 3.20
CA GLN A 36 7.12 1.87 3.67
C GLN A 36 5.97 1.10 3.05
N VAL A 37 4.82 1.11 3.73
CA VAL A 37 3.63 0.42 3.24
C VAL A 37 2.37 1.09 3.79
N LEU A 38 2.02 2.23 3.20
CA LEU A 38 0.84 2.98 3.63
C LEU A 38 -0.43 2.38 3.05
N ILE A 39 -1.49 2.38 3.84
CA ILE A 39 -2.78 1.84 3.41
C ILE A 39 -3.70 2.96 2.94
N PRO A 40 -4.00 3.01 1.62
CA PRO A 40 -4.87 4.04 1.04
C PRO A 40 -6.26 4.05 1.67
N THR A 41 -6.37 4.65 2.85
CA THR A 41 -7.63 4.73 3.55
C THR A 41 -7.79 6.08 4.24
N GLU A 42 -9.03 6.39 4.64
CA GLU A 42 -9.33 7.65 5.31
C GLU A 42 -9.59 7.42 6.79
N GLU A 43 -9.24 8.39 7.62
CA GLU A 43 -9.43 8.29 9.05
C GLU A 43 -10.69 9.01 9.49
N VAL A 44 -11.38 8.45 10.48
CA VAL A 44 -12.61 9.04 11.00
C VAL A 44 -12.78 8.72 12.49
N VAL A 45 -13.61 9.51 13.17
CA VAL A 45 -13.86 9.31 14.58
C VAL A 45 -15.35 9.18 14.87
N GLU A 46 -15.67 8.53 15.98
CA GLU A 46 -17.07 8.34 16.37
C GLU A 46 -17.27 8.69 17.85
N LEU A 47 -18.46 9.18 18.18
CA LEU A 47 -18.77 9.55 19.55
C LEU A 47 -19.55 8.43 20.26
N ARG A 48 -18.98 7.94 21.35
CA ARG A 48 -19.61 6.87 22.11
C ARG A 48 -20.12 7.39 23.46
N GLU A 49 -21.29 6.90 23.87
CA GLU A 49 -21.88 7.31 25.14
C GLU A 49 -21.08 6.79 26.32
N GLY A 50 -20.62 7.71 27.16
CA GLY A 50 -19.83 7.33 28.32
C GLY A 50 -18.55 8.13 28.45
N GLY A 51 -17.41 7.45 28.36
CA GLY A 51 -16.13 8.12 28.48
C GLY A 51 -15.02 7.37 27.76
N LYS A 52 -15.36 6.76 26.63
CA LYS A 52 -14.38 6.01 25.85
C LYS A 52 -14.13 6.68 24.50
N LYS A 53 -13.35 6.01 23.66
CA LYS A 53 -13.03 6.54 22.34
C LYS A 53 -13.09 5.45 21.28
N GLU A 54 -13.43 5.83 20.05
CA GLU A 54 -13.53 4.88 18.95
C GLU A 54 -13.19 5.54 17.62
N VAL A 55 -12.42 4.84 16.79
CA VAL A 55 -12.03 5.37 15.49
C VAL A 55 -12.09 4.29 14.42
N VAL A 56 -12.71 4.61 13.29
CA VAL A 56 -12.83 3.66 12.19
C VAL A 56 -11.93 4.06 11.03
N ARG A 57 -11.82 3.17 10.03
CA ARG A 57 -10.98 3.43 8.87
C ARG A 57 -11.80 3.34 7.58
N LYS A 58 -11.78 4.41 6.79
CA LYS A 58 -12.51 4.45 5.54
C LYS A 58 -11.65 3.94 4.38
N LYS A 59 -12.12 4.14 3.16
CA LYS A 59 -11.38 3.69 1.97
C LYS A 59 -11.30 4.81 0.93
N LEU A 60 -10.08 5.27 0.67
CA LEU A 60 -9.86 6.33 -0.30
C LEU A 60 -9.62 5.74 -1.69
N PHE A 61 -8.66 4.82 -1.78
CA PHE A 61 -8.34 4.16 -3.04
C PHE A 61 -8.68 2.68 -2.97
N PRO A 62 -9.94 2.34 -3.27
CA PRO A 62 -10.42 0.94 -3.24
C PRO A 62 -9.52 -0.04 -3.98
N GLY A 63 -8.99 -1.02 -3.25
CA GLY A 63 -8.14 -2.02 -3.84
C GLY A 63 -6.70 -1.57 -4.04
N TYR A 64 -6.46 -0.27 -3.91
CA TYR A 64 -5.11 0.27 -4.09
C TYR A 64 -4.26 0.07 -2.83
N LEU A 65 -2.96 -0.01 -3.02
CA LEU A 65 -2.02 -0.18 -1.91
C LEU A 65 -0.71 0.52 -2.20
N PHE A 66 -0.33 1.46 -1.33
CA PHE A 66 0.91 2.21 -1.49
C PHE A 66 2.08 1.53 -0.78
N ILE A 67 3.15 1.26 -1.52
CA ILE A 67 4.32 0.61 -0.95
C ILE A 67 5.61 1.29 -1.43
N GLN A 68 6.34 1.90 -0.49
CA GLN A 68 7.60 2.56 -0.84
C GLN A 68 8.71 1.53 -0.94
N MET A 69 8.62 0.69 -1.97
CA MET A 69 9.60 -0.37 -2.19
C MET A 69 10.74 0.10 -3.10
N ASP A 70 11.57 -0.84 -3.52
CA ASP A 70 12.72 -0.54 -4.39
C ASP A 70 12.73 -1.48 -5.59
N LEU A 71 12.26 -0.98 -6.73
CA LEU A 71 12.22 -1.78 -7.96
C LEU A 71 13.07 -1.15 -9.06
N GLY A 72 13.81 -0.10 -8.72
CA GLY A 72 14.66 0.56 -9.69
C GLY A 72 16.10 0.11 -9.62
N ASP A 73 16.32 -1.18 -9.85
CA ASP A 73 17.67 -1.73 -9.80
C ASP A 73 18.09 -2.27 -11.16
N GLU A 74 17.13 -2.87 -11.88
CA GLU A 74 17.41 -3.42 -13.20
C GLU A 74 16.13 -3.92 -13.86
N GLU A 75 16.28 -4.65 -14.96
CA GLU A 75 15.13 -5.18 -15.69
C GLU A 75 14.32 -6.12 -14.80
N GLU A 76 15.00 -6.84 -13.92
CA GLU A 76 14.35 -7.78 -13.01
C GLU A 76 14.47 -7.31 -11.57
N PRO A 77 13.34 -6.99 -10.92
CA PRO A 77 13.33 -6.53 -9.52
C PRO A 77 14.05 -7.48 -8.59
N ASN A 78 13.96 -7.22 -7.29
CA ASN A 78 14.61 -8.06 -6.29
C ASN A 78 13.70 -9.20 -5.85
N GLU A 79 14.14 -9.96 -4.85
CA GLU A 79 13.35 -11.08 -4.34
C GLU A 79 12.02 -10.60 -3.78
N ALA A 80 11.95 -9.32 -3.41
CA ALA A 80 10.72 -8.75 -2.86
C ALA A 80 9.54 -8.99 -3.79
N TRP A 81 9.74 -8.75 -5.08
CA TRP A 81 8.68 -8.95 -6.06
C TRP A 81 8.24 -10.41 -6.11
N GLU A 82 9.20 -11.31 -5.97
CA GLU A 82 8.91 -12.74 -6.00
C GLU A 82 7.95 -13.11 -4.88
N VAL A 83 8.03 -12.39 -3.77
CA VAL A 83 7.16 -12.65 -2.63
C VAL A 83 5.78 -12.01 -2.83
N VAL A 84 5.78 -10.76 -3.25
CA VAL A 84 4.53 -10.04 -3.48
C VAL A 84 3.72 -10.68 -4.60
N ARG A 85 4.42 -11.25 -5.59
CA ARG A 85 3.76 -11.90 -6.71
C ARG A 85 3.09 -13.19 -6.28
N GLY A 86 3.57 -13.77 -5.17
CA GLY A 86 2.99 -15.01 -4.69
C GLY A 86 2.02 -14.80 -3.53
N THR A 87 1.96 -13.58 -3.01
CA THR A 87 1.07 -13.27 -1.91
C THR A 87 -0.38 -13.18 -2.39
N PRO A 88 -1.25 -14.10 -1.93
CA PRO A 88 -2.67 -14.09 -2.32
C PRO A 88 -3.34 -12.74 -2.12
N GLY A 89 -3.75 -12.12 -3.21
CA GLY A 89 -4.40 -10.83 -3.13
C GLY A 89 -3.80 -9.81 -4.09
N ILE A 90 -2.59 -10.09 -4.57
CA ILE A 90 -1.91 -9.20 -5.50
C ILE A 90 -2.44 -9.38 -6.92
N THR A 91 -2.80 -8.27 -7.56
CA THR A 91 -3.32 -8.32 -8.92
C THR A 91 -2.78 -7.16 -9.76
N GLY A 92 -2.17 -7.49 -10.89
CA GLY A 92 -1.62 -6.46 -11.76
C GLY A 92 -2.67 -5.81 -12.63
N PHE A 93 -3.41 -4.86 -12.07
CA PHE A 93 -4.45 -4.17 -12.82
C PHE A 93 -3.85 -3.14 -13.78
N VAL A 94 -3.09 -2.21 -13.23
CA VAL A 94 -2.46 -1.17 -14.03
C VAL A 94 -1.55 -1.77 -15.10
N GLY A 95 -1.71 -1.28 -16.33
CA GLY A 95 -0.89 -1.79 -17.42
C GLY A 95 0.20 -0.83 -17.83
N ALA A 96 0.28 -0.54 -19.13
CA ALA A 96 1.29 0.39 -19.64
C ALA A 96 2.70 -0.11 -19.32
N GLY A 97 2.94 -1.39 -19.57
CA GLY A 97 4.24 -1.96 -19.30
C GLY A 97 4.22 -2.94 -18.13
N MET A 98 5.08 -2.71 -17.15
CA MET A 98 5.15 -3.58 -15.99
C MET A 98 3.84 -3.53 -15.20
N ARG A 99 3.76 -4.35 -14.15
CA ARG A 99 2.55 -4.40 -13.33
C ARG A 99 2.52 -3.21 -12.35
N PRO A 100 3.64 -2.94 -11.66
CA PRO A 100 3.72 -1.84 -10.69
C PRO A 100 3.61 -0.47 -11.38
N VAL A 101 3.21 0.54 -10.61
CA VAL A 101 3.07 1.89 -11.14
C VAL A 101 3.23 2.93 -10.03
N PRO A 102 4.44 3.53 -9.91
CA PRO A 102 4.71 4.54 -8.88
C PRO A 102 3.75 5.72 -8.98
N LEU A 103 3.41 6.29 -7.83
CA LEU A 103 2.49 7.42 -7.77
C LEU A 103 3.24 8.73 -8.02
N SER A 104 2.50 9.78 -8.39
CA SER A 104 3.09 11.07 -8.65
C SER A 104 3.43 11.80 -7.36
N PRO A 105 4.53 12.57 -7.35
CA PRO A 105 4.95 13.32 -6.16
C PRO A 105 3.84 14.17 -5.58
N ASP A 106 2.93 14.62 -6.43
CA ASP A 106 1.81 15.45 -6.01
C ASP A 106 0.73 14.61 -5.33
N GLU A 107 0.53 13.40 -5.86
CA GLU A 107 -0.48 12.49 -5.31
C GLU A 107 0.05 11.77 -4.07
N VAL A 108 1.34 11.44 -4.09
CA VAL A 108 1.96 10.75 -2.98
C VAL A 108 1.89 11.59 -1.69
N ARG A 109 2.31 12.84 -1.78
CA ARG A 109 2.28 13.73 -0.62
C ARG A 109 0.85 13.90 -0.12
N HIS A 110 -0.11 13.79 -1.03
CA HIS A 110 -1.52 13.93 -0.67
C HIS A 110 -2.00 12.70 0.09
N ILE A 111 -1.75 11.52 -0.49
CA ILE A 111 -2.16 10.27 0.14
C ILE A 111 -1.38 10.04 1.43
N LEU A 112 -0.24 10.72 1.57
CA LEU A 112 0.60 10.59 2.75
C LEU A 112 -0.02 11.34 3.93
N GLU A 113 -0.60 12.51 3.64
CA GLU A 113 -1.22 13.32 4.69
C GLU A 113 -2.55 12.71 5.15
N VAL A 114 -3.25 12.08 4.22
CA VAL A 114 -4.53 11.45 4.53
C VAL A 114 -4.33 10.05 5.09
N SER A 115 -3.30 9.37 4.63
CA SER A 115 -3.00 8.02 5.09
C SER A 115 -2.75 8.00 6.60
N GLY A 116 -1.73 8.74 7.03
CA GLY A 116 -1.41 8.79 8.44
C GLY A 116 0.08 9.02 8.69
N LEU A 117 0.68 9.91 7.90
CA LEU A 117 2.09 10.22 8.05
C LEU A 117 2.30 11.71 8.35
N LEU A 118 1.80 12.56 7.46
CA LEU A 118 1.92 14.00 7.62
C LEU A 118 0.63 14.60 8.16
N GLY A 119 -0.10 13.82 8.95
CA GLY A 119 -1.35 14.29 9.51
C GLY A 119 -1.85 13.40 10.63
N SER A 1 17.00 6.73 -3.13
CA SER A 1 16.00 6.89 -4.22
C SER A 1 15.09 5.67 -4.32
N ILE A 2 13.79 5.90 -4.11
CA ILE A 2 12.81 4.82 -4.17
C ILE A 2 11.55 5.28 -4.91
N GLU A 3 10.46 4.51 -4.77
CA GLU A 3 9.21 4.87 -5.43
C GLU A 3 7.99 4.27 -4.72
N TRP A 4 6.87 4.97 -4.84
CA TRP A 4 5.62 4.54 -4.23
C TRP A 4 4.81 3.72 -5.22
N TYR A 5 5.07 2.42 -5.28
CA TYR A 5 4.37 1.55 -6.20
C TYR A 5 3.01 1.13 -5.63
N ALA A 6 1.97 1.29 -6.42
CA ALA A 6 0.62 0.95 -6.00
C ALA A 6 0.08 -0.25 -6.77
N VAL A 7 -0.33 -1.28 -6.03
CA VAL A 7 -0.87 -2.49 -6.64
C VAL A 7 -2.39 -2.50 -6.58
N HIS A 8 -3.01 -3.29 -7.44
CA HIS A 8 -4.45 -3.40 -7.49
C HIS A 8 -4.93 -4.73 -6.90
N THR A 9 -6.14 -4.73 -6.36
CA THR A 9 -6.71 -5.94 -5.76
C THR A 9 -8.24 -5.86 -5.73
N LEU A 10 -8.86 -6.98 -5.39
CA LEU A 10 -10.32 -7.04 -5.32
C LEU A 10 -10.82 -6.57 -3.96
N VAL A 11 -11.96 -5.88 -3.95
CA VAL A 11 -12.54 -5.38 -2.72
C VAL A 11 -12.83 -6.51 -1.74
N GLY A 12 -12.33 -6.36 -0.52
CA GLY A 12 -12.53 -7.39 0.50
C GLY A 12 -11.31 -8.23 0.73
N GLN A 13 -10.47 -8.36 -0.30
CA GLN A 13 -9.25 -9.15 -0.20
C GLN A 13 -8.04 -8.26 0.07
N GLU A 14 -8.14 -6.99 -0.33
CA GLU A 14 -7.06 -6.03 -0.15
C GLU A 14 -6.65 -5.95 1.32
N GLU A 15 -7.63 -5.69 2.19
CA GLU A 15 -7.37 -5.57 3.61
C GLU A 15 -6.73 -6.85 4.17
N LYS A 16 -7.22 -7.99 3.71
CA LYS A 16 -6.69 -9.28 4.15
C LYS A 16 -5.32 -9.54 3.54
N ALA A 17 -5.12 -9.06 2.32
CA ALA A 17 -3.85 -9.24 1.63
C ALA A 17 -2.70 -8.58 2.39
N LYS A 18 -2.95 -7.37 2.88
CA LYS A 18 -1.94 -6.62 3.63
C LYS A 18 -1.28 -7.50 4.70
N ALA A 19 -2.11 -8.08 5.57
CA ALA A 19 -1.61 -8.95 6.63
C ALA A 19 -0.81 -10.11 6.05
N ASN A 20 -1.21 -10.56 4.87
CA ASN A 20 -0.53 -11.67 4.21
C ASN A 20 0.90 -11.29 3.82
N LEU A 21 1.05 -10.09 3.27
CA LEU A 21 2.38 -9.61 2.86
C LEU A 21 3.26 -9.33 4.07
N GLU A 22 2.83 -8.38 4.89
CA GLU A 22 3.59 -8.00 6.09
C GLU A 22 4.16 -9.22 6.81
N LYS A 23 3.44 -10.34 6.74
CA LYS A 23 3.90 -11.57 7.38
C LYS A 23 4.99 -12.24 6.55
N ARG A 24 4.78 -12.29 5.24
CA ARG A 24 5.75 -12.89 4.33
C ARG A 24 6.94 -11.96 4.10
N ILE A 25 6.69 -10.65 4.24
CA ILE A 25 7.73 -9.66 4.04
C ILE A 25 8.56 -9.48 5.32
N LYS A 26 7.95 -9.78 6.46
CA LYS A 26 8.63 -9.65 7.74
C LYS A 26 9.21 -10.99 8.19
N ALA A 27 8.57 -12.08 7.79
CA ALA A 27 9.03 -13.41 8.15
C ALA A 27 10.30 -13.78 7.40
N PHE A 28 10.32 -13.49 6.10
CA PHE A 28 11.48 -13.79 5.27
C PHE A 28 12.56 -12.73 5.45
N GLY A 29 12.15 -11.53 5.86
CA GLY A 29 13.11 -10.45 6.06
C GLY A 29 13.26 -9.58 4.83
N LEU A 30 12.13 -9.08 4.31
CA LEU A 30 12.15 -8.23 3.14
C LEU A 30 12.04 -6.76 3.52
N GLN A 31 12.60 -6.41 4.67
CA GLN A 31 12.57 -5.04 5.14
C GLN A 31 13.63 -4.18 4.46
N ASP A 32 14.28 -4.75 3.43
CA ASP A 32 15.31 -4.04 2.69
C ASP A 32 14.74 -3.41 1.42
N LYS A 33 13.61 -3.95 0.97
CA LYS A 33 12.97 -3.44 -0.24
C LYS A 33 11.75 -2.59 0.11
N ILE A 34 10.83 -3.16 0.87
CA ILE A 34 9.63 -2.45 1.28
C ILE A 34 9.92 -1.56 2.48
N PHE A 35 10.21 -0.29 2.21
CA PHE A 35 10.52 0.67 3.27
C PHE A 35 9.25 1.20 3.92
N GLN A 36 8.35 1.74 3.12
CA GLN A 36 7.10 2.29 3.65
C GLN A 36 5.89 1.50 3.17
N VAL A 37 4.75 1.75 3.80
CA VAL A 37 3.50 1.08 3.46
C VAL A 37 2.31 1.98 3.76
N LEU A 38 1.92 2.79 2.78
CA LEU A 38 0.81 3.71 2.94
C LEU A 38 -0.53 2.99 2.75
N ILE A 39 -1.49 3.32 3.61
CA ILE A 39 -2.82 2.74 3.54
C ILE A 39 -3.82 3.72 2.95
N PRO A 40 -4.21 3.53 1.66
CA PRO A 40 -5.17 4.41 0.99
C PRO A 40 -6.51 4.51 1.71
N THR A 41 -6.71 3.66 2.72
CA THR A 41 -7.95 3.67 3.48
C THR A 41 -7.83 4.59 4.70
N GLU A 42 -8.88 5.36 4.97
CA GLU A 42 -8.87 6.27 6.10
C GLU A 42 -9.18 5.54 7.40
N GLU A 43 -8.17 5.38 8.24
CA GLU A 43 -8.33 4.68 9.51
C GLU A 43 -8.60 5.67 10.65
N VAL A 44 -9.82 5.64 11.16
CA VAL A 44 -10.21 6.52 12.26
C VAL A 44 -11.39 5.93 13.04
N VAL A 45 -11.12 5.58 14.29
CA VAL A 45 -12.14 5.01 15.16
C VAL A 45 -11.74 5.14 16.63
N GLU A 46 -12.72 5.04 17.52
CA GLU A 46 -12.47 5.14 18.96
C GLU A 46 -13.39 4.22 19.74
N LEU A 47 -14.68 4.53 19.74
CA LEU A 47 -15.66 3.73 20.46
C LEU A 47 -16.97 3.63 19.67
N ARG A 48 -17.97 2.99 20.27
CA ARG A 48 -19.27 2.83 19.64
C ARG A 48 -20.37 3.46 20.48
N GLU A 49 -20.63 2.88 21.64
CA GLU A 49 -21.65 3.38 22.54
C GLU A 49 -21.18 3.33 23.99
N GLY A 50 -21.37 4.43 24.71
CA GLY A 50 -20.97 4.49 26.11
C GLY A 50 -19.93 5.55 26.36
N GLY A 51 -20.10 6.71 25.72
CA GLY A 51 -19.15 7.80 25.89
C GLY A 51 -19.14 8.74 24.71
N LYS A 52 -18.50 8.32 23.62
CA LYS A 52 -18.42 9.14 22.42
C LYS A 52 -18.11 8.29 21.20
N LYS A 53 -18.70 8.63 20.06
CA LYS A 53 -18.48 7.90 18.82
C LYS A 53 -17.51 8.65 17.92
N GLU A 54 -16.44 7.97 17.50
CA GLU A 54 -15.43 8.58 16.64
C GLU A 54 -15.81 8.42 15.17
N VAL A 55 -15.24 7.42 14.50
CA VAL A 55 -15.52 7.18 13.09
C VAL A 55 -15.31 5.70 12.73
N VAL A 56 -14.74 5.43 11.55
CA VAL A 56 -14.50 4.06 11.12
C VAL A 56 -13.40 4.03 10.05
N ARG A 57 -13.19 2.87 9.44
CA ARG A 57 -12.16 2.73 8.41
C ARG A 57 -12.74 3.00 7.03
N LYS A 58 -12.40 4.14 6.45
CA LYS A 58 -12.88 4.50 5.12
C LYS A 58 -11.96 3.93 4.05
N LYS A 59 -12.23 4.27 2.80
CA LYS A 59 -11.42 3.79 1.69
C LYS A 59 -11.30 4.83 0.58
N LEU A 60 -10.25 5.64 0.65
CA LEU A 60 -10.03 6.68 -0.36
C LEU A 60 -9.77 6.04 -1.71
N PHE A 61 -8.83 5.11 -1.76
CA PHE A 61 -8.50 4.42 -3.00
C PHE A 61 -8.80 2.92 -2.89
N PRO A 62 -10.08 2.55 -3.08
CA PRO A 62 -10.51 1.14 -2.99
C PRO A 62 -9.71 0.23 -3.91
N GLY A 63 -9.41 -0.98 -3.42
CA GLY A 63 -8.67 -1.94 -4.21
C GLY A 63 -7.28 -1.43 -4.58
N TYR A 64 -6.72 -0.55 -3.76
CA TYR A 64 -5.40 0.00 -4.01
C TYR A 64 -4.55 -0.01 -2.75
N LEU A 65 -3.24 -0.11 -2.93
CA LEU A 65 -2.31 -0.11 -1.80
C LEU A 65 -0.99 0.54 -2.20
N PHE A 66 -0.55 1.53 -1.41
CA PHE A 66 0.69 2.24 -1.70
C PHE A 66 1.86 1.62 -0.95
N ILE A 67 2.95 1.38 -1.67
CA ILE A 67 4.14 0.79 -1.07
C ILE A 67 5.41 1.47 -1.57
N GLN A 68 6.12 2.16 -0.69
CA GLN A 68 7.36 2.83 -1.06
C GLN A 68 8.50 1.83 -1.12
N MET A 69 8.48 0.98 -2.13
CA MET A 69 9.51 -0.05 -2.31
C MET A 69 10.65 0.46 -3.19
N ASP A 70 11.55 -0.45 -3.57
CA ASP A 70 12.68 -0.11 -4.41
C ASP A 70 12.78 -1.08 -5.59
N LEU A 71 11.95 -0.86 -6.60
CA LEU A 71 11.94 -1.71 -7.78
C LEU A 71 13.07 -1.35 -8.73
N GLY A 72 13.28 -0.05 -8.94
CA GLY A 72 14.33 0.40 -9.83
C GLY A 72 15.70 -0.10 -9.42
N ASP A 73 16.26 -1.00 -10.21
CA ASP A 73 17.58 -1.57 -9.93
C ASP A 73 18.12 -2.33 -11.12
N GLU A 74 17.48 -3.44 -11.45
CA GLU A 74 17.90 -4.27 -12.57
C GLU A 74 16.80 -4.34 -13.63
N GLU A 75 17.07 -5.09 -14.70
CA GLU A 75 16.10 -5.24 -15.79
C GLU A 75 14.88 -6.03 -15.33
N GLU A 76 15.08 -6.89 -14.34
CA GLU A 76 13.99 -7.70 -13.80
C GLU A 76 13.79 -7.43 -12.31
N PRO A 77 12.55 -7.54 -11.82
CA PRO A 77 12.24 -7.32 -10.41
C PRO A 77 13.10 -8.16 -9.47
N ASN A 78 13.09 -7.81 -8.19
CA ASN A 78 13.87 -8.54 -7.20
C ASN A 78 13.07 -9.68 -6.60
N GLU A 79 13.67 -10.39 -5.65
CA GLU A 79 13.01 -11.51 -4.99
C GLU A 79 11.73 -11.06 -4.27
N ALA A 80 11.71 -9.81 -3.84
CA ALA A 80 10.56 -9.25 -3.14
C ALA A 80 9.28 -9.43 -3.96
N TRP A 81 9.37 -9.12 -5.25
CA TRP A 81 8.22 -9.23 -6.14
C TRP A 81 7.76 -10.68 -6.24
N GLU A 82 8.71 -11.61 -6.13
CA GLU A 82 8.40 -13.03 -6.20
C GLU A 82 7.49 -13.44 -5.05
N VAL A 83 7.65 -12.80 -3.91
CA VAL A 83 6.83 -13.09 -2.74
C VAL A 83 5.47 -12.41 -2.84
N VAL A 84 5.49 -11.09 -3.06
CA VAL A 84 4.26 -10.32 -3.18
C VAL A 84 3.40 -10.83 -4.32
N ARG A 85 4.05 -11.20 -5.43
CA ARG A 85 3.34 -11.72 -6.59
C ARG A 85 2.85 -13.15 -6.35
N GLY A 86 3.47 -13.83 -5.40
CA GLY A 86 3.09 -15.20 -5.10
C GLY A 86 2.28 -15.33 -3.82
N THR A 87 1.93 -14.19 -3.22
CA THR A 87 1.16 -14.20 -1.98
C THR A 87 -0.30 -14.56 -2.25
N PRO A 88 -0.94 -15.31 -1.35
CA PRO A 88 -2.35 -15.71 -1.51
C PRO A 88 -3.30 -14.53 -1.42
N GLY A 89 -3.81 -14.11 -2.58
CA GLY A 89 -4.73 -12.99 -2.61
C GLY A 89 -4.19 -11.80 -3.39
N ILE A 90 -3.17 -12.04 -4.21
CA ILE A 90 -2.57 -10.99 -5.01
C ILE A 90 -2.80 -11.23 -6.50
N THR A 91 -3.74 -10.47 -7.06
CA THR A 91 -4.07 -10.59 -8.48
C THR A 91 -2.85 -10.29 -9.35
N GLY A 92 -1.96 -9.46 -8.83
CA GLY A 92 -0.76 -9.11 -9.58
C GLY A 92 -1.00 -7.98 -10.57
N PHE A 93 -1.46 -6.84 -10.05
CA PHE A 93 -1.74 -5.67 -10.88
C PHE A 93 -2.86 -5.97 -11.87
N VAL A 94 -3.86 -5.09 -11.91
CA VAL A 94 -4.99 -5.26 -12.80
C VAL A 94 -4.65 -4.82 -14.23
N GLY A 95 -3.44 -4.33 -14.43
CA GLY A 95 -3.03 -3.87 -15.75
C GLY A 95 -3.18 -4.94 -16.80
N ALA A 96 -3.18 -6.20 -16.37
CA ALA A 96 -3.33 -7.32 -17.30
C ALA A 96 -2.16 -7.37 -18.28
N GLY A 97 -0.95 -7.34 -17.74
CA GLY A 97 0.24 -7.38 -18.58
C GLY A 97 0.98 -6.06 -18.62
N MET A 98 1.17 -5.46 -17.45
CA MET A 98 1.86 -4.19 -17.34
C MET A 98 2.72 -4.13 -16.09
N ARG A 99 3.86 -3.45 -16.19
CA ARG A 99 4.77 -3.33 -15.06
C ARG A 99 4.20 -2.38 -14.01
N PRO A 100 4.62 -2.55 -12.74
CA PRO A 100 4.15 -1.70 -11.63
C PRO A 100 4.26 -0.22 -11.95
N VAL A 101 3.29 0.57 -11.49
CA VAL A 101 3.29 2.01 -11.73
C VAL A 101 3.27 2.79 -10.43
N PRO A 102 4.32 3.61 -10.18
CA PRO A 102 4.41 4.40 -8.95
C PRO A 102 3.63 5.72 -9.06
N LEU A 103 3.38 6.34 -7.91
CA LEU A 103 2.64 7.60 -7.88
C LEU A 103 3.59 8.78 -7.97
N SER A 104 3.03 9.97 -8.19
CA SER A 104 3.83 11.19 -8.30
C SER A 104 4.05 11.82 -6.92
N PRO A 105 5.21 12.47 -6.70
CA PRO A 105 5.52 13.12 -5.43
C PRO A 105 4.47 14.15 -5.03
N ASP A 106 3.91 14.82 -6.02
CA ASP A 106 2.88 15.84 -5.77
C ASP A 106 1.58 15.20 -5.31
N GLU A 107 1.35 13.96 -5.69
CA GLU A 107 0.14 13.24 -5.31
C GLU A 107 0.38 12.38 -4.07
N VAL A 108 1.57 11.80 -3.98
CA VAL A 108 1.92 10.95 -2.84
C VAL A 108 1.82 11.72 -1.54
N ARG A 109 2.11 13.02 -1.60
CA ARG A 109 2.06 13.87 -0.41
C ARG A 109 0.66 13.87 0.20
N HIS A 110 -0.35 13.96 -0.65
CA HIS A 110 -1.73 13.98 -0.18
C HIS A 110 -2.09 12.64 0.45
N ILE A 111 -1.88 11.55 -0.29
CA ILE A 111 -2.18 10.23 0.23
C ILE A 111 -1.34 9.94 1.47
N LEU A 112 -0.20 10.64 1.58
CA LEU A 112 0.68 10.47 2.72
C LEU A 112 -0.06 10.83 4.01
N GLU A 113 -0.92 11.84 3.93
CA GLU A 113 -1.69 12.28 5.09
C GLU A 113 -2.62 11.16 5.58
N VAL A 114 -2.86 10.16 4.73
CA VAL A 114 -3.72 9.05 5.09
C VAL A 114 -3.01 8.06 6.00
N SER A 115 -1.91 7.49 5.51
CA SER A 115 -1.13 6.51 6.28
C SER A 115 -0.80 7.06 7.67
N GLY A 116 -0.08 8.18 7.69
CA GLY A 116 0.30 8.79 8.95
C GLY A 116 1.71 9.32 8.93
N LEU A 117 2.07 10.03 7.87
CA LEU A 117 3.41 10.60 7.73
C LEU A 117 3.35 12.12 7.74
N LEU A 118 2.39 12.68 7.01
CA LEU A 118 2.23 14.12 6.92
C LEU A 118 1.13 14.60 7.86
N GLY A 119 0.97 13.89 8.98
CA GLY A 119 -0.05 14.27 9.95
C GLY A 119 -1.42 13.73 9.57
N SER A 1 16.06 7.85 -0.86
CA SER A 1 14.99 8.06 -1.89
C SER A 1 14.41 6.73 -2.35
N ILE A 2 13.09 6.60 -2.23
CA ILE A 2 12.40 5.38 -2.64
C ILE A 2 11.16 5.72 -3.47
N GLU A 3 10.27 4.73 -3.64
CA GLU A 3 9.07 4.94 -4.44
C GLU A 3 7.85 4.25 -3.84
N TRP A 4 6.68 4.87 -4.02
CA TRP A 4 5.43 4.32 -3.53
C TRP A 4 4.77 3.47 -4.61
N TYR A 5 5.04 2.17 -4.58
CA TYR A 5 4.47 1.25 -5.56
C TYR A 5 3.04 0.89 -5.19
N ALA A 6 2.10 1.34 -6.02
CA ALA A 6 0.68 1.07 -5.79
C ALA A 6 0.17 0.00 -6.74
N VAL A 7 -0.76 -0.83 -6.26
CA VAL A 7 -1.34 -1.90 -7.06
C VAL A 7 -2.84 -2.00 -6.81
N HIS A 8 -3.48 -2.93 -7.53
CA HIS A 8 -4.92 -3.13 -7.40
C HIS A 8 -5.23 -4.43 -6.66
N THR A 9 -6.27 -4.42 -5.85
CA THR A 9 -6.67 -5.60 -5.10
C THR A 9 -8.19 -5.75 -5.10
N LEU A 10 -8.67 -6.86 -4.54
CA LEU A 10 -10.10 -7.12 -4.48
C LEU A 10 -10.71 -6.56 -3.20
N VAL A 11 -11.94 -6.07 -3.31
CA VAL A 11 -12.64 -5.50 -2.15
C VAL A 11 -12.77 -6.52 -1.02
N GLY A 12 -12.18 -6.20 0.12
CA GLY A 12 -12.23 -7.10 1.26
C GLY A 12 -11.00 -7.98 1.37
N GLN A 13 -10.37 -8.25 0.24
CA GLN A 13 -9.17 -9.09 0.20
C GLN A 13 -7.94 -8.28 0.61
N GLU A 14 -7.95 -6.99 0.33
CA GLU A 14 -6.84 -6.11 0.66
C GLU A 14 -6.58 -6.11 2.17
N GLU A 15 -7.67 -6.10 2.94
CA GLU A 15 -7.56 -6.09 4.40
C GLU A 15 -6.69 -7.24 4.90
N LYS A 16 -6.87 -8.42 4.32
CA LYS A 16 -6.09 -9.60 4.69
C LYS A 16 -4.79 -9.66 3.91
N ALA A 17 -4.77 -9.05 2.72
CA ALA A 17 -3.58 -9.05 1.88
C ALA A 17 -2.47 -8.23 2.50
N LYS A 18 -2.85 -7.20 3.25
CA LYS A 18 -1.88 -6.33 3.91
C LYS A 18 -1.05 -7.11 4.92
N ALA A 19 -1.73 -7.84 5.80
CA ALA A 19 -1.06 -8.63 6.83
C ALA A 19 -0.39 -9.86 6.21
N ASN A 20 -1.08 -10.51 5.28
CA ASN A 20 -0.54 -11.69 4.62
C ASN A 20 0.77 -11.38 3.91
N LEU A 21 0.79 -10.26 3.19
CA LEU A 21 1.99 -9.84 2.46
C LEU A 21 3.10 -9.43 3.43
N GLU A 22 2.75 -8.62 4.42
CA GLU A 22 3.72 -8.17 5.41
C GLU A 22 4.38 -9.34 6.13
N LYS A 23 3.72 -10.49 6.12
CA LYS A 23 4.26 -11.68 6.75
C LYS A 23 5.27 -12.37 5.84
N ARG A 24 4.91 -12.51 4.58
CA ARG A 24 5.79 -13.13 3.60
C ARG A 24 7.01 -12.24 3.34
N ILE A 25 6.86 -10.95 3.62
CA ILE A 25 7.94 -10.00 3.42
C ILE A 25 9.04 -10.20 4.46
N LYS A 26 8.66 -10.70 5.63
CA LYS A 26 9.61 -10.94 6.70
C LYS A 26 10.05 -12.40 6.74
N ALA A 27 9.13 -13.29 6.34
CA ALA A 27 9.41 -14.72 6.32
C ALA A 27 10.52 -15.05 5.33
N PHE A 28 10.51 -14.35 4.19
CA PHE A 28 11.51 -14.57 3.16
C PHE A 28 12.79 -13.80 3.47
N GLY A 29 12.64 -12.56 3.93
CA GLY A 29 13.80 -11.74 4.25
C GLY A 29 14.03 -10.64 3.25
N LEU A 30 13.24 -9.57 3.33
CA LEU A 30 13.38 -8.44 2.43
C LEU A 30 12.83 -7.16 3.07
N GLN A 31 12.92 -7.10 4.39
CA GLN A 31 12.44 -5.93 5.13
C GLN A 31 13.27 -4.69 4.79
N ASP A 32 14.43 -4.90 4.17
CA ASP A 32 15.29 -3.79 3.78
C ASP A 32 14.79 -3.12 2.50
N LYS A 33 14.06 -3.88 1.70
CA LYS A 33 13.52 -3.36 0.45
C LYS A 33 12.28 -2.50 0.70
N ILE A 34 11.31 -3.08 1.41
CA ILE A 34 10.08 -2.37 1.73
C ILE A 34 10.30 -1.44 2.92
N PHE A 35 9.52 -0.37 2.99
CA PHE A 35 9.65 0.59 4.09
C PHE A 35 8.29 0.98 4.65
N GLN A 36 7.39 1.45 3.78
CA GLN A 36 6.06 1.86 4.21
C GLN A 36 4.98 1.00 3.57
N VAL A 37 3.82 0.99 4.22
CA VAL A 37 2.67 0.25 3.73
C VAL A 37 1.41 1.03 4.04
N LEU A 38 1.31 2.21 3.45
CA LEU A 38 0.19 3.11 3.66
C LEU A 38 -1.02 2.70 2.84
N ILE A 39 -2.16 2.59 3.51
CA ILE A 39 -3.41 2.22 2.85
C ILE A 39 -4.32 3.42 2.68
N PRO A 40 -4.82 3.68 1.46
CA PRO A 40 -5.70 4.81 1.18
C PRO A 40 -7.03 4.72 1.93
N THR A 41 -7.00 5.07 3.22
CA THR A 41 -8.21 5.03 4.03
C THR A 41 -8.26 6.23 4.99
N GLU A 42 -9.43 6.85 5.09
CA GLU A 42 -9.61 8.00 5.97
C GLU A 42 -9.88 7.56 7.40
N GLU A 43 -9.58 8.44 8.35
CA GLU A 43 -9.79 8.14 9.76
C GLU A 43 -10.41 9.32 10.49
N VAL A 44 -11.59 9.12 11.05
CA VAL A 44 -12.29 10.17 11.79
C VAL A 44 -13.13 9.60 12.92
N VAL A 45 -13.55 10.47 13.83
CA VAL A 45 -14.36 10.05 14.97
C VAL A 45 -15.62 10.91 15.10
N GLU A 46 -16.68 10.31 15.62
CA GLU A 46 -17.95 11.01 15.79
C GLU A 46 -18.26 11.19 17.27
N LEU A 47 -18.45 10.08 17.97
CA LEU A 47 -18.77 10.12 19.39
C LEU A 47 -17.51 9.84 20.23
N ARG A 48 -17.47 10.43 21.43
CA ARG A 48 -16.34 10.26 22.32
C ARG A 48 -16.77 10.40 23.78
N GLU A 49 -17.48 11.47 24.08
CA GLU A 49 -17.95 11.72 25.43
C GLU A 49 -18.97 10.66 25.86
N GLY A 50 -19.12 10.50 27.17
CA GLY A 50 -20.06 9.51 27.67
C GLY A 50 -19.46 8.13 27.76
N GLY A 51 -20.09 7.16 27.08
CA GLY A 51 -19.59 5.80 27.08
C GLY A 51 -19.77 5.11 25.75
N LYS A 52 -19.76 5.89 24.67
CA LYS A 52 -19.92 5.35 23.33
C LYS A 52 -18.78 5.80 22.42
N LYS A 53 -18.04 4.83 21.89
CA LYS A 53 -16.91 5.12 21.00
C LYS A 53 -17.20 4.62 19.59
N GLU A 54 -17.00 5.48 18.61
CA GLU A 54 -17.22 5.12 17.21
C GLU A 54 -16.09 5.62 16.33
N VAL A 55 -15.69 4.80 15.37
CA VAL A 55 -14.61 5.15 14.45
C VAL A 55 -15.02 4.90 13.00
N VAL A 56 -14.95 5.95 12.18
CA VAL A 56 -15.31 5.84 10.77
C VAL A 56 -14.08 5.65 9.90
N ARG A 57 -14.27 5.05 8.73
CA ARG A 57 -13.18 4.82 7.79
C ARG A 57 -13.66 4.99 6.35
N LYS A 58 -13.12 6.02 5.68
CA LYS A 58 -13.50 6.30 4.30
C LYS A 58 -12.35 6.00 3.35
N LYS A 59 -12.47 4.90 2.60
CA LYS A 59 -11.44 4.50 1.66
C LYS A 59 -11.29 5.55 0.56
N LEU A 60 -10.25 6.38 0.69
CA LEU A 60 -9.98 7.43 -0.29
C LEU A 60 -9.71 6.83 -1.67
N PHE A 61 -9.13 5.65 -1.69
CA PHE A 61 -8.82 4.97 -2.95
C PHE A 61 -9.11 3.47 -2.84
N PRO A 62 -10.37 3.08 -3.05
CA PRO A 62 -10.79 1.67 -2.97
C PRO A 62 -10.01 0.78 -3.93
N GLY A 63 -9.64 -0.41 -3.45
CA GLY A 63 -8.90 -1.34 -4.28
C GLY A 63 -7.50 -0.84 -4.61
N TYR A 64 -6.96 0.02 -3.77
CA TYR A 64 -5.63 0.56 -4.00
C TYR A 64 -4.78 0.48 -2.72
N LEU A 65 -3.53 0.07 -2.87
CA LEU A 65 -2.62 -0.04 -1.74
C LEU A 65 -1.28 0.62 -2.05
N PHE A 66 -0.84 1.50 -1.16
CA PHE A 66 0.42 2.20 -1.35
C PHE A 66 1.55 1.55 -0.56
N ILE A 67 2.59 1.14 -1.28
CA ILE A 67 3.74 0.51 -0.65
C ILE A 67 5.03 1.23 -1.02
N GLN A 68 5.65 1.89 -0.04
CA GLN A 68 6.88 2.61 -0.28
C GLN A 68 8.07 1.67 -0.30
N MET A 69 8.17 0.87 -1.37
CA MET A 69 9.26 -0.08 -1.53
C MET A 69 10.43 0.53 -2.28
N ASP A 70 11.32 -0.33 -2.78
CA ASP A 70 12.49 0.13 -3.54
C ASP A 70 12.86 -0.89 -4.61
N LEU A 71 12.28 -0.74 -5.80
CA LEU A 71 12.55 -1.65 -6.90
C LEU A 71 13.87 -1.29 -7.59
N GLY A 72 14.37 -0.09 -7.34
CA GLY A 72 15.61 0.34 -7.96
C GLY A 72 16.79 -0.49 -7.50
N ASP A 73 16.94 -1.68 -8.07
CA ASP A 73 18.04 -2.57 -7.71
C ASP A 73 18.32 -3.55 -8.85
N GLU A 74 19.54 -3.53 -9.36
CA GLU A 74 19.93 -4.43 -10.45
C GLU A 74 19.09 -4.17 -11.69
N GLU A 75 19.30 -4.98 -12.72
CA GLU A 75 18.55 -4.84 -13.97
C GLU A 75 17.12 -5.35 -13.81
N GLU A 76 16.95 -6.35 -12.96
CA GLU A 76 15.64 -6.94 -12.73
C GLU A 76 15.27 -6.87 -11.24
N PRO A 77 13.97 -6.77 -10.94
CA PRO A 77 13.49 -6.69 -9.55
C PRO A 77 14.02 -7.82 -8.70
N ASN A 78 14.19 -7.55 -7.40
CA ASN A 78 14.70 -8.56 -6.47
C ASN A 78 13.60 -9.53 -6.07
N GLU A 79 13.85 -10.31 -5.02
CA GLU A 79 12.89 -11.29 -4.53
C GLU A 79 11.56 -10.62 -4.17
N ALA A 80 11.60 -9.31 -3.92
CA ALA A 80 10.39 -8.57 -3.57
C ALA A 80 9.25 -8.85 -4.54
N TRP A 81 9.59 -9.03 -5.82
CA TRP A 81 8.60 -9.31 -6.84
C TRP A 81 8.19 -10.79 -6.82
N GLU A 82 9.13 -11.64 -6.42
CA GLU A 82 8.86 -13.07 -6.35
C GLU A 82 7.93 -13.42 -5.19
N VAL A 83 7.97 -12.59 -4.15
CA VAL A 83 7.12 -12.80 -2.98
C VAL A 83 5.74 -12.19 -3.19
N VAL A 84 5.71 -10.92 -3.58
CA VAL A 84 4.45 -10.22 -3.82
C VAL A 84 3.61 -10.93 -4.87
N ARG A 85 4.27 -11.47 -5.89
CA ARG A 85 3.59 -12.17 -6.96
C ARG A 85 3.10 -13.55 -6.50
N GLY A 86 3.78 -14.11 -5.50
CA GLY A 86 3.39 -15.41 -4.99
C GLY A 86 2.55 -15.33 -3.73
N THR A 87 2.17 -14.12 -3.34
CA THR A 87 1.36 -13.93 -2.15
C THR A 87 -0.13 -13.97 -2.49
N PRO A 88 -0.88 -14.91 -1.89
CA PRO A 88 -2.33 -15.04 -2.14
C PRO A 88 -3.08 -13.74 -1.90
N GLY A 89 -3.65 -13.18 -2.96
CA GLY A 89 -4.39 -11.94 -2.84
C GLY A 89 -3.94 -10.89 -3.84
N ILE A 90 -2.80 -11.12 -4.48
CA ILE A 90 -2.27 -10.18 -5.46
C ILE A 90 -2.96 -10.34 -6.80
N THR A 91 -3.37 -9.22 -7.39
CA THR A 91 -4.04 -9.23 -8.68
C THR A 91 -3.31 -8.36 -9.69
N GLY A 92 -3.34 -7.05 -9.46
CA GLY A 92 -2.68 -6.12 -10.36
C GLY A 92 -3.63 -5.47 -11.34
N PHE A 93 -3.18 -4.39 -11.98
CA PHE A 93 -4.00 -3.69 -12.95
C PHE A 93 -3.20 -2.56 -13.62
N VAL A 94 -2.41 -1.84 -12.83
CA VAL A 94 -1.61 -0.74 -13.35
C VAL A 94 -0.70 -1.23 -14.47
N GLY A 95 -1.11 -0.95 -15.71
CA GLY A 95 -0.32 -1.37 -16.86
C GLY A 95 0.81 -0.40 -17.17
N ALA A 96 0.56 0.52 -18.10
CA ALA A 96 1.56 1.50 -18.49
C ALA A 96 2.77 0.82 -19.13
N GLY A 97 3.65 0.27 -18.30
CA GLY A 97 4.84 -0.40 -18.81
C GLY A 97 4.97 -1.81 -18.25
N MET A 98 4.84 -1.92 -16.93
CA MET A 98 4.95 -3.20 -16.24
C MET A 98 3.74 -3.41 -15.33
N ARG A 99 3.64 -4.59 -14.73
CA ARG A 99 2.54 -4.90 -13.84
C ARG A 99 2.42 -3.85 -12.72
N PRO A 100 3.53 -3.55 -12.02
CA PRO A 100 3.53 -2.56 -10.95
C PRO A 100 3.75 -1.14 -11.48
N VAL A 101 3.28 -0.14 -10.74
CA VAL A 101 3.43 1.25 -11.15
C VAL A 101 3.38 2.19 -9.94
N PRO A 102 4.50 2.87 -9.64
CA PRO A 102 4.58 3.80 -8.51
C PRO A 102 3.86 5.12 -8.79
N LEU A 103 3.45 5.80 -7.72
CA LEU A 103 2.76 7.07 -7.86
C LEU A 103 3.74 8.24 -7.88
N SER A 104 3.40 9.29 -8.61
CA SER A 104 4.26 10.46 -8.71
C SER A 104 4.28 11.24 -7.40
N PRO A 105 5.37 11.97 -7.13
CA PRO A 105 5.50 12.76 -5.90
C PRO A 105 4.31 13.68 -5.66
N ASP A 106 3.77 14.22 -6.74
CA ASP A 106 2.61 15.12 -6.66
C ASP A 106 1.38 14.36 -6.15
N GLU A 107 1.25 13.11 -6.55
CA GLU A 107 0.12 12.28 -6.13
C GLU A 107 0.38 11.67 -4.76
N VAL A 108 1.61 11.25 -4.52
CA VAL A 108 1.99 10.65 -3.24
C VAL A 108 1.72 11.60 -2.10
N ARG A 109 2.22 12.83 -2.22
CA ARG A 109 2.04 13.84 -1.18
C ARG A 109 0.56 14.01 -0.84
N HIS A 110 -0.30 13.77 -1.82
CA HIS A 110 -1.74 13.89 -1.61
C HIS A 110 -2.26 12.77 -0.72
N ILE A 111 -1.98 11.53 -1.11
CA ILE A 111 -2.41 10.38 -0.34
C ILE A 111 -1.68 10.33 1.00
N LEU A 112 -0.49 10.91 1.05
CA LEU A 112 0.30 10.94 2.26
C LEU A 112 -0.31 11.92 3.27
N GLU A 113 -0.95 12.96 2.75
CA GLU A 113 -1.58 13.97 3.59
C GLU A 113 -2.58 13.32 4.54
N VAL A 114 -3.34 12.37 4.02
CA VAL A 114 -4.34 11.66 4.81
C VAL A 114 -3.69 10.50 5.56
N SER A 115 -2.62 9.97 5.00
CA SER A 115 -1.89 8.86 5.60
C SER A 115 -1.54 9.17 7.04
N GLY A 116 -0.56 10.05 7.21
CA GLY A 116 -0.12 10.44 8.53
C GLY A 116 1.35 10.83 8.56
N LEU A 117 1.79 11.52 7.51
CA LEU A 117 3.18 11.97 7.41
C LEU A 117 3.26 13.49 7.25
N LEU A 118 2.32 14.05 6.51
CA LEU A 118 2.28 15.49 6.27
C LEU A 118 1.66 16.21 7.47
N GLY A 119 0.68 15.57 8.10
CA GLY A 119 0.03 16.16 9.25
C GLY A 119 -1.40 16.57 8.95
N SER A 1 17.40 6.48 -2.14
CA SER A 1 15.99 6.93 -2.31
C SER A 1 15.06 5.75 -2.56
N ILE A 2 13.76 5.96 -2.35
CA ILE A 2 12.78 4.91 -2.56
C ILE A 2 11.52 5.46 -3.22
N GLU A 3 10.55 4.59 -3.49
CA GLU A 3 9.31 5.03 -4.14
C GLU A 3 8.11 4.20 -3.67
N TRP A 4 6.92 4.73 -3.94
CA TRP A 4 5.68 4.07 -3.57
C TRP A 4 5.15 3.23 -4.73
N TYR A 5 4.78 1.99 -4.44
CA TYR A 5 4.25 1.09 -5.47
C TYR A 5 2.83 0.66 -5.13
N ALA A 6 1.91 0.93 -6.06
CA ALA A 6 0.51 0.58 -5.86
C ALA A 6 0.13 -0.68 -6.63
N VAL A 7 -0.53 -1.61 -5.94
CA VAL A 7 -0.95 -2.86 -6.56
C VAL A 7 -2.47 -2.98 -6.55
N HIS A 8 -3.00 -3.83 -7.42
CA HIS A 8 -4.44 -4.03 -7.51
C HIS A 8 -4.88 -5.21 -6.66
N THR A 9 -5.95 -5.02 -5.89
CA THR A 9 -6.48 -6.07 -5.04
C THR A 9 -8.00 -5.99 -4.96
N LEU A 10 -8.59 -6.88 -4.16
CA LEU A 10 -10.04 -6.92 -3.99
C LEU A 10 -10.49 -6.01 -2.84
N VAL A 11 -11.61 -5.32 -3.05
CA VAL A 11 -12.15 -4.42 -2.03
C VAL A 11 -12.48 -5.19 -0.76
N GLY A 12 -11.90 -4.76 0.36
CA GLY A 12 -12.15 -5.43 1.63
C GLY A 12 -11.07 -6.44 1.96
N GLN A 13 -10.54 -7.08 0.93
CA GLN A 13 -9.48 -8.08 1.12
C GLN A 13 -8.12 -7.40 1.29
N GLU A 14 -8.03 -6.15 0.87
CA GLU A 14 -6.78 -5.39 0.98
C GLU A 14 -6.12 -5.59 2.35
N GLU A 15 -6.94 -5.60 3.40
CA GLU A 15 -6.44 -5.78 4.75
C GLU A 15 -5.70 -7.11 4.88
N LYS A 16 -6.22 -8.14 4.21
CA LYS A 16 -5.62 -9.46 4.26
C LYS A 16 -4.35 -9.50 3.42
N ALA A 17 -4.33 -8.73 2.33
CA ALA A 17 -3.18 -8.67 1.45
C ALA A 17 -1.97 -8.06 2.16
N LYS A 18 -2.22 -6.97 2.89
CA LYS A 18 -1.16 -6.29 3.63
C LYS A 18 -0.62 -7.17 4.74
N ALA A 19 -1.51 -7.94 5.36
CA ALA A 19 -1.11 -8.83 6.45
C ALA A 19 -0.36 -10.04 5.92
N ASN A 20 -0.97 -10.76 4.97
CA ASN A 20 -0.36 -11.93 4.39
C ASN A 20 0.96 -11.57 3.69
N LEU A 21 1.02 -10.35 3.17
CA LEU A 21 2.23 -9.87 2.49
C LEU A 21 3.32 -9.53 3.49
N GLU A 22 3.01 -8.63 4.41
CA GLU A 22 3.97 -8.21 5.44
C GLU A 22 4.64 -9.42 6.09
N LYS A 23 3.89 -10.51 6.20
CA LYS A 23 4.42 -11.73 6.80
C LYS A 23 5.44 -12.39 5.87
N ARG A 24 5.14 -12.40 4.58
CA ARG A 24 6.04 -12.99 3.60
C ARG A 24 7.32 -12.16 3.47
N ILE A 25 7.17 -10.85 3.52
CA ILE A 25 8.30 -9.94 3.41
C ILE A 25 9.24 -10.11 4.59
N LYS A 26 8.67 -10.45 5.74
CA LYS A 26 9.46 -10.65 6.96
C LYS A 26 10.05 -12.05 7.01
N ALA A 27 9.34 -13.00 6.40
CA ALA A 27 9.78 -14.39 6.38
C ALA A 27 11.04 -14.55 5.53
N PHE A 28 11.03 -13.92 4.35
CA PHE A 28 12.17 -13.99 3.44
C PHE A 28 13.26 -13.01 3.87
N GLY A 29 12.86 -11.92 4.50
CA GLY A 29 13.82 -10.93 4.95
C GLY A 29 14.00 -9.79 3.96
N LEU A 30 12.88 -9.30 3.42
CA LEU A 30 12.92 -8.23 2.45
C LEU A 30 12.59 -6.89 3.11
N GLN A 31 12.92 -6.78 4.39
CA GLN A 31 12.66 -5.56 5.15
C GLN A 31 13.57 -4.42 4.68
N ASP A 32 14.60 -4.76 3.91
CA ASP A 32 15.54 -3.76 3.40
C ASP A 32 14.96 -3.02 2.20
N LYS A 33 14.02 -3.65 1.51
CA LYS A 33 13.39 -3.05 0.34
C LYS A 33 12.09 -2.35 0.72
N ILE A 34 11.18 -3.09 1.34
CA ILE A 34 9.90 -2.52 1.76
C ILE A 34 10.06 -1.75 3.07
N PHE A 35 9.44 -0.58 3.14
CA PHE A 35 9.52 0.25 4.34
C PHE A 35 8.15 0.75 4.76
N GLN A 36 7.55 1.56 3.91
CA GLN A 36 6.25 2.14 4.21
C GLN A 36 5.12 1.40 3.48
N VAL A 37 3.94 1.43 4.08
CA VAL A 37 2.76 0.78 3.51
C VAL A 37 1.49 1.36 4.11
N LEU A 38 0.77 2.16 3.31
CA LEU A 38 -0.46 2.79 3.77
C LEU A 38 -1.66 2.35 2.94
N ILE A 39 -2.85 2.52 3.49
CA ILE A 39 -4.08 2.15 2.79
C ILE A 39 -4.79 3.39 2.24
N PRO A 40 -5.20 3.35 0.96
CA PRO A 40 -5.88 4.48 0.32
C PRO A 40 -7.25 4.77 0.93
N THR A 41 -7.25 5.53 2.02
CA THR A 41 -8.50 5.89 2.71
C THR A 41 -8.61 7.39 2.86
N GLU A 42 -9.83 7.87 3.14
CA GLU A 42 -10.07 9.30 3.30
C GLU A 42 -10.47 9.67 4.72
N GLU A 43 -10.15 8.79 5.64
CA GLU A 43 -10.46 9.00 7.05
C GLU A 43 -9.61 8.12 7.96
N VAL A 44 -9.63 8.42 9.25
CA VAL A 44 -8.87 7.68 10.24
C VAL A 44 -9.43 7.89 11.63
N VAL A 45 -9.66 9.14 11.98
CA VAL A 45 -10.20 9.50 13.28
C VAL A 45 -10.82 10.90 13.26
N GLU A 46 -11.98 11.04 13.89
CA GLU A 46 -12.67 12.33 13.94
C GLU A 46 -13.45 12.48 15.23
N LEU A 47 -13.80 13.72 15.57
CA LEU A 47 -14.55 14.01 16.79
C LEU A 47 -15.92 14.59 16.45
N ARG A 48 -16.97 13.95 16.97
CA ARG A 48 -18.33 14.40 16.72
C ARG A 48 -19.27 13.91 17.81
N GLU A 49 -20.56 14.22 17.67
CA GLU A 49 -21.56 13.82 18.66
C GLU A 49 -21.37 14.55 19.98
N GLY A 50 -20.27 14.24 20.67
CA GLY A 50 -19.98 14.88 21.94
C GLY A 50 -18.53 14.75 22.35
N GLY A 51 -18.30 14.28 23.57
CA GLY A 51 -16.94 14.12 24.05
C GLY A 51 -16.43 12.69 23.88
N LYS A 52 -16.91 12.01 22.85
CA LYS A 52 -16.50 10.64 22.57
C LYS A 52 -15.57 10.59 21.36
N LYS A 53 -14.69 9.58 21.34
CA LYS A 53 -13.76 9.41 20.24
C LYS A 53 -14.19 8.27 19.33
N GLU A 54 -14.39 8.59 18.05
CA GLU A 54 -14.81 7.60 17.07
C GLU A 54 -13.79 7.48 15.95
N VAL A 55 -13.60 6.26 15.46
CA VAL A 55 -12.65 6.01 14.38
C VAL A 55 -13.37 5.66 13.08
N VAL A 56 -12.92 6.25 11.98
CA VAL A 56 -13.52 6.00 10.68
C VAL A 56 -12.48 6.19 9.57
N ARG A 57 -12.68 5.49 8.45
CA ARG A 57 -11.77 5.57 7.32
C ARG A 57 -12.52 5.31 6.01
N LYS A 58 -12.38 6.22 5.05
CA LYS A 58 -13.03 6.07 3.77
C LYS A 58 -12.10 5.38 2.77
N LYS A 59 -12.41 5.48 1.49
CA LYS A 59 -11.58 4.86 0.46
C LYS A 59 -11.31 5.83 -0.69
N LEU A 60 -10.13 6.42 -0.69
CA LEU A 60 -9.75 7.36 -1.73
C LEU A 60 -9.38 6.62 -3.01
N PHE A 61 -8.84 5.42 -2.86
CA PHE A 61 -8.44 4.60 -4.01
C PHE A 61 -8.78 3.14 -3.75
N PRO A 62 -10.09 2.81 -3.70
CA PRO A 62 -10.54 1.43 -3.47
C PRO A 62 -9.98 0.46 -4.50
N GLY A 63 -9.25 -0.54 -4.02
CA GLY A 63 -8.66 -1.53 -4.90
C GLY A 63 -7.18 -1.30 -5.13
N TYR A 64 -6.56 -0.48 -4.28
CA TYR A 64 -5.13 -0.20 -4.41
C TYR A 64 -4.43 -0.24 -3.05
N LEU A 65 -3.13 -0.51 -3.07
CA LEU A 65 -2.34 -0.59 -1.84
C LEU A 65 -1.00 0.12 -2.04
N PHE A 66 -0.81 1.21 -1.30
CA PHE A 66 0.43 1.98 -1.39
C PHE A 66 1.56 1.32 -0.59
N ILE A 67 2.68 1.06 -1.26
CA ILE A 67 3.83 0.43 -0.62
C ILE A 67 5.12 1.14 -0.99
N GLN A 68 5.74 1.80 -0.01
CA GLN A 68 6.99 2.52 -0.24
C GLN A 68 8.18 1.56 -0.24
N MET A 69 8.31 0.79 -1.31
CA MET A 69 9.41 -0.16 -1.45
C MET A 69 10.61 0.47 -2.14
N ASP A 70 11.58 -0.36 -2.50
CA ASP A 70 12.78 0.12 -3.18
C ASP A 70 13.30 -0.92 -4.16
N LEU A 71 12.82 -0.86 -5.40
CA LEU A 71 13.23 -1.79 -6.43
C LEU A 71 14.54 -1.35 -7.08
N GLY A 72 14.62 -0.06 -7.41
CA GLY A 72 15.82 0.47 -8.04
C GLY A 72 15.72 0.53 -9.54
N ASP A 73 14.94 -0.39 -10.12
CA ASP A 73 14.77 -0.45 -11.57
C ASP A 73 13.29 -0.54 -11.94
N GLU A 74 12.98 -0.24 -13.19
CA GLU A 74 11.59 -0.28 -13.66
C GLU A 74 11.41 -1.42 -14.66
N GLU A 75 12.48 -1.76 -15.38
CA GLU A 75 12.42 -2.84 -16.36
C GLU A 75 12.00 -4.16 -15.72
N GLU A 76 12.63 -4.48 -14.60
CA GLU A 76 12.33 -5.71 -13.88
C GLU A 76 12.67 -5.57 -12.39
N PRO A 77 11.73 -5.95 -11.51
CA PRO A 77 11.94 -5.86 -10.05
C PRO A 77 12.81 -6.98 -9.52
N ASN A 78 13.09 -6.95 -8.23
CA ASN A 78 13.90 -7.97 -7.58
C ASN A 78 13.05 -9.13 -7.08
N GLU A 79 13.62 -9.95 -6.20
CA GLU A 79 12.91 -11.10 -5.65
C GLU A 79 11.63 -10.65 -4.96
N ALA A 80 11.62 -9.41 -4.48
CA ALA A 80 10.45 -8.86 -3.79
C ALA A 80 9.18 -9.05 -4.61
N TRP A 81 9.32 -8.96 -5.94
CA TRP A 81 8.18 -9.11 -6.83
C TRP A 81 7.65 -10.53 -6.78
N GLU A 82 8.54 -11.49 -6.58
CA GLU A 82 8.16 -12.90 -6.50
C GLU A 82 7.31 -13.16 -5.26
N VAL A 83 7.60 -12.41 -4.20
CA VAL A 83 6.86 -12.57 -2.95
C VAL A 83 5.45 -12.00 -3.06
N VAL A 84 5.34 -10.78 -3.57
CA VAL A 84 4.05 -10.14 -3.74
C VAL A 84 3.12 -10.97 -4.63
N ARG A 85 3.61 -11.31 -5.82
CA ARG A 85 2.83 -12.11 -6.76
C ARG A 85 2.45 -13.46 -6.15
N GLY A 86 3.29 -13.95 -5.24
CA GLY A 86 3.02 -15.22 -4.59
C GLY A 86 2.01 -15.10 -3.48
N THR A 87 1.94 -13.92 -2.86
CA THR A 87 1.01 -13.69 -1.76
C THR A 87 -0.43 -13.65 -2.28
N PRO A 88 -1.34 -14.40 -1.63
CA PRO A 88 -2.76 -14.44 -2.04
C PRO A 88 -3.37 -13.06 -2.12
N GLY A 89 -2.80 -12.10 -1.39
CA GLY A 89 -3.30 -10.75 -1.39
C GLY A 89 -3.36 -10.15 -2.79
N ILE A 90 -2.48 -10.63 -3.67
CA ILE A 90 -2.43 -10.13 -5.04
C ILE A 90 -3.33 -10.96 -5.96
N THR A 91 -4.02 -10.27 -6.86
CA THR A 91 -4.93 -10.95 -7.79
C THR A 91 -4.40 -10.80 -9.22
N GLY A 92 -3.83 -9.65 -9.52
CA GLY A 92 -3.30 -9.40 -10.85
C GLY A 92 -2.47 -8.13 -10.93
N PHE A 93 -3.00 -7.14 -11.63
CA PHE A 93 -2.30 -5.86 -11.78
C PHE A 93 -3.17 -4.86 -12.53
N VAL A 94 -2.67 -3.62 -12.64
CA VAL A 94 -3.42 -2.57 -13.32
C VAL A 94 -3.80 -2.97 -14.73
N GLY A 95 -2.85 -3.55 -15.47
CA GLY A 95 -3.12 -3.97 -16.83
C GLY A 95 -2.66 -2.95 -17.87
N ALA A 96 -2.70 -1.68 -17.50
CA ALA A 96 -2.28 -0.61 -18.40
C ALA A 96 -0.85 -0.81 -18.88
N GLY A 97 0.11 -0.47 -18.02
CA GLY A 97 1.51 -0.63 -18.39
C GLY A 97 2.33 -1.26 -17.28
N MET A 98 3.26 -2.14 -17.66
CA MET A 98 4.10 -2.82 -16.69
C MET A 98 3.27 -3.60 -15.68
N ARG A 99 3.94 -4.24 -14.74
CA ARG A 99 3.25 -5.03 -13.72
C ARG A 99 2.86 -4.16 -12.52
N PRO A 100 3.81 -3.37 -11.98
CA PRO A 100 3.56 -2.50 -10.84
C PRO A 100 2.85 -1.21 -11.24
N VAL A 101 2.68 -0.32 -10.28
CA VAL A 101 2.02 0.97 -10.54
C VAL A 101 2.54 2.04 -9.60
N PRO A 102 3.79 2.50 -9.82
CA PRO A 102 4.42 3.53 -8.99
C PRO A 102 3.70 4.88 -9.10
N LEU A 103 3.45 5.51 -7.95
CA LEU A 103 2.77 6.80 -7.91
C LEU A 103 3.78 7.94 -8.02
N SER A 104 3.28 9.15 -8.25
CA SER A 104 4.12 10.33 -8.37
C SER A 104 4.33 10.98 -7.01
N PRO A 105 5.51 11.60 -6.79
CA PRO A 105 5.83 12.27 -5.53
C PRO A 105 4.81 13.34 -5.16
N ASP A 106 4.24 13.98 -6.18
CA ASP A 106 3.24 15.01 -5.97
C ASP A 106 1.90 14.41 -5.53
N GLU A 107 1.66 13.17 -5.94
CA GLU A 107 0.41 12.49 -5.60
C GLU A 107 0.57 11.71 -4.30
N VAL A 108 1.76 11.18 -4.06
CA VAL A 108 2.03 10.42 -2.85
C VAL A 108 1.82 11.28 -1.60
N ARG A 109 2.24 12.52 -1.65
CA ARG A 109 2.09 13.44 -0.53
C ARG A 109 0.61 13.64 -0.18
N HIS A 110 -0.26 13.34 -1.14
CA HIS A 110 -1.70 13.50 -0.93
C HIS A 110 -2.28 12.28 -0.21
N ILE A 111 -1.87 11.09 -0.63
CA ILE A 111 -2.36 9.86 -0.02
C ILE A 111 -1.71 9.63 1.34
N LEU A 112 -0.56 10.28 1.57
CA LEU A 112 0.15 10.13 2.84
C LEU A 112 -0.41 11.10 3.87
N GLU A 113 -0.83 12.29 3.41
CA GLU A 113 -1.38 13.29 4.30
C GLU A 113 -2.78 12.90 4.76
N VAL A 114 -3.47 12.13 3.92
CA VAL A 114 -4.82 11.67 4.25
C VAL A 114 -4.79 10.35 5.01
N SER A 115 -3.78 9.53 4.72
CA SER A 115 -3.63 8.23 5.37
C SER A 115 -3.47 8.40 6.88
N GLY A 116 -2.38 9.04 7.29
CA GLY A 116 -2.14 9.24 8.71
C GLY A 116 -0.66 9.27 9.05
N LEU A 117 0.08 10.14 8.38
CA LEU A 117 1.51 10.26 8.64
C LEU A 117 1.92 11.73 8.73
N LEU A 118 1.48 12.53 7.76
CA LEU A 118 1.80 13.95 7.74
C LEU A 118 0.90 14.74 8.70
N GLY A 119 -0.06 14.05 9.32
CA GLY A 119 -0.95 14.72 10.25
C GLY A 119 -0.28 15.07 11.56
N SER A 1 17.10 6.68 -3.92
CA SER A 1 15.79 7.30 -4.21
C SER A 1 14.71 6.26 -4.46
N ILE A 2 14.04 5.84 -3.39
CA ILE A 2 12.98 4.83 -3.50
C ILE A 2 11.68 5.46 -3.98
N GLU A 3 10.63 4.66 -4.11
CA GLU A 3 9.35 5.16 -4.58
C GLU A 3 8.18 4.26 -4.15
N TRP A 4 6.97 4.80 -4.24
CA TRP A 4 5.76 4.07 -3.86
C TRP A 4 5.21 3.30 -5.05
N TYR A 5 4.94 2.02 -4.84
CA TYR A 5 4.40 1.16 -5.88
C TYR A 5 2.96 0.74 -5.54
N ALA A 6 2.00 1.30 -6.27
CA ALA A 6 0.60 1.00 -6.03
C ALA A 6 0.16 -0.24 -6.81
N VAL A 7 -0.61 -1.09 -6.15
CA VAL A 7 -1.12 -2.31 -6.77
C VAL A 7 -2.63 -2.45 -6.54
N HIS A 8 -3.29 -3.23 -7.38
CA HIS A 8 -4.73 -3.43 -7.26
C HIS A 8 -5.03 -4.80 -6.68
N THR A 9 -5.94 -4.83 -5.69
CA THR A 9 -6.31 -6.08 -5.05
C THR A 9 -7.84 -6.25 -5.05
N LEU A 10 -8.31 -7.29 -4.36
CA LEU A 10 -9.75 -7.55 -4.28
C LEU A 10 -10.43 -6.56 -3.35
N VAL A 11 -11.53 -5.98 -3.81
CA VAL A 11 -12.28 -5.01 -3.02
C VAL A 11 -12.76 -5.62 -1.71
N GLY A 12 -12.25 -5.10 -0.60
CA GLY A 12 -12.63 -5.61 0.71
C GLY A 12 -11.65 -6.64 1.24
N GLN A 13 -10.98 -7.35 0.34
CA GLN A 13 -10.01 -8.35 0.73
C GLN A 13 -8.64 -7.72 1.04
N GLU A 14 -8.43 -6.51 0.52
CA GLU A 14 -7.17 -5.80 0.74
C GLU A 14 -6.85 -5.70 2.22
N GLU A 15 -7.88 -5.60 3.05
CA GLU A 15 -7.70 -5.50 4.49
C GLU A 15 -6.90 -6.69 5.03
N LYS A 16 -7.16 -7.86 4.48
CA LYS A 16 -6.47 -9.07 4.89
C LYS A 16 -5.20 -9.29 4.06
N ALA A 17 -5.18 -8.72 2.86
CA ALA A 17 -4.02 -8.85 1.98
C ALA A 17 -2.75 -8.33 2.64
N LYS A 18 -2.82 -7.10 3.16
CA LYS A 18 -1.67 -6.48 3.82
C LYS A 18 -1.07 -7.42 4.87
N ALA A 19 -1.93 -8.09 5.63
CA ALA A 19 -1.48 -9.01 6.65
C ALA A 19 -0.78 -10.22 6.04
N ASN A 20 -1.24 -10.62 4.86
CA ASN A 20 -0.66 -11.77 4.17
C ASN A 20 0.78 -11.48 3.76
N LEU A 21 1.04 -10.23 3.37
CA LEU A 21 2.37 -9.82 2.95
C LEU A 21 3.26 -9.56 4.16
N GLU A 22 2.80 -8.71 5.06
CA GLU A 22 3.58 -8.37 6.26
C GLU A 22 4.18 -9.61 6.91
N LYS A 23 3.49 -10.74 6.79
CA LYS A 23 3.96 -11.99 7.36
C LYS A 23 4.98 -12.64 6.43
N ARG A 24 4.76 -12.51 5.13
CA ARG A 24 5.67 -13.09 4.14
C ARG A 24 6.89 -12.20 3.95
N ILE A 25 6.74 -10.91 4.24
CA ILE A 25 7.83 -9.96 4.11
C ILE A 25 8.77 -10.03 5.32
N LYS A 26 8.20 -10.40 6.46
CA LYS A 26 8.98 -10.51 7.70
C LYS A 26 9.54 -11.93 7.86
N ALA A 27 8.80 -12.91 7.36
CA ALA A 27 9.21 -14.30 7.45
C ALA A 27 10.38 -14.60 6.51
N PHE A 28 10.29 -14.08 5.29
CA PHE A 28 11.34 -14.30 4.29
C PHE A 28 12.51 -13.34 4.52
N GLY A 29 12.22 -12.18 5.11
CA GLY A 29 13.27 -11.21 5.38
C GLY A 29 13.48 -10.26 4.21
N LEU A 30 12.43 -9.55 3.83
CA LEU A 30 12.51 -8.60 2.72
C LEU A 30 12.31 -7.17 3.21
N GLN A 31 12.74 -6.91 4.45
CA GLN A 31 12.60 -5.59 5.04
C GLN A 31 13.61 -4.60 4.41
N ASP A 32 14.55 -5.14 3.65
CA ASP A 32 15.56 -4.30 3.01
C ASP A 32 15.01 -3.64 1.75
N LYS A 33 13.99 -4.25 1.15
CA LYS A 33 13.37 -3.72 -0.05
C LYS A 33 12.20 -2.81 0.29
N ILE A 34 11.18 -3.40 0.93
CA ILE A 34 10.00 -2.63 1.31
C ILE A 34 10.25 -1.84 2.59
N PHE A 35 10.28 -0.52 2.46
CA PHE A 35 10.52 0.36 3.60
C PHE A 35 9.22 0.93 4.14
N GLN A 36 8.49 1.64 3.28
CA GLN A 36 7.23 2.25 3.69
C GLN A 36 6.04 1.55 3.04
N VAL A 37 4.93 1.49 3.77
CA VAL A 37 3.72 0.86 3.28
C VAL A 37 2.49 1.46 3.96
N LEU A 38 1.61 2.07 3.17
CA LEU A 38 0.41 2.70 3.70
C LEU A 38 -0.83 2.19 2.98
N ILE A 39 -1.98 2.29 3.65
CA ILE A 39 -3.25 1.85 3.09
C ILE A 39 -4.11 3.05 2.70
N PRO A 40 -4.54 3.13 1.43
CA PRO A 40 -5.37 4.24 0.94
C PRO A 40 -6.74 4.30 1.62
N THR A 41 -6.73 4.66 2.90
CA THR A 41 -7.97 4.76 3.66
C THR A 41 -7.91 5.95 4.61
N GLU A 42 -8.97 6.76 4.61
CA GLU A 42 -9.04 7.93 5.48
C GLU A 42 -9.42 7.55 6.90
N GLU A 43 -9.23 8.49 7.82
CA GLU A 43 -9.55 8.26 9.23
C GLU A 43 -10.07 9.53 9.89
N VAL A 44 -11.36 9.54 10.21
CA VAL A 44 -11.99 10.69 10.83
C VAL A 44 -13.19 10.28 11.68
N VAL A 45 -13.60 11.15 12.59
CA VAL A 45 -14.74 10.88 13.45
C VAL A 45 -16.06 11.25 12.76
N GLU A 46 -17.07 10.41 12.93
CA GLU A 46 -18.37 10.66 12.31
C GLU A 46 -19.41 11.02 13.36
N LEU A 47 -19.45 10.24 14.44
CA LEU A 47 -20.41 10.48 15.52
C LEU A 47 -19.82 10.08 16.87
N ARG A 48 -20.69 9.91 17.87
CA ARG A 48 -20.27 9.53 19.20
C ARG A 48 -21.18 8.46 19.78
N GLU A 49 -22.49 8.71 19.73
CA GLU A 49 -23.47 7.78 20.25
C GLU A 49 -23.20 7.44 21.70
N GLY A 50 -22.55 8.37 22.41
CA GLY A 50 -22.24 8.16 23.81
C GLY A 50 -20.87 7.56 24.00
N GLY A 51 -20.55 6.53 23.22
CA GLY A 51 -19.25 5.88 23.33
C GLY A 51 -19.14 4.66 22.43
N LYS A 52 -19.60 4.79 21.19
CA LYS A 52 -19.55 3.69 20.24
C LYS A 52 -19.35 4.21 18.82
N LYS A 53 -18.74 5.37 18.73
CA LYS A 53 -18.47 6.01 17.45
C LYS A 53 -17.37 7.05 17.60
N GLU A 54 -16.23 6.80 16.96
CA GLU A 54 -15.10 7.72 17.03
C GLU A 54 -14.12 7.49 15.87
N VAL A 55 -13.84 6.23 15.60
CA VAL A 55 -12.91 5.87 14.52
C VAL A 55 -13.65 5.40 13.28
N VAL A 56 -13.50 6.15 12.19
CA VAL A 56 -14.15 5.80 10.93
C VAL A 56 -13.12 5.68 9.81
N ARG A 57 -13.48 4.94 8.76
CA ARG A 57 -12.57 4.74 7.63
C ARG A 57 -13.28 5.00 6.30
N LYS A 58 -12.64 5.81 5.46
CA LYS A 58 -13.20 6.13 4.15
C LYS A 58 -12.21 5.79 3.05
N LYS A 59 -12.39 4.60 2.45
CA LYS A 59 -11.51 4.14 1.39
C LYS A 59 -11.37 5.19 0.29
N LEU A 60 -10.14 5.64 0.07
CA LEU A 60 -9.86 6.65 -0.95
C LEU A 60 -9.54 5.98 -2.29
N PHE A 61 -8.71 4.94 -2.25
CA PHE A 61 -8.33 4.22 -3.46
C PHE A 61 -8.85 2.79 -3.41
N PRO A 62 -10.06 2.55 -3.95
CA PRO A 62 -10.68 1.21 -3.97
C PRO A 62 -9.70 0.12 -4.39
N GLY A 63 -9.45 -0.83 -3.49
CA GLY A 63 -8.55 -1.93 -3.79
C GLY A 63 -7.18 -1.46 -4.24
N TYR A 64 -6.55 -0.61 -3.44
CA TYR A 64 -5.23 -0.10 -3.76
C TYR A 64 -4.30 -0.20 -2.55
N LEU A 65 -3.01 -0.39 -2.80
CA LEU A 65 -2.02 -0.50 -1.73
C LEU A 65 -0.70 0.16 -2.14
N PHE A 66 -0.31 1.18 -1.40
CA PHE A 66 0.93 1.90 -1.68
C PHE A 66 2.11 1.24 -0.96
N ILE A 67 3.20 1.06 -1.69
CA ILE A 67 4.40 0.44 -1.12
C ILE A 67 5.65 1.19 -1.53
N GLN A 68 6.30 1.84 -0.55
CA GLN A 68 7.52 2.59 -0.81
C GLN A 68 8.72 1.66 -0.90
N MET A 69 8.73 0.82 -1.94
CA MET A 69 9.80 -0.13 -2.16
C MET A 69 10.91 0.47 -3.03
N ASP A 70 11.83 -0.38 -3.48
CA ASP A 70 12.93 0.06 -4.33
C ASP A 70 13.29 -1.02 -5.35
N LEU A 71 12.97 -0.76 -6.62
CA LEU A 71 13.26 -1.72 -7.68
C LEU A 71 14.71 -1.62 -8.11
N GLY A 72 15.07 -0.49 -8.73
CA GLY A 72 16.44 -0.30 -9.19
C GLY A 72 16.66 -0.79 -10.60
N ASP A 73 16.56 -2.11 -10.79
CA ASP A 73 16.75 -2.70 -12.11
C ASP A 73 15.50 -2.51 -12.98
N GLU A 74 15.68 -2.59 -14.29
CA GLU A 74 14.58 -2.42 -15.22
C GLU A 74 14.24 -3.75 -15.91
N GLU A 75 15.23 -4.61 -16.08
CA GLU A 75 15.03 -5.90 -16.71
C GLU A 75 14.19 -6.81 -15.84
N GLU A 76 14.74 -7.20 -14.70
CA GLU A 76 14.04 -8.08 -13.77
C GLU A 76 13.90 -7.42 -12.39
N PRO A 77 12.73 -7.54 -11.75
CA PRO A 77 12.48 -6.95 -10.44
C PRO A 77 13.18 -7.72 -9.31
N ASN A 78 13.25 -7.10 -8.13
CA ASN A 78 13.88 -7.73 -6.98
C ASN A 78 13.03 -8.88 -6.45
N GLU A 79 13.57 -9.61 -5.49
CA GLU A 79 12.86 -10.74 -4.88
C GLU A 79 11.55 -10.29 -4.26
N ALA A 80 11.48 -9.02 -3.88
CA ALA A 80 10.27 -8.46 -3.28
C ALA A 80 9.05 -8.69 -4.16
N TRP A 81 9.16 -8.35 -5.44
CA TRP A 81 8.07 -8.52 -6.38
C TRP A 81 7.64 -9.98 -6.46
N GLU A 82 8.62 -10.88 -6.48
CA GLU A 82 8.35 -12.31 -6.55
C GLU A 82 7.52 -12.76 -5.35
N VAL A 83 7.70 -12.10 -4.22
CA VAL A 83 6.97 -12.43 -3.01
C VAL A 83 5.61 -11.77 -2.99
N VAL A 84 5.59 -10.45 -3.20
CA VAL A 84 4.34 -9.69 -3.20
C VAL A 84 3.43 -10.16 -4.33
N ARG A 85 3.98 -10.26 -5.53
CA ARG A 85 3.21 -10.71 -6.69
C ARG A 85 2.86 -12.19 -6.59
N GLY A 86 3.49 -12.90 -5.65
CA GLY A 86 3.22 -14.30 -5.48
C GLY A 86 2.36 -14.60 -4.27
N THR A 87 2.25 -13.65 -3.36
CA THR A 87 1.45 -13.82 -2.16
C THR A 87 0.01 -14.17 -2.51
N PRO A 88 -0.66 -14.98 -1.65
CA PRO A 88 -2.05 -15.39 -1.87
C PRO A 88 -3.02 -14.22 -1.75
N GLY A 89 -3.59 -13.80 -2.89
CA GLY A 89 -4.52 -12.69 -2.88
C GLY A 89 -4.04 -11.52 -3.71
N ILE A 90 -2.97 -11.72 -4.46
CA ILE A 90 -2.41 -10.66 -5.30
C ILE A 90 -2.53 -11.00 -6.78
N THR A 91 -2.84 -10.01 -7.60
CA THR A 91 -2.99 -10.21 -9.04
C THR A 91 -2.42 -9.04 -9.84
N GLY A 92 -1.61 -8.21 -9.18
CA GLY A 92 -1.03 -7.06 -9.85
C GLY A 92 -2.07 -6.10 -10.38
N PHE A 93 -2.61 -6.40 -11.56
CA PHE A 93 -3.64 -5.57 -12.18
C PHE A 93 -3.10 -4.19 -12.57
N VAL A 94 -1.77 -4.05 -12.56
CA VAL A 94 -1.15 -2.78 -12.93
C VAL A 94 -0.86 -2.74 -14.42
N GLY A 95 -1.93 -2.75 -15.22
CA GLY A 95 -1.76 -2.71 -16.67
C GLY A 95 -1.21 -1.39 -17.17
N ALA A 96 -1.17 -0.39 -16.30
CA ALA A 96 -0.67 0.93 -16.68
C ALA A 96 0.84 0.88 -16.91
N GLY A 97 1.24 0.17 -17.96
CA GLY A 97 2.66 0.06 -18.28
C GLY A 97 3.24 -1.28 -17.89
N MET A 98 2.39 -2.30 -17.79
CA MET A 98 2.82 -3.64 -17.41
C MET A 98 3.40 -3.65 -16.00
N ARG A 99 4.65 -3.23 -15.88
CA ARG A 99 5.32 -3.20 -14.58
C ARG A 99 4.54 -2.33 -13.59
N PRO A 100 4.80 -2.51 -12.28
CA PRO A 100 4.13 -1.73 -11.23
C PRO A 100 4.00 -0.26 -11.58
N VAL A 101 2.86 0.33 -11.22
CA VAL A 101 2.60 1.73 -11.51
C VAL A 101 2.85 2.60 -10.27
N PRO A 102 3.99 3.30 -10.22
CA PRO A 102 4.35 4.16 -9.10
C PRO A 102 3.60 5.50 -9.14
N LEU A 103 3.34 6.07 -7.97
CA LEU A 103 2.64 7.35 -7.89
C LEU A 103 3.61 8.51 -7.92
N SER A 104 3.13 9.66 -8.37
CA SER A 104 3.97 10.86 -8.45
C SER A 104 4.07 11.54 -7.10
N PRO A 105 5.09 12.41 -6.90
CA PRO A 105 5.29 13.13 -5.65
C PRO A 105 4.07 13.98 -5.27
N ASP A 106 3.30 14.39 -6.27
CA ASP A 106 2.12 15.22 -6.04
C ASP A 106 0.98 14.37 -5.48
N GLU A 107 0.94 13.10 -5.88
CA GLU A 107 -0.09 12.19 -5.42
C GLU A 107 0.32 11.50 -4.12
N VAL A 108 1.62 11.22 -4.00
CA VAL A 108 2.15 10.57 -2.82
C VAL A 108 1.86 11.39 -1.56
N ARG A 109 2.16 12.68 -1.62
CA ARG A 109 1.93 13.57 -0.49
C ARG A 109 0.45 13.67 -0.15
N HIS A 110 -0.40 13.42 -1.15
CA HIS A 110 -1.84 13.48 -0.95
C HIS A 110 -2.36 12.20 -0.32
N ILE A 111 -1.80 11.06 -0.74
CA ILE A 111 -2.23 9.78 -0.19
C ILE A 111 -1.61 9.53 1.18
N LEU A 112 -0.45 10.14 1.43
CA LEU A 112 0.22 9.99 2.71
C LEU A 112 -0.37 10.94 3.75
N GLU A 113 -0.93 12.05 3.29
CA GLU A 113 -1.54 13.03 4.18
C GLU A 113 -2.83 12.49 4.79
N VAL A 114 -3.51 11.63 4.04
CA VAL A 114 -4.76 11.04 4.50
C VAL A 114 -4.50 9.84 5.41
N SER A 115 -3.48 9.06 5.07
CA SER A 115 -3.12 7.88 5.86
C SER A 115 -2.79 8.26 7.30
N GLY A 116 -1.74 9.06 7.46
CA GLY A 116 -1.34 9.48 8.79
C GLY A 116 0.14 9.81 8.87
N LEU A 117 0.65 10.55 7.89
CA LEU A 117 2.05 10.93 7.86
C LEU A 117 2.21 12.44 7.69
N LEU A 118 1.58 12.98 6.64
CA LEU A 118 1.64 14.40 6.36
C LEU A 118 0.53 15.15 7.09
N GLY A 119 -0.60 14.49 7.28
CA GLY A 119 -1.72 15.11 7.96
C GLY A 119 -2.63 14.09 8.61
N SER A 1 16.57 7.49 -1.02
CA SER A 1 15.33 7.77 -1.78
C SER A 1 14.64 6.49 -2.23
N ILE A 2 13.32 6.47 -2.12
CA ILE A 2 12.54 5.29 -2.51
C ILE A 2 11.27 5.70 -3.24
N GLU A 3 10.40 4.74 -3.53
CA GLU A 3 9.16 5.02 -4.25
C GLU A 3 7.99 4.20 -3.71
N TRP A 4 6.78 4.66 -3.98
CA TRP A 4 5.57 3.97 -3.54
C TRP A 4 4.96 3.17 -4.68
N TYR A 5 5.02 1.84 -4.58
CA TYR A 5 4.45 0.98 -5.61
C TYR A 5 3.03 0.56 -5.25
N ALA A 6 2.10 0.83 -6.16
CA ALA A 6 0.70 0.49 -5.94
C ALA A 6 0.32 -0.80 -6.65
N VAL A 7 -0.54 -1.59 -6.01
CA VAL A 7 -1.00 -2.86 -6.59
C VAL A 7 -2.48 -3.08 -6.32
N HIS A 8 -3.09 -3.98 -7.08
CA HIS A 8 -4.51 -4.28 -6.93
C HIS A 8 -4.73 -5.36 -5.86
N THR A 9 -5.94 -5.37 -5.29
CA THR A 9 -6.30 -6.33 -4.27
C THR A 9 -7.78 -6.70 -4.36
N LEU A 10 -8.23 -7.53 -3.43
CA LEU A 10 -9.63 -7.95 -3.40
C LEU A 10 -10.49 -6.93 -2.67
N VAL A 11 -11.57 -6.50 -3.32
CA VAL A 11 -12.47 -5.51 -2.75
C VAL A 11 -13.07 -6.03 -1.44
N GLY A 12 -12.54 -5.53 -0.33
CA GLY A 12 -13.04 -5.95 0.97
C GLY A 12 -12.02 -6.78 1.75
N GLN A 13 -11.02 -7.31 1.03
CA GLN A 13 -9.99 -8.13 1.66
C GLN A 13 -8.63 -7.44 1.61
N GLU A 14 -8.60 -6.22 1.07
CA GLU A 14 -7.36 -5.46 0.98
C GLU A 14 -6.69 -5.32 2.34
N GLU A 15 -7.49 -5.00 3.36
CA GLU A 15 -6.97 -4.83 4.71
C GLU A 15 -6.21 -6.07 5.16
N LYS A 16 -6.90 -7.20 5.22
CA LYS A 16 -6.28 -8.46 5.63
C LYS A 16 -5.23 -8.91 4.62
N ALA A 17 -5.35 -8.43 3.38
CA ALA A 17 -4.42 -8.79 2.32
C ALA A 17 -2.99 -8.38 2.70
N LYS A 18 -2.84 -7.15 3.17
CA LYS A 18 -1.53 -6.64 3.56
C LYS A 18 -0.88 -7.54 4.60
N ALA A 19 -1.69 -8.02 5.55
CA ALA A 19 -1.19 -8.89 6.60
C ALA A 19 -0.61 -10.18 6.02
N ASN A 20 -1.23 -10.68 4.96
CA ASN A 20 -0.79 -11.91 4.31
C ASN A 20 0.60 -11.71 3.69
N LEU A 21 0.87 -10.49 3.25
CA LEU A 21 2.16 -10.17 2.63
C LEU A 21 3.20 -9.85 3.70
N GLU A 22 2.94 -8.82 4.49
CA GLU A 22 3.85 -8.39 5.55
C GLU A 22 4.51 -9.59 6.24
N LYS A 23 3.77 -10.69 6.36
CA LYS A 23 4.30 -11.89 6.99
C LYS A 23 5.30 -12.57 6.07
N ARG A 24 4.90 -12.80 4.83
CA ARG A 24 5.77 -13.44 3.85
C ARG A 24 6.91 -12.50 3.47
N ILE A 25 6.69 -11.19 3.63
CA ILE A 25 7.70 -10.20 3.31
C ILE A 25 8.80 -10.20 4.36
N LYS A 26 8.44 -10.53 5.59
CA LYS A 26 9.41 -10.58 6.69
C LYS A 26 9.97 -11.98 6.86
N ALA A 27 9.14 -12.97 6.58
CA ALA A 27 9.55 -14.37 6.71
C ALA A 27 10.53 -14.75 5.60
N PHE A 28 10.41 -14.09 4.45
CA PHE A 28 11.28 -14.36 3.31
C PHE A 28 12.62 -13.64 3.47
N GLY A 29 12.56 -12.41 3.98
CA GLY A 29 13.77 -11.63 4.18
C GLY A 29 14.00 -10.60 3.10
N LEU A 30 13.14 -9.58 3.07
CA LEU A 30 13.26 -8.51 2.08
C LEU A 30 12.84 -7.17 2.68
N GLN A 31 13.13 -6.99 3.97
CA GLN A 31 12.79 -5.76 4.66
C GLN A 31 13.60 -4.58 4.12
N ASP A 32 14.64 -4.87 3.35
CA ASP A 32 15.49 -3.83 2.78
C ASP A 32 14.83 -3.21 1.55
N LYS A 33 13.92 -3.95 0.93
CA LYS A 33 13.21 -3.47 -0.25
C LYS A 33 12.02 -2.62 0.15
N ILE A 34 11.20 -3.14 1.06
CA ILE A 34 10.01 -2.43 1.53
C ILE A 34 10.32 -1.69 2.82
N PHE A 35 9.63 -0.56 3.04
CA PHE A 35 9.84 0.24 4.24
C PHE A 35 8.51 0.78 4.78
N GLN A 36 7.70 1.34 3.88
CA GLN A 36 6.41 1.90 4.28
C GLN A 36 5.25 1.19 3.60
N VAL A 37 4.08 1.29 4.21
CA VAL A 37 2.87 0.66 3.70
C VAL A 37 1.63 1.37 4.21
N LEU A 38 1.03 2.20 3.36
CA LEU A 38 -0.17 2.96 3.75
C LEU A 38 -1.38 2.49 2.96
N ILE A 39 -2.56 2.65 3.55
CA ILE A 39 -3.81 2.26 2.90
C ILE A 39 -4.50 3.47 2.27
N PRO A 40 -4.84 3.38 0.97
CA PRO A 40 -5.50 4.48 0.26
C PRO A 40 -6.87 4.81 0.85
N THR A 41 -6.88 5.54 1.95
CA THR A 41 -8.11 5.94 2.61
C THR A 41 -8.00 7.33 3.21
N GLU A 42 -9.13 7.90 3.60
CA GLU A 42 -9.17 9.23 4.19
C GLU A 42 -9.82 9.20 5.56
N GLU A 43 -9.02 9.35 6.61
CA GLU A 43 -9.52 9.35 7.98
C GLU A 43 -9.78 10.76 8.47
N VAL A 44 -10.90 10.95 9.15
CA VAL A 44 -11.27 12.26 9.68
C VAL A 44 -12.22 12.13 10.87
N VAL A 45 -12.07 13.01 11.85
CA VAL A 45 -12.92 12.99 13.02
C VAL A 45 -13.33 14.40 13.44
N GLU A 46 -14.37 14.49 14.27
CA GLU A 46 -14.86 15.78 14.74
C GLU A 46 -14.92 15.81 16.27
N LEU A 47 -14.50 16.92 16.86
CA LEU A 47 -14.51 17.07 18.31
C LEU A 47 -15.51 18.14 18.73
N ARG A 48 -16.75 17.72 18.96
CA ARG A 48 -17.81 18.64 19.37
C ARG A 48 -17.91 18.70 20.89
N GLU A 49 -18.35 19.84 21.40
CA GLU A 49 -18.50 20.02 22.85
C GLU A 49 -19.83 19.45 23.33
N GLY A 50 -19.75 18.37 24.10
CA GLY A 50 -20.95 17.74 24.62
C GLY A 50 -20.68 16.36 25.18
N GLY A 51 -19.76 15.64 24.56
CA GLY A 51 -19.44 14.30 25.02
C GLY A 51 -19.68 13.25 23.95
N LYS A 52 -19.34 13.58 22.71
CA LYS A 52 -19.53 12.66 21.59
C LYS A 52 -18.31 12.65 20.68
N LYS A 53 -18.21 11.61 19.85
CA LYS A 53 -17.09 11.49 18.92
C LYS A 53 -17.48 10.66 17.70
N GLU A 54 -17.30 11.24 16.52
CA GLU A 54 -17.64 10.56 15.27
C GLU A 54 -16.39 10.29 14.45
N VAL A 55 -16.09 9.01 14.23
CA VAL A 55 -14.92 8.61 13.45
C VAL A 55 -15.33 7.99 12.13
N VAL A 56 -15.11 8.72 11.04
CA VAL A 56 -15.45 8.24 9.70
C VAL A 56 -14.23 8.23 8.78
N ARG A 57 -14.11 7.18 7.99
CA ARG A 57 -12.99 7.05 7.06
C ARG A 57 -13.38 6.23 5.84
N LYS A 58 -13.19 6.81 4.67
CA LYS A 58 -13.53 6.13 3.41
C LYS A 58 -12.26 5.82 2.62
N LYS A 59 -12.42 5.06 1.53
CA LYS A 59 -11.30 4.69 0.69
C LYS A 59 -11.22 5.57 -0.55
N LEU A 60 -10.10 6.27 -0.70
CA LEU A 60 -9.90 7.15 -1.85
C LEU A 60 -9.57 6.33 -3.09
N PHE A 61 -8.68 5.36 -2.94
CA PHE A 61 -8.27 4.49 -4.03
C PHE A 61 -8.62 3.03 -3.72
N PRO A 62 -9.93 2.70 -3.72
CA PRO A 62 -10.40 1.34 -3.43
C PRO A 62 -9.77 0.30 -4.36
N GLY A 63 -9.41 -0.84 -3.79
CA GLY A 63 -8.81 -1.90 -4.57
C GLY A 63 -7.33 -1.67 -4.85
N TYR A 64 -6.73 -0.73 -4.11
CA TYR A 64 -5.31 -0.42 -4.28
C TYR A 64 -4.60 -0.34 -2.93
N LEU A 65 -3.28 -0.46 -2.96
CA LEU A 65 -2.46 -0.39 -1.75
C LEU A 65 -1.14 0.29 -2.04
N PHE A 66 -0.77 1.26 -1.21
CA PHE A 66 0.47 1.99 -1.39
C PHE A 66 1.60 1.37 -0.57
N ILE A 67 2.68 1.01 -1.26
CA ILE A 67 3.83 0.40 -0.60
C ILE A 67 5.11 1.17 -0.95
N GLN A 68 5.73 1.76 0.07
CA GLN A 68 6.96 2.52 -0.14
C GLN A 68 8.16 1.60 -0.24
N MET A 69 8.24 0.87 -1.35
CA MET A 69 9.34 -0.05 -1.59
C MET A 69 10.47 0.64 -2.35
N ASP A 70 11.41 -0.14 -2.88
CA ASP A 70 12.53 0.41 -3.62
C ASP A 70 13.16 -0.66 -4.51
N LEU A 71 12.76 -0.69 -5.78
CA LEU A 71 13.30 -1.66 -6.73
C LEU A 71 14.62 -1.18 -7.30
N GLY A 72 14.78 0.14 -7.40
CA GLY A 72 16.01 0.71 -7.93
C GLY A 72 16.06 0.67 -9.44
N ASP A 73 16.05 -0.54 -10.00
CA ASP A 73 16.10 -0.70 -11.45
C ASP A 73 14.68 -0.80 -12.03
N GLU A 74 14.51 -0.29 -13.24
CA GLU A 74 13.21 -0.32 -13.91
C GLU A 74 13.08 -1.55 -14.78
N GLU A 75 14.20 -2.08 -15.25
CA GLU A 75 14.20 -3.26 -16.10
C GLU A 75 13.52 -4.43 -15.41
N GLU A 76 14.22 -5.07 -14.49
CA GLU A 76 13.68 -6.21 -13.76
C GLU A 76 13.61 -5.90 -12.26
N PRO A 77 12.40 -5.98 -11.66
CA PRO A 77 12.21 -5.71 -10.23
C PRO A 77 13.12 -6.56 -9.35
N ASN A 78 13.05 -6.34 -8.05
CA ASN A 78 13.87 -7.09 -7.10
C ASN A 78 13.13 -8.34 -6.63
N GLU A 79 13.68 -9.00 -5.61
CA GLU A 79 13.09 -10.21 -5.05
C GLU A 79 11.76 -9.89 -4.38
N ALA A 80 11.64 -8.66 -3.86
CA ALA A 80 10.43 -8.23 -3.19
C ALA A 80 9.19 -8.45 -4.05
N TRP A 81 9.38 -8.43 -5.37
CA TRP A 81 8.29 -8.63 -6.30
C TRP A 81 7.95 -10.12 -6.43
N GLU A 82 8.96 -10.96 -6.33
CA GLU A 82 8.78 -12.41 -6.44
C GLU A 82 7.87 -12.92 -5.33
N VAL A 83 7.89 -12.24 -4.19
CA VAL A 83 7.07 -12.63 -3.05
C VAL A 83 5.66 -12.08 -3.17
N VAL A 84 5.55 -10.84 -3.64
CA VAL A 84 4.25 -10.20 -3.81
C VAL A 84 3.43 -10.88 -4.91
N ARG A 85 4.08 -11.15 -6.03
CA ARG A 85 3.41 -11.79 -7.16
C ARG A 85 2.98 -13.23 -6.80
N GLY A 86 3.54 -13.76 -5.72
CA GLY A 86 3.21 -15.12 -5.31
C GLY A 86 2.36 -15.16 -4.06
N THR A 87 2.34 -14.07 -3.30
CA THR A 87 1.55 -14.00 -2.07
C THR A 87 0.07 -14.23 -2.36
N PRO A 88 -0.60 -15.08 -1.56
CA PRO A 88 -2.03 -15.37 -1.74
C PRO A 88 -2.90 -14.13 -1.67
N GLY A 89 -2.45 -13.14 -0.89
CA GLY A 89 -3.20 -11.90 -0.75
C GLY A 89 -3.47 -11.23 -2.08
N ILE A 90 -2.53 -11.37 -3.03
CA ILE A 90 -2.69 -10.78 -4.35
C ILE A 90 -3.60 -11.62 -5.23
N THR A 91 -4.62 -10.99 -5.80
CA THR A 91 -5.56 -11.69 -6.66
C THR A 91 -5.94 -10.81 -7.86
N GLY A 92 -5.00 -9.99 -8.31
CA GLY A 92 -5.24 -9.11 -9.43
C GLY A 92 -4.14 -8.10 -9.63
N PHE A 93 -4.14 -7.45 -10.80
CA PHE A 93 -3.12 -6.44 -11.11
C PHE A 93 -3.58 -5.55 -12.25
N VAL A 94 -2.75 -4.58 -12.61
CA VAL A 94 -3.06 -3.66 -13.69
C VAL A 94 -3.12 -4.38 -15.03
N GLY A 95 -1.97 -4.86 -15.49
CA GLY A 95 -1.92 -5.57 -16.75
C GLY A 95 -1.21 -4.78 -17.84
N ALA A 96 -1.68 -4.92 -19.07
CA ALA A 96 -1.09 -4.21 -20.20
C ALA A 96 0.36 -4.64 -20.43
N GLY A 97 1.26 -4.06 -19.65
CA GLY A 97 2.67 -4.38 -19.77
C GLY A 97 3.47 -3.98 -18.57
N MET A 98 2.82 -3.91 -17.41
CA MET A 98 3.48 -3.53 -16.17
C MET A 98 2.50 -3.52 -15.00
N ARG A 99 2.50 -4.60 -14.22
CA ARG A 99 1.60 -4.71 -13.08
C ARG A 99 1.81 -3.56 -12.09
N PRO A 100 3.06 -3.34 -11.65
CA PRO A 100 3.38 -2.26 -10.70
C PRO A 100 3.13 -0.88 -11.29
N VAL A 101 2.74 0.06 -10.44
CA VAL A 101 2.48 1.43 -10.88
C VAL A 101 2.89 2.44 -9.80
N PRO A 102 4.16 2.89 -9.85
CA PRO A 102 4.68 3.87 -8.89
C PRO A 102 4.04 5.24 -9.06
N LEU A 103 3.62 5.83 -7.95
CA LEU A 103 3.00 7.15 -7.98
C LEU A 103 4.05 8.26 -7.95
N SER A 104 3.66 9.46 -8.39
CA SER A 104 4.57 10.59 -8.42
C SER A 104 4.66 11.25 -7.05
N PRO A 105 5.73 12.02 -6.80
CA PRO A 105 5.94 12.71 -5.52
C PRO A 105 4.81 13.69 -5.20
N ASP A 106 4.13 14.17 -6.24
CA ASP A 106 3.03 15.12 -6.06
C ASP A 106 1.79 14.41 -5.53
N GLU A 107 1.57 13.19 -6.00
CA GLU A 107 0.41 12.41 -5.56
C GLU A 107 0.71 11.65 -4.29
N VAL A 108 1.94 11.15 -4.18
CA VAL A 108 2.36 10.39 -3.01
C VAL A 108 2.23 11.23 -1.74
N ARG A 109 2.54 12.51 -1.84
CA ARG A 109 2.43 13.40 -0.70
C ARG A 109 0.97 13.62 -0.30
N HIS A 110 0.08 13.46 -1.27
CA HIS A 110 -1.35 13.63 -1.03
C HIS A 110 -1.91 12.44 -0.25
N ILE A 111 -1.63 11.23 -0.75
CA ILE A 111 -2.10 10.02 -0.10
C ILE A 111 -1.41 9.82 1.25
N LEU A 112 -0.29 10.53 1.46
CA LEU A 112 0.46 10.44 2.70
C LEU A 112 -0.20 11.27 3.78
N GLU A 113 -0.66 12.46 3.41
CA GLU A 113 -1.31 13.36 4.36
C GLU A 113 -2.75 12.91 4.64
N VAL A 114 -3.39 12.33 3.62
CA VAL A 114 -4.75 11.86 3.76
C VAL A 114 -4.81 10.59 4.59
N SER A 115 -3.74 9.79 4.51
CA SER A 115 -3.67 8.54 5.27
C SER A 115 -3.53 8.81 6.75
N GLY A 116 -2.47 9.53 7.13
CA GLY A 116 -2.24 9.84 8.53
C GLY A 116 -0.77 9.76 8.90
N LEU A 117 0.05 10.56 8.24
CA LEU A 117 1.48 10.58 8.51
C LEU A 117 2.00 12.01 8.64
N LEU A 118 1.78 12.81 7.59
CA LEU A 118 2.21 14.20 7.58
C LEU A 118 1.24 15.07 8.36
N GLY A 119 -0.05 14.96 8.04
CA GLY A 119 -1.06 15.75 8.73
C GLY A 119 -1.56 16.91 7.89
N SER A 1 15.21 7.73 -1.30
CA SER A 1 14.67 7.82 -2.68
C SER A 1 14.09 6.49 -3.13
N ILE A 2 12.78 6.35 -3.00
CA ILE A 2 12.09 5.14 -3.40
C ILE A 2 10.78 5.46 -4.13
N GLU A 3 9.97 4.44 -4.41
CA GLU A 3 8.72 4.65 -5.12
C GLU A 3 7.53 3.98 -4.42
N TRP A 4 6.37 4.60 -4.56
CA TRP A 4 5.14 4.08 -3.98
C TRP A 4 4.31 3.34 -5.04
N TYR A 5 4.48 2.03 -5.13
CA TYR A 5 3.77 1.24 -6.11
C TYR A 5 2.38 0.86 -5.62
N ALA A 6 1.37 1.17 -6.43
CA ALA A 6 -0.01 0.86 -6.08
C ALA A 6 -0.52 -0.33 -6.86
N VAL A 7 -1.01 -1.34 -6.15
CA VAL A 7 -1.53 -2.55 -6.79
C VAL A 7 -3.05 -2.61 -6.67
N HIS A 8 -3.65 -3.40 -7.55
CA HIS A 8 -5.10 -3.57 -7.56
C HIS A 8 -5.51 -4.83 -6.81
N THR A 9 -6.30 -4.66 -5.74
CA THR A 9 -6.75 -5.77 -4.93
C THR A 9 -8.28 -5.84 -4.90
N LEU A 10 -8.81 -6.93 -4.36
CA LEU A 10 -10.26 -7.10 -4.27
C LEU A 10 -10.80 -6.44 -3.01
N VAL A 11 -12.07 -6.05 -3.05
CA VAL A 11 -12.72 -5.41 -1.91
C VAL A 11 -12.85 -6.37 -0.74
N GLY A 12 -12.24 -6.00 0.40
CA GLY A 12 -12.32 -6.85 1.57
C GLY A 12 -11.09 -7.73 1.72
N GLN A 13 -10.45 -8.05 0.59
CA GLN A 13 -9.26 -8.89 0.61
C GLN A 13 -8.00 -8.07 0.86
N GLU A 14 -8.05 -6.79 0.51
CA GLU A 14 -6.91 -5.90 0.70
C GLU A 14 -6.46 -5.88 2.16
N GLU A 15 -7.43 -5.79 3.07
CA GLU A 15 -7.12 -5.77 4.50
C GLU A 15 -6.34 -7.00 4.90
N LYS A 16 -6.75 -8.16 4.39
CA LYS A 16 -6.08 -9.42 4.70
C LYS A 16 -4.79 -9.57 3.90
N ALA A 17 -4.76 -8.96 2.72
CA ALA A 17 -3.58 -9.02 1.87
C ALA A 17 -2.38 -8.33 2.52
N LYS A 18 -2.66 -7.25 3.24
CA LYS A 18 -1.60 -6.50 3.91
C LYS A 18 -0.89 -7.36 4.93
N ALA A 19 -1.65 -8.01 5.80
CA ALA A 19 -1.09 -8.86 6.84
C ALA A 19 -0.35 -10.04 6.22
N ASN A 20 -0.99 -10.70 5.26
CA ASN A 20 -0.38 -11.85 4.60
C ASN A 20 0.93 -11.46 3.92
N LEU A 21 0.96 -10.26 3.35
CA LEU A 21 2.16 -9.77 2.68
C LEU A 21 3.19 -9.28 3.69
N GLU A 22 2.78 -8.38 4.56
CA GLU A 22 3.68 -7.83 5.58
C GLU A 22 4.37 -8.94 6.36
N LYS A 23 3.68 -10.07 6.50
CA LYS A 23 4.23 -11.22 7.22
C LYS A 23 5.29 -11.93 6.38
N ARG A 24 4.97 -12.13 5.10
CA ARG A 24 5.90 -12.81 4.19
C ARG A 24 7.06 -11.89 3.82
N ILE A 25 6.82 -10.58 3.85
CA ILE A 25 7.85 -9.60 3.52
C ILE A 25 8.71 -9.26 4.74
N LYS A 26 8.21 -9.60 5.93
CA LYS A 26 8.93 -9.33 7.17
C LYS A 26 9.49 -10.62 7.77
N ALA A 27 8.80 -11.72 7.54
CA ALA A 27 9.23 -13.01 8.06
C ALA A 27 10.37 -13.60 7.23
N PHE A 28 10.24 -13.52 5.91
CA PHE A 28 11.25 -14.04 5.00
C PHE A 28 12.42 -13.07 4.87
N GLY A 29 12.32 -11.91 5.51
CA GLY A 29 13.38 -10.92 5.44
C GLY A 29 13.40 -10.17 4.13
N LEU A 30 12.48 -9.22 3.98
CA LEU A 30 12.41 -8.42 2.76
C LEU A 30 12.24 -6.94 3.08
N GLN A 31 12.80 -6.52 4.21
CA GLN A 31 12.71 -5.13 4.63
C GLN A 31 13.70 -4.26 3.84
N ASP A 32 14.37 -4.84 2.84
CA ASP A 32 15.32 -4.10 2.04
C ASP A 32 14.63 -3.44 0.85
N LYS A 33 13.50 -4.02 0.44
CA LYS A 33 12.74 -3.48 -0.69
C LYS A 33 11.48 -2.78 -0.20
N ILE A 34 10.64 -3.51 0.51
CA ILE A 34 9.40 -2.95 1.03
C ILE A 34 9.65 -2.18 2.32
N PHE A 35 9.51 -0.87 2.27
CA PHE A 35 9.73 -0.03 3.44
C PHE A 35 8.42 0.38 4.09
N GLN A 36 7.52 0.95 3.30
CA GLN A 36 6.23 1.39 3.81
C GLN A 36 5.07 0.62 3.17
N VAL A 37 3.94 0.60 3.86
CA VAL A 37 2.75 -0.08 3.38
C VAL A 37 1.49 0.63 3.87
N LEU A 38 1.27 1.84 3.37
CA LEU A 38 0.12 2.65 3.75
C LEU A 38 -1.14 2.21 3.02
N ILE A 39 -2.29 2.52 3.61
CA ILE A 39 -3.57 2.16 3.02
C ILE A 39 -4.34 3.43 2.61
N PRO A 40 -4.87 3.47 1.38
CA PRO A 40 -5.62 4.63 0.88
C PRO A 40 -6.94 4.82 1.60
N THR A 41 -6.88 5.29 2.84
CA THR A 41 -8.08 5.52 3.65
C THR A 41 -8.06 6.90 4.28
N GLU A 42 -9.18 7.60 4.19
CA GLU A 42 -9.31 8.94 4.75
C GLU A 42 -9.79 8.87 6.20
N GLU A 43 -9.45 9.89 6.98
CA GLU A 43 -9.85 9.94 8.39
C GLU A 43 -10.48 11.29 8.72
N VAL A 44 -11.55 11.26 9.50
CA VAL A 44 -12.25 12.48 9.91
C VAL A 44 -12.25 12.64 11.42
N VAL A 45 -12.51 13.85 11.89
CA VAL A 45 -12.54 14.13 13.32
C VAL A 45 -13.92 13.86 13.92
N GLU A 46 -14.95 14.08 13.12
CA GLU A 46 -16.32 13.86 13.57
C GLU A 46 -17.20 13.31 12.45
N LEU A 47 -18.38 12.83 12.81
CA LEU A 47 -19.31 12.27 11.83
C LEU A 47 -20.76 12.57 12.23
N ARG A 48 -21.04 13.83 12.49
CA ARG A 48 -22.39 14.25 12.87
C ARG A 48 -22.59 15.74 12.65
N GLU A 49 -23.67 16.09 11.97
CA GLU A 49 -23.98 17.49 11.70
C GLU A 49 -24.09 18.28 12.99
N GLY A 50 -24.46 17.60 14.06
CA GLY A 50 -24.60 18.25 15.36
C GLY A 50 -25.00 17.27 16.45
N GLY A 51 -24.23 16.20 16.59
CA GLY A 51 -24.52 15.21 17.60
C GLY A 51 -23.29 14.80 18.39
N LYS A 52 -22.45 13.97 17.78
CA LYS A 52 -21.23 13.50 18.43
C LYS A 52 -20.00 13.77 17.56
N LYS A 53 -18.83 13.47 18.10
CA LYS A 53 -17.58 13.67 17.37
C LYS A 53 -16.60 12.54 17.65
N GLU A 54 -16.36 11.71 16.65
CA GLU A 54 -15.45 10.58 16.78
C GLU A 54 -14.63 10.40 15.51
N VAL A 55 -13.54 9.64 15.63
CA VAL A 55 -12.67 9.38 14.49
C VAL A 55 -13.23 8.28 13.60
N VAL A 56 -13.43 8.59 12.32
CA VAL A 56 -13.97 7.62 11.37
C VAL A 56 -13.01 7.40 10.21
N ARG A 57 -13.39 6.52 9.29
CA ARG A 57 -12.56 6.22 8.13
C ARG A 57 -13.35 6.38 6.83
N LYS A 58 -12.63 6.54 5.73
CA LYS A 58 -13.25 6.71 4.43
C LYS A 58 -12.27 6.38 3.30
N LYS A 59 -12.39 5.18 2.75
CA LYS A 59 -11.52 4.74 1.67
C LYS A 59 -11.51 5.74 0.52
N LEU A 60 -10.34 6.27 0.21
CA LEU A 60 -10.19 7.24 -0.87
C LEU A 60 -9.89 6.54 -2.19
N PHE A 61 -9.04 5.51 -2.14
CA PHE A 61 -8.68 4.76 -3.34
C PHE A 61 -8.99 3.28 -3.16
N PRO A 62 -10.28 2.90 -3.26
CA PRO A 62 -10.71 1.51 -3.11
C PRO A 62 -10.00 0.57 -4.08
N GLY A 63 -9.67 -0.63 -3.59
CA GLY A 63 -8.99 -1.60 -4.43
C GLY A 63 -7.57 -1.21 -4.75
N TYR A 64 -6.99 -0.33 -3.94
CA TYR A 64 -5.63 0.13 -4.14
C TYR A 64 -4.82 0.05 -2.85
N LEU A 65 -3.54 -0.28 -2.98
CA LEU A 65 -2.66 -0.38 -1.82
C LEU A 65 -1.33 0.33 -2.09
N PHE A 66 -1.00 1.31 -1.25
CA PHE A 66 0.24 2.06 -1.41
C PHE A 66 1.40 1.33 -0.75
N ILE A 67 2.37 0.91 -1.57
CA ILE A 67 3.54 0.22 -1.06
C ILE A 67 4.82 0.92 -1.49
N GLN A 68 5.49 1.55 -0.52
CA GLN A 68 6.73 2.26 -0.80
C GLN A 68 7.90 1.28 -0.88
N MET A 69 7.96 0.54 -1.99
CA MET A 69 9.02 -0.44 -2.21
C MET A 69 10.21 0.20 -2.94
N ASP A 70 11.18 -0.65 -3.29
CA ASP A 70 12.38 -0.17 -3.99
C ASP A 70 12.59 -0.97 -5.29
N LEU A 71 11.82 -0.62 -6.32
CA LEU A 71 11.92 -1.29 -7.60
C LEU A 71 12.82 -0.52 -8.55
N GLY A 72 12.61 0.79 -8.62
CA GLY A 72 13.42 1.63 -9.50
C GLY A 72 13.09 1.43 -10.96
N ASP A 73 14.03 0.87 -11.71
CA ASP A 73 13.83 0.62 -13.13
C ASP A 73 13.39 -0.81 -13.38
N GLU A 74 13.22 -1.17 -14.65
CA GLU A 74 12.80 -2.52 -15.02
C GLU A 74 13.99 -3.37 -15.43
N GLU A 75 15.14 -3.09 -14.84
CA GLU A 75 16.36 -3.83 -15.14
C GLU A 75 16.33 -5.21 -14.51
N GLU A 76 16.53 -5.25 -13.19
CA GLU A 76 16.53 -6.51 -12.45
C GLU A 76 16.18 -6.28 -10.98
N PRO A 77 14.92 -6.49 -10.60
CA PRO A 77 14.46 -6.30 -9.22
C PRO A 77 14.92 -7.42 -8.30
N ASN A 78 14.84 -7.19 -7.00
CA ASN A 78 15.24 -8.19 -6.02
C ASN A 78 14.18 -9.28 -5.87
N GLU A 79 14.46 -10.25 -5.01
CA GLU A 79 13.53 -11.35 -4.78
C GLU A 79 12.20 -10.85 -4.21
N ALA A 80 12.22 -9.63 -3.67
CA ALA A 80 11.01 -9.04 -3.08
C ALA A 80 9.85 -9.09 -4.07
N TRP A 81 10.10 -8.69 -5.31
CA TRP A 81 9.07 -8.70 -6.33
C TRP A 81 8.50 -10.10 -6.53
N GLU A 82 9.38 -11.09 -6.58
CA GLU A 82 8.97 -12.48 -6.76
C GLU A 82 8.06 -12.92 -5.62
N VAL A 83 8.27 -12.34 -4.44
CA VAL A 83 7.47 -12.67 -3.26
C VAL A 83 6.05 -12.10 -3.40
N VAL A 84 5.96 -10.83 -3.75
CA VAL A 84 4.66 -10.18 -3.91
C VAL A 84 3.84 -10.84 -5.00
N ARG A 85 4.48 -11.12 -6.14
CA ARG A 85 3.81 -11.75 -7.26
C ARG A 85 3.26 -13.12 -6.87
N GLY A 86 3.83 -13.72 -5.83
CA GLY A 86 3.38 -15.02 -5.38
C GLY A 86 2.28 -14.93 -4.33
N THR A 87 2.34 -13.89 -3.49
CA THR A 87 1.35 -13.70 -2.45
C THR A 87 -0.06 -13.57 -3.03
N PRO A 88 -1.07 -14.07 -2.31
CA PRO A 88 -2.46 -14.00 -2.76
C PRO A 88 -3.02 -12.58 -2.76
N GLY A 89 -2.45 -11.73 -1.91
CA GLY A 89 -2.89 -10.35 -1.81
C GLY A 89 -2.85 -9.64 -3.15
N ILE A 90 -1.99 -10.11 -4.05
CA ILE A 90 -1.86 -9.49 -5.37
C ILE A 90 -2.81 -10.15 -6.36
N THR A 91 -3.39 -9.33 -7.23
CA THR A 91 -4.33 -9.82 -8.24
C THR A 91 -3.97 -9.28 -9.63
N GLY A 92 -2.69 -9.32 -9.95
CA GLY A 92 -2.24 -8.84 -11.25
C GLY A 92 -1.77 -7.40 -11.20
N PHE A 93 -2.40 -6.56 -12.02
CA PHE A 93 -2.04 -5.13 -12.07
C PHE A 93 -3.21 -4.31 -12.57
N VAL A 94 -2.99 -3.00 -12.71
CA VAL A 94 -4.02 -2.09 -13.18
C VAL A 94 -4.59 -2.53 -14.53
N GLY A 95 -3.71 -3.08 -15.38
CA GLY A 95 -4.14 -3.54 -16.68
C GLY A 95 -3.56 -2.70 -17.82
N ALA A 96 -2.58 -1.87 -17.49
CA ALA A 96 -1.94 -1.03 -18.49
C ALA A 96 -1.05 -1.84 -19.43
N GLY A 97 -0.51 -2.94 -18.90
CA GLY A 97 0.34 -3.80 -19.70
C GLY A 97 0.79 -5.03 -18.95
N MET A 98 1.86 -4.90 -18.17
CA MET A 98 2.39 -6.02 -17.39
C MET A 98 3.06 -5.51 -16.12
N ARG A 99 3.90 -4.49 -16.26
CA ARG A 99 4.61 -3.92 -15.13
C ARG A 99 3.67 -3.10 -14.25
N PRO A 100 4.00 -2.95 -12.96
CA PRO A 100 3.18 -2.18 -12.02
C PRO A 100 3.11 -0.69 -12.39
N VAL A 101 2.63 0.12 -11.47
CA VAL A 101 2.52 1.55 -11.71
C VAL A 101 2.84 2.37 -10.45
N PRO A 102 4.07 2.90 -10.36
CA PRO A 102 4.50 3.69 -9.20
C PRO A 102 3.92 5.11 -9.23
N LEU A 103 3.43 5.55 -8.08
CA LEU A 103 2.84 6.89 -7.96
C LEU A 103 3.92 7.97 -8.01
N SER A 104 3.50 9.22 -8.14
CA SER A 104 4.43 10.34 -8.20
C SER A 104 4.73 10.87 -6.79
N PRO A 105 5.96 11.33 -6.55
CA PRO A 105 6.37 11.87 -5.24
C PRO A 105 5.50 13.03 -4.80
N ASP A 106 5.04 13.82 -5.76
CA ASP A 106 4.20 14.98 -5.46
C ASP A 106 2.80 14.53 -5.05
N GLU A 107 2.34 13.43 -5.61
CA GLU A 107 1.02 12.90 -5.29
C GLU A 107 1.05 12.07 -4.01
N VAL A 108 2.17 11.37 -3.79
CA VAL A 108 2.32 10.53 -2.61
C VAL A 108 2.15 11.35 -1.34
N ARG A 109 2.78 12.52 -1.29
CA ARG A 109 2.70 13.39 -0.12
C ARG A 109 1.24 13.67 0.25
N HIS A 110 0.37 13.68 -0.75
CA HIS A 110 -1.05 13.93 -0.52
C HIS A 110 -1.71 12.72 0.12
N ILE A 111 -1.53 11.55 -0.51
CA ILE A 111 -2.11 10.33 0.00
C ILE A 111 -1.46 9.92 1.32
N LEU A 112 -0.26 10.46 1.58
CA LEU A 112 0.46 10.16 2.80
C LEU A 112 -0.13 10.93 3.97
N GLU A 113 -0.52 12.17 3.72
CA GLU A 113 -1.11 13.01 4.75
C GLU A 113 -2.49 12.51 5.15
N VAL A 114 -3.16 11.85 4.21
CA VAL A 114 -4.50 11.32 4.47
C VAL A 114 -4.43 9.92 5.08
N SER A 115 -3.39 9.17 4.71
CA SER A 115 -3.21 7.82 5.24
C SER A 115 -3.07 7.84 6.76
N GLY A 116 -2.00 8.47 7.25
CA GLY A 116 -1.77 8.54 8.67
C GLY A 116 -0.30 8.62 9.03
N LEU A 117 0.44 9.45 8.29
CA LEU A 117 1.87 9.61 8.54
C LEU A 117 2.20 11.06 8.88
N LEU A 118 1.67 11.98 8.08
CA LEU A 118 1.91 13.40 8.31
C LEU A 118 0.67 14.08 8.88
N GLY A 119 -0.50 13.65 8.43
CA GLY A 119 -1.74 14.22 8.91
C GLY A 119 -2.28 13.51 10.13
N SER A 1 16.60 7.71 -1.42
CA SER A 1 15.49 8.03 -2.37
C SER A 1 14.84 6.75 -2.88
N ILE A 2 13.53 6.66 -2.70
CA ILE A 2 12.77 5.49 -3.14
C ILE A 2 11.45 5.90 -3.77
N GLU A 3 10.62 4.93 -4.14
CA GLU A 3 9.34 5.22 -4.77
C GLU A 3 8.19 4.43 -4.15
N TRP A 4 6.98 4.94 -4.35
CA TRP A 4 5.77 4.30 -3.83
C TRP A 4 5.11 3.46 -4.92
N TYR A 5 5.47 2.19 -4.97
CA TYR A 5 4.91 1.28 -5.96
C TYR A 5 3.57 0.72 -5.49
N ALA A 6 2.49 1.15 -6.16
CA ALA A 6 1.16 0.71 -5.81
C ALA A 6 0.77 -0.56 -6.57
N VAL A 7 -0.22 -1.28 -6.05
CA VAL A 7 -0.69 -2.51 -6.68
C VAL A 7 -2.21 -2.63 -6.56
N HIS A 8 -2.78 -3.49 -7.38
CA HIS A 8 -4.23 -3.69 -7.38
C HIS A 8 -4.60 -4.97 -6.61
N THR A 9 -5.79 -4.96 -6.00
CA THR A 9 -6.26 -6.11 -5.24
C THR A 9 -7.79 -6.20 -5.29
N LEU A 10 -8.34 -7.14 -4.53
CA LEU A 10 -9.79 -7.32 -4.48
C LEU A 10 -10.41 -6.47 -3.39
N VAL A 11 -11.59 -5.92 -3.66
CA VAL A 11 -12.29 -5.09 -2.70
C VAL A 11 -12.75 -5.91 -1.49
N GLY A 12 -12.28 -5.54 -0.31
CA GLY A 12 -12.65 -6.25 0.89
C GLY A 12 -11.62 -7.30 1.29
N GLN A 13 -10.93 -7.85 0.30
CA GLN A 13 -9.91 -8.86 0.55
C GLN A 13 -8.56 -8.23 0.88
N GLU A 14 -8.38 -6.99 0.44
CA GLU A 14 -7.13 -6.27 0.68
C GLU A 14 -6.81 -6.23 2.17
N GLU A 15 -7.85 -6.13 3.00
CA GLU A 15 -7.68 -6.08 4.44
C GLU A 15 -6.89 -7.30 4.94
N LYS A 16 -7.30 -8.48 4.48
CA LYS A 16 -6.64 -9.71 4.87
C LYS A 16 -5.29 -9.88 4.16
N ALA A 17 -5.18 -9.26 2.98
CA ALA A 17 -3.95 -9.34 2.20
C ALA A 17 -2.80 -8.65 2.92
N LYS A 18 -3.06 -7.47 3.44
CA LYS A 18 -2.05 -6.69 4.17
C LYS A 18 -1.31 -7.57 5.18
N ALA A 19 -2.06 -8.31 5.97
CA ALA A 19 -1.48 -9.18 6.98
C ALA A 19 -0.66 -10.29 6.32
N ASN A 20 -1.09 -10.72 5.13
CA ASN A 20 -0.40 -11.78 4.40
C ASN A 20 0.97 -11.30 3.94
N LEU A 21 1.02 -10.14 3.31
CA LEU A 21 2.27 -9.58 2.82
C LEU A 21 3.21 -9.26 3.98
N GLU A 22 2.77 -8.33 4.83
CA GLU A 22 3.58 -7.92 5.98
C GLU A 22 4.23 -9.11 6.68
N LYS A 23 3.56 -10.25 6.64
CA LYS A 23 4.08 -11.46 7.27
C LYS A 23 5.10 -12.13 6.36
N ARG A 24 4.81 -12.14 5.06
CA ARG A 24 5.71 -12.74 4.08
C ARG A 24 6.89 -11.82 3.79
N ILE A 25 6.69 -10.53 4.00
CA ILE A 25 7.75 -9.55 3.77
C ILE A 25 8.73 -9.52 4.94
N LYS A 26 8.25 -9.89 6.13
CA LYS A 26 9.09 -9.91 7.32
C LYS A 26 9.59 -11.33 7.61
N ALA A 27 8.78 -12.32 7.26
CA ALA A 27 9.14 -13.72 7.49
C ALA A 27 10.29 -14.14 6.57
N PHE A 28 10.18 -13.78 5.30
CA PHE A 28 11.21 -14.12 4.33
C PHE A 28 12.39 -13.15 4.42
N GLY A 29 12.18 -12.01 5.06
CA GLY A 29 13.23 -11.03 5.20
C GLY A 29 13.33 -10.12 3.99
N LEU A 30 12.20 -9.56 3.58
CA LEU A 30 12.16 -8.67 2.43
C LEU A 30 12.22 -7.20 2.86
N GLN A 31 12.78 -6.95 4.04
CA GLN A 31 12.89 -5.60 4.54
C GLN A 31 14.07 -4.86 3.92
N ASP A 32 14.55 -5.37 2.78
CA ASP A 32 15.67 -4.75 2.08
C ASP A 32 15.17 -3.88 0.93
N LYS A 33 13.95 -4.16 0.47
CA LYS A 33 13.35 -3.39 -0.61
C LYS A 33 12.10 -2.65 -0.14
N ILE A 34 11.22 -3.37 0.54
CA ILE A 34 9.98 -2.78 1.05
C ILE A 34 10.26 -2.01 2.35
N PHE A 35 9.87 -0.74 2.37
CA PHE A 35 10.07 0.10 3.55
C PHE A 35 8.74 0.53 4.14
N GLN A 36 7.96 1.28 3.37
CA GLN A 36 6.67 1.76 3.84
C GLN A 36 5.52 1.01 3.17
N VAL A 37 4.37 0.98 3.83
CA VAL A 37 3.19 0.31 3.31
C VAL A 37 1.92 0.99 3.81
N LEU A 38 1.62 2.16 3.24
CA LEU A 38 0.44 2.92 3.62
C LEU A 38 -0.82 2.37 2.95
N ILE A 39 -1.91 2.33 3.72
CA ILE A 39 -3.17 1.83 3.20
C ILE A 39 -4.06 2.98 2.75
N PRO A 40 -4.41 3.02 1.46
CA PRO A 40 -5.26 4.10 0.91
C PRO A 40 -6.64 4.13 1.54
N THR A 41 -6.77 4.89 2.63
CA THR A 41 -8.05 5.02 3.33
C THR A 41 -8.33 6.47 3.69
N GLU A 42 -9.61 6.80 3.84
CA GLU A 42 -10.02 8.16 4.18
C GLU A 42 -9.95 8.38 5.69
N GLU A 43 -10.47 9.52 6.14
CA GLU A 43 -10.48 9.86 7.56
C GLU A 43 -11.72 10.65 7.92
N VAL A 44 -12.41 10.21 8.98
CA VAL A 44 -13.61 10.88 9.43
C VAL A 44 -13.52 11.25 10.91
N VAL A 45 -14.35 12.21 11.33
CA VAL A 45 -14.36 12.65 12.72
C VAL A 45 -15.73 12.45 13.35
N GLU A 46 -15.76 11.82 14.52
CA GLU A 46 -17.01 11.57 15.22
C GLU A 46 -16.77 11.46 16.73
N LEU A 47 -17.82 11.66 17.51
CA LEU A 47 -17.73 11.60 18.96
C LEU A 47 -18.73 10.59 19.53
N ARG A 48 -18.40 10.02 20.68
CA ARG A 48 -19.26 9.03 21.32
C ARG A 48 -19.56 9.42 22.77
N GLU A 49 -19.20 10.65 23.15
CA GLU A 49 -19.44 11.12 24.51
C GLU A 49 -18.82 10.18 25.54
N GLY A 50 -17.62 9.69 25.23
CA GLY A 50 -16.94 8.78 26.14
C GLY A 50 -17.12 7.33 25.75
N GLY A 51 -16.01 6.65 25.51
CA GLY A 51 -16.07 5.25 25.13
C GLY A 51 -15.23 4.94 23.91
N LYS A 52 -15.06 5.93 23.04
CA LYS A 52 -14.28 5.77 21.82
C LYS A 52 -13.58 7.06 21.44
N LYS A 53 -12.99 7.08 20.25
CA LYS A 53 -12.29 8.26 19.76
C LYS A 53 -12.85 8.72 18.43
N GLU A 54 -12.32 9.82 17.91
CA GLU A 54 -12.76 10.36 16.62
C GLU A 54 -11.80 9.98 15.50
N VAL A 55 -11.10 8.86 15.68
CA VAL A 55 -10.15 8.40 14.68
C VAL A 55 -10.77 7.30 13.81
N VAL A 56 -11.57 7.70 12.85
CA VAL A 56 -12.23 6.75 11.95
C VAL A 56 -11.51 6.70 10.59
N ARG A 57 -11.73 5.62 9.86
CA ARG A 57 -11.12 5.45 8.55
C ARG A 57 -12.16 5.11 7.50
N LYS A 58 -11.71 4.99 6.25
CA LYS A 58 -12.61 4.67 5.14
C LYS A 58 -11.83 4.12 3.95
N LYS A 59 -12.43 4.16 2.77
CA LYS A 59 -11.79 3.67 1.56
C LYS A 59 -11.47 4.80 0.60
N LEU A 60 -10.18 5.05 0.40
CA LEU A 60 -9.74 6.11 -0.50
C LEU A 60 -9.55 5.57 -1.91
N PHE A 61 -8.69 4.57 -2.04
CA PHE A 61 -8.42 3.95 -3.34
C PHE A 61 -8.80 2.47 -3.33
N PRO A 62 -10.07 2.16 -3.64
CA PRO A 62 -10.57 0.78 -3.65
C PRO A 62 -9.67 -0.15 -4.46
N GLY A 63 -9.07 -1.12 -3.77
CA GLY A 63 -8.21 -2.07 -4.44
C GLY A 63 -6.83 -1.51 -4.75
N TYR A 64 -6.27 -0.75 -3.81
CA TYR A 64 -4.96 -0.14 -3.99
C TYR A 64 -4.12 -0.25 -2.72
N LEU A 65 -2.82 -0.38 -2.90
CA LEU A 65 -1.90 -0.49 -1.77
C LEU A 65 -0.57 0.20 -2.08
N PHE A 66 -0.29 1.29 -1.38
CA PHE A 66 0.94 2.04 -1.59
C PHE A 66 2.10 1.45 -0.80
N ILE A 67 3.19 1.14 -1.50
CA ILE A 67 4.37 0.57 -0.85
C ILE A 67 5.62 1.33 -1.26
N GLN A 68 6.27 1.98 -0.29
CA GLN A 68 7.48 2.73 -0.56
C GLN A 68 8.68 1.80 -0.64
N MET A 69 8.73 1.02 -1.72
CA MET A 69 9.82 0.07 -1.94
C MET A 69 10.97 0.72 -2.73
N ASP A 70 12.00 -0.06 -3.02
CA ASP A 70 13.14 0.43 -3.78
C ASP A 70 13.35 -0.37 -5.05
N LEU A 71 12.61 -0.02 -6.10
CA LEU A 71 12.73 -0.71 -7.38
C LEU A 71 13.20 0.24 -8.48
N GLY A 72 12.72 1.48 -8.41
CA GLY A 72 13.10 2.47 -9.41
C GLY A 72 14.60 2.66 -9.49
N ASP A 73 15.20 2.15 -10.56
CA ASP A 73 16.64 2.26 -10.76
C ASP A 73 17.01 1.99 -12.21
N GLU A 74 16.82 0.75 -12.63
CA GLU A 74 17.13 0.34 -14.00
C GLU A 74 16.83 -1.14 -14.19
N GLU A 75 17.12 -1.93 -13.16
CA GLU A 75 16.87 -3.36 -13.20
C GLU A 75 15.39 -3.66 -12.96
N GLU A 76 15.09 -4.86 -12.46
CA GLU A 76 13.71 -5.24 -12.19
C GLU A 76 13.57 -5.85 -10.79
N PRO A 77 12.40 -5.67 -10.15
CA PRO A 77 12.14 -6.20 -8.82
C PRO A 77 11.98 -7.71 -8.81
N ASN A 78 12.98 -8.42 -8.28
CA ASN A 78 12.93 -9.87 -8.22
C ASN A 78 12.29 -10.36 -6.92
N GLU A 79 13.05 -10.30 -5.83
CA GLU A 79 12.56 -10.74 -4.53
C GLU A 79 11.25 -10.05 -4.15
N ALA A 80 11.32 -8.73 -3.99
CA ALA A 80 10.15 -7.95 -3.62
C ALA A 80 8.94 -8.29 -4.48
N TRP A 81 9.19 -8.64 -5.74
CA TRP A 81 8.11 -8.99 -6.67
C TRP A 81 7.75 -10.47 -6.56
N GLU A 82 8.73 -11.29 -6.21
CA GLU A 82 8.53 -12.72 -6.08
C GLU A 82 7.55 -13.03 -4.95
N VAL A 83 7.52 -12.17 -3.94
CA VAL A 83 6.63 -12.35 -2.80
C VAL A 83 5.25 -11.75 -3.08
N VAL A 84 5.25 -10.51 -3.55
CA VAL A 84 3.99 -9.82 -3.86
C VAL A 84 3.19 -10.57 -4.92
N ARG A 85 3.89 -11.07 -5.94
CA ARG A 85 3.25 -11.80 -7.02
C ARG A 85 2.81 -13.19 -6.57
N GLY A 86 3.42 -13.70 -5.51
CA GLY A 86 3.08 -15.02 -5.01
C GLY A 86 2.31 -14.97 -3.70
N THR A 87 1.88 -13.79 -3.30
CA THR A 87 1.13 -13.63 -2.05
C THR A 87 -0.38 -13.77 -2.30
N PRO A 88 -1.08 -14.51 -1.43
CA PRO A 88 -2.53 -14.71 -1.57
C PRO A 88 -3.30 -13.40 -1.63
N GLY A 89 -4.02 -13.18 -2.73
CA GLY A 89 -4.78 -11.96 -2.88
C GLY A 89 -4.40 -11.17 -4.12
N ILE A 90 -3.32 -11.58 -4.78
CA ILE A 90 -2.86 -10.90 -5.99
C ILE A 90 -3.68 -11.33 -7.20
N THR A 91 -4.87 -10.74 -7.34
CA THR A 91 -5.74 -11.05 -8.46
C THR A 91 -5.09 -10.71 -9.79
N GLY A 92 -4.45 -9.55 -9.85
CA GLY A 92 -3.78 -9.12 -11.06
C GLY A 92 -2.84 -7.96 -10.84
N PHE A 93 -2.89 -6.97 -11.74
CA PHE A 93 -2.04 -5.80 -11.63
C PHE A 93 -2.73 -4.57 -12.22
N VAL A 94 -2.02 -3.46 -12.25
CA VAL A 94 -2.57 -2.21 -12.78
C VAL A 94 -3.09 -2.40 -14.20
N GLY A 95 -2.19 -2.62 -15.14
CA GLY A 95 -2.58 -2.82 -16.52
C GLY A 95 -2.08 -1.72 -17.44
N ALA A 96 -0.94 -1.12 -17.08
CA ALA A 96 -0.35 -0.05 -17.87
C ALA A 96 1.14 -0.25 -18.04
N GLY A 97 1.54 -0.76 -19.20
CA GLY A 97 2.95 -1.00 -19.46
C GLY A 97 3.54 -2.04 -18.52
N MET A 98 3.92 -1.61 -17.33
CA MET A 98 4.50 -2.50 -16.34
C MET A 98 3.45 -2.92 -15.31
N ARG A 99 3.76 -3.94 -14.52
CA ARG A 99 2.84 -4.43 -13.50
C ARG A 99 2.68 -3.41 -12.38
N PRO A 100 3.81 -2.87 -11.85
CA PRO A 100 3.78 -1.87 -10.77
C PRO A 100 3.16 -0.55 -11.22
N VAL A 101 3.10 0.41 -10.30
CA VAL A 101 2.55 1.72 -10.61
C VAL A 101 3.02 2.77 -9.60
N PRO A 102 4.23 3.32 -9.81
CA PRO A 102 4.80 4.34 -8.92
C PRO A 102 4.14 5.70 -9.10
N LEU A 103 3.63 6.26 -8.01
CA LEU A 103 2.97 7.56 -8.06
C LEU A 103 4.00 8.69 -8.10
N SER A 104 3.53 9.90 -8.30
CA SER A 104 4.40 11.07 -8.36
C SER A 104 4.58 11.68 -6.97
N PRO A 105 5.75 12.27 -6.70
CA PRO A 105 6.05 12.89 -5.40
C PRO A 105 4.96 13.87 -4.98
N ASP A 106 4.31 14.49 -5.96
CA ASP A 106 3.25 15.44 -5.68
C ASP A 106 1.95 14.74 -5.28
N GLU A 107 1.64 13.66 -5.99
CA GLU A 107 0.43 12.89 -5.69
C GLU A 107 0.60 12.08 -4.42
N VAL A 108 1.79 11.53 -4.21
CA VAL A 108 2.08 10.73 -3.03
C VAL A 108 1.86 11.54 -1.76
N ARG A 109 2.31 12.79 -1.77
CA ARG A 109 2.16 13.66 -0.61
C ARG A 109 0.69 13.80 -0.22
N HIS A 110 -0.19 13.73 -1.20
CA HIS A 110 -1.62 13.84 -0.96
C HIS A 110 -2.14 12.61 -0.22
N ILE A 111 -1.91 11.45 -0.82
CA ILE A 111 -2.35 10.19 -0.21
C ILE A 111 -1.65 9.96 1.13
N LEU A 112 -0.47 10.55 1.28
CA LEU A 112 0.31 10.42 2.51
C LEU A 112 -0.35 11.21 3.64
N GLU A 113 -0.85 12.39 3.32
CA GLU A 113 -1.50 13.24 4.31
C GLU A 113 -2.85 12.67 4.73
N VAL A 114 -3.54 12.02 3.79
CA VAL A 114 -4.84 11.42 4.06
C VAL A 114 -4.70 10.10 4.80
N SER A 115 -3.67 9.33 4.44
CA SER A 115 -3.42 8.04 5.06
C SER A 115 -3.22 8.19 6.57
N GLY A 116 -2.17 8.90 6.96
CA GLY A 116 -1.90 9.10 8.37
C GLY A 116 -0.42 9.27 8.65
N LEU A 117 0.20 10.24 7.97
CA LEU A 117 1.62 10.50 8.16
C LEU A 117 1.88 12.00 8.32
N LEU A 118 1.41 12.78 7.37
CA LEU A 118 1.59 14.22 7.40
C LEU A 118 0.37 14.91 8.00
N GLY A 119 -0.80 14.31 7.78
CA GLY A 119 -2.03 14.87 8.31
C GLY A 119 -2.84 13.86 9.10
N SER A 1 16.97 6.36 -1.92
CA SER A 1 16.03 6.67 -3.03
C SER A 1 15.12 5.48 -3.33
N ILE A 2 13.81 5.68 -3.13
CA ILE A 2 12.83 4.62 -3.39
C ILE A 2 11.62 5.17 -4.14
N GLU A 3 10.54 4.41 -4.17
CA GLU A 3 9.33 4.84 -4.87
C GLU A 3 8.07 4.16 -4.34
N TRP A 4 6.96 4.88 -4.43
CA TRP A 4 5.67 4.37 -3.98
C TRP A 4 4.99 3.56 -5.08
N TYR A 5 5.22 2.25 -5.08
CA TYR A 5 4.63 1.38 -6.10
C TYR A 5 3.21 0.98 -5.71
N ALA A 6 2.24 1.43 -6.48
CA ALA A 6 0.84 1.13 -6.23
C ALA A 6 0.40 -0.16 -6.92
N VAL A 7 -0.62 -0.80 -6.37
CA VAL A 7 -1.15 -2.03 -6.93
C VAL A 7 -2.67 -2.08 -6.80
N HIS A 8 -3.28 -3.16 -7.27
CA HIS A 8 -4.72 -3.31 -7.21
C HIS A 8 -5.10 -4.67 -6.65
N THR A 9 -6.25 -4.72 -5.97
CA THR A 9 -6.73 -5.97 -5.38
C THR A 9 -8.25 -6.04 -5.43
N LEU A 10 -8.81 -7.08 -4.80
CA LEU A 10 -10.25 -7.26 -4.77
C LEU A 10 -10.87 -6.55 -3.56
N VAL A 11 -12.11 -6.11 -3.71
CA VAL A 11 -12.82 -5.43 -2.64
C VAL A 11 -13.19 -6.40 -1.51
N GLY A 12 -12.76 -6.08 -0.30
CA GLY A 12 -13.07 -6.93 0.84
C GLY A 12 -11.94 -7.90 1.15
N GLN A 13 -11.13 -8.23 0.14
CA GLN A 13 -10.03 -9.16 0.31
C GLN A 13 -8.73 -8.42 0.58
N GLU A 14 -8.67 -7.15 0.18
CA GLU A 14 -7.47 -6.33 0.37
C GLU A 14 -7.06 -6.31 1.84
N GLU A 15 -8.05 -6.32 2.73
CA GLU A 15 -7.80 -6.31 4.17
C GLU A 15 -6.95 -7.52 4.59
N LYS A 16 -7.13 -8.63 3.87
CA LYS A 16 -6.39 -9.84 4.16
C LYS A 16 -5.08 -9.89 3.39
N ALA A 17 -5.05 -9.25 2.22
CA ALA A 17 -3.86 -9.22 1.39
C ALA A 17 -2.75 -8.41 2.05
N LYS A 18 -3.12 -7.27 2.63
CA LYS A 18 -2.16 -6.40 3.30
C LYS A 18 -1.45 -7.14 4.44
N ALA A 19 -2.21 -7.97 5.15
CA ALA A 19 -1.65 -8.73 6.26
C ALA A 19 -0.84 -9.93 5.76
N ASN A 20 -1.39 -10.64 4.79
CA ASN A 20 -0.72 -11.80 4.22
C ASN A 20 0.61 -11.42 3.60
N LEU A 21 0.66 -10.22 3.02
CA LEU A 21 1.88 -9.73 2.38
C LEU A 21 2.90 -9.31 3.43
N GLU A 22 2.51 -8.37 4.30
CA GLU A 22 3.38 -7.88 5.35
C GLU A 22 3.99 -9.04 6.15
N LYS A 23 3.24 -10.14 6.24
CA LYS A 23 3.70 -11.31 6.97
C LYS A 23 4.84 -12.00 6.24
N ARG A 24 4.71 -12.10 4.92
CA ARG A 24 5.74 -12.74 4.09
C ARG A 24 6.99 -11.88 4.03
N ILE A 25 6.80 -10.56 3.98
CA ILE A 25 7.92 -9.62 3.91
C ILE A 25 8.63 -9.51 5.27
N LYS A 26 7.88 -9.70 6.34
CA LYS A 26 8.43 -9.63 7.69
C LYS A 26 8.94 -10.98 8.16
N ALA A 27 8.21 -12.04 7.78
CA ALA A 27 8.59 -13.39 8.18
C ALA A 27 9.87 -13.84 7.48
N PHE A 28 9.95 -13.56 6.18
CA PHE A 28 11.13 -13.93 5.39
C PHE A 28 12.25 -12.91 5.58
N GLY A 29 11.88 -11.68 5.90
CA GLY A 29 12.87 -10.64 6.09
C GLY A 29 13.20 -9.91 4.81
N LEU A 30 12.27 -9.13 4.30
CA LEU A 30 12.47 -8.37 3.06
C LEU A 30 12.26 -6.88 3.29
N GLN A 31 12.72 -6.40 4.44
CA GLN A 31 12.57 -4.99 4.79
C GLN A 31 13.59 -4.12 4.03
N ASP A 32 14.42 -4.75 3.21
CA ASP A 32 15.43 -4.03 2.44
C ASP A 32 14.81 -3.39 1.20
N LYS A 33 13.70 -3.98 0.74
CA LYS A 33 13.01 -3.47 -0.45
C LYS A 33 11.77 -2.67 -0.05
N ILE A 34 10.90 -3.31 0.73
CA ILE A 34 9.67 -2.66 1.19
C ILE A 34 9.95 -1.81 2.43
N PHE A 35 9.54 -0.55 2.38
CA PHE A 35 9.76 0.37 3.50
C PHE A 35 8.44 0.90 4.04
N GLN A 36 7.75 1.67 3.21
CA GLN A 36 6.48 2.28 3.61
C GLN A 36 5.30 1.52 3.01
N VAL A 37 4.41 1.04 3.88
CA VAL A 37 3.23 0.32 3.45
C VAL A 37 1.97 1.09 3.80
N LEU A 38 1.67 2.11 3.01
CA LEU A 38 0.49 2.94 3.25
C LEU A 38 -0.71 2.42 2.48
N ILE A 39 -1.82 2.21 3.18
CA ILE A 39 -3.04 1.72 2.57
C ILE A 39 -4.04 2.85 2.36
N PRO A 40 -4.57 3.00 1.12
CA PRO A 40 -5.54 4.05 0.78
C PRO A 40 -6.74 4.09 1.74
N THR A 41 -6.50 4.51 2.98
CA THR A 41 -7.55 4.60 3.98
C THR A 41 -7.15 5.56 5.09
N GLU A 42 -8.08 6.41 5.50
CA GLU A 42 -7.82 7.37 6.57
C GLU A 42 -8.46 6.93 7.87
N GLU A 43 -7.64 6.45 8.80
CA GLU A 43 -8.12 5.99 10.11
C GLU A 43 -7.83 7.02 11.19
N VAL A 44 -8.82 7.28 12.04
CA VAL A 44 -8.67 8.24 13.11
C VAL A 44 -9.11 7.66 14.45
N VAL A 45 -8.21 7.65 15.43
CA VAL A 45 -8.50 7.11 16.75
C VAL A 45 -8.56 8.22 17.79
N GLU A 46 -8.98 9.41 17.35
CA GLU A 46 -9.09 10.56 18.25
C GLU A 46 -10.51 11.12 18.24
N LEU A 47 -10.71 12.22 18.97
CA LEU A 47 -12.02 12.85 19.05
C LEU A 47 -11.87 14.37 19.22
N ARG A 48 -12.99 15.04 19.51
CA ARG A 48 -12.98 16.48 19.70
C ARG A 48 -12.48 16.84 21.09
N GLU A 49 -12.62 18.11 21.46
CA GLU A 49 -12.17 18.59 22.76
C GLU A 49 -13.10 18.08 23.87
N GLY A 50 -12.79 16.89 24.39
CA GLY A 50 -13.60 16.31 25.44
C GLY A 50 -12.83 15.30 26.27
N GLY A 51 -13.30 14.05 26.24
CA GLY A 51 -12.63 13.00 26.99
C GLY A 51 -13.04 11.61 26.53
N LYS A 52 -13.15 11.44 25.21
CA LYS A 52 -13.52 10.16 24.64
C LYS A 52 -12.76 9.90 23.35
N LYS A 53 -12.66 8.61 22.98
CA LYS A 53 -11.95 8.22 21.76
C LYS A 53 -12.67 7.08 21.07
N GLU A 54 -12.76 7.16 19.75
CA GLU A 54 -13.42 6.12 18.96
C GLU A 54 -12.45 5.51 17.95
N VAL A 55 -12.99 4.71 17.03
CA VAL A 55 -12.18 4.07 16.01
C VAL A 55 -12.94 3.97 14.68
N VAL A 56 -12.51 4.74 13.70
CA VAL A 56 -13.14 4.74 12.38
C VAL A 56 -12.11 4.94 11.29
N ARG A 57 -12.46 4.55 10.07
CA ARG A 57 -11.56 4.70 8.92
C ARG A 57 -12.34 4.95 7.64
N LYS A 58 -11.81 5.85 6.82
CA LYS A 58 -12.45 6.19 5.55
C LYS A 58 -11.54 5.84 4.37
N LYS A 59 -12.03 4.96 3.50
CA LYS A 59 -11.26 4.54 2.33
C LYS A 59 -11.05 5.71 1.36
N LEU A 60 -9.79 6.08 1.15
CA LEU A 60 -9.45 7.17 0.24
C LEU A 60 -9.43 6.68 -1.20
N PHE A 61 -8.68 5.62 -1.45
CA PHE A 61 -8.59 5.04 -2.79
C PHE A 61 -8.84 3.54 -2.75
N PRO A 62 -10.11 3.11 -2.83
CA PRO A 62 -10.47 1.69 -2.79
C PRO A 62 -9.85 0.89 -3.92
N GLY A 63 -9.55 -0.38 -3.65
CA GLY A 63 -8.95 -1.24 -4.65
C GLY A 63 -7.51 -0.88 -4.96
N TYR A 64 -6.94 0.02 -4.16
CA TYR A 64 -5.55 0.45 -4.37
C TYR A 64 -4.70 0.12 -3.16
N LEU A 65 -3.39 0.12 -3.36
CA LEU A 65 -2.44 -0.17 -2.29
C LEU A 65 -1.09 0.47 -2.58
N PHE A 66 -0.73 1.46 -1.78
CA PHE A 66 0.55 2.16 -1.96
C PHE A 66 1.66 1.49 -1.17
N ILE A 67 2.71 1.09 -1.88
CA ILE A 67 3.86 0.43 -1.26
C ILE A 67 5.16 1.09 -1.67
N GLN A 68 5.80 1.77 -0.74
CA GLN A 68 7.07 2.45 -1.00
C GLN A 68 8.21 1.45 -0.98
N MET A 69 8.31 0.65 -2.04
CA MET A 69 9.35 -0.36 -2.15
C MET A 69 10.58 0.20 -2.87
N ASP A 70 11.54 -0.67 -3.16
CA ASP A 70 12.76 -0.27 -3.85
C ASP A 70 13.00 -1.14 -5.08
N LEU A 71 12.35 -0.79 -6.17
CA LEU A 71 12.48 -1.55 -7.42
C LEU A 71 13.62 -0.99 -8.29
N GLY A 72 14.38 -0.05 -7.75
CA GLY A 72 15.47 0.54 -8.49
C GLY A 72 16.81 -0.07 -8.14
N ASP A 73 17.21 -1.09 -8.89
CA ASP A 73 18.49 -1.76 -8.64
C ASP A 73 19.04 -2.38 -9.93
N GLU A 74 18.17 -3.07 -10.66
CA GLU A 74 18.57 -3.70 -11.91
C GLU A 74 17.38 -3.82 -12.85
N GLU A 75 17.62 -4.45 -14.01
CA GLU A 75 16.57 -4.63 -15.01
C GLU A 75 15.47 -5.55 -14.49
N GLU A 76 15.85 -6.52 -13.66
CA GLU A 76 14.90 -7.46 -13.09
C GLU A 76 14.58 -7.11 -11.65
N PRO A 77 13.34 -7.40 -11.19
CA PRO A 77 12.91 -7.12 -9.82
C PRO A 77 13.58 -8.03 -8.80
N ASN A 78 13.98 -7.46 -7.67
CA ASN A 78 14.63 -8.22 -6.62
C ASN A 78 13.71 -9.30 -6.07
N GLU A 79 14.22 -10.09 -5.12
CA GLU A 79 13.44 -11.15 -4.52
C GLU A 79 12.17 -10.61 -3.86
N ALA A 80 12.19 -9.34 -3.51
CA ALA A 80 11.03 -8.70 -2.88
C ALA A 80 9.76 -8.89 -3.70
N TRP A 81 9.87 -8.61 -5.00
CA TRP A 81 8.73 -8.75 -5.90
C TRP A 81 8.34 -10.21 -6.04
N GLU A 82 9.33 -11.09 -6.03
CA GLU A 82 9.08 -12.53 -6.16
C GLU A 82 8.18 -13.02 -5.02
N VAL A 83 8.30 -12.39 -3.86
CA VAL A 83 7.51 -12.77 -2.71
C VAL A 83 6.14 -12.08 -2.73
N VAL A 84 6.15 -10.78 -2.99
CA VAL A 84 4.91 -10.01 -3.04
C VAL A 84 3.98 -10.55 -4.12
N ARG A 85 4.51 -10.76 -5.32
CA ARG A 85 3.73 -11.28 -6.43
C ARG A 85 3.38 -12.76 -6.22
N GLY A 86 4.11 -13.41 -5.32
CA GLY A 86 3.87 -14.81 -5.05
C GLY A 86 2.81 -15.03 -3.99
N THR A 87 2.59 -14.02 -3.15
CA THR A 87 1.59 -14.11 -2.08
C THR A 87 0.22 -14.50 -2.64
N PRO A 88 -0.23 -15.74 -2.39
CA PRO A 88 -1.53 -16.22 -2.87
C PRO A 88 -2.67 -15.27 -2.53
N GLY A 89 -3.33 -14.76 -3.56
CA GLY A 89 -4.43 -13.84 -3.35
C GLY A 89 -4.05 -12.39 -3.66
N ILE A 90 -2.95 -12.20 -4.37
CA ILE A 90 -2.48 -10.87 -4.72
C ILE A 90 -2.56 -10.64 -6.23
N THR A 91 -3.31 -9.63 -6.64
CA THR A 91 -3.45 -9.32 -8.06
C THR A 91 -2.26 -8.53 -8.57
N GLY A 92 -2.08 -7.32 -8.03
CA GLY A 92 -0.97 -6.49 -8.44
C GLY A 92 -1.24 -5.73 -9.73
N PHE A 93 -0.52 -4.64 -9.94
CA PHE A 93 -0.69 -3.83 -11.13
C PHE A 93 -2.08 -3.21 -11.20
N VAL A 94 -2.42 -2.64 -12.34
CA VAL A 94 -3.73 -2.02 -12.53
C VAL A 94 -4.75 -3.02 -13.06
N GLY A 95 -4.26 -4.00 -13.83
CA GLY A 95 -5.13 -5.01 -14.39
C GLY A 95 -5.18 -4.96 -15.90
N ALA A 96 -5.45 -3.78 -16.44
CA ALA A 96 -5.52 -3.60 -17.89
C ALA A 96 -4.13 -3.67 -18.52
N GLY A 97 -3.12 -3.26 -17.76
CA GLY A 97 -1.76 -3.27 -18.26
C GLY A 97 -1.01 -4.53 -17.85
N MET A 98 0.22 -4.35 -17.36
CA MET A 98 1.04 -5.47 -16.93
C MET A 98 1.97 -5.05 -15.80
N ARG A 99 2.89 -4.15 -16.09
CA ARG A 99 3.84 -3.66 -15.09
C ARG A 99 3.14 -2.77 -14.07
N PRO A 100 3.70 -2.66 -12.86
CA PRO A 100 3.14 -1.83 -11.78
C PRO A 100 2.98 -0.38 -12.22
N VAL A 101 2.45 0.44 -11.32
CA VAL A 101 2.25 1.86 -11.60
C VAL A 101 2.60 2.72 -10.39
N PRO A 102 3.82 3.28 -10.36
CA PRO A 102 4.27 4.13 -9.26
C PRO A 102 3.56 5.48 -9.23
N LEU A 103 2.96 5.80 -8.09
CA LEU A 103 2.23 7.07 -7.95
C LEU A 103 3.17 8.25 -8.15
N SER A 104 2.58 9.41 -8.47
CA SER A 104 3.35 10.62 -8.70
C SER A 104 3.53 11.40 -7.40
N PRO A 105 4.67 12.10 -7.25
CA PRO A 105 4.95 12.90 -6.04
C PRO A 105 3.82 13.85 -5.69
N ASP A 106 3.13 14.34 -6.72
CA ASP A 106 2.02 15.27 -6.52
C ASP A 106 0.84 14.58 -5.84
N GLU A 107 0.68 13.29 -6.12
CA GLU A 107 -0.41 12.52 -5.55
C GLU A 107 0.04 11.79 -4.28
N VAL A 108 1.31 11.41 -4.25
CA VAL A 108 1.87 10.70 -3.11
C VAL A 108 1.90 11.59 -1.87
N ARG A 109 2.03 12.89 -2.08
CA ARG A 109 2.07 13.84 -0.97
C ARG A 109 0.75 13.86 -0.22
N HIS A 110 -0.36 13.77 -0.97
CA HIS A 110 -1.68 13.77 -0.37
C HIS A 110 -1.91 12.48 0.41
N ILE A 111 -1.69 11.35 -0.25
CA ILE A 111 -1.87 10.05 0.40
C ILE A 111 -0.87 9.88 1.53
N LEU A 112 0.23 10.63 1.48
CA LEU A 112 1.25 10.56 2.51
C LEU A 112 0.73 11.14 3.82
N GLU A 113 -0.11 12.16 3.71
CA GLU A 113 -0.69 12.80 4.89
C GLU A 113 -1.49 11.80 5.71
N VAL A 114 -1.93 10.72 5.07
CA VAL A 114 -2.71 9.69 5.74
C VAL A 114 -1.84 8.85 6.66
N SER A 115 -0.80 8.25 6.10
CA SER A 115 0.12 7.41 6.87
C SER A 115 0.61 8.15 8.11
N GLY A 116 1.06 9.38 7.91
CA GLY A 116 1.55 10.18 9.01
C GLY A 116 3.00 10.61 8.84
N LEU A 117 3.47 10.59 7.59
CA LEU A 117 4.85 10.98 7.31
C LEU A 117 4.97 12.49 7.17
N LEU A 118 3.88 13.13 6.77
CA LEU A 118 3.86 14.58 6.60
C LEU A 118 3.04 15.24 7.72
N GLY A 119 1.91 14.64 8.05
CA GLY A 119 1.05 15.18 9.09
C GLY A 119 0.10 14.14 9.66
N SER A 1 17.10 6.37 -4.09
CA SER A 1 15.70 6.69 -3.68
C SER A 1 14.81 5.45 -3.77
N ILE A 2 13.50 5.66 -3.65
CA ILE A 2 12.54 4.56 -3.70
C ILE A 2 11.29 4.97 -4.47
N GLU A 3 10.22 4.18 -4.34
CA GLU A 3 8.97 4.50 -5.03
C GLU A 3 7.77 3.82 -4.36
N TRP A 4 6.61 4.45 -4.50
CA TRP A 4 5.37 3.94 -3.93
C TRP A 4 4.61 3.11 -4.96
N TYR A 5 4.85 1.80 -4.97
CA TYR A 5 4.18 0.91 -5.92
C TYR A 5 2.78 0.55 -5.42
N ALA A 6 1.78 1.02 -6.15
CA ALA A 6 0.39 0.76 -5.78
C ALA A 6 -0.15 -0.47 -6.50
N VAL A 7 -1.04 -1.19 -5.83
CA VAL A 7 -1.64 -2.40 -6.41
C VAL A 7 -3.16 -2.29 -6.40
N HIS A 8 -3.78 -3.08 -7.25
CA HIS A 8 -5.25 -3.08 -7.37
C HIS A 8 -5.82 -4.44 -6.98
N THR A 9 -6.38 -4.52 -5.78
CA THR A 9 -6.97 -5.77 -5.30
C THR A 9 -8.49 -5.65 -5.22
N LEU A 10 -9.13 -6.69 -4.68
CA LEU A 10 -10.58 -6.71 -4.55
C LEU A 10 -11.01 -6.11 -3.22
N VAL A 11 -12.21 -5.53 -3.21
CA VAL A 11 -12.75 -4.92 -1.99
C VAL A 11 -13.13 -5.98 -0.96
N GLY A 12 -12.61 -5.84 0.25
CA GLY A 12 -12.91 -6.79 1.30
C GLY A 12 -11.86 -7.87 1.42
N GLN A 13 -11.15 -8.14 0.33
CA GLN A 13 -10.11 -9.16 0.32
C GLN A 13 -8.73 -8.56 0.56
N GLU A 14 -8.60 -7.26 0.27
CA GLU A 14 -7.33 -6.55 0.46
C GLU A 14 -6.84 -6.69 1.90
N GLU A 15 -7.79 -6.73 2.84
CA GLU A 15 -7.45 -6.86 4.26
C GLU A 15 -6.60 -8.11 4.51
N LYS A 16 -6.87 -9.17 3.75
CA LYS A 16 -6.14 -10.41 3.89
C LYS A 16 -4.90 -10.42 3.00
N ALA A 17 -4.98 -9.70 1.88
CA ALA A 17 -3.86 -9.62 0.94
C ALA A 17 -2.65 -8.95 1.57
N LYS A 18 -2.86 -7.76 2.13
CA LYS A 18 -1.78 -7.02 2.77
C LYS A 18 -1.17 -7.81 3.92
N ALA A 19 -2.03 -8.51 4.67
CA ALA A 19 -1.58 -9.32 5.80
C ALA A 19 -0.68 -10.46 5.33
N ASN A 20 -1.12 -11.17 4.30
CA ASN A 20 -0.36 -12.28 3.76
C ASN A 20 0.99 -11.81 3.23
N LEU A 21 1.03 -10.58 2.72
CA LEU A 21 2.26 -10.01 2.18
C LEU A 21 3.20 -9.59 3.31
N GLU A 22 2.71 -8.71 4.18
CA GLU A 22 3.51 -8.22 5.31
C GLU A 22 4.12 -9.38 6.09
N LYS A 23 3.44 -10.52 6.08
CA LYS A 23 3.92 -11.70 6.79
C LYS A 23 5.12 -12.31 6.07
N ARG A 24 5.06 -12.37 4.75
CA ARG A 24 6.14 -12.93 3.95
C ARG A 24 7.36 -12.02 3.98
N ILE A 25 7.12 -10.71 3.96
CA ILE A 25 8.19 -9.72 3.98
C ILE A 25 8.85 -9.66 5.36
N LYS A 26 8.06 -9.94 6.39
CA LYS A 26 8.56 -9.91 7.77
C LYS A 26 9.10 -11.27 8.17
N ALA A 27 8.48 -12.33 7.67
CA ALA A 27 8.89 -13.69 7.97
C ALA A 27 10.20 -14.03 7.28
N PHE A 28 10.33 -13.60 6.03
CA PHE A 28 11.54 -13.86 5.25
C PHE A 28 12.61 -12.81 5.55
N GLY A 29 12.18 -11.63 5.95
CA GLY A 29 13.13 -10.56 6.26
C GLY A 29 13.44 -9.70 5.05
N LEU A 30 12.40 -9.28 4.34
CA LEU A 30 12.58 -8.45 3.15
C LEU A 30 12.32 -6.98 3.47
N GLN A 31 12.79 -6.54 4.63
CA GLN A 31 12.61 -5.16 5.06
C GLN A 31 13.55 -4.22 4.31
N ASP A 32 14.45 -4.78 3.51
CA ASP A 32 15.39 -3.99 2.73
C ASP A 32 14.74 -3.42 1.48
N LYS A 33 13.71 -4.11 1.00
CA LYS A 33 13.00 -3.67 -0.20
C LYS A 33 11.77 -2.85 0.18
N ILE A 34 10.89 -3.44 1.00
CA ILE A 34 9.68 -2.76 1.44
C ILE A 34 9.94 -1.94 2.70
N PHE A 35 9.66 -0.64 2.63
CA PHE A 35 9.86 0.24 3.77
C PHE A 35 8.54 0.76 4.33
N GLN A 36 7.74 1.36 3.46
CA GLN A 36 6.44 1.90 3.89
C GLN A 36 5.28 1.11 3.30
N VAL A 37 4.13 1.20 3.99
CA VAL A 37 2.92 0.52 3.57
C VAL A 37 1.69 1.22 4.13
N LEU A 38 1.34 2.36 3.55
CA LEU A 38 0.21 3.15 4.00
C LEU A 38 -1.08 2.76 3.29
N ILE A 39 -2.20 3.24 3.80
CA ILE A 39 -3.50 2.95 3.21
C ILE A 39 -4.23 4.25 2.86
N PRO A 40 -4.91 4.30 1.70
CA PRO A 40 -5.64 5.48 1.25
C PRO A 40 -6.98 5.67 1.96
N THR A 41 -6.94 6.35 3.11
CA THR A 41 -8.15 6.59 3.88
C THR A 41 -8.16 8.02 4.44
N GLU A 42 -9.26 8.73 4.21
CA GLU A 42 -9.40 10.12 4.68
C GLU A 42 -10.05 10.19 6.04
N GLU A 43 -9.95 9.11 6.77
CA GLU A 43 -10.51 9.03 8.11
C GLU A 43 -9.90 7.88 8.91
N VAL A 44 -10.08 7.92 10.22
CA VAL A 44 -9.55 6.87 11.10
C VAL A 44 -10.50 6.58 12.26
N VAL A 45 -10.21 5.50 12.98
CA VAL A 45 -11.04 5.11 14.12
C VAL A 45 -10.19 4.91 15.36
N GLU A 46 -10.56 5.58 16.45
CA GLU A 46 -9.84 5.48 17.71
C GLU A 46 -10.76 5.74 18.89
N LEU A 47 -10.19 5.73 20.09
CA LEU A 47 -10.96 5.97 21.31
C LEU A 47 -11.15 7.46 21.55
N ARG A 48 -12.35 7.84 21.98
CA ARG A 48 -12.66 9.24 22.25
C ARG A 48 -12.55 9.54 23.75
N GLU A 49 -11.36 9.34 24.30
CA GLU A 49 -11.12 9.60 25.72
C GLU A 49 -9.81 10.35 25.93
N GLY A 50 -8.70 9.67 25.67
CA GLY A 50 -7.39 10.29 25.83
C GLY A 50 -6.44 9.95 24.70
N GLY A 51 -6.95 9.99 23.48
CA GLY A 51 -6.12 9.68 22.32
C GLY A 51 -6.34 10.65 21.18
N LYS A 52 -7.40 10.42 20.41
CA LYS A 52 -7.71 11.27 19.28
C LYS A 52 -9.18 11.12 18.86
N LYS A 53 -9.74 12.17 18.28
CA LYS A 53 -11.13 12.15 17.85
C LYS A 53 -11.27 11.41 16.51
N GLU A 54 -11.86 10.22 16.55
CA GLU A 54 -12.05 9.42 15.35
C GLU A 54 -13.19 8.43 15.54
N VAL A 55 -13.59 7.77 14.45
CA VAL A 55 -14.67 6.80 14.51
C VAL A 55 -14.55 5.76 13.39
N VAL A 56 -14.14 6.20 12.20
CA VAL A 56 -14.01 5.31 11.06
C VAL A 56 -13.02 5.86 10.04
N ARG A 57 -12.90 5.19 8.90
CA ARG A 57 -11.99 5.63 7.84
C ARG A 57 -12.74 5.87 6.53
N LYS A 58 -12.27 6.85 5.77
CA LYS A 58 -12.89 7.17 4.49
C LYS A 58 -11.95 6.85 3.34
N LYS A 59 -11.93 5.58 2.94
CA LYS A 59 -11.06 5.12 1.87
C LYS A 59 -11.16 6.02 0.64
N LEU A 60 -10.09 6.79 0.40
CA LEU A 60 -10.04 7.68 -0.76
C LEU A 60 -9.70 6.92 -2.02
N PHE A 61 -8.92 5.87 -1.86
CA PHE A 61 -8.51 5.03 -3.00
C PHE A 61 -8.70 3.56 -2.67
N PRO A 62 -9.98 3.11 -2.56
CA PRO A 62 -10.29 1.71 -2.24
C PRO A 62 -9.62 0.73 -3.18
N GLY A 63 -9.05 -0.33 -2.61
CA GLY A 63 -8.39 -1.34 -3.41
C GLY A 63 -6.97 -0.94 -3.82
N TYR A 64 -6.56 0.26 -3.44
CA TYR A 64 -5.22 0.74 -3.77
C TYR A 64 -4.32 0.74 -2.55
N LEU A 65 -3.33 -0.16 -2.55
CA LEU A 65 -2.39 -0.27 -1.45
C LEU A 65 -1.08 0.42 -1.79
N PHE A 66 -0.68 1.39 -0.98
CA PHE A 66 0.57 2.12 -1.21
C PHE A 66 1.74 1.44 -0.52
N ILE A 67 2.73 1.03 -1.31
CA ILE A 67 3.90 0.36 -0.77
C ILE A 67 5.19 1.03 -1.26
N GLN A 68 5.85 1.77 -0.36
CA GLN A 68 7.08 2.45 -0.71
C GLN A 68 8.26 1.47 -0.68
N MET A 69 8.31 0.61 -1.69
CA MET A 69 9.37 -0.39 -1.79
C MET A 69 10.55 0.14 -2.60
N ASP A 70 11.52 -0.72 -2.85
CA ASP A 70 12.70 -0.34 -3.62
C ASP A 70 12.99 -1.38 -4.72
N LEU A 71 12.78 -0.98 -5.97
CA LEU A 71 13.02 -1.87 -7.09
C LEU A 71 14.31 -1.50 -7.82
N GLY A 72 14.61 -0.20 -7.86
CA GLY A 72 15.81 0.25 -8.53
C GLY A 72 15.64 0.36 -10.03
N ASP A 73 15.56 -0.78 -10.71
CA ASP A 73 15.40 -0.80 -12.15
C ASP A 73 14.17 -1.62 -12.55
N GLU A 74 13.78 -1.50 -13.82
CA GLU A 74 12.62 -2.23 -14.32
C GLU A 74 13.04 -3.51 -15.04
N GLU A 75 14.28 -3.53 -15.52
CA GLU A 75 14.81 -4.70 -16.23
C GLU A 75 14.66 -5.96 -15.39
N GLU A 76 15.54 -6.12 -14.41
CA GLU A 76 15.52 -7.29 -13.54
C GLU A 76 15.16 -6.89 -12.11
N PRO A 77 13.86 -6.95 -11.75
CA PRO A 77 13.39 -6.59 -10.41
C PRO A 77 14.11 -7.38 -9.32
N ASN A 78 13.96 -6.94 -8.08
CA ASN A 78 14.60 -7.61 -6.94
C ASN A 78 13.75 -8.78 -6.46
N GLU A 79 14.30 -9.56 -5.52
CA GLU A 79 13.60 -10.71 -4.98
C GLU A 79 12.27 -10.30 -4.35
N ALA A 80 12.19 -9.05 -3.92
CA ALA A 80 10.97 -8.53 -3.29
C ALA A 80 9.77 -8.71 -4.20
N TRP A 81 9.94 -8.44 -5.49
CA TRP A 81 8.87 -8.58 -6.47
C TRP A 81 8.42 -10.02 -6.58
N GLU A 82 9.40 -10.93 -6.63
CA GLU A 82 9.10 -12.36 -6.75
C GLU A 82 8.26 -12.84 -5.57
N VAL A 83 8.53 -12.30 -4.39
CA VAL A 83 7.80 -12.67 -3.19
C VAL A 83 6.40 -12.08 -3.20
N VAL A 84 6.30 -10.80 -3.56
CA VAL A 84 5.02 -10.11 -3.62
C VAL A 84 4.11 -10.73 -4.67
N ARG A 85 4.69 -11.06 -5.82
CA ARG A 85 3.94 -11.66 -6.91
C ARG A 85 3.44 -13.05 -6.54
N GLY A 86 4.10 -13.68 -5.58
CA GLY A 86 3.71 -15.01 -5.14
C GLY A 86 2.69 -14.99 -4.02
N THR A 87 2.67 -13.89 -3.26
CA THR A 87 1.74 -13.76 -2.14
C THR A 87 0.29 -13.90 -2.62
N PRO A 88 -0.43 -14.94 -2.17
CA PRO A 88 -1.82 -15.17 -2.57
C PRO A 88 -2.70 -13.94 -2.35
N GLY A 89 -3.46 -13.57 -3.37
CA GLY A 89 -4.33 -12.41 -3.27
C GLY A 89 -3.73 -11.17 -3.90
N ILE A 90 -2.49 -11.26 -4.36
CA ILE A 90 -1.82 -10.14 -4.99
C ILE A 90 -2.25 -9.97 -6.44
N THR A 91 -3.04 -8.92 -6.70
CA THR A 91 -3.52 -8.66 -8.04
C THR A 91 -2.94 -7.35 -8.58
N GLY A 92 -1.82 -7.48 -9.30
CA GLY A 92 -1.17 -6.30 -9.86
C GLY A 92 -2.03 -5.58 -10.88
N PHE A 93 -2.46 -4.38 -10.53
CA PHE A 93 -3.30 -3.58 -11.42
C PHE A 93 -4.62 -4.29 -11.71
N VAL A 94 -5.65 -3.49 -11.99
CA VAL A 94 -6.98 -4.04 -12.29
C VAL A 94 -6.93 -5.00 -13.46
N GLY A 95 -6.00 -4.77 -14.38
CA GLY A 95 -5.86 -5.62 -15.53
C GLY A 95 -5.77 -4.84 -16.83
N ALA A 96 -4.70 -4.07 -16.97
CA ALA A 96 -4.50 -3.26 -18.17
C ALA A 96 -3.06 -2.76 -18.26
N GLY A 97 -2.26 -3.44 -19.08
CA GLY A 97 -0.87 -3.05 -19.24
C GLY A 97 0.05 -3.74 -18.26
N MET A 98 0.91 -2.96 -17.61
CA MET A 98 1.85 -3.50 -16.64
C MET A 98 1.18 -3.65 -15.27
N ARG A 99 1.64 -4.63 -14.49
CA ARG A 99 1.08 -4.87 -13.17
C ARG A 99 1.41 -3.73 -12.22
N PRO A 100 2.72 -3.44 -12.03
CA PRO A 100 3.16 -2.35 -11.13
C PRO A 100 2.80 -0.98 -11.67
N VAL A 101 2.30 -0.11 -10.78
CA VAL A 101 1.91 1.24 -11.17
C VAL A 101 2.41 2.26 -10.15
N PRO A 102 3.64 2.75 -10.31
CA PRO A 102 4.24 3.74 -9.40
C PRO A 102 3.51 5.08 -9.45
N LEU A 103 3.16 5.60 -8.28
CA LEU A 103 2.46 6.87 -8.18
C LEU A 103 3.43 8.04 -8.34
N SER A 104 2.89 9.23 -8.61
CA SER A 104 3.71 10.42 -8.79
C SER A 104 3.98 11.08 -7.44
N PRO A 105 5.21 11.60 -7.24
CA PRO A 105 5.59 12.27 -6.00
C PRO A 105 4.58 13.32 -5.56
N ASP A 106 3.93 13.94 -6.55
CA ASP A 106 2.94 14.97 -6.26
C ASP A 106 1.69 14.37 -5.62
N GLU A 107 1.24 13.24 -6.14
CA GLU A 107 0.07 12.56 -5.62
C GLU A 107 0.40 11.78 -4.35
N VAL A 108 1.64 11.30 -4.27
CA VAL A 108 2.09 10.53 -3.12
C VAL A 108 2.01 11.37 -1.85
N ARG A 109 2.47 12.62 -1.94
CA ARG A 109 2.45 13.52 -0.78
C ARG A 109 1.03 13.76 -0.29
N HIS A 110 0.07 13.69 -1.22
CA HIS A 110 -1.33 13.90 -0.87
C HIS A 110 -1.91 12.67 -0.16
N ILE A 111 -1.62 11.49 -0.70
CA ILE A 111 -2.12 10.25 -0.12
C ILE A 111 -1.39 9.95 1.20
N LEU A 112 -0.15 10.45 1.32
CA LEU A 112 0.64 10.22 2.52
C LEU A 112 0.16 11.13 3.64
N GLU A 113 -0.23 12.35 3.28
CA GLU A 113 -0.72 13.32 4.25
C GLU A 113 -2.03 12.85 4.87
N VAL A 114 -2.79 12.06 4.11
CA VAL A 114 -4.06 11.54 4.58
C VAL A 114 -3.86 10.39 5.55
N SER A 115 -2.92 9.51 5.23
CA SER A 115 -2.63 8.35 6.07
C SER A 115 -2.25 8.79 7.49
N GLY A 116 -1.17 9.53 7.60
CA GLY A 116 -0.71 10.00 8.89
C GLY A 116 0.79 10.19 8.96
N LEU A 117 1.35 10.80 7.93
CA LEU A 117 2.79 11.05 7.87
C LEU A 117 3.08 12.54 7.78
N LEU A 118 2.46 13.20 6.80
CA LEU A 118 2.65 14.63 6.60
C LEU A 118 1.59 15.43 7.34
N GLY A 119 0.39 14.85 7.47
CA GLY A 119 -0.69 15.52 8.15
C GLY A 119 -0.58 15.42 9.65
N SER A 1 16.95 7.67 -1.83
CA SER A 1 15.74 7.88 -2.67
C SER A 1 15.05 6.54 -2.96
N ILE A 2 13.72 6.54 -2.85
CA ILE A 2 12.94 5.33 -3.10
C ILE A 2 11.69 5.66 -3.91
N GLU A 3 10.77 4.70 -4.02
CA GLU A 3 9.55 4.90 -4.79
C GLU A 3 8.34 4.26 -4.12
N TRP A 4 7.17 4.85 -4.37
CA TRP A 4 5.92 4.36 -3.82
C TRP A 4 5.17 3.51 -4.86
N TYR A 5 5.38 2.21 -4.82
CA TYR A 5 4.73 1.30 -5.76
C TYR A 5 3.35 0.91 -5.26
N ALA A 6 2.33 1.12 -6.09
CA ALA A 6 0.97 0.79 -5.73
C ALA A 6 0.48 -0.47 -6.44
N VAL A 7 -0.29 -1.29 -5.72
CA VAL A 7 -0.83 -2.51 -6.28
C VAL A 7 -2.35 -2.57 -6.09
N HIS A 8 -3.03 -3.25 -7.01
CA HIS A 8 -4.48 -3.36 -6.94
C HIS A 8 -4.89 -4.65 -6.22
N THR A 9 -6.02 -4.59 -5.53
CA THR A 9 -6.53 -5.75 -4.79
C THR A 9 -8.05 -5.84 -4.91
N LEU A 10 -8.62 -6.89 -4.33
CA LEU A 10 -10.06 -7.11 -4.37
C LEU A 10 -10.73 -6.44 -3.17
N VAL A 11 -11.90 -5.86 -3.40
CA VAL A 11 -12.65 -5.19 -2.34
C VAL A 11 -13.21 -6.20 -1.34
N GLY A 12 -12.59 -6.28 -0.17
CA GLY A 12 -13.04 -7.21 0.85
C GLY A 12 -11.95 -8.16 1.29
N GLN A 13 -11.00 -8.43 0.40
CA GLN A 13 -9.90 -9.33 0.71
C GLN A 13 -8.62 -8.56 1.02
N GLU A 14 -8.59 -7.29 0.64
CA GLU A 14 -7.43 -6.44 0.88
C GLU A 14 -7.03 -6.46 2.36
N GLU A 15 -8.03 -6.46 3.23
CA GLU A 15 -7.79 -6.48 4.67
C GLU A 15 -6.91 -7.65 5.06
N LYS A 16 -7.18 -8.82 4.48
CA LYS A 16 -6.41 -10.02 4.77
C LYS A 16 -5.15 -10.08 3.92
N ALA A 17 -5.19 -9.43 2.75
CA ALA A 17 -4.05 -9.41 1.85
C ALA A 17 -2.88 -8.66 2.47
N LYS A 18 -3.18 -7.56 3.17
CA LYS A 18 -2.15 -6.76 3.81
C LYS A 18 -1.36 -7.58 4.81
N ALA A 19 -2.07 -8.18 5.78
CA ALA A 19 -1.43 -8.99 6.80
C ALA A 19 -0.71 -10.19 6.18
N ASN A 20 -1.36 -10.84 5.22
CA ASN A 20 -0.78 -11.99 4.55
C ASN A 20 0.52 -11.61 3.85
N LEU A 21 0.51 -10.46 3.18
CA LEU A 21 1.69 -9.99 2.46
C LEU A 21 2.76 -9.50 3.42
N GLU A 22 2.34 -8.67 4.37
CA GLU A 22 3.27 -8.12 5.36
C GLU A 22 3.94 -9.23 6.16
N LYS A 23 3.29 -10.39 6.23
CA LYS A 23 3.85 -11.53 6.95
C LYS A 23 4.85 -12.27 6.08
N ARG A 24 4.49 -12.48 4.83
CA ARG A 24 5.36 -13.15 3.88
C ARG A 24 6.57 -12.28 3.55
N ILE A 25 6.40 -10.97 3.70
CA ILE A 25 7.47 -10.02 3.43
C ILE A 25 8.57 -10.14 4.47
N LYS A 26 8.21 -10.55 5.68
CA LYS A 26 9.17 -10.71 6.76
C LYS A 26 9.72 -12.12 6.80
N ALA A 27 8.88 -13.10 6.43
CA ALA A 27 9.28 -14.49 6.43
C ALA A 27 10.28 -14.77 5.30
N PHE A 28 10.16 -14.00 4.21
CA PHE A 28 11.06 -14.16 3.07
C PHE A 28 12.39 -13.48 3.32
N GLY A 29 12.34 -12.32 3.98
CA GLY A 29 13.56 -11.59 4.28
C GLY A 29 13.82 -10.46 3.31
N LEU A 30 12.94 -9.46 3.32
CA LEU A 30 13.08 -8.31 2.43
C LEU A 30 12.49 -7.05 3.07
N GLN A 31 12.50 -7.02 4.40
CA GLN A 31 11.98 -5.88 5.14
C GLN A 31 12.88 -4.65 4.96
N ASP A 32 14.07 -4.85 4.41
CA ASP A 32 15.00 -3.77 4.18
C ASP A 32 14.63 -2.98 2.94
N LYS A 33 14.01 -3.66 1.98
CA LYS A 33 13.59 -3.01 0.73
C LYS A 33 12.32 -2.19 0.96
N ILE A 34 11.33 -2.82 1.58
CA ILE A 34 10.06 -2.14 1.87
C ILE A 34 10.16 -1.35 3.16
N PHE A 35 10.19 -0.02 3.05
CA PHE A 35 10.29 0.84 4.23
C PHE A 35 8.92 1.29 4.71
N GLN A 36 8.12 1.84 3.81
CA GLN A 36 6.78 2.32 4.18
C GLN A 36 5.69 1.48 3.52
N VAL A 37 4.51 1.50 4.15
CA VAL A 37 3.36 0.76 3.67
C VAL A 37 2.07 1.46 4.13
N LEU A 38 1.76 2.58 3.49
CA LEU A 38 0.57 3.35 3.84
C LEU A 38 -0.66 2.83 3.11
N ILE A 39 -1.79 2.84 3.81
CA ILE A 39 -3.05 2.39 3.23
C ILE A 39 -3.86 3.57 2.72
N PRO A 40 -4.31 3.53 1.45
CA PRO A 40 -5.10 4.61 0.84
C PRO A 40 -6.43 4.84 1.55
N THR A 41 -6.37 5.46 2.73
CA THR A 41 -7.57 5.75 3.50
C THR A 41 -7.52 7.16 4.08
N GLU A 42 -8.68 7.81 4.11
CA GLU A 42 -8.77 9.17 4.64
C GLU A 42 -9.10 9.15 6.13
N GLU A 43 -8.12 9.52 6.95
CA GLU A 43 -8.31 9.54 8.39
C GLU A 43 -8.69 10.95 8.87
N VAL A 44 -9.77 11.04 9.64
CA VAL A 44 -10.24 12.32 10.17
C VAL A 44 -10.54 12.22 11.65
N VAL A 45 -9.81 12.98 12.45
CA VAL A 45 -10.00 12.98 13.90
C VAL A 45 -9.86 14.38 14.48
N GLU A 46 -10.66 14.68 15.49
CA GLU A 46 -10.62 15.99 16.14
C GLU A 46 -11.07 15.89 17.59
N LEU A 47 -10.82 16.93 18.37
CA LEU A 47 -11.20 16.95 19.77
C LEU A 47 -11.74 18.33 20.18
N ARG A 48 -12.50 18.94 19.29
CA ARG A 48 -13.06 20.26 19.55
C ARG A 48 -14.57 20.16 19.79
N GLU A 49 -15.14 21.24 20.34
CA GLU A 49 -16.58 21.27 20.62
C GLU A 49 -16.96 20.19 21.63
N GLY A 50 -16.92 20.54 22.91
CA GLY A 50 -17.26 19.59 23.94
C GLY A 50 -16.06 18.88 24.51
N GLY A 51 -16.05 17.54 24.41
CA GLY A 51 -14.94 16.76 24.92
C GLY A 51 -14.07 16.22 23.80
N LYS A 52 -14.69 15.68 22.76
CA LYS A 52 -13.96 15.12 21.63
C LYS A 52 -14.86 15.03 20.40
N LYS A 53 -14.27 14.66 19.27
CA LYS A 53 -15.01 14.53 18.02
C LYS A 53 -15.18 13.06 17.64
N GLU A 54 -15.65 12.82 16.42
CA GLU A 54 -15.86 11.46 15.93
C GLU A 54 -14.62 10.96 15.18
N VAL A 55 -14.17 9.77 15.54
CA VAL A 55 -13.00 9.17 14.90
C VAL A 55 -13.41 8.16 13.83
N VAL A 56 -13.18 8.51 12.57
CA VAL A 56 -13.53 7.62 11.46
C VAL A 56 -12.52 7.73 10.34
N ARG A 57 -12.48 6.72 9.49
CA ARG A 57 -11.55 6.70 8.36
C ARG A 57 -12.01 5.72 7.29
N LYS A 58 -12.15 6.21 6.06
CA LYS A 58 -12.58 5.38 4.94
C LYS A 58 -11.45 5.20 3.93
N LYS A 59 -11.71 4.39 2.91
CA LYS A 59 -10.71 4.13 1.87
C LYS A 59 -10.87 5.10 0.71
N LEU A 60 -9.81 5.84 0.41
CA LEU A 60 -9.84 6.81 -0.68
C LEU A 60 -9.64 6.11 -2.02
N PHE A 61 -8.61 5.26 -2.10
CA PHE A 61 -8.32 4.51 -3.32
C PHE A 61 -8.80 3.07 -3.19
N PRO A 62 -10.00 2.76 -3.73
CA PRO A 62 -10.57 1.41 -3.67
C PRO A 62 -9.64 0.36 -4.23
N GLY A 63 -9.34 -0.65 -3.42
CA GLY A 63 -8.47 -1.72 -3.85
C GLY A 63 -7.08 -1.24 -4.21
N TYR A 64 -6.53 -0.35 -3.40
CA TYR A 64 -5.20 0.20 -3.66
C TYR A 64 -4.31 0.06 -2.42
N LEU A 65 -3.00 -0.06 -2.64
CA LEU A 65 -2.05 -0.19 -1.54
C LEU A 65 -0.73 0.49 -1.91
N PHE A 66 -0.40 1.55 -1.18
CA PHE A 66 0.84 2.28 -1.43
C PHE A 66 2.00 1.73 -0.59
N ILE A 67 3.07 1.32 -1.28
CA ILE A 67 4.23 0.77 -0.61
C ILE A 67 5.52 1.48 -1.05
N GLN A 68 6.15 2.18 -0.13
CA GLN A 68 7.38 2.89 -0.44
C GLN A 68 8.57 1.94 -0.40
N MET A 69 8.66 1.08 -1.41
CA MET A 69 9.74 0.10 -1.50
C MET A 69 10.92 0.67 -2.28
N ASP A 70 11.87 -0.20 -2.62
CA ASP A 70 13.05 0.20 -3.39
C ASP A 70 13.34 -0.80 -4.49
N LEU A 71 12.62 -0.70 -5.59
CA LEU A 71 12.80 -1.60 -6.73
C LEU A 71 13.95 -1.13 -7.61
N GLY A 72 13.73 -0.04 -8.34
CA GLY A 72 14.75 0.50 -9.22
C GLY A 72 15.32 -0.55 -10.16
N ASP A 73 14.53 -1.58 -10.45
CA ASP A 73 14.97 -2.65 -11.34
C ASP A 73 14.52 -2.38 -12.78
N GLU A 74 15.41 -2.64 -13.73
CA GLU A 74 15.11 -2.42 -15.14
C GLU A 74 14.58 -3.70 -15.78
N GLU A 75 15.08 -4.84 -15.32
CA GLU A 75 14.65 -6.13 -15.85
C GLU A 75 13.40 -6.62 -15.13
N GLU A 76 13.59 -7.14 -13.92
CA GLU A 76 12.48 -7.65 -13.12
C GLU A 76 12.69 -7.33 -11.64
N PRO A 77 11.79 -6.53 -11.04
CA PRO A 77 11.88 -6.15 -9.63
C PRO A 77 11.70 -7.35 -8.70
N ASN A 78 12.65 -8.27 -8.73
CA ASN A 78 12.59 -9.46 -7.89
C ASN A 78 12.47 -9.09 -6.42
N GLU A 79 12.59 -10.09 -5.54
CA GLU A 79 12.49 -9.87 -4.11
C GLU A 79 11.13 -9.29 -3.73
N ALA A 80 10.99 -7.97 -3.87
CA ALA A 80 9.74 -7.29 -3.54
C ALA A 80 8.59 -7.84 -4.37
N TRP A 81 8.85 -8.10 -5.64
CA TRP A 81 7.82 -8.63 -6.54
C TRP A 81 7.72 -10.14 -6.41
N GLU A 82 8.84 -10.79 -6.09
CA GLU A 82 8.87 -12.23 -5.93
C GLU A 82 7.93 -12.68 -4.81
N VAL A 83 7.80 -11.82 -3.80
CA VAL A 83 6.93 -12.12 -2.66
C VAL A 83 5.48 -11.80 -2.98
N VAL A 84 5.26 -10.64 -3.59
CA VAL A 84 3.91 -10.21 -3.95
C VAL A 84 3.26 -11.19 -4.92
N ARG A 85 3.99 -11.53 -5.98
CA ARG A 85 3.49 -12.47 -6.98
C ARG A 85 3.47 -13.89 -6.43
N GLY A 86 4.32 -14.15 -5.44
CA GLY A 86 4.39 -15.48 -4.85
C GLY A 86 3.32 -15.71 -3.79
N THR A 87 2.71 -14.63 -3.31
CA THR A 87 1.67 -14.73 -2.30
C THR A 87 0.34 -15.14 -2.93
N PRO A 88 -0.24 -16.29 -2.51
CA PRO A 88 -1.51 -16.77 -3.05
C PRO A 88 -2.68 -15.86 -2.70
N GLY A 89 -2.46 -14.96 -1.74
CA GLY A 89 -3.52 -14.05 -1.34
C GLY A 89 -3.45 -12.72 -2.06
N ILE A 90 -2.87 -12.73 -3.26
CA ILE A 90 -2.74 -11.51 -4.05
C ILE A 90 -3.59 -11.60 -5.31
N THR A 91 -4.48 -10.63 -5.50
CA THR A 91 -5.36 -10.60 -6.67
C THR A 91 -5.73 -9.18 -7.04
N GLY A 92 -5.18 -8.70 -8.15
CA GLY A 92 -5.48 -7.34 -8.59
C GLY A 92 -4.41 -6.79 -9.51
N PHE A 93 -3.43 -6.10 -8.92
CA PHE A 93 -2.35 -5.52 -9.70
C PHE A 93 -2.88 -4.52 -10.73
N VAL A 94 -2.01 -3.63 -11.19
CA VAL A 94 -2.39 -2.63 -12.17
C VAL A 94 -2.81 -3.27 -13.49
N GLY A 95 -3.87 -2.75 -14.10
CA GLY A 95 -4.35 -3.29 -15.35
C GLY A 95 -3.77 -2.57 -16.56
N ALA A 96 -2.46 -2.32 -16.52
CA ALA A 96 -1.78 -1.63 -17.60
C ALA A 96 -0.85 -2.57 -18.35
N GLY A 97 -0.05 -3.33 -17.61
CA GLY A 97 0.88 -4.26 -18.22
C GLY A 97 1.31 -5.36 -17.27
N MET A 98 2.62 -5.53 -17.12
CA MET A 98 3.16 -6.55 -16.23
C MET A 98 3.92 -5.93 -15.06
N ARG A 99 4.60 -4.82 -15.33
CA ARG A 99 5.36 -4.12 -14.31
C ARG A 99 4.45 -3.21 -13.48
N PRO A 100 4.77 -3.03 -12.18
CA PRO A 100 3.98 -2.19 -11.28
C PRO A 100 4.06 -0.71 -11.66
N VAL A 101 3.14 0.09 -11.14
CA VAL A 101 3.10 1.51 -11.43
C VAL A 101 3.14 2.35 -10.15
N PRO A 102 4.20 3.15 -9.94
CA PRO A 102 4.32 3.98 -8.74
C PRO A 102 3.46 5.24 -8.82
N LEU A 103 3.36 5.97 -7.72
CA LEU A 103 2.57 7.19 -7.68
C LEU A 103 3.40 8.40 -8.07
N SER A 104 2.72 9.46 -8.51
CA SER A 104 3.40 10.68 -8.93
C SER A 104 3.76 11.53 -7.71
N PRO A 105 4.85 12.32 -7.81
CA PRO A 105 5.31 13.19 -6.72
C PRO A 105 4.19 14.02 -6.13
N ASP A 106 3.22 14.39 -6.97
CA ASP A 106 2.10 15.19 -6.52
C ASP A 106 1.08 14.34 -5.78
N GLU A 107 0.77 13.17 -6.33
CA GLU A 107 -0.20 12.26 -5.71
C GLU A 107 0.39 11.64 -4.45
N VAL A 108 1.71 11.42 -4.45
CA VAL A 108 2.38 10.83 -3.31
C VAL A 108 2.25 11.70 -2.07
N ARG A 109 2.59 12.97 -2.21
CA ARG A 109 2.49 13.90 -1.09
C ARG A 109 1.05 14.02 -0.62
N HIS A 110 0.11 13.75 -1.51
CA HIS A 110 -1.31 13.83 -1.18
C HIS A 110 -1.73 12.61 -0.36
N ILE A 111 -1.41 11.42 -0.85
CA ILE A 111 -1.76 10.19 -0.14
C ILE A 111 -0.93 10.04 1.14
N LEU A 112 0.14 10.83 1.23
CA LEU A 112 1.02 10.80 2.41
C LEU A 112 0.41 11.61 3.54
N GLU A 113 -0.24 12.72 3.19
CA GLU A 113 -0.86 13.59 4.18
C GLU A 113 -2.21 13.04 4.62
N VAL A 114 -2.92 12.42 3.69
CA VAL A 114 -4.22 11.85 3.99
C VAL A 114 -4.08 10.55 4.77
N SER A 115 -3.18 9.68 4.32
CA SER A 115 -2.96 8.40 4.98
C SER A 115 -2.49 8.61 6.42
N GLY A 116 -1.47 9.45 6.59
CA GLY A 116 -0.95 9.73 7.92
C GLY A 116 0.57 9.70 7.97
N LEU A 117 1.20 10.63 7.26
CA LEU A 117 2.66 10.71 7.23
C LEU A 117 3.13 12.16 7.35
N LEU A 118 2.55 13.03 6.54
CA LEU A 118 2.91 14.44 6.55
C LEU A 118 2.09 15.20 7.58
N GLY A 119 0.76 15.05 7.51
CA GLY A 119 -0.12 15.72 8.44
C GLY A 119 -0.96 16.79 7.77
N SER A 1 16.02 6.83 -2.81
CA SER A 1 16.13 5.99 -4.03
C SER A 1 15.05 4.91 -4.06
N ILE A 2 13.82 5.31 -3.73
CA ILE A 2 12.70 4.38 -3.71
C ILE A 2 11.45 5.03 -4.30
N GLU A 3 10.34 4.31 -4.30
CA GLU A 3 9.09 4.84 -4.85
C GLU A 3 7.87 4.09 -4.32
N TRP A 4 6.71 4.74 -4.44
CA TRP A 4 5.44 4.15 -4.00
C TRP A 4 4.77 3.39 -5.15
N TYR A 5 5.07 2.11 -5.25
CA TYR A 5 4.48 1.28 -6.30
C TYR A 5 3.10 0.78 -5.90
N ALA A 6 2.07 1.32 -6.54
CA ALA A 6 0.70 0.93 -6.24
C ALA A 6 0.31 -0.33 -7.00
N VAL A 7 -0.57 -1.13 -6.39
CA VAL A 7 -1.02 -2.37 -7.01
C VAL A 7 -2.52 -2.58 -6.78
N HIS A 8 -3.03 -3.70 -7.28
CA HIS A 8 -4.44 -4.02 -7.13
C HIS A 8 -4.65 -5.15 -6.13
N THR A 9 -5.65 -5.02 -5.27
CA THR A 9 -5.95 -6.03 -4.27
C THR A 9 -7.43 -6.38 -4.27
N LEU A 10 -7.82 -7.28 -3.37
CA LEU A 10 -9.22 -7.71 -3.27
C LEU A 10 -10.02 -6.73 -2.42
N VAL A 11 -11.06 -6.15 -3.02
CA VAL A 11 -11.91 -5.19 -2.32
C VAL A 11 -12.54 -5.84 -1.09
N GLY A 12 -12.25 -5.28 0.08
CA GLY A 12 -12.79 -5.80 1.32
C GLY A 12 -11.84 -6.75 2.02
N GLN A 13 -10.99 -7.41 1.23
CA GLN A 13 -10.01 -8.34 1.77
C GLN A 13 -8.64 -7.69 1.91
N GLU A 14 -8.54 -6.42 1.52
CA GLU A 14 -7.27 -5.69 1.60
C GLU A 14 -6.61 -5.88 2.98
N GLU A 15 -7.42 -5.79 4.03
CA GLU A 15 -6.92 -5.96 5.39
C GLU A 15 -6.16 -7.28 5.54
N LYS A 16 -6.66 -8.32 4.88
CA LYS A 16 -6.04 -9.63 4.94
C LYS A 16 -4.99 -9.78 3.85
N ALA A 17 -5.18 -9.07 2.74
CA ALA A 17 -4.25 -9.12 1.62
C ALA A 17 -2.87 -8.59 2.03
N LYS A 18 -2.82 -7.33 2.45
CA LYS A 18 -1.58 -6.71 2.87
C LYS A 18 -1.00 -7.41 4.10
N ALA A 19 -1.89 -7.81 5.01
CA ALA A 19 -1.48 -8.49 6.22
C ALA A 19 -0.76 -9.79 5.90
N ASN A 20 -1.30 -10.55 4.95
CA ASN A 20 -0.71 -11.81 4.54
C ASN A 20 0.68 -11.59 3.96
N LEU A 21 0.84 -10.51 3.19
CA LEU A 21 2.12 -10.19 2.57
C LEU A 21 3.14 -9.82 3.64
N GLU A 22 2.77 -8.88 4.50
CA GLU A 22 3.67 -8.44 5.57
C GLU A 22 4.29 -9.63 6.30
N LYS A 23 3.54 -10.72 6.37
CA LYS A 23 4.01 -11.93 7.05
C LYS A 23 5.11 -12.60 6.22
N ARG A 24 4.92 -12.64 4.91
CA ARG A 24 5.89 -13.26 4.01
C ARG A 24 7.14 -12.39 3.92
N ILE A 25 6.95 -11.08 3.93
CA ILE A 25 8.07 -10.14 3.84
C ILE A 25 8.89 -10.17 5.14
N LYS A 26 8.22 -10.45 6.25
CA LYS A 26 8.89 -10.50 7.55
C LYS A 26 9.44 -11.90 7.82
N ALA A 27 8.73 -12.91 7.33
CA ALA A 27 9.15 -14.30 7.52
C ALA A 27 10.39 -14.62 6.69
N PHE A 28 10.42 -14.08 5.47
CA PHE A 28 11.55 -14.32 4.58
C PHE A 28 12.71 -13.38 4.92
N GLY A 29 12.38 -12.16 5.33
CA GLY A 29 13.40 -11.20 5.68
C GLY A 29 13.86 -10.37 4.49
N LEU A 30 13.14 -9.28 4.22
CA LEU A 30 13.48 -8.40 3.10
C LEU A 30 13.00 -6.97 3.38
N GLN A 31 13.31 -6.48 4.56
CA GLN A 31 12.91 -5.12 4.95
C GLN A 31 13.73 -4.07 4.20
N ASP A 32 14.75 -4.51 3.47
CA ASP A 32 15.60 -3.59 2.72
C ASP A 32 14.93 -3.19 1.42
N LYS A 33 13.95 -3.97 0.97
CA LYS A 33 13.23 -3.69 -0.26
C LYS A 33 11.93 -2.94 0.03
N ILE A 34 11.10 -3.54 0.88
CA ILE A 34 9.83 -2.94 1.25
C ILE A 34 9.99 -2.09 2.51
N PHE A 35 9.48 -0.86 2.45
CA PHE A 35 9.59 0.05 3.59
C PHE A 35 8.22 0.51 4.07
N GLN A 36 7.41 1.07 3.17
CA GLN A 36 6.09 1.55 3.54
C GLN A 36 4.97 0.81 2.83
N VAL A 37 3.78 0.87 3.42
CA VAL A 37 2.60 0.22 2.86
C VAL A 37 1.34 0.90 3.41
N LEU A 38 0.94 1.98 2.77
CA LEU A 38 -0.23 2.75 3.20
C LEU A 38 -1.48 2.36 2.43
N ILE A 39 -2.63 2.75 2.97
CA ILE A 39 -3.93 2.47 2.37
C ILE A 39 -4.88 3.65 2.59
N PRO A 40 -4.62 4.78 1.93
CA PRO A 40 -5.42 6.00 2.07
C PRO A 40 -6.92 5.74 2.12
N THR A 41 -7.52 6.07 3.26
CA THR A 41 -8.95 5.89 3.45
C THR A 41 -9.58 7.22 3.88
N GLU A 42 -10.90 7.32 3.76
CA GLU A 42 -11.59 8.54 4.15
C GLU A 42 -11.78 8.59 5.66
N GLU A 43 -11.45 9.74 6.25
CA GLU A 43 -11.58 9.92 7.69
C GLU A 43 -12.18 11.28 8.01
N VAL A 44 -13.36 11.26 8.63
CA VAL A 44 -14.06 12.50 8.98
C VAL A 44 -14.99 12.29 10.16
N VAL A 45 -15.35 13.38 10.83
CA VAL A 45 -16.24 13.31 11.98
C VAL A 45 -17.66 13.70 11.59
N GLU A 46 -18.64 13.21 12.34
CA GLU A 46 -20.04 13.50 12.07
C GLU A 46 -20.59 14.52 13.07
N LEU A 47 -20.68 14.10 14.33
CA LEU A 47 -21.19 14.97 15.38
C LEU A 47 -20.04 15.73 16.06
N ARG A 48 -20.17 17.04 16.15
CA ARG A 48 -19.15 17.88 16.78
C ARG A 48 -19.75 19.19 17.26
N GLU A 49 -21.02 19.15 17.66
CA GLU A 49 -21.70 20.34 18.15
C GLU A 49 -22.01 20.21 19.64
N GLY A 50 -22.88 19.26 19.98
CA GLY A 50 -23.25 19.06 21.37
C GLY A 50 -24.19 17.89 21.56
N GLY A 51 -23.64 16.68 21.50
CA GLY A 51 -24.47 15.49 21.66
C GLY A 51 -23.63 14.24 21.80
N LYS A 52 -22.83 13.94 20.78
CA LYS A 52 -21.99 12.75 20.80
C LYS A 52 -20.73 12.97 19.95
N LYS A 53 -19.85 11.98 19.96
CA LYS A 53 -18.60 12.06 19.19
C LYS A 53 -18.30 10.74 18.50
N GLU A 54 -18.43 10.74 17.17
CA GLU A 54 -18.17 9.54 16.39
C GLU A 54 -17.09 9.80 15.34
N VAL A 55 -16.80 8.78 14.53
CA VAL A 55 -15.80 8.90 13.48
C VAL A 55 -15.98 7.83 12.41
N VAL A 56 -16.52 8.24 11.26
CA VAL A 56 -16.75 7.31 10.16
C VAL A 56 -15.51 7.20 9.28
N ARG A 57 -15.44 6.10 8.54
CA ARG A 57 -14.32 5.85 7.65
C ARG A 57 -14.78 5.21 6.35
N LYS A 58 -14.04 5.46 5.27
CA LYS A 58 -14.37 4.91 3.96
C LYS A 58 -13.10 4.50 3.22
N LYS A 59 -13.15 4.49 1.89
CA LYS A 59 -11.99 4.12 1.09
C LYS A 59 -11.73 5.16 0.00
N LEU A 60 -10.55 5.77 0.03
CA LEU A 60 -10.18 6.77 -0.94
C LEU A 60 -9.65 6.12 -2.21
N PHE A 61 -8.83 5.09 -2.03
CA PHE A 61 -8.26 4.36 -3.16
C PHE A 61 -8.60 2.88 -3.08
N PRO A 62 -9.86 2.52 -3.39
CA PRO A 62 -10.31 1.12 -3.34
C PRO A 62 -9.48 0.21 -4.24
N GLY A 63 -9.24 -1.01 -3.79
CA GLY A 63 -8.45 -1.95 -4.57
C GLY A 63 -7.12 -1.38 -5.00
N TYR A 64 -6.62 -0.41 -4.26
CA TYR A 64 -5.34 0.23 -4.58
C TYR A 64 -4.50 0.40 -3.32
N LEU A 65 -3.39 -0.32 -3.25
CA LEU A 65 -2.49 -0.25 -2.10
C LEU A 65 -1.15 0.34 -2.50
N PHE A 66 -0.70 1.33 -1.75
CA PHE A 66 0.58 1.99 -2.02
C PHE A 66 1.70 1.33 -1.24
N ILE A 67 2.78 1.01 -1.92
CA ILE A 67 3.93 0.37 -1.29
C ILE A 67 5.23 1.09 -1.65
N GLN A 68 5.83 1.73 -0.65
CA GLN A 68 7.09 2.44 -0.87
C GLN A 68 8.25 1.46 -0.86
N MET A 69 8.31 0.64 -1.91
CA MET A 69 9.36 -0.36 -2.05
C MET A 69 10.57 0.19 -2.81
N ASP A 70 11.55 -0.68 -3.06
CA ASP A 70 12.75 -0.30 -3.78
C ASP A 70 12.95 -1.19 -4.99
N LEU A 71 12.34 -0.82 -6.12
CA LEU A 71 12.45 -1.60 -7.34
C LEU A 71 13.77 -1.31 -8.05
N GLY A 72 14.24 -0.07 -7.94
CA GLY A 72 15.49 0.31 -8.57
C GLY A 72 15.28 0.96 -9.93
N ASP A 73 15.56 0.22 -10.99
CA ASP A 73 15.40 0.73 -12.35
C ASP A 73 14.45 -0.16 -13.16
N GLU A 74 14.40 0.09 -14.46
CA GLU A 74 13.54 -0.67 -15.36
C GLU A 74 13.95 -2.14 -15.40
N GLU A 75 15.18 -2.43 -14.97
CA GLU A 75 15.68 -3.80 -14.96
C GLU A 75 14.74 -4.73 -14.19
N GLU A 76 15.17 -5.97 -14.02
CA GLU A 76 14.36 -6.96 -13.31
C GLU A 76 14.51 -6.78 -11.79
N PRO A 77 13.40 -6.94 -11.05
CA PRO A 77 13.42 -6.79 -9.58
C PRO A 77 14.02 -8.00 -8.88
N ASN A 78 14.19 -7.89 -7.57
CA ASN A 78 14.76 -8.97 -6.78
C ASN A 78 13.67 -9.91 -6.27
N GLU A 79 14.02 -10.75 -5.31
CA GLU A 79 13.07 -11.70 -4.73
C GLU A 79 11.85 -10.98 -4.15
N ALA A 80 12.03 -9.71 -3.79
CA ALA A 80 10.96 -8.91 -3.22
C ALA A 80 9.71 -8.96 -4.10
N TRP A 81 9.90 -8.82 -5.41
CA TRP A 81 8.79 -8.85 -6.35
C TRP A 81 8.26 -10.28 -6.51
N GLU A 82 9.14 -11.26 -6.36
CA GLU A 82 8.76 -12.65 -6.49
C GLU A 82 7.81 -13.07 -5.38
N VAL A 83 8.05 -12.54 -4.18
CA VAL A 83 7.20 -12.86 -3.03
C VAL A 83 5.82 -12.23 -3.18
N VAL A 84 5.78 -11.00 -3.68
CA VAL A 84 4.53 -10.28 -3.86
C VAL A 84 3.69 -10.94 -4.95
N ARG A 85 4.32 -11.28 -6.06
CA ARG A 85 3.63 -11.92 -7.17
C ARG A 85 3.07 -13.29 -6.77
N GLY A 86 3.59 -13.84 -5.66
CA GLY A 86 3.13 -15.13 -5.20
C GLY A 86 2.10 -15.03 -4.11
N THR A 87 2.15 -13.95 -3.34
CA THR A 87 1.19 -13.73 -2.26
C THR A 87 -0.24 -13.72 -2.78
N PRO A 88 -1.23 -14.03 -1.93
CA PRO A 88 -2.64 -14.05 -2.31
C PRO A 88 -3.19 -12.65 -2.59
N GLY A 89 -2.56 -11.65 -1.98
CA GLY A 89 -3.01 -10.28 -2.18
C GLY A 89 -3.02 -9.88 -3.64
N ILE A 90 -2.18 -10.52 -4.44
CA ILE A 90 -2.10 -10.23 -5.87
C ILE A 90 -3.06 -11.11 -6.67
N THR A 91 -3.92 -10.47 -7.45
CA THR A 91 -4.88 -11.19 -8.27
C THR A 91 -4.51 -11.12 -9.75
N GLY A 92 -4.39 -9.90 -10.26
CA GLY A 92 -4.04 -9.71 -11.65
C GLY A 92 -4.41 -8.34 -12.16
N PHE A 93 -3.41 -7.45 -12.23
CA PHE A 93 -3.64 -6.09 -12.69
C PHE A 93 -2.30 -5.36 -12.89
N VAL A 94 -2.35 -4.02 -12.89
CA VAL A 94 -1.14 -3.21 -13.08
C VAL A 94 0.04 -3.77 -12.29
N GLY A 95 0.01 -3.55 -10.97
CA GLY A 95 1.09 -4.04 -10.13
C GLY A 95 0.83 -5.44 -9.59
N ALA A 96 -0.32 -6.01 -9.96
CA ALA A 96 -0.69 -7.35 -9.51
C ALA A 96 -0.31 -8.40 -10.54
N GLY A 97 0.83 -8.18 -11.21
CA GLY A 97 1.28 -9.12 -12.22
C GLY A 97 2.13 -8.45 -13.30
N MET A 98 1.63 -7.33 -13.81
CA MET A 98 2.34 -6.59 -14.85
C MET A 98 3.20 -5.49 -14.24
N ARG A 99 3.87 -4.74 -15.09
CA ARG A 99 4.72 -3.64 -14.64
C ARG A 99 3.92 -2.62 -13.83
N PRO A 100 4.15 -2.56 -12.50
CA PRO A 100 3.43 -1.62 -11.62
C PRO A 100 3.62 -0.16 -12.06
N VAL A 101 2.88 0.74 -11.43
CA VAL A 101 2.96 2.16 -11.74
C VAL A 101 3.17 2.99 -10.49
N PRO A 102 4.26 3.79 -10.44
CA PRO A 102 4.56 4.64 -9.29
C PRO A 102 3.74 5.93 -9.27
N LEU A 103 3.33 6.35 -8.07
CA LEU A 103 2.55 7.57 -7.94
C LEU A 103 3.43 8.80 -8.12
N SER A 104 2.79 9.97 -8.24
CA SER A 104 3.51 11.22 -8.42
C SER A 104 3.84 11.86 -7.07
N PRO A 105 5.03 12.49 -6.94
CA PRO A 105 5.45 13.14 -5.70
C PRO A 105 4.39 14.07 -5.14
N ASP A 106 3.89 14.98 -5.99
CA ASP A 106 2.87 15.93 -5.56
C ASP A 106 1.65 15.21 -5.01
N GLU A 107 1.41 14.00 -5.49
CA GLU A 107 0.27 13.22 -5.03
C GLU A 107 0.63 12.36 -3.83
N VAL A 108 1.86 11.85 -3.82
CA VAL A 108 2.33 11.01 -2.72
C VAL A 108 2.25 11.75 -1.39
N ARG A 109 2.43 13.05 -1.42
CA ARG A 109 2.37 13.86 -0.20
C ARG A 109 0.93 14.11 0.21
N HIS A 110 0.02 14.12 -0.75
CA HIS A 110 -1.39 14.34 -0.48
C HIS A 110 -2.07 13.05 -0.03
N ILE A 111 -1.63 11.93 -0.60
CA ILE A 111 -2.20 10.63 -0.25
C ILE A 111 -1.60 10.09 1.04
N LEU A 112 -0.45 10.62 1.42
CA LEU A 112 0.22 10.19 2.64
C LEU A 112 -0.32 10.96 3.85
N GLU A 113 -0.84 12.15 3.60
CA GLU A 113 -1.39 12.98 4.67
C GLU A 113 -2.76 12.46 5.11
N VAL A 114 -3.52 11.91 4.16
CA VAL A 114 -4.84 11.38 4.46
C VAL A 114 -4.75 10.01 5.15
N SER A 115 -3.78 9.21 4.71
CA SER A 115 -3.59 7.88 5.29
C SER A 115 -3.36 7.97 6.80
N GLY A 116 -2.40 8.79 7.20
CA GLY A 116 -2.11 8.94 8.62
C GLY A 116 -0.63 9.12 8.89
N LEU A 117 0.06 9.88 8.03
CA LEU A 117 1.48 10.13 8.19
C LEU A 117 1.75 11.62 8.39
N LEU A 118 1.29 12.43 7.45
CA LEU A 118 1.48 13.87 7.52
C LEU A 118 0.37 14.53 8.35
N GLY A 119 -0.87 14.08 8.14
CA GLY A 119 -1.98 14.64 8.88
C GLY A 119 -2.26 13.87 10.16
N SER A 1 17.40 3.90 -4.70
CA SER A 1 16.16 4.71 -4.62
C SER A 1 14.93 3.83 -4.46
N ILE A 2 13.85 4.41 -3.94
CA ILE A 2 12.61 3.68 -3.74
C ILE A 2 11.40 4.50 -4.18
N GLU A 3 10.24 3.87 -4.22
CA GLU A 3 9.02 4.55 -4.62
C GLU A 3 7.78 3.87 -4.03
N TRP A 4 6.65 4.58 -4.09
CA TRP A 4 5.40 4.06 -3.57
C TRP A 4 4.68 3.22 -4.61
N TYR A 5 4.94 1.92 -4.61
CA TYR A 5 4.31 1.02 -5.57
C TYR A 5 2.99 0.53 -5.04
N ALA A 6 1.90 0.87 -5.73
CA ALA A 6 0.57 0.48 -5.30
C ALA A 6 0.03 -0.67 -6.16
N VAL A 7 -0.76 -1.53 -5.51
CA VAL A 7 -1.36 -2.67 -6.20
C VAL A 7 -2.88 -2.56 -6.20
N HIS A 8 -3.50 -3.27 -7.12
CA HIS A 8 -4.96 -3.27 -7.24
C HIS A 8 -5.56 -4.58 -6.74
N THR A 9 -6.70 -4.48 -6.07
CA THR A 9 -7.37 -5.67 -5.55
C THR A 9 -8.87 -5.42 -5.40
N LEU A 10 -9.61 -6.46 -5.03
CA LEU A 10 -11.05 -6.36 -4.85
C LEU A 10 -11.40 -5.96 -3.42
N VAL A 11 -12.62 -5.49 -3.22
CA VAL A 11 -13.07 -5.07 -1.89
C VAL A 11 -13.13 -6.26 -0.93
N GLY A 12 -12.46 -6.12 0.20
CA GLY A 12 -12.45 -7.19 1.19
C GLY A 12 -11.22 -8.06 1.08
N GLN A 13 -10.70 -8.22 -0.15
CA GLN A 13 -9.53 -9.03 -0.39
C GLN A 13 -8.25 -8.26 -0.06
N GLU A 14 -8.30 -6.94 -0.24
CA GLU A 14 -7.16 -6.09 0.03
C GLU A 14 -6.72 -6.21 1.50
N GLU A 15 -7.70 -6.33 2.39
CA GLU A 15 -7.42 -6.45 3.81
C GLU A 15 -6.56 -7.68 4.10
N LYS A 16 -6.72 -8.72 3.28
CA LYS A 16 -5.96 -9.95 3.45
C LYS A 16 -4.62 -9.86 2.71
N ALA A 17 -4.60 -9.10 1.62
CA ALA A 17 -3.39 -8.94 0.83
C ALA A 17 -2.26 -8.37 1.67
N LYS A 18 -2.54 -7.28 2.39
CA LYS A 18 -1.54 -6.64 3.23
C LYS A 18 -1.04 -7.60 4.31
N ALA A 19 -1.96 -8.33 4.92
CA ALA A 19 -1.61 -9.29 5.96
C ALA A 19 -0.76 -10.42 5.40
N ASN A 20 -1.24 -11.04 4.34
CA ASN A 20 -0.53 -12.15 3.71
C ASN A 20 0.81 -11.68 3.15
N LEU A 21 0.86 -10.42 2.73
CA LEU A 21 2.08 -9.84 2.17
C LEU A 21 3.06 -9.47 3.27
N GLU A 22 2.60 -8.64 4.19
CA GLU A 22 3.44 -8.19 5.31
C GLU A 22 4.13 -9.37 5.99
N LYS A 23 3.46 -10.52 5.98
CA LYS A 23 4.01 -11.72 6.60
C LYS A 23 5.18 -12.26 5.79
N ARG A 24 5.02 -12.28 4.47
CA ARG A 24 6.07 -12.77 3.59
C ARG A 24 7.28 -11.85 3.63
N ILE A 25 7.03 -10.56 3.77
CA ILE A 25 8.11 -9.57 3.84
C ILE A 25 8.96 -9.77 5.09
N LYS A 26 8.33 -10.28 6.14
CA LYS A 26 9.03 -10.52 7.40
C LYS A 26 9.54 -11.95 7.48
N ALA A 27 8.81 -12.86 6.85
CA ALA A 27 9.19 -14.27 6.83
C ALA A 27 10.41 -14.51 5.95
N PHE A 28 10.45 -13.81 4.82
CA PHE A 28 11.56 -13.95 3.88
C PHE A 28 12.77 -13.14 4.35
N GLY A 29 12.50 -12.00 4.97
CA GLY A 29 13.57 -11.15 5.46
C GLY A 29 14.07 -10.17 4.40
N LEU A 30 13.16 -9.33 3.91
CA LEU A 30 13.52 -8.35 2.90
C LEU A 30 13.18 -6.93 3.37
N GLN A 31 13.59 -6.62 4.59
CA GLN A 31 13.34 -5.30 5.17
C GLN A 31 14.10 -4.21 4.41
N ASP A 32 15.08 -4.61 3.60
CA ASP A 32 15.87 -3.67 2.83
C ASP A 32 15.12 -3.20 1.57
N LYS A 33 13.92 -3.75 1.36
CA LYS A 33 13.11 -3.39 0.20
C LYS A 33 11.85 -2.65 0.63
N ILE A 34 11.04 -3.30 1.45
CA ILE A 34 9.80 -2.71 1.93
C ILE A 34 10.09 -1.76 3.09
N PHE A 35 9.72 -0.49 2.92
CA PHE A 35 9.95 0.50 3.95
C PHE A 35 8.65 1.07 4.50
N GLN A 36 7.81 1.61 3.61
CA GLN A 36 6.53 2.18 4.03
C GLN A 36 5.35 1.38 3.51
N VAL A 37 4.23 1.49 4.21
CA VAL A 37 2.99 0.79 3.84
C VAL A 37 1.78 1.55 4.38
N LEU A 38 1.40 2.61 3.68
CA LEU A 38 0.27 3.43 4.09
C LEU A 38 -1.04 2.89 3.52
N ILE A 39 -2.15 3.26 4.17
CA ILE A 39 -3.47 2.83 3.74
C ILE A 39 -4.28 4.00 3.19
N PRO A 40 -4.71 3.92 1.91
CA PRO A 40 -5.49 4.98 1.27
C PRO A 40 -6.86 5.19 1.91
N THR A 41 -6.88 5.92 3.03
CA THR A 41 -8.12 6.19 3.74
C THR A 41 -8.25 7.67 4.06
N GLU A 42 -9.47 8.18 4.04
CA GLU A 42 -9.73 9.59 4.33
C GLU A 42 -10.12 9.79 5.79
N GLU A 43 -10.15 11.04 6.21
CA GLU A 43 -10.51 11.39 7.59
C GLU A 43 -11.43 12.61 7.62
N VAL A 44 -12.69 12.38 8.00
CA VAL A 44 -13.67 13.46 8.06
C VAL A 44 -14.02 13.79 9.51
N VAL A 45 -13.94 15.07 9.86
CA VAL A 45 -14.26 15.52 11.20
C VAL A 45 -14.67 16.99 11.21
N GLU A 46 -15.97 17.24 11.37
CA GLU A 46 -16.49 18.59 11.38
C GLU A 46 -17.16 18.91 12.71
N LEU A 47 -17.00 20.15 13.17
CA LEU A 47 -17.59 20.57 14.44
C LEU A 47 -17.92 22.07 14.40
N ARG A 48 -18.73 22.51 15.35
CA ARG A 48 -19.14 23.91 15.43
C ARG A 48 -19.25 24.37 16.88
N GLU A 49 -20.27 23.86 17.57
CA GLU A 49 -20.50 24.21 18.97
C GLU A 49 -21.61 23.37 19.57
N GLY A 50 -21.67 23.34 20.90
CA GLY A 50 -22.69 22.57 21.59
C GLY A 50 -22.15 21.28 22.17
N GLY A 51 -22.44 20.16 21.51
CA GLY A 51 -21.96 18.87 21.99
C GLY A 51 -22.01 17.81 20.91
N LYS A 52 -21.82 18.23 19.65
CA LYS A 52 -21.84 17.30 18.53
C LYS A 52 -20.44 17.13 17.95
N LYS A 53 -20.00 15.88 17.83
CA LYS A 53 -18.69 15.58 17.28
C LYS A 53 -18.77 14.49 16.22
N GLU A 54 -18.00 14.64 15.15
CA GLU A 54 -17.99 13.67 14.06
C GLU A 54 -16.58 13.18 13.79
N VAL A 55 -16.38 11.87 13.85
CA VAL A 55 -15.07 11.28 13.60
C VAL A 55 -15.20 9.94 12.88
N VAL A 56 -15.10 9.98 11.55
CA VAL A 56 -15.20 8.78 10.73
C VAL A 56 -14.15 8.78 9.64
N ARG A 57 -13.91 7.60 9.06
CA ARG A 57 -12.91 7.46 7.99
C ARG A 57 -13.53 6.82 6.76
N LYS A 58 -13.24 7.40 5.59
CA LYS A 58 -13.76 6.88 4.33
C LYS A 58 -12.62 6.53 3.38
N LYS A 59 -12.55 5.27 2.98
CA LYS A 59 -11.51 4.80 2.07
C LYS A 59 -11.50 5.63 0.78
N LEU A 60 -10.35 6.24 0.49
CA LEU A 60 -10.20 7.06 -0.71
C LEU A 60 -9.95 6.19 -1.94
N PHE A 61 -8.98 5.30 -1.83
CA PHE A 61 -8.64 4.41 -2.93
C PHE A 61 -9.01 2.96 -2.60
N PRO A 62 -10.25 2.55 -2.94
CA PRO A 62 -10.73 1.19 -2.67
C PRO A 62 -9.99 0.14 -3.49
N GLY A 63 -9.49 -0.88 -2.82
CA GLY A 63 -8.76 -1.94 -3.50
C GLY A 63 -7.36 -1.52 -3.89
N TYR A 64 -6.83 -0.51 -3.21
CA TYR A 64 -5.48 -0.01 -3.50
C TYR A 64 -4.64 0.07 -2.22
N LEU A 65 -3.37 -0.30 -2.34
CA LEU A 65 -2.47 -0.26 -1.20
C LEU A 65 -1.17 0.43 -1.58
N PHE A 66 -0.70 1.33 -0.72
CA PHE A 66 0.54 2.06 -0.98
C PHE A 66 1.71 1.46 -0.22
N ILE A 67 2.76 1.09 -0.96
CA ILE A 67 3.95 0.50 -0.36
C ILE A 67 5.22 1.13 -0.91
N GLN A 68 5.95 1.85 -0.06
CA GLN A 68 7.19 2.49 -0.48
C GLN A 68 8.32 1.47 -0.49
N MET A 69 8.28 0.59 -1.48
CA MET A 69 9.30 -0.46 -1.62
C MET A 69 10.45 0.00 -2.51
N ASP A 70 11.36 -0.93 -2.82
CA ASP A 70 12.50 -0.63 -3.68
C ASP A 70 12.48 -1.51 -4.93
N LEU A 71 12.01 -0.94 -6.04
CA LEU A 71 11.95 -1.68 -7.30
C LEU A 71 12.60 -0.88 -8.44
N GLY A 72 13.22 0.25 -8.10
CA GLY A 72 13.86 1.07 -9.11
C GLY A 72 15.13 0.45 -9.65
N ASP A 73 14.99 -0.69 -10.32
CA ASP A 73 16.14 -1.40 -10.88
C ASP A 73 16.11 -1.33 -12.41
N GLU A 74 17.10 -0.64 -12.98
CA GLU A 74 17.21 -0.51 -14.43
C GLU A 74 17.30 -1.87 -15.10
N GLU A 75 17.86 -2.84 -14.40
CA GLU A 75 18.00 -4.18 -14.93
C GLU A 75 16.72 -4.98 -14.76
N GLU A 76 16.39 -5.30 -13.52
CA GLU A 76 15.18 -6.06 -13.22
C GLU A 76 14.76 -5.86 -11.76
N PRO A 77 13.48 -6.10 -11.45
CA PRO A 77 12.96 -5.95 -10.08
C PRO A 77 13.65 -6.88 -9.10
N ASN A 78 13.71 -6.47 -7.84
CA ASN A 78 14.33 -7.27 -6.80
C ASN A 78 13.53 -8.53 -6.50
N GLU A 79 13.97 -9.28 -5.49
CA GLU A 79 13.29 -10.50 -5.10
C GLU A 79 11.95 -10.20 -4.44
N ALA A 80 11.85 -9.02 -3.82
CA ALA A 80 10.63 -8.61 -3.14
C ALA A 80 9.42 -8.71 -4.07
N TRP A 81 9.66 -8.55 -5.37
CA TRP A 81 8.59 -8.62 -6.36
C TRP A 81 8.16 -10.06 -6.59
N GLU A 82 9.11 -10.98 -6.51
CA GLU A 82 8.84 -12.41 -6.70
C GLU A 82 7.99 -12.95 -5.56
N VAL A 83 8.17 -12.39 -4.37
CA VAL A 83 7.43 -12.81 -3.19
C VAL A 83 6.00 -12.26 -3.21
N VAL A 84 5.88 -10.98 -3.52
CA VAL A 84 4.58 -10.32 -3.58
C VAL A 84 3.67 -11.00 -4.59
N ARG A 85 4.24 -11.38 -5.73
CA ARG A 85 3.48 -12.05 -6.79
C ARG A 85 3.05 -13.45 -6.37
N GLY A 86 3.63 -13.94 -5.27
CA GLY A 86 3.28 -15.28 -4.80
C GLY A 86 2.47 -15.25 -3.51
N THR A 87 2.46 -14.10 -2.83
CA THR A 87 1.72 -13.96 -1.58
C THR A 87 0.24 -14.29 -1.78
N PRO A 88 -0.24 -15.39 -1.21
CA PRO A 88 -1.65 -15.80 -1.32
C PRO A 88 -2.61 -14.67 -0.99
N GLY A 89 -3.46 -14.32 -1.96
CA GLY A 89 -4.42 -13.25 -1.75
C GLY A 89 -4.16 -12.05 -2.63
N ILE A 90 -2.94 -11.95 -3.15
CA ILE A 90 -2.58 -10.83 -4.02
C ILE A 90 -3.08 -11.07 -5.44
N THR A 91 -3.83 -10.09 -5.96
CA THR A 91 -4.37 -10.19 -7.31
C THR A 91 -3.47 -9.50 -8.32
N GLY A 92 -2.75 -8.47 -7.86
CA GLY A 92 -1.86 -7.74 -8.73
C GLY A 92 -2.54 -6.57 -9.41
N PHE A 93 -1.79 -5.88 -10.27
CA PHE A 93 -2.33 -4.73 -10.99
C PHE A 93 -3.52 -5.13 -11.85
N VAL A 94 -4.52 -4.25 -11.91
CA VAL A 94 -5.72 -4.51 -12.71
C VAL A 94 -5.37 -4.79 -14.16
N GLY A 95 -4.32 -4.13 -14.64
CA GLY A 95 -3.89 -4.31 -16.02
C GLY A 95 -3.65 -3.00 -16.72
N ALA A 96 -4.02 -2.93 -18.01
CA ALA A 96 -3.83 -1.72 -18.79
C ALA A 96 -2.36 -1.31 -18.85
N GLY A 97 -1.48 -2.30 -18.77
CA GLY A 97 -0.06 -2.03 -18.82
C GLY A 97 0.78 -3.25 -18.52
N MET A 98 2.01 -3.04 -18.05
CA MET A 98 2.91 -4.13 -17.73
C MET A 98 3.53 -3.93 -16.34
N ARG A 99 4.38 -2.92 -16.22
CA ARG A 99 5.04 -2.62 -14.96
C ARG A 99 4.03 -2.14 -13.92
N PRO A 100 4.37 -2.25 -12.63
CA PRO A 100 3.49 -1.82 -11.53
C PRO A 100 3.04 -0.37 -11.69
N VAL A 101 2.12 0.06 -10.84
CA VAL A 101 1.61 1.42 -10.89
C VAL A 101 2.09 2.24 -9.69
N PRO A 102 3.33 2.75 -9.75
CA PRO A 102 3.90 3.56 -8.68
C PRO A 102 3.38 4.99 -8.70
N LEU A 103 3.11 5.54 -7.52
CA LEU A 103 2.62 6.91 -7.39
C LEU A 103 3.76 7.91 -7.39
N SER A 104 3.65 8.92 -8.23
CA SER A 104 4.70 9.95 -8.32
C SER A 104 4.81 10.73 -7.02
N PRO A 105 6.01 11.23 -6.69
CA PRO A 105 6.25 11.99 -5.47
C PRO A 105 5.23 13.12 -5.27
N ASP A 106 4.91 13.80 -6.37
CA ASP A 106 3.95 14.89 -6.32
C ASP A 106 2.56 14.39 -5.95
N GLU A 107 2.25 13.16 -6.33
CA GLU A 107 0.96 12.56 -6.04
C GLU A 107 0.97 11.87 -4.68
N VAL A 108 2.12 11.30 -4.33
CA VAL A 108 2.27 10.61 -3.05
C VAL A 108 2.07 11.56 -1.88
N ARG A 109 2.44 12.82 -2.07
CA ARG A 109 2.29 13.83 -1.03
C ARG A 109 0.82 14.06 -0.69
N HIS A 110 -0.05 13.87 -1.67
CA HIS A 110 -1.48 14.05 -1.47
C HIS A 110 -2.06 12.89 -0.67
N ILE A 111 -1.72 11.67 -1.06
CA ILE A 111 -2.21 10.48 -0.38
C ILE A 111 -1.59 10.35 1.01
N LEU A 112 -0.39 10.90 1.16
CA LEU A 112 0.31 10.85 2.44
C LEU A 112 -0.31 11.84 3.43
N GLU A 113 -0.77 12.97 2.91
CA GLU A 113 -1.40 13.99 3.74
C GLU A 113 -2.75 13.51 4.27
N VAL A 114 -3.43 12.71 3.47
CA VAL A 114 -4.74 12.18 3.84
C VAL A 114 -4.58 10.96 4.74
N SER A 115 -3.53 10.19 4.52
CA SER A 115 -3.27 9.00 5.32
C SER A 115 -3.06 9.36 6.78
N GLY A 116 -2.01 10.12 7.05
CA GLY A 116 -1.72 10.53 8.42
C GLY A 116 -0.24 10.62 8.70
N LEU A 117 0.51 11.23 7.79
CA LEU A 117 1.95 11.39 7.95
C LEU A 117 2.34 12.87 7.90
N LEU A 118 1.80 13.60 6.94
CA LEU A 118 2.09 15.02 6.80
C LEU A 118 1.00 15.87 7.46
N GLY A 119 0.39 15.33 8.50
CA GLY A 119 -0.65 16.05 9.21
C GLY A 119 -0.28 16.37 10.64
N SER A 1 17.44 6.75 -2.03
CA SER A 1 16.21 7.11 -2.77
C SER A 1 15.35 5.88 -3.05
N ILE A 2 14.04 6.03 -2.86
CA ILE A 2 13.11 4.93 -3.08
C ILE A 2 11.86 5.42 -3.82
N GLU A 3 10.86 4.55 -3.93
CA GLU A 3 9.62 4.93 -4.62
C GLU A 3 8.42 4.15 -4.08
N TRP A 4 7.23 4.70 -4.34
CA TRP A 4 5.99 4.08 -3.90
C TRP A 4 5.40 3.19 -4.98
N TYR A 5 5.25 1.91 -4.68
CA TYR A 5 4.70 0.96 -5.64
C TYR A 5 3.35 0.43 -5.14
N ALA A 6 2.28 0.90 -5.75
CA ALA A 6 0.94 0.49 -5.35
C ALA A 6 0.39 -0.59 -6.27
N VAL A 7 -0.72 -1.19 -5.87
CA VAL A 7 -1.37 -2.24 -6.64
C VAL A 7 -2.84 -2.34 -6.29
N HIS A 8 -3.60 -2.97 -7.18
CA HIS A 8 -5.04 -3.13 -6.98
C HIS A 8 -5.35 -4.47 -6.31
N THR A 9 -6.51 -4.55 -5.66
CA THR A 9 -6.93 -5.77 -4.99
C THR A 9 -8.45 -5.89 -4.98
N LEU A 10 -8.96 -6.92 -4.32
CA LEU A 10 -10.39 -7.15 -4.23
C LEU A 10 -10.99 -6.45 -3.02
N VAL A 11 -12.22 -5.97 -3.16
CA VAL A 11 -12.90 -5.28 -2.06
C VAL A 11 -13.31 -6.26 -0.97
N GLY A 12 -12.95 -5.92 0.27
CA GLY A 12 -13.28 -6.79 1.39
C GLY A 12 -12.15 -7.71 1.76
N GLN A 13 -11.28 -8.00 0.81
CA GLN A 13 -10.15 -8.89 1.05
C GLN A 13 -8.85 -8.10 1.23
N GLU A 14 -8.84 -6.85 0.75
CA GLU A 14 -7.66 -6.00 0.86
C GLU A 14 -7.19 -5.91 2.31
N GLU A 15 -8.13 -5.84 3.25
CA GLU A 15 -7.81 -5.76 4.66
C GLU A 15 -6.95 -6.93 5.10
N LYS A 16 -7.23 -8.10 4.54
CA LYS A 16 -6.48 -9.31 4.87
C LYS A 16 -5.28 -9.48 3.95
N ALA A 17 -5.36 -8.89 2.76
CA ALA A 17 -4.28 -8.98 1.79
C ALA A 17 -3.03 -8.28 2.29
N LYS A 18 -3.23 -7.15 2.97
CA LYS A 18 -2.11 -6.38 3.50
C LYS A 18 -1.32 -7.20 4.52
N ALA A 19 -2.02 -8.03 5.28
CA ALA A 19 -1.40 -8.87 6.28
C ALA A 19 -0.71 -10.08 5.65
N ASN A 20 -1.39 -10.68 4.67
CA ASN A 20 -0.84 -11.85 3.99
C ASN A 20 0.47 -11.51 3.30
N LEU A 21 0.59 -10.29 2.81
CA LEU A 21 1.80 -9.85 2.15
C LEU A 21 2.89 -9.52 3.16
N GLU A 22 2.56 -8.66 4.12
CA GLU A 22 3.51 -8.27 5.15
C GLU A 22 4.12 -9.49 5.83
N LYS A 23 3.32 -10.53 6.00
CA LYS A 23 3.79 -11.76 6.63
C LYS A 23 4.89 -12.41 5.82
N ARG A 24 4.72 -12.42 4.50
CA ARG A 24 5.71 -13.00 3.59
C ARG A 24 7.01 -12.19 3.63
N ILE A 25 6.87 -10.88 3.71
CA ILE A 25 8.03 -9.99 3.76
C ILE A 25 8.86 -10.24 5.01
N LYS A 26 8.19 -10.59 6.10
CA LYS A 26 8.86 -10.86 7.37
C LYS A 26 9.25 -12.33 7.47
N ALA A 27 8.43 -13.20 6.90
CA ALA A 27 8.69 -14.64 6.94
C ALA A 27 9.89 -14.99 6.07
N PHE A 28 9.99 -14.35 4.90
CA PHE A 28 11.08 -14.59 3.98
C PHE A 28 12.23 -13.62 4.22
N GLY A 29 11.91 -12.47 4.80
CA GLY A 29 12.94 -11.47 5.07
C GLY A 29 13.15 -10.54 3.88
N LEU A 30 12.26 -9.57 3.72
CA LEU A 30 12.36 -8.61 2.63
C LEU A 30 12.40 -7.18 3.14
N GLN A 31 13.03 -6.99 4.31
CA GLN A 31 13.14 -5.67 4.91
C GLN A 31 14.27 -4.86 4.28
N ASP A 32 14.73 -5.29 3.11
CA ASP A 32 15.81 -4.59 2.41
C ASP A 32 15.27 -3.82 1.20
N LYS A 33 14.02 -4.10 0.82
CA LYS A 33 13.40 -3.43 -0.32
C LYS A 33 12.20 -2.61 0.12
N ILE A 34 11.37 -3.19 0.98
CA ILE A 34 10.17 -2.50 1.47
C ILE A 34 10.51 -1.56 2.63
N PHE A 35 9.71 -0.52 2.79
CA PHE A 35 9.93 0.45 3.86
C PHE A 35 8.60 0.94 4.43
N GLN A 36 7.72 1.40 3.55
CA GLN A 36 6.41 1.89 3.97
C GLN A 36 5.29 1.11 3.31
N VAL A 37 4.19 0.94 4.04
CA VAL A 37 3.03 0.21 3.54
C VAL A 37 1.74 0.87 4.03
N LEU A 38 1.46 2.05 3.49
CA LEU A 38 0.26 2.79 3.89
C LEU A 38 -0.94 2.41 3.04
N ILE A 39 -2.11 2.38 3.67
CA ILE A 39 -3.35 2.02 2.98
C ILE A 39 -4.26 3.24 2.80
N PRO A 40 -4.64 3.56 1.55
CA PRO A 40 -5.50 4.70 1.24
C PRO A 40 -6.84 4.65 1.98
N THR A 41 -6.87 5.18 3.19
CA THR A 41 -8.09 5.20 3.99
C THR A 41 -8.23 6.52 4.74
N GLU A 42 -9.29 7.26 4.43
CA GLU A 42 -9.54 8.55 5.06
C GLU A 42 -10.21 8.37 6.42
N GLU A 43 -10.33 9.48 7.15
CA GLU A 43 -10.96 9.44 8.47
C GLU A 43 -11.86 10.65 8.67
N VAL A 44 -13.05 10.41 9.21
CA VAL A 44 -14.01 11.49 9.46
C VAL A 44 -14.38 11.57 10.93
N VAL A 45 -14.88 12.73 11.34
CA VAL A 45 -15.27 12.93 12.73
C VAL A 45 -16.42 13.93 12.84
N GLU A 46 -17.56 13.47 13.36
CA GLU A 46 -18.73 14.31 13.52
C GLU A 46 -18.61 15.19 14.76
N LEU A 47 -18.30 14.56 15.89
CA LEU A 47 -18.14 15.28 17.15
C LEU A 47 -16.98 14.72 17.96
N ARG A 48 -16.09 15.61 18.40
CA ARG A 48 -14.93 15.20 19.19
C ARG A 48 -15.03 15.73 20.61
N GLU A 49 -15.36 14.84 21.55
CA GLU A 49 -15.49 15.22 22.95
C GLU A 49 -16.54 16.32 23.13
N GLY A 50 -17.73 15.93 23.55
CA GLY A 50 -18.79 16.90 23.74
C GLY A 50 -20.12 16.23 24.06
N GLY A 51 -20.91 15.94 23.04
CA GLY A 51 -22.20 15.32 23.23
C GLY A 51 -22.25 13.91 22.67
N LYS A 52 -21.45 13.66 21.64
CA LYS A 52 -21.41 12.34 21.00
C LYS A 52 -20.02 12.05 20.42
N LYS A 53 -19.79 10.80 20.07
CA LYS A 53 -18.50 10.40 19.50
C LYS A 53 -18.70 9.41 18.36
N GLU A 54 -18.22 9.77 17.18
CA GLU A 54 -18.36 8.93 16.00
C GLU A 54 -17.18 9.12 15.05
N VAL A 55 -16.47 8.04 14.76
CA VAL A 55 -15.32 8.10 13.86
C VAL A 55 -15.41 7.01 12.78
N VAL A 56 -15.42 7.43 11.52
CA VAL A 56 -15.50 6.49 10.42
C VAL A 56 -14.28 6.61 9.50
N ARG A 57 -14.03 5.57 8.72
CA ARG A 57 -12.89 5.54 7.81
C ARG A 57 -13.33 5.14 6.41
N LYS A 58 -13.18 6.06 5.46
CA LYS A 58 -13.56 5.81 4.07
C LYS A 58 -12.32 5.57 3.21
N LYS A 59 -12.27 4.42 2.55
CA LYS A 59 -11.14 4.07 1.69
C LYS A 59 -10.96 5.12 0.59
N LEU A 60 -9.89 5.91 0.71
CA LEU A 60 -9.59 6.94 -0.27
C LEU A 60 -9.44 6.34 -1.67
N PHE A 61 -8.90 5.13 -1.72
CA PHE A 61 -8.70 4.44 -2.99
C PHE A 61 -9.20 3.00 -2.91
N PRO A 62 -10.49 2.78 -3.21
CA PRO A 62 -11.10 1.44 -3.16
C PRO A 62 -10.25 0.39 -3.87
N GLY A 63 -9.65 -0.49 -3.07
CA GLY A 63 -8.83 -1.55 -3.62
C GLY A 63 -7.46 -1.07 -4.08
N TYR A 64 -6.80 -0.30 -3.22
CA TYR A 64 -5.47 0.23 -3.54
C TYR A 64 -4.59 0.28 -2.30
N LEU A 65 -3.30 0.04 -2.48
CA LEU A 65 -2.34 0.08 -1.38
C LEU A 65 -0.95 0.48 -1.89
N PHE A 66 -0.42 1.58 -1.36
CA PHE A 66 0.89 2.06 -1.79
C PHE A 66 1.98 1.59 -0.83
N ILE A 67 3.00 0.97 -1.41
CA ILE A 67 4.13 0.46 -0.62
C ILE A 67 5.43 1.13 -1.06
N GLN A 68 6.10 1.80 -0.14
CA GLN A 68 7.35 2.48 -0.44
C GLN A 68 8.52 1.48 -0.47
N MET A 69 8.62 0.77 -1.58
CA MET A 69 9.69 -0.23 -1.76
C MET A 69 10.92 0.39 -2.41
N ASP A 70 11.92 -0.44 -2.69
CA ASP A 70 13.16 0.01 -3.30
C ASP A 70 13.42 -0.72 -4.61
N LEU A 71 12.71 -0.32 -5.67
CA LEU A 71 12.88 -0.94 -6.97
C LEU A 71 13.87 -0.15 -7.83
N GLY A 72 13.94 1.15 -7.60
CA GLY A 72 14.85 1.99 -8.36
C GLY A 72 16.30 1.62 -8.14
N ASP A 73 16.76 0.59 -8.84
CA ASP A 73 18.14 0.15 -8.72
C ASP A 73 18.59 -0.58 -9.98
N GLU A 74 17.98 -1.73 -10.24
CA GLU A 74 18.30 -2.52 -11.41
C GLU A 74 17.11 -2.61 -12.37
N GLU A 75 17.33 -3.19 -13.54
CA GLU A 75 16.27 -3.33 -14.53
C GLU A 75 15.27 -4.42 -14.13
N GLU A 76 15.68 -5.29 -13.20
CA GLU A 76 14.81 -6.37 -12.73
C GLU A 76 14.93 -6.56 -11.22
N PRO A 77 14.00 -5.96 -10.45
CA PRO A 77 13.99 -6.06 -9.00
C PRO A 77 13.52 -7.43 -8.52
N ASN A 78 14.47 -8.25 -8.07
CA ASN A 78 14.15 -9.59 -7.58
C ASN A 78 13.86 -9.58 -6.08
N GLU A 79 13.81 -10.76 -5.48
CA GLU A 79 13.55 -10.89 -4.05
C GLU A 79 12.24 -10.23 -3.65
N ALA A 80 12.30 -8.93 -3.38
CA ALA A 80 11.11 -8.17 -2.97
C ALA A 80 9.97 -8.35 -3.97
N TRP A 81 10.28 -8.26 -5.26
CA TRP A 81 9.27 -8.41 -6.30
C TRP A 81 8.86 -9.87 -6.46
N GLU A 82 9.79 -10.77 -6.20
CA GLU A 82 9.52 -12.21 -6.32
C GLU A 82 8.53 -12.66 -5.25
N VAL A 83 8.56 -11.98 -4.11
CA VAL A 83 7.66 -12.32 -3.01
C VAL A 83 6.31 -11.64 -3.18
N VAL A 84 6.34 -10.33 -3.45
CA VAL A 84 5.11 -9.57 -3.64
C VAL A 84 4.29 -10.12 -4.80
N ARG A 85 4.94 -10.34 -5.93
CA ARG A 85 4.27 -10.87 -7.12
C ARG A 85 3.79 -12.30 -6.89
N GLY A 86 4.41 -12.98 -5.93
CA GLY A 86 4.02 -14.36 -5.63
C GLY A 86 3.00 -14.45 -4.50
N THR A 87 2.95 -13.43 -3.67
CA THR A 87 2.01 -13.42 -2.55
C THR A 87 0.56 -13.38 -3.04
N PRO A 88 -0.36 -14.03 -2.31
CA PRO A 88 -1.78 -14.06 -2.70
C PRO A 88 -2.46 -12.71 -2.51
N GLY A 89 -1.91 -11.90 -1.61
CA GLY A 89 -2.48 -10.58 -1.37
C GLY A 89 -2.56 -9.74 -2.63
N ILE A 90 -1.66 -9.99 -3.58
CA ILE A 90 -1.64 -9.25 -4.83
C ILE A 90 -2.53 -9.92 -5.87
N THR A 91 -3.45 -9.15 -6.43
CA THR A 91 -4.37 -9.66 -7.44
C THR A 91 -5.03 -8.52 -8.20
N GLY A 92 -4.23 -7.78 -8.96
CA GLY A 92 -4.76 -6.66 -9.73
C GLY A 92 -3.74 -6.07 -10.67
N PHE A 93 -3.08 -5.01 -10.22
CA PHE A 93 -2.06 -4.34 -11.02
C PHE A 93 -2.68 -3.75 -12.30
N VAL A 94 -2.26 -2.54 -12.65
CA VAL A 94 -2.78 -1.88 -13.84
C VAL A 94 -2.11 -2.41 -15.10
N GLY A 95 -2.89 -2.55 -16.16
CA GLY A 95 -2.36 -3.05 -17.42
C GLY A 95 -1.62 -1.98 -18.20
N ALA A 96 -1.96 -0.72 -17.95
CA ALA A 96 -1.32 0.41 -18.62
C ALA A 96 0.20 0.36 -18.43
N GLY A 97 0.90 -0.16 -19.43
CA GLY A 97 2.35 -0.25 -19.36
C GLY A 97 2.82 -1.49 -18.63
N MET A 98 3.04 -1.37 -17.33
CA MET A 98 3.50 -2.49 -16.52
C MET A 98 2.47 -2.85 -15.46
N ARG A 99 2.67 -4.00 -14.81
CA ARG A 99 1.76 -4.46 -13.77
C ARG A 99 1.73 -3.49 -12.60
N PRO A 100 2.90 -3.20 -11.97
CA PRO A 100 2.97 -2.28 -10.83
C PRO A 100 2.48 -0.89 -11.20
N VAL A 101 1.99 -0.17 -10.19
CA VAL A 101 1.47 1.18 -10.39
C VAL A 101 2.24 2.20 -9.55
N PRO A 102 3.41 2.64 -10.04
CA PRO A 102 4.23 3.62 -9.31
C PRO A 102 3.54 4.98 -9.20
N LEU A 103 3.23 5.37 -7.97
CA LEU A 103 2.57 6.64 -7.72
C LEU A 103 3.51 7.82 -7.99
N SER A 104 2.93 8.94 -8.42
CA SER A 104 3.72 10.13 -8.71
C SER A 104 3.91 10.98 -7.46
N PRO A 105 5.05 11.70 -7.35
CA PRO A 105 5.35 12.54 -6.20
C PRO A 105 4.21 13.51 -5.88
N ASP A 106 3.55 14.02 -6.91
CA ASP A 106 2.44 14.95 -6.74
C ASP A 106 1.24 14.26 -6.13
N GLU A 107 1.10 12.96 -6.40
CA GLU A 107 -0.01 12.17 -5.89
C GLU A 107 0.36 11.53 -4.56
N VAL A 108 1.63 11.18 -4.40
CA VAL A 108 2.11 10.55 -3.18
C VAL A 108 1.96 11.49 -1.98
N ARG A 109 2.20 12.78 -2.22
CA ARG A 109 2.10 13.77 -1.16
C ARG A 109 0.66 13.97 -0.73
N HIS A 110 -0.27 13.78 -1.66
CA HIS A 110 -1.69 13.93 -1.36
C HIS A 110 -2.22 12.71 -0.62
N ILE A 111 -1.81 11.53 -1.07
CA ILE A 111 -2.24 10.29 -0.44
C ILE A 111 -1.53 10.08 0.89
N LEU A 112 -0.31 10.60 1.00
CA LEU A 112 0.47 10.47 2.21
C LEU A 112 -0.06 11.42 3.29
N GLU A 113 -0.61 12.55 2.85
CA GLU A 113 -1.14 13.54 3.78
C GLU A 113 -2.42 13.04 4.44
N VAL A 114 -3.14 12.16 3.75
CA VAL A 114 -4.38 11.60 4.28
C VAL A 114 -4.12 10.36 5.12
N SER A 115 -3.37 9.41 4.56
CA SER A 115 -3.05 8.17 5.25
C SER A 115 -2.45 8.47 6.63
N GLY A 116 -1.30 9.12 6.64
CA GLY A 116 -0.65 9.45 7.90
C GLY A 116 0.87 9.32 7.83
N LEU A 117 1.47 9.89 6.80
CA LEU A 117 2.91 9.83 6.62
C LEU A 117 3.49 11.21 6.28
N LEU A 118 2.66 12.23 6.32
CA LEU A 118 3.10 13.59 6.01
C LEU A 118 2.52 14.59 7.01
N GLY A 119 2.50 14.19 8.28
CA GLY A 119 1.98 15.06 9.32
C GLY A 119 2.83 15.05 10.57
N SER A 1 16.74 5.85 -5.71
CA SER A 1 15.78 6.00 -4.58
C SER A 1 14.68 4.94 -4.64
N ILE A 2 13.60 5.18 -3.90
CA ILE A 2 12.48 4.26 -3.88
C ILE A 2 11.17 4.97 -4.22
N GLU A 3 10.12 4.21 -4.46
CA GLU A 3 8.83 4.79 -4.83
C GLU A 3 7.66 4.02 -4.21
N TRP A 4 6.47 4.62 -4.32
CA TRP A 4 5.25 4.04 -3.80
C TRP A 4 4.53 3.25 -4.89
N TYR A 5 4.83 1.96 -4.99
CA TYR A 5 4.21 1.11 -6.00
C TYR A 5 2.81 0.69 -5.55
N ALA A 6 1.81 1.12 -6.30
CA ALA A 6 0.42 0.80 -5.98
C ALA A 6 -0.06 -0.44 -6.73
N VAL A 7 -1.00 -1.15 -6.12
CA VAL A 7 -1.56 -2.36 -6.72
C VAL A 7 -3.08 -2.35 -6.60
N HIS A 8 -3.72 -3.16 -7.45
CA HIS A 8 -5.18 -3.25 -7.45
C HIS A 8 -5.64 -4.60 -6.93
N THR A 9 -5.80 -4.70 -5.61
CA THR A 9 -6.23 -5.95 -4.98
C THR A 9 -7.75 -6.06 -5.02
N LEU A 10 -8.28 -7.10 -4.37
CA LEU A 10 -9.72 -7.33 -4.34
C LEU A 10 -10.35 -6.62 -3.14
N VAL A 11 -11.46 -5.93 -3.38
CA VAL A 11 -12.16 -5.22 -2.32
C VAL A 11 -12.62 -6.16 -1.22
N GLY A 12 -11.91 -6.14 -0.09
CA GLY A 12 -12.26 -7.00 1.02
C GLY A 12 -11.11 -7.90 1.44
N GLN A 13 -10.27 -8.26 0.47
CA GLN A 13 -9.12 -9.12 0.75
C GLN A 13 -7.88 -8.29 1.06
N GLU A 14 -7.89 -7.02 0.65
CA GLU A 14 -6.75 -6.13 0.88
C GLU A 14 -6.37 -6.12 2.37
N GLU A 15 -7.37 -6.11 3.23
CA GLU A 15 -7.14 -6.10 4.67
C GLU A 15 -6.27 -7.28 5.09
N LYS A 16 -6.48 -8.42 4.44
CA LYS A 16 -5.72 -9.63 4.75
C LYS A 16 -4.47 -9.71 3.88
N ALA A 17 -4.52 -9.08 2.71
CA ALA A 17 -3.39 -9.08 1.79
C ALA A 17 -2.14 -8.50 2.45
N LYS A 18 -2.30 -7.36 3.13
CA LYS A 18 -1.19 -6.71 3.80
C LYS A 18 -0.57 -7.63 4.85
N ALA A 19 -1.42 -8.23 5.68
CA ALA A 19 -0.96 -9.13 6.72
C ALA A 19 -0.27 -10.36 6.12
N ASN A 20 -0.94 -10.99 5.15
CA ASN A 20 -0.39 -12.17 4.48
C ASN A 20 0.94 -11.83 3.82
N LEU A 21 1.06 -10.60 3.34
CA LEU A 21 2.28 -10.15 2.68
C LEU A 21 3.36 -9.81 3.71
N GLU A 22 3.03 -8.92 4.62
CA GLU A 22 3.97 -8.51 5.68
C GLU A 22 4.64 -9.72 6.32
N LYS A 23 3.94 -10.85 6.34
CA LYS A 23 4.47 -12.06 6.93
C LYS A 23 5.54 -12.67 6.03
N ARG A 24 5.25 -12.76 4.73
CA ARG A 24 6.19 -13.31 3.78
C ARG A 24 7.35 -12.35 3.55
N ILE A 25 7.08 -11.06 3.64
CA ILE A 25 8.11 -10.04 3.45
C ILE A 25 9.01 -9.95 4.68
N LYS A 26 8.47 -10.34 5.83
CA LYS A 26 9.23 -10.30 7.08
C LYS A 26 9.83 -11.67 7.40
N ALA A 27 9.14 -12.73 6.96
CA ALA A 27 9.59 -14.08 7.21
C ALA A 27 10.79 -14.43 6.32
N PHE A 28 10.74 -13.99 5.07
CA PHE A 28 11.81 -14.24 4.12
C PHE A 28 12.96 -13.27 4.33
N GLY A 29 12.65 -12.10 4.89
CA GLY A 29 13.68 -11.10 5.13
C GLY A 29 13.74 -10.06 4.03
N LEU A 30 12.59 -9.48 3.69
CA LEU A 30 12.52 -8.47 2.65
C LEU A 30 12.38 -7.07 3.24
N GLN A 31 12.96 -6.87 4.41
CA GLN A 31 12.90 -5.58 5.08
C GLN A 31 13.89 -4.60 4.48
N ASP A 32 14.50 -4.97 3.34
CA ASP A 32 15.47 -4.11 2.68
C ASP A 32 14.86 -3.44 1.45
N LYS A 33 13.79 -4.04 0.92
CA LYS A 33 13.12 -3.51 -0.25
C LYS A 33 11.93 -2.66 0.14
N ILE A 34 11.07 -3.23 0.99
CA ILE A 34 9.88 -2.52 1.45
C ILE A 34 10.24 -1.55 2.58
N PHE A 35 9.47 -0.48 2.69
CA PHE A 35 9.72 0.52 3.73
C PHE A 35 8.42 1.07 4.30
N GLN A 36 7.47 1.38 3.42
CA GLN A 36 6.18 1.92 3.88
C GLN A 36 5.00 1.16 3.27
N VAL A 37 3.86 1.26 3.93
CA VAL A 37 2.63 0.62 3.48
C VAL A 37 1.42 1.35 4.02
N LEU A 38 1.03 2.43 3.34
CA LEU A 38 -0.10 3.24 3.76
C LEU A 38 -1.40 2.79 3.09
N ILE A 39 -2.53 3.13 3.71
CA ILE A 39 -3.83 2.77 3.18
C ILE A 39 -4.60 4.01 2.73
N PRO A 40 -5.04 4.06 1.46
CA PRO A 40 -5.78 5.21 0.93
C PRO A 40 -7.16 5.38 1.56
N THR A 41 -7.19 5.99 2.75
CA THR A 41 -8.44 6.21 3.46
C THR A 41 -8.47 7.59 4.10
N GLU A 42 -9.63 8.25 4.06
CA GLU A 42 -9.79 9.57 4.62
C GLU A 42 -10.80 9.56 5.76
N GLU A 43 -10.74 10.59 6.61
CA GLU A 43 -11.67 10.69 7.74
C GLU A 43 -12.60 11.88 7.57
N VAL A 44 -13.88 11.66 7.83
CA VAL A 44 -14.88 12.70 7.70
C VAL A 44 -15.66 12.90 9.00
N VAL A 45 -15.85 14.15 9.40
CA VAL A 45 -16.58 14.46 10.63
C VAL A 45 -17.36 15.76 10.48
N GLU A 46 -18.58 15.65 9.95
CA GLU A 46 -19.44 16.81 9.76
C GLU A 46 -20.13 17.19 11.06
N LEU A 47 -20.45 18.48 11.20
CA LEU A 47 -21.12 18.97 12.40
C LEU A 47 -22.63 19.08 12.18
N ARG A 48 -23.37 19.21 13.26
CA ARG A 48 -24.83 19.33 13.20
C ARG A 48 -25.37 20.18 14.34
N GLU A 49 -25.82 21.39 14.01
CA GLU A 49 -26.36 22.30 15.01
C GLU A 49 -27.60 21.70 15.68
N GLY A 50 -27.41 21.17 16.88
CA GLY A 50 -28.52 20.57 17.60
C GLY A 50 -29.01 19.29 16.96
N GLY A 51 -28.09 18.55 16.34
CA GLY A 51 -28.44 17.29 15.70
C GLY A 51 -27.75 16.11 16.32
N LYS A 52 -26.73 15.60 15.63
CA LYS A 52 -25.97 14.46 16.12
C LYS A 52 -24.60 14.37 15.45
N LYS A 53 -23.60 13.95 16.20
CA LYS A 53 -22.24 13.82 15.67
C LYS A 53 -21.92 12.37 15.35
N GLU A 54 -21.06 12.17 14.36
CA GLU A 54 -20.67 10.82 13.96
C GLU A 54 -19.35 10.85 13.18
N VAL A 55 -18.49 9.87 13.46
CA VAL A 55 -17.19 9.79 12.79
C VAL A 55 -17.10 8.51 11.95
N VAL A 56 -16.66 8.67 10.71
CA VAL A 56 -16.52 7.53 9.80
C VAL A 56 -15.37 7.74 8.83
N ARG A 57 -14.88 6.65 8.26
CA ARG A 57 -13.78 6.71 7.30
C ARG A 57 -14.26 6.48 5.88
N LYS A 58 -13.72 7.25 4.94
CA LYS A 58 -14.09 7.13 3.54
C LYS A 58 -12.89 6.80 2.67
N LYS A 59 -12.82 5.56 2.20
CA LYS A 59 -11.72 5.12 1.36
C LYS A 59 -11.63 5.95 0.08
N LEU A 60 -10.53 6.70 -0.07
CA LEU A 60 -10.34 7.54 -1.24
C LEU A 60 -10.01 6.69 -2.46
N PHE A 61 -9.13 5.72 -2.29
CA PHE A 61 -8.73 4.83 -3.38
C PHE A 61 -9.08 3.37 -3.04
N PRO A 62 -10.30 2.94 -3.36
CA PRO A 62 -10.74 1.57 -3.08
C PRO A 62 -9.94 0.53 -3.85
N GLY A 63 -9.57 -0.56 -3.17
CA GLY A 63 -8.79 -1.60 -3.79
C GLY A 63 -7.41 -1.14 -4.20
N TYR A 64 -6.92 -0.08 -3.56
CA TYR A 64 -5.59 0.45 -3.86
C TYR A 64 -4.71 0.43 -2.62
N LEU A 65 -3.52 -0.15 -2.77
CA LEU A 65 -2.57 -0.25 -1.67
C LEU A 65 -1.25 0.44 -2.03
N PHE A 66 -0.83 1.39 -1.20
CA PHE A 66 0.42 2.11 -1.44
C PHE A 66 1.57 1.44 -0.71
N ILE A 67 2.61 1.08 -1.47
CA ILE A 67 3.78 0.42 -0.89
C ILE A 67 5.07 1.10 -1.32
N GLN A 68 5.72 1.77 -0.37
CA GLN A 68 6.99 2.44 -0.67
C GLN A 68 8.12 1.43 -0.67
N MET A 69 8.14 0.61 -1.71
CA MET A 69 9.16 -0.43 -1.86
C MET A 69 10.36 0.06 -2.66
N ASP A 70 11.31 -0.85 -2.90
CA ASP A 70 12.51 -0.54 -3.65
C ASP A 70 12.59 -1.39 -4.92
N LEU A 71 12.20 -0.81 -6.04
CA LEU A 71 12.23 -1.52 -7.33
C LEU A 71 13.08 -0.78 -8.36
N GLY A 72 13.77 0.27 -7.91
CA GLY A 72 14.60 1.03 -8.83
C GLY A 72 15.90 0.32 -9.16
N ASP A 73 15.78 -0.84 -9.80
CA ASP A 73 16.95 -1.62 -10.18
C ASP A 73 17.31 -1.38 -11.65
N GLU A 74 18.35 -2.08 -12.12
CA GLU A 74 18.78 -1.94 -13.49
C GLU A 74 18.06 -2.93 -14.41
N GLU A 75 18.35 -4.21 -14.22
CA GLU A 75 17.73 -5.26 -15.02
C GLU A 75 16.30 -5.53 -14.55
N GLU A 76 16.18 -6.27 -13.46
CA GLU A 76 14.88 -6.61 -12.90
C GLU A 76 14.90 -6.51 -11.38
N PRO A 77 13.71 -6.51 -10.75
CA PRO A 77 13.60 -6.41 -9.28
C PRO A 77 14.10 -7.67 -8.59
N ASN A 78 14.23 -7.58 -7.27
CA ASN A 78 14.70 -8.72 -6.47
C ASN A 78 13.55 -9.67 -6.14
N GLU A 79 13.79 -10.57 -5.19
CA GLU A 79 12.78 -11.53 -4.78
C GLU A 79 11.51 -10.83 -4.29
N ALA A 80 11.65 -9.56 -3.90
CA ALA A 80 10.52 -8.78 -3.41
C ALA A 80 9.31 -8.90 -4.34
N TRP A 81 9.56 -8.79 -5.64
CA TRP A 81 8.49 -8.90 -6.64
C TRP A 81 7.94 -10.32 -6.69
N GLU A 82 8.82 -11.30 -6.51
CA GLU A 82 8.42 -12.70 -6.54
C GLU A 82 7.57 -13.04 -5.33
N VAL A 83 7.82 -12.35 -4.21
CA VAL A 83 7.07 -12.58 -2.99
C VAL A 83 5.71 -11.91 -3.02
N VAL A 84 5.71 -10.62 -3.35
CA VAL A 84 4.47 -9.85 -3.43
C VAL A 84 3.52 -10.45 -4.46
N ARG A 85 4.05 -10.76 -5.64
CA ARG A 85 3.25 -11.33 -6.70
C ARG A 85 2.77 -12.74 -6.34
N GLY A 86 3.53 -13.41 -5.48
CA GLY A 86 3.17 -14.75 -5.07
C GLY A 86 2.09 -14.76 -4.01
N THR A 87 2.01 -13.69 -3.23
CA THR A 87 1.01 -13.59 -2.18
C THR A 87 -0.41 -13.67 -2.75
N PRO A 88 -1.33 -14.32 -2.05
CA PRO A 88 -2.72 -14.46 -2.50
C PRO A 88 -3.53 -13.18 -2.34
N GLY A 89 -2.99 -12.22 -1.59
CA GLY A 89 -3.68 -10.97 -1.39
C GLY A 89 -3.29 -9.91 -2.41
N ILE A 90 -2.30 -10.21 -3.25
CA ILE A 90 -1.85 -9.26 -4.26
C ILE A 90 -2.79 -9.29 -5.47
N THR A 91 -3.37 -10.44 -5.75
CA THR A 91 -4.29 -10.59 -6.87
C THR A 91 -3.57 -10.44 -8.21
N GLY A 92 -3.11 -9.23 -8.50
CA GLY A 92 -2.40 -8.98 -9.74
C GLY A 92 -3.05 -7.89 -10.56
N PHE A 93 -3.16 -6.70 -9.97
CA PHE A 93 -3.76 -5.56 -10.66
C PHE A 93 -5.24 -5.83 -10.97
N VAL A 94 -5.91 -4.84 -11.54
CA VAL A 94 -7.32 -4.96 -11.88
C VAL A 94 -7.54 -6.07 -12.90
N GLY A 95 -6.53 -6.29 -13.75
CA GLY A 95 -6.64 -7.32 -14.77
C GLY A 95 -6.40 -6.78 -16.17
N ALA A 96 -5.43 -5.89 -16.29
CA ALA A 96 -5.10 -5.30 -17.58
C ALA A 96 -3.77 -5.82 -18.10
N GLY A 97 -2.87 -6.18 -17.19
CA GLY A 97 -1.58 -6.70 -17.58
C GLY A 97 -0.57 -5.60 -17.80
N MET A 98 -0.46 -4.68 -16.86
CA MET A 98 0.47 -3.57 -16.96
C MET A 98 1.52 -3.63 -15.85
N ARG A 99 2.72 -3.13 -16.15
CA ARG A 99 3.80 -3.14 -15.18
C ARG A 99 3.44 -2.31 -13.95
N PRO A 100 4.04 -2.63 -12.78
CA PRO A 100 3.78 -1.90 -11.53
C PRO A 100 4.11 -0.43 -11.65
N VAL A 101 3.08 0.41 -11.59
CA VAL A 101 3.26 1.86 -11.69
C VAL A 101 3.43 2.50 -10.32
N PRO A 102 4.54 3.23 -10.11
CA PRO A 102 4.82 3.90 -8.84
C PRO A 102 4.16 5.28 -8.75
N LEU A 103 3.78 5.67 -7.54
CA LEU A 103 3.14 6.97 -7.33
C LEU A 103 4.17 8.10 -7.36
N SER A 104 3.79 9.23 -7.95
CA SER A 104 4.68 10.38 -8.04
C SER A 104 4.73 11.12 -6.71
N PRO A 105 5.81 11.90 -6.48
CA PRO A 105 5.98 12.66 -5.24
C PRO A 105 4.81 13.61 -4.97
N ASP A 106 4.26 14.17 -6.05
CA ASP A 106 3.13 15.09 -5.92
C ASP A 106 1.86 14.34 -5.50
N GLU A 107 1.78 13.07 -5.90
CA GLU A 107 0.62 12.25 -5.55
C GLU A 107 0.79 11.60 -4.19
N VAL A 108 2.02 11.20 -3.89
CA VAL A 108 2.33 10.56 -2.62
C VAL A 108 2.01 11.48 -1.45
N ARG A 109 2.53 12.70 -1.50
CA ARG A 109 2.30 13.67 -0.44
C ARG A 109 0.81 13.89 -0.21
N HIS A 110 0.03 13.73 -1.29
CA HIS A 110 -1.42 13.91 -1.20
C HIS A 110 -2.06 12.75 -0.45
N ILE A 111 -1.78 11.53 -0.90
CA ILE A 111 -2.32 10.34 -0.26
C ILE A 111 -1.77 10.19 1.16
N LEU A 112 -0.58 10.75 1.39
CA LEU A 112 0.06 10.69 2.69
C LEU A 112 -0.67 11.58 3.69
N GLU A 113 -1.13 12.74 3.21
CA GLU A 113 -1.86 13.68 4.06
C GLU A 113 -3.20 13.11 4.47
N VAL A 114 -3.78 12.28 3.62
CA VAL A 114 -5.06 11.66 3.90
C VAL A 114 -4.90 10.41 4.76
N SER A 115 -3.87 9.62 4.46
CA SER A 115 -3.59 8.41 5.21
C SER A 115 -3.37 8.71 6.69
N GLY A 116 -2.34 9.49 6.98
CA GLY A 116 -2.04 9.84 8.35
C GLY A 116 -0.55 9.96 8.62
N LEU A 117 0.16 10.67 7.75
CA LEU A 117 1.60 10.85 7.90
C LEU A 117 1.96 12.33 7.94
N LEU A 118 1.36 13.11 7.02
CA LEU A 118 1.63 14.54 6.96
C LEU A 118 0.53 15.33 7.65
N GLY A 119 -0.08 14.72 8.67
CA GLY A 119 -1.14 15.37 9.41
C GLY A 119 -2.40 14.53 9.49
N SER A 1 15.85 6.99 -5.04
CA SER A 1 16.31 5.59 -4.84
C SER A 1 15.11 4.64 -4.71
N ILE A 2 14.10 5.08 -3.97
CA ILE A 2 12.90 4.27 -3.76
C ILE A 2 11.67 4.97 -4.34
N GLU A 3 10.55 4.26 -4.39
CA GLU A 3 9.32 4.82 -4.94
C GLU A 3 8.08 4.17 -4.33
N TRP A 4 6.94 4.85 -4.47
CA TRP A 4 5.68 4.37 -3.97
C TRP A 4 4.97 3.49 -5.01
N TYR A 5 5.20 2.18 -4.93
CA TYR A 5 4.59 1.25 -5.88
C TYR A 5 3.22 0.80 -5.37
N ALA A 6 2.18 1.19 -6.10
CA ALA A 6 0.81 0.82 -5.72
C ALA A 6 0.30 -0.35 -6.53
N VAL A 7 -0.54 -1.17 -5.92
CA VAL A 7 -1.12 -2.33 -6.59
C VAL A 7 -2.64 -2.33 -6.45
N HIS A 8 -3.31 -3.07 -7.32
CA HIS A 8 -4.77 -3.15 -7.30
C HIS A 8 -5.24 -4.56 -6.95
N THR A 9 -6.45 -4.67 -6.43
CA THR A 9 -7.02 -5.97 -6.06
C THR A 9 -8.55 -5.91 -6.05
N LEU A 10 -9.17 -6.99 -5.61
CA LEU A 10 -10.62 -7.06 -5.56
C LEU A 10 -11.14 -6.58 -4.20
N VAL A 11 -12.30 -5.94 -4.20
CA VAL A 11 -12.90 -5.43 -2.98
C VAL A 11 -13.17 -6.56 -1.99
N GLY A 12 -12.73 -6.37 -0.75
CA GLY A 12 -12.95 -7.38 0.28
C GLY A 12 -11.74 -8.29 0.45
N GLN A 13 -10.98 -8.47 -0.63
CA GLN A 13 -9.79 -9.30 -0.59
C GLN A 13 -8.54 -8.49 -0.29
N GLU A 14 -8.60 -7.18 -0.56
CA GLU A 14 -7.48 -6.29 -0.32
C GLU A 14 -6.98 -6.41 1.13
N GLU A 15 -7.92 -6.44 2.06
CA GLU A 15 -7.57 -6.56 3.48
C GLU A 15 -6.81 -7.84 3.75
N LYS A 16 -7.14 -8.90 3.01
CA LYS A 16 -6.48 -10.19 3.16
C LYS A 16 -5.15 -10.21 2.44
N ALA A 17 -5.06 -9.47 1.35
CA ALA A 17 -3.84 -9.40 0.55
C ALA A 17 -2.70 -8.78 1.36
N LYS A 18 -2.97 -7.62 1.95
CA LYS A 18 -1.97 -6.91 2.75
C LYS A 18 -1.51 -7.77 3.92
N ALA A 19 -2.45 -8.51 4.52
CA ALA A 19 -2.15 -9.37 5.65
C ALA A 19 -1.19 -10.49 5.24
N ASN A 20 -1.57 -11.23 4.21
CA ASN A 20 -0.74 -12.33 3.72
C ASN A 20 0.63 -11.84 3.28
N LEU A 21 0.68 -10.59 2.81
CA LEU A 21 1.93 -10.00 2.36
C LEU A 21 2.80 -9.59 3.53
N GLU A 22 2.25 -8.75 4.40
CA GLU A 22 2.98 -8.28 5.58
C GLU A 22 3.62 -9.44 6.34
N LYS A 23 3.00 -10.60 6.27
CA LYS A 23 3.51 -11.79 6.94
C LYS A 23 4.72 -12.36 6.19
N ARG A 24 4.66 -12.31 4.86
CA ARG A 24 5.75 -12.82 4.03
C ARG A 24 6.93 -11.86 4.06
N ILE A 25 6.64 -10.57 4.10
CA ILE A 25 7.69 -9.55 4.13
C ILE A 25 8.35 -9.50 5.50
N LYS A 26 7.61 -9.88 6.53
CA LYS A 26 8.13 -9.87 7.89
C LYS A 26 8.78 -11.22 8.23
N ALA A 27 8.23 -12.28 7.66
CA ALA A 27 8.75 -13.63 7.89
C ALA A 27 10.12 -13.80 7.25
N PHE A 28 10.28 -13.24 6.05
CA PHE A 28 11.55 -13.33 5.34
C PHE A 28 12.55 -12.31 5.86
N GLY A 29 12.05 -11.13 6.21
CA GLY A 29 12.91 -10.09 6.73
C GLY A 29 13.49 -9.21 5.65
N LEU A 30 12.67 -8.86 4.66
CA LEU A 30 13.12 -8.01 3.57
C LEU A 30 12.69 -6.56 3.79
N GLN A 31 13.00 -6.04 4.97
CA GLN A 31 12.66 -4.67 5.31
C GLN A 31 13.58 -3.66 4.61
N ASP A 32 14.59 -4.18 3.91
CA ASP A 32 15.52 -3.32 3.19
C ASP A 32 14.93 -2.84 1.87
N LYS A 33 13.97 -3.60 1.34
CA LYS A 33 13.33 -3.25 0.09
C LYS A 33 12.04 -2.48 0.34
N ILE A 34 11.18 -3.03 1.19
CA ILE A 34 9.91 -2.39 1.54
C ILE A 34 10.06 -1.58 2.83
N PHE A 35 9.98 -0.25 2.70
CA PHE A 35 10.11 0.62 3.86
C PHE A 35 8.75 1.14 4.32
N GLN A 36 8.07 1.86 3.43
CA GLN A 36 6.77 2.43 3.76
C GLN A 36 5.63 1.60 3.15
N VAL A 37 4.65 1.25 3.99
CA VAL A 37 3.51 0.48 3.56
C VAL A 37 2.20 1.20 3.92
N LEU A 38 1.92 2.28 3.20
CA LEU A 38 0.72 3.07 3.45
C LEU A 38 -0.49 2.46 2.73
N ILE A 39 -1.60 2.36 3.46
CA ILE A 39 -2.82 1.80 2.90
C ILE A 39 -3.88 2.88 2.70
N PRO A 40 -4.40 3.02 1.47
CA PRO A 40 -5.42 4.04 1.14
C PRO A 40 -6.60 4.05 2.12
N THR A 41 -6.38 4.64 3.29
CA THR A 41 -7.42 4.71 4.30
C THR A 41 -7.13 5.85 5.29
N GLU A 42 -8.19 6.40 5.88
CA GLU A 42 -8.04 7.49 6.84
C GLU A 42 -8.05 6.96 8.27
N GLU A 43 -7.45 7.73 9.17
CA GLU A 43 -7.38 7.33 10.58
C GLU A 43 -7.58 8.55 11.49
N VAL A 44 -8.42 8.40 12.50
CA VAL A 44 -8.69 9.48 13.44
C VAL A 44 -8.47 9.03 14.88
N VAL A 45 -7.49 9.65 15.53
CA VAL A 45 -7.17 9.33 16.91
C VAL A 45 -7.74 10.39 17.86
N GLU A 46 -7.21 10.45 19.08
CA GLU A 46 -7.68 11.43 20.06
C GLU A 46 -7.07 12.80 19.79
N LEU A 47 -7.86 13.84 20.01
CA LEU A 47 -7.41 15.21 19.79
C LEU A 47 -7.31 15.98 21.11
N ARG A 48 -7.08 17.29 21.01
CA ARG A 48 -6.97 18.14 22.19
C ARG A 48 -7.48 19.54 21.90
N GLU A 49 -8.79 19.71 21.93
CA GLU A 49 -9.42 21.00 21.67
C GLU A 49 -10.31 21.43 22.84
N GLY A 50 -11.25 20.56 23.21
CA GLY A 50 -12.15 20.85 24.30
C GLY A 50 -12.93 19.63 24.75
N GLY A 51 -12.29 18.47 24.72
CA GLY A 51 -12.95 17.25 25.12
C GLY A 51 -13.47 16.45 23.95
N LYS A 52 -12.84 16.62 22.78
CA LYS A 52 -13.26 15.92 21.57
C LYS A 52 -12.19 14.91 21.14
N LYS A 53 -12.63 13.74 20.70
CA LYS A 53 -11.71 12.70 20.25
C LYS A 53 -12.43 11.70 19.35
N GLU A 54 -11.70 11.16 18.38
CA GLU A 54 -12.28 10.18 17.45
C GLU A 54 -11.40 8.94 17.35
N VAL A 55 -12.02 7.80 17.12
CA VAL A 55 -11.31 6.54 17.00
C VAL A 55 -11.93 5.65 15.93
N VAL A 56 -11.58 5.90 14.67
CA VAL A 56 -12.10 5.12 13.55
C VAL A 56 -11.20 5.24 12.33
N ARG A 57 -11.60 4.58 11.25
CA ARG A 57 -10.83 4.61 10.01
C ARG A 57 -11.73 4.85 8.81
N LYS A 58 -11.12 5.11 7.65
CA LYS A 58 -11.86 5.35 6.43
C LYS A 58 -11.15 4.71 5.24
N LYS A 59 -11.55 5.10 4.03
CA LYS A 59 -10.96 4.57 2.81
C LYS A 59 -10.76 5.66 1.77
N LEU A 60 -9.49 5.96 1.47
CA LEU A 60 -9.17 6.99 0.49
C LEU A 60 -9.18 6.41 -0.93
N PHE A 61 -8.52 5.27 -1.10
CA PHE A 61 -8.46 4.61 -2.40
C PHE A 61 -8.69 3.12 -2.26
N PRO A 62 -9.96 2.68 -2.22
CA PRO A 62 -10.32 1.27 -2.08
C PRO A 62 -9.71 0.40 -3.17
N GLY A 63 -9.28 -0.80 -2.79
CA GLY A 63 -8.68 -1.72 -3.75
C GLY A 63 -7.26 -1.34 -4.13
N TYR A 64 -6.71 -0.31 -3.47
CA TYR A 64 -5.36 0.14 -3.75
C TYR A 64 -4.47 -0.01 -2.52
N LEU A 65 -3.17 -0.09 -2.74
CA LEU A 65 -2.20 -0.23 -1.66
C LEU A 65 -0.87 0.39 -2.04
N PHE A 66 -0.55 1.54 -1.44
CA PHE A 66 0.69 2.24 -1.72
C PHE A 66 1.85 1.64 -0.92
N ILE A 67 2.91 1.22 -1.62
CA ILE A 67 4.07 0.63 -0.98
C ILE A 67 5.36 1.32 -1.42
N GLN A 68 6.01 2.00 -0.48
CA GLN A 68 7.26 2.69 -0.78
C GLN A 68 8.43 1.71 -0.77
N MET A 69 8.48 0.86 -1.78
CA MET A 69 9.53 -0.14 -1.90
C MET A 69 10.71 0.39 -2.70
N ASP A 70 11.69 -0.48 -2.95
CA ASP A 70 12.87 -0.10 -3.73
C ASP A 70 13.06 -1.02 -4.92
N LEU A 71 12.51 -0.64 -6.06
CA LEU A 71 12.61 -1.44 -7.27
C LEU A 71 13.77 -0.95 -8.15
N GLY A 72 13.72 0.31 -8.53
CA GLY A 72 14.77 0.88 -9.37
C GLY A 72 14.45 0.77 -10.85
N ASP A 73 14.03 -0.42 -11.26
CA ASP A 73 13.68 -0.66 -12.67
C ASP A 73 12.22 -1.09 -12.80
N GLU A 74 11.70 -1.02 -14.02
CA GLU A 74 10.32 -1.42 -14.27
C GLU A 74 10.24 -2.66 -15.15
N GLU A 75 11.36 -2.99 -15.81
CA GLU A 75 11.41 -4.16 -16.67
C GLU A 75 11.77 -5.42 -15.88
N GLU A 76 12.60 -5.25 -14.85
CA GLU A 76 13.02 -6.37 -14.03
C GLU A 76 12.95 -6.03 -12.55
N PRO A 77 11.83 -6.36 -11.88
CA PRO A 77 11.63 -6.08 -10.45
C PRO A 77 12.63 -6.84 -9.58
N ASN A 78 12.65 -6.51 -8.30
CA ASN A 78 13.54 -7.16 -7.35
C ASN A 78 12.89 -8.40 -6.74
N GLU A 79 13.61 -9.04 -5.82
CA GLU A 79 13.10 -10.24 -5.15
C GLU A 79 11.77 -9.95 -4.45
N ALA A 80 11.60 -8.71 -4.01
CA ALA A 80 10.38 -8.31 -3.32
C ALA A 80 9.14 -8.64 -4.14
N TRP A 81 9.22 -8.40 -5.45
CA TRP A 81 8.11 -8.69 -6.35
C TRP A 81 7.72 -10.16 -6.30
N GLU A 82 8.74 -11.03 -6.24
CA GLU A 82 8.52 -12.46 -6.19
C GLU A 82 7.76 -12.86 -4.92
N VAL A 83 8.12 -12.22 -3.82
CA VAL A 83 7.48 -12.50 -2.53
C VAL A 83 6.01 -12.09 -2.56
N VAL A 84 5.75 -10.87 -3.03
CA VAL A 84 4.39 -10.37 -3.11
C VAL A 84 3.54 -11.20 -4.06
N ARG A 85 4.09 -11.51 -5.22
CA ARG A 85 3.39 -12.31 -6.22
C ARG A 85 3.04 -13.69 -5.67
N GLY A 86 3.86 -14.17 -4.74
CA GLY A 86 3.62 -15.48 -4.14
C GLY A 86 2.49 -15.46 -3.14
N THR A 87 2.31 -14.32 -2.46
CA THR A 87 1.25 -14.18 -1.47
C THR A 87 -0.12 -14.37 -2.10
N PRO A 88 -0.82 -15.47 -1.76
CA PRO A 88 -2.15 -15.76 -2.32
C PRO A 88 -3.10 -14.57 -2.19
N GLY A 89 -3.80 -14.27 -3.28
CA GLY A 89 -4.72 -13.15 -3.28
C GLY A 89 -4.20 -11.95 -4.03
N ILE A 90 -2.92 -11.98 -4.38
CA ILE A 90 -2.29 -10.87 -5.11
C ILE A 90 -2.63 -10.96 -6.60
N THR A 91 -2.97 -9.81 -7.18
CA THR A 91 -3.30 -9.75 -8.60
C THR A 91 -2.25 -8.96 -9.38
N GLY A 92 -1.71 -7.94 -8.74
CA GLY A 92 -0.69 -7.11 -9.39
C GLY A 92 -1.27 -5.87 -10.02
N PHE A 93 -2.54 -5.94 -10.40
CA PHE A 93 -3.21 -4.80 -11.02
C PHE A 93 -4.69 -5.09 -11.24
N VAL A 94 -5.44 -4.06 -11.60
CA VAL A 94 -6.88 -4.20 -11.83
C VAL A 94 -7.17 -5.27 -12.88
N GLY A 95 -6.77 -5.00 -14.12
CA GLY A 95 -6.99 -5.94 -15.19
C GLY A 95 -6.59 -5.40 -16.55
N ALA A 96 -5.34 -4.96 -16.66
CA ALA A 96 -4.83 -4.41 -17.91
C ALA A 96 -3.39 -4.85 -18.16
N GLY A 97 -2.56 -4.74 -17.14
CA GLY A 97 -1.17 -5.12 -17.26
C GLY A 97 -0.67 -5.89 -16.06
N MET A 98 0.52 -6.47 -16.18
CA MET A 98 1.12 -7.23 -15.09
C MET A 98 2.18 -6.41 -14.36
N ARG A 99 2.83 -5.52 -15.10
CA ARG A 99 3.87 -4.67 -14.52
C ARG A 99 3.30 -3.75 -13.45
N PRO A 100 4.13 -3.31 -12.50
CA PRO A 100 3.70 -2.41 -11.42
C PRO A 100 3.38 -1.01 -11.93
N VAL A 101 2.82 -0.19 -11.05
CA VAL A 101 2.46 1.18 -11.42
C VAL A 101 2.72 2.14 -10.26
N PRO A 102 3.82 2.90 -10.30
CA PRO A 102 4.17 3.86 -9.25
C PRO A 102 3.26 5.08 -9.26
N LEU A 103 3.18 5.76 -8.13
CA LEU A 103 2.34 6.95 -8.01
C LEU A 103 3.12 8.21 -8.38
N SER A 104 2.40 9.30 -8.63
CA SER A 104 3.02 10.56 -8.98
C SER A 104 3.39 11.37 -7.74
N PRO A 105 4.55 12.04 -7.75
CA PRO A 105 5.01 12.85 -6.61
C PRO A 105 3.93 13.80 -6.10
N ASP A 106 3.11 14.31 -7.01
CA ASP A 106 2.05 15.23 -6.66
C ASP A 106 0.96 14.52 -5.86
N GLU A 107 0.61 13.31 -6.29
CA GLU A 107 -0.42 12.53 -5.63
C GLU A 107 0.14 11.82 -4.40
N VAL A 108 1.41 11.46 -4.46
CA VAL A 108 2.07 10.77 -3.36
C VAL A 108 2.12 11.64 -2.11
N ARG A 109 2.45 12.91 -2.29
CA ARG A 109 2.52 13.84 -1.18
C ARG A 109 1.17 13.99 -0.48
N HIS A 110 0.10 13.82 -1.26
CA HIS A 110 -1.24 13.92 -0.71
C HIS A 110 -1.59 12.70 0.11
N ILE A 111 -1.41 11.52 -0.48
CA ILE A 111 -1.70 10.28 0.23
C ILE A 111 -0.72 10.09 1.38
N LEU A 112 0.39 10.83 1.36
CA LEU A 112 1.39 10.75 2.41
C LEU A 112 0.87 11.40 3.69
N GLU A 113 0.13 12.49 3.53
CA GLU A 113 -0.43 13.21 4.66
C GLU A 113 -1.30 12.28 5.51
N VAL A 114 -1.79 11.21 4.89
CA VAL A 114 -2.64 10.24 5.58
C VAL A 114 -1.83 9.43 6.60
N SER A 115 -0.83 8.72 6.12
CA SER A 115 0.02 7.90 6.99
C SER A 115 0.57 8.74 8.14
N GLY A 116 1.21 9.86 7.80
CA GLY A 116 1.78 10.73 8.80
C GLY A 116 3.24 11.03 8.54
N LEU A 117 3.59 11.21 7.27
CA LEU A 117 4.97 11.52 6.90
C LEU A 117 5.15 13.01 6.63
N LEU A 118 4.08 13.78 6.79
CA LEU A 118 4.13 15.22 6.56
C LEU A 118 3.49 15.98 7.72
N GLY A 119 2.20 15.75 7.93
CA GLY A 119 1.49 16.43 9.01
C GLY A 119 1.02 15.46 10.07
N SER A 1 17.73 6.11 -4.08
CA SER A 1 16.34 6.63 -4.25
C SER A 1 15.35 5.50 -4.48
N ILE A 2 14.14 5.66 -3.97
CA ILE A 2 13.09 4.66 -4.12
C ILE A 2 11.79 5.30 -4.59
N GLU A 3 10.78 4.47 -4.87
CA GLU A 3 9.51 4.99 -5.34
C GLU A 3 8.32 4.24 -4.73
N TRP A 4 7.15 4.86 -4.84
CA TRP A 4 5.91 4.28 -4.31
C TRP A 4 5.22 3.43 -5.38
N TYR A 5 5.52 2.14 -5.40
CA TYR A 5 4.90 1.24 -6.39
C TYR A 5 3.50 0.86 -5.93
N ALA A 6 2.50 1.40 -6.60
CA ALA A 6 1.11 1.12 -6.26
C ALA A 6 0.59 -0.14 -6.95
N VAL A 7 -0.29 -0.85 -6.27
CA VAL A 7 -0.88 -2.07 -6.80
C VAL A 7 -2.32 -2.23 -6.31
N HIS A 8 -2.99 -3.28 -6.78
CA HIS A 8 -4.36 -3.53 -6.38
C HIS A 8 -4.52 -4.91 -5.74
N THR A 9 -5.60 -5.09 -4.99
CA THR A 9 -5.86 -6.36 -4.34
C THR A 9 -7.33 -6.76 -4.48
N LEU A 10 -7.61 -8.05 -4.32
CA LEU A 10 -8.98 -8.56 -4.45
C LEU A 10 -9.93 -7.80 -3.51
N VAL A 11 -11.02 -7.30 -4.09
CA VAL A 11 -12.02 -6.56 -3.32
C VAL A 11 -12.68 -7.46 -2.28
N GLY A 12 -12.70 -7.00 -1.03
CA GLY A 12 -13.29 -7.78 0.04
C GLY A 12 -12.25 -8.57 0.81
N GLN A 13 -11.18 -8.96 0.13
CA GLN A 13 -10.11 -9.72 0.75
C GLN A 13 -8.96 -8.80 1.16
N GLU A 14 -9.01 -7.55 0.72
CA GLU A 14 -7.97 -6.57 1.05
C GLU A 14 -7.58 -6.64 2.53
N GLU A 15 -8.58 -6.84 3.38
CA GLU A 15 -8.34 -6.93 4.82
C GLU A 15 -7.31 -8.00 5.14
N LYS A 16 -7.44 -9.15 4.49
CA LYS A 16 -6.51 -10.26 4.71
C LYS A 16 -5.23 -10.07 3.89
N ALA A 17 -5.34 -9.36 2.78
CA ALA A 17 -4.21 -9.11 1.91
C ALA A 17 -3.13 -8.28 2.64
N LYS A 18 -3.57 -7.22 3.30
CA LYS A 18 -2.65 -6.36 4.04
C LYS A 18 -1.92 -7.13 5.12
N ALA A 19 -2.59 -8.12 5.69
CA ALA A 19 -2.00 -8.95 6.75
C ALA A 19 -1.14 -10.06 6.16
N ASN A 20 -1.71 -10.80 5.22
CA ASN A 20 -1.00 -11.91 4.56
C ASN A 20 0.27 -11.39 3.88
N LEU A 21 0.20 -10.18 3.34
CA LEU A 21 1.33 -9.58 2.66
C LEU A 21 2.41 -9.17 3.66
N GLU A 22 2.03 -8.33 4.62
CA GLU A 22 2.96 -7.86 5.64
C GLU A 22 3.63 -9.03 6.36
N LYS A 23 2.89 -10.13 6.50
CA LYS A 23 3.41 -11.31 7.16
C LYS A 23 4.50 -11.96 6.33
N ARG A 24 4.30 -12.00 5.02
CA ARG A 24 5.27 -12.59 4.11
C ARG A 24 6.54 -11.75 4.05
N ILE A 25 6.37 -10.43 4.09
CA ILE A 25 7.49 -9.51 4.04
C ILE A 25 8.31 -9.58 5.33
N LYS A 26 7.63 -9.89 6.43
CA LYS A 26 8.30 -9.99 7.72
C LYS A 26 8.82 -11.40 7.97
N ALA A 27 8.09 -12.39 7.45
CA ALA A 27 8.48 -13.79 7.61
C ALA A 27 9.75 -14.08 6.82
N PHE A 28 9.94 -13.35 5.73
CA PHE A 28 11.11 -13.54 4.87
C PHE A 28 12.18 -12.48 5.17
N GLY A 29 11.73 -11.33 5.65
CA GLY A 29 12.66 -10.25 5.97
C GLY A 29 13.07 -9.47 4.75
N LEU A 30 12.08 -8.91 4.03
CA LEU A 30 12.35 -8.13 2.83
C LEU A 30 12.20 -6.64 3.11
N GLN A 31 12.59 -6.23 4.32
CA GLN A 31 12.50 -4.83 4.71
C GLN A 31 13.60 -3.99 4.06
N ASP A 32 14.50 -4.65 3.32
CA ASP A 32 15.57 -3.94 2.64
C ASP A 32 15.08 -3.30 1.35
N LYS A 33 14.05 -3.90 0.75
CA LYS A 33 13.48 -3.38 -0.48
C LYS A 33 12.26 -2.51 -0.18
N ILE A 34 11.31 -3.06 0.55
CA ILE A 34 10.10 -2.35 0.92
C ILE A 34 10.32 -1.55 2.19
N PHE A 35 10.66 -0.28 2.04
CA PHE A 35 10.91 0.59 3.19
C PHE A 35 9.61 1.15 3.74
N GLN A 36 8.79 1.72 2.86
CA GLN A 36 7.53 2.30 3.27
C GLN A 36 6.34 1.56 2.68
N VAL A 37 5.30 1.38 3.50
CA VAL A 37 4.08 0.69 3.07
C VAL A 37 2.86 1.32 3.71
N LEU A 38 1.79 1.48 2.92
CA LEU A 38 0.57 2.09 3.43
C LEU A 38 -0.63 1.72 2.55
N ILE A 39 -1.82 1.77 3.14
CA ILE A 39 -3.04 1.44 2.42
C ILE A 39 -3.93 2.69 2.30
N PRO A 40 -4.38 3.02 1.08
CA PRO A 40 -5.24 4.20 0.84
C PRO A 40 -6.51 4.18 1.69
N THR A 41 -6.38 4.59 2.95
CA THR A 41 -7.50 4.63 3.87
C THR A 41 -7.21 5.57 5.03
N GLU A 42 -8.22 6.29 5.48
CA GLU A 42 -8.06 7.22 6.59
C GLU A 42 -8.09 6.48 7.91
N GLU A 43 -7.31 6.95 8.87
CA GLU A 43 -7.25 6.31 10.18
C GLU A 43 -7.10 7.36 11.29
N VAL A 44 -8.05 7.36 12.22
CA VAL A 44 -8.03 8.31 13.33
C VAL A 44 -8.57 7.66 14.59
N VAL A 45 -7.72 7.55 15.60
CA VAL A 45 -8.10 6.95 16.87
C VAL A 45 -7.17 7.37 17.99
N GLU A 46 -7.13 8.67 18.28
CA GLU A 46 -6.28 9.20 19.33
C GLU A 46 -6.86 10.49 19.90
N LEU A 47 -6.28 10.95 21.01
CA LEU A 47 -6.75 12.17 21.67
C LEU A 47 -5.94 13.37 21.20
N ARG A 48 -6.64 14.48 20.93
CA ARG A 48 -5.98 15.70 20.48
C ARG A 48 -6.82 16.93 20.81
N GLU A 49 -8.11 16.84 20.52
CA GLU A 49 -9.04 17.94 20.78
C GLU A 49 -9.74 17.75 22.12
N GLY A 50 -9.10 18.22 23.19
CA GLY A 50 -9.68 18.09 24.51
C GLY A 50 -9.88 16.65 24.92
N GLY A 51 -11.11 16.30 25.27
CA GLY A 51 -11.42 14.93 25.67
C GLY A 51 -12.41 14.26 24.75
N LYS A 52 -12.14 14.32 23.44
CA LYS A 52 -13.00 13.71 22.45
C LYS A 52 -12.40 12.42 21.91
N LYS A 53 -13.27 11.50 21.49
CA LYS A 53 -12.81 10.22 20.96
C LYS A 53 -13.46 9.93 19.60
N GLU A 54 -12.63 9.68 18.60
CA GLU A 54 -13.12 9.39 17.26
C GLU A 54 -12.35 8.23 16.62
N VAL A 55 -13.06 7.13 16.37
CA VAL A 55 -12.45 5.95 15.77
C VAL A 55 -13.17 5.56 14.48
N VAL A 56 -12.59 5.94 13.35
CA VAL A 56 -13.18 5.63 12.05
C VAL A 56 -12.14 5.65 10.94
N ARG A 57 -12.56 5.25 9.74
CA ARG A 57 -11.67 5.20 8.59
C ARG A 57 -12.41 5.62 7.32
N LYS A 58 -11.69 6.21 6.38
CA LYS A 58 -12.28 6.66 5.12
C LYS A 58 -11.47 6.15 3.93
N LYS A 59 -12.00 5.14 3.25
CA LYS A 59 -11.32 4.57 2.08
C LYS A 59 -11.19 5.60 0.96
N LEU A 60 -9.95 5.96 0.65
CA LEU A 60 -9.70 6.94 -0.41
C LEU A 60 -9.54 6.25 -1.76
N PHE A 61 -8.86 5.11 -1.78
CA PHE A 61 -8.65 4.36 -3.01
C PHE A 61 -9.01 2.89 -2.83
N PRO A 62 -10.23 2.49 -3.20
CA PRO A 62 -10.68 1.11 -3.07
C PRO A 62 -9.83 0.14 -3.88
N GLY A 63 -9.43 -0.96 -3.26
CA GLY A 63 -8.61 -1.94 -3.94
C GLY A 63 -7.28 -1.39 -4.38
N TYR A 64 -6.82 -0.32 -3.72
CA TYR A 64 -5.55 0.30 -4.06
C TYR A 64 -4.57 0.20 -2.90
N LEU A 65 -3.27 0.22 -3.21
CA LEU A 65 -2.23 0.14 -2.19
C LEU A 65 -0.91 0.66 -2.74
N PHE A 66 -0.25 1.55 -1.98
CA PHE A 66 1.03 2.10 -2.39
C PHE A 66 2.16 1.56 -1.53
N ILE A 67 3.31 1.32 -2.15
CA ILE A 67 4.47 0.78 -1.43
C ILE A 67 5.75 1.47 -1.87
N GLN A 68 6.46 2.06 -0.91
CA GLN A 68 7.71 2.74 -1.21
C GLN A 68 8.84 1.72 -1.33
N MET A 69 8.74 0.87 -2.35
CA MET A 69 9.75 -0.16 -2.59
C MET A 69 10.83 0.34 -3.55
N ASP A 70 11.67 -0.57 -4.03
CA ASP A 70 12.74 -0.23 -4.95
C ASP A 70 13.03 -1.39 -5.89
N LEU A 71 12.21 -1.53 -6.93
CA LEU A 71 12.39 -2.60 -7.91
C LEU A 71 12.77 -2.05 -9.27
N GLY A 72 12.29 -0.84 -9.57
CA GLY A 72 12.59 -0.21 -10.86
C GLY A 72 14.05 -0.31 -11.23
N ASP A 73 14.39 -1.32 -12.02
CA ASP A 73 15.76 -1.53 -12.46
C ASP A 73 15.84 -1.82 -13.96
N GLU A 74 14.70 -1.69 -14.65
CA GLU A 74 14.64 -1.93 -16.09
C GLU A 74 14.79 -3.42 -16.39
N GLU A 75 15.96 -3.96 -16.09
CA GLU A 75 16.24 -5.37 -16.34
C GLU A 75 15.19 -6.26 -15.68
N GLU A 76 15.20 -6.30 -14.36
CA GLU A 76 14.25 -7.12 -13.60
C GLU A 76 14.14 -6.61 -12.17
N PRO A 77 12.97 -6.85 -11.53
CA PRO A 77 12.73 -6.42 -10.15
C PRO A 77 13.50 -7.27 -9.14
N ASN A 78 13.37 -6.92 -7.86
CA ASN A 78 14.05 -7.65 -6.80
C ASN A 78 13.18 -8.78 -6.27
N GLU A 79 13.70 -9.52 -5.30
CA GLU A 79 12.97 -10.64 -4.71
C GLU A 79 11.67 -10.17 -4.06
N ALA A 80 11.63 -8.90 -3.68
CA ALA A 80 10.44 -8.34 -3.04
C ALA A 80 9.20 -8.56 -3.90
N TRP A 81 9.31 -8.26 -5.19
CA TRP A 81 8.20 -8.42 -6.11
C TRP A 81 7.72 -9.87 -6.14
N GLU A 82 8.68 -10.80 -6.16
CA GLU A 82 8.36 -12.22 -6.19
C GLU A 82 7.54 -12.63 -4.96
N VAL A 83 7.80 -11.95 -3.85
CA VAL A 83 7.08 -12.23 -2.60
C VAL A 83 5.74 -11.53 -2.56
N VAL A 84 5.75 -10.23 -2.88
CA VAL A 84 4.53 -9.44 -2.89
C VAL A 84 3.52 -9.99 -3.88
N ARG A 85 3.97 -10.20 -5.11
CA ARG A 85 3.11 -10.73 -6.16
C ARG A 85 2.70 -12.17 -5.85
N GLY A 86 3.52 -12.87 -5.08
CA GLY A 86 3.23 -14.25 -4.73
C GLY A 86 2.08 -14.36 -3.74
N THR A 87 1.95 -13.38 -2.86
CA THR A 87 0.89 -13.39 -1.85
C THR A 87 -0.48 -13.37 -2.53
N PRO A 88 -1.47 -14.08 -1.94
CA PRO A 88 -2.83 -14.13 -2.49
C PRO A 88 -3.53 -12.78 -2.42
N GLY A 89 -3.40 -11.99 -3.48
CA GLY A 89 -4.03 -10.69 -3.52
C GLY A 89 -3.49 -9.82 -4.63
N ILE A 90 -2.19 -9.94 -4.89
CA ILE A 90 -1.55 -9.15 -5.95
C ILE A 90 -1.46 -9.95 -7.24
N THR A 91 -2.03 -9.39 -8.30
CA THR A 91 -2.02 -10.04 -9.61
C THR A 91 -1.89 -9.02 -10.73
N GLY A 92 -1.21 -7.91 -10.44
CA GLY A 92 -1.02 -6.87 -11.43
C GLY A 92 -2.33 -6.32 -11.95
N PHE A 93 -2.64 -5.08 -11.57
CA PHE A 93 -3.87 -4.43 -11.99
C PHE A 93 -3.75 -2.91 -11.93
N VAL A 94 -2.58 -2.41 -12.35
CA VAL A 94 -2.33 -0.98 -12.35
C VAL A 94 -2.74 -0.34 -13.67
N GLY A 95 -3.44 -1.10 -14.51
CA GLY A 95 -3.88 -0.57 -15.79
C GLY A 95 -2.90 -0.89 -16.91
N ALA A 96 -1.61 -0.69 -16.64
CA ALA A 96 -0.58 -0.97 -17.62
C ALA A 96 -0.62 -2.42 -18.09
N GLY A 97 -1.01 -3.30 -17.18
CA GLY A 97 -1.08 -4.72 -17.51
C GLY A 97 -0.42 -5.60 -16.47
N MET A 98 0.90 -5.63 -16.48
CA MET A 98 1.66 -6.44 -15.53
C MET A 98 2.65 -5.59 -14.76
N ARG A 99 3.35 -4.71 -15.47
CA ARG A 99 4.34 -3.83 -14.86
C ARG A 99 3.66 -2.75 -14.01
N PRO A 100 3.92 -2.70 -12.69
CA PRO A 100 3.33 -1.71 -11.80
C PRO A 100 3.56 -0.29 -12.28
N VAL A 101 3.23 0.68 -11.42
CA VAL A 101 3.40 2.09 -11.77
C VAL A 101 3.64 2.94 -10.51
N PRO A 102 4.84 3.54 -10.39
CA PRO A 102 5.18 4.38 -9.24
C PRO A 102 4.36 5.67 -9.20
N LEU A 103 4.02 6.12 -8.00
CA LEU A 103 3.24 7.34 -7.83
C LEU A 103 4.14 8.57 -7.81
N SER A 104 3.56 9.73 -8.09
CA SER A 104 4.31 10.98 -8.11
C SER A 104 4.30 11.64 -6.73
N PRO A 105 5.43 12.23 -6.32
CA PRO A 105 5.55 12.90 -5.02
C PRO A 105 4.37 13.82 -4.72
N ASP A 106 3.89 14.50 -5.76
CA ASP A 106 2.76 15.42 -5.60
C ASP A 106 1.53 14.69 -5.09
N GLU A 107 1.20 13.57 -5.72
CA GLU A 107 0.04 12.77 -5.32
C GLU A 107 0.37 11.91 -4.11
N VAL A 108 1.60 11.45 -4.03
CA VAL A 108 2.04 10.61 -2.92
C VAL A 108 1.85 11.34 -1.58
N ARG A 109 2.35 12.57 -1.51
CA ARG A 109 2.24 13.37 -0.30
C ARG A 109 0.80 13.43 0.21
N HIS A 110 -0.14 13.52 -0.72
CA HIS A 110 -1.55 13.58 -0.36
C HIS A 110 -2.02 12.26 0.23
N ILE A 111 -1.76 11.17 -0.50
CA ILE A 111 -2.16 9.85 -0.04
C ILE A 111 -1.37 9.46 1.20
N LEU A 112 -0.17 10.03 1.35
CA LEU A 112 0.67 9.74 2.50
C LEU A 112 0.14 10.42 3.74
N GLU A 113 -0.32 11.66 3.59
CA GLU A 113 -0.86 12.42 4.70
C GLU A 113 -2.10 11.73 5.29
N VAL A 114 -2.75 10.90 4.48
CA VAL A 114 -3.94 10.18 4.92
C VAL A 114 -3.57 9.00 5.82
N SER A 115 -2.77 8.08 5.30
CA SER A 115 -2.36 6.91 6.05
C SER A 115 -1.60 7.34 7.31
N GLY A 116 -0.53 8.10 7.12
CA GLY A 116 0.26 8.56 8.25
C GLY A 116 1.74 8.41 8.04
N LEU A 117 2.27 9.13 7.04
CA LEU A 117 3.69 9.06 6.73
C LEU A 117 4.28 10.47 6.52
N LEU A 118 3.46 11.49 6.76
CA LEU A 118 3.92 12.87 6.60
C LEU A 118 4.39 13.45 7.93
N GLY A 119 3.71 13.06 9.02
CA GLY A 119 4.08 13.54 10.33
C GLY A 119 5.49 13.15 10.72
N SER A 1 16.38 7.38 -0.93
CA SER A 1 14.90 7.45 -0.98
C SER A 1 14.30 6.14 -1.47
N ILE A 2 12.97 6.11 -1.56
CA ILE A 2 12.27 4.92 -2.02
C ILE A 2 11.10 5.29 -2.94
N GLU A 3 10.26 4.31 -3.27
CA GLU A 3 9.13 4.56 -4.16
C GLU A 3 7.85 3.92 -3.63
N TRP A 4 6.72 4.54 -3.96
CA TRP A 4 5.41 4.05 -3.55
C TRP A 4 4.74 3.30 -4.70
N TYR A 5 4.63 1.98 -4.55
CA TYR A 5 4.00 1.17 -5.59
C TYR A 5 2.56 0.84 -5.22
N ALA A 6 1.66 0.93 -6.21
CA ALA A 6 0.25 0.66 -5.97
C ALA A 6 -0.20 -0.61 -6.68
N VAL A 7 -1.15 -1.31 -6.06
CA VAL A 7 -1.69 -2.54 -6.62
C VAL A 7 -3.21 -2.58 -6.46
N HIS A 8 -3.87 -3.39 -7.26
CA HIS A 8 -5.32 -3.51 -7.21
C HIS A 8 -5.74 -4.94 -6.88
N THR A 9 -6.56 -5.09 -5.84
CA THR A 9 -7.03 -6.40 -5.42
C THR A 9 -8.54 -6.38 -5.21
N LEU A 10 -9.09 -7.51 -4.76
CA LEU A 10 -10.52 -7.63 -4.52
C LEU A 10 -10.90 -7.01 -3.18
N VAL A 11 -12.05 -6.34 -3.15
CA VAL A 11 -12.53 -5.70 -1.94
C VAL A 11 -12.70 -6.72 -0.82
N GLY A 12 -11.90 -6.58 0.24
CA GLY A 12 -11.97 -7.50 1.35
C GLY A 12 -10.73 -8.36 1.46
N GLN A 13 -10.16 -8.71 0.32
CA GLN A 13 -8.95 -9.53 0.29
C GLN A 13 -7.71 -8.69 0.57
N GLU A 14 -7.77 -7.42 0.18
CA GLU A 14 -6.65 -6.50 0.39
C GLU A 14 -6.22 -6.48 1.85
N GLU A 15 -7.21 -6.52 2.75
CA GLU A 15 -6.93 -6.50 4.18
C GLU A 15 -6.02 -7.67 4.58
N LYS A 16 -6.29 -8.83 4.00
CA LYS A 16 -5.50 -10.02 4.30
C LYS A 16 -4.21 -10.03 3.49
N ALA A 17 -4.22 -9.37 2.34
CA ALA A 17 -3.05 -9.30 1.48
C ALA A 17 -1.87 -8.66 2.20
N LYS A 18 -2.08 -7.48 2.76
CA LYS A 18 -1.05 -6.77 3.48
C LYS A 18 -0.55 -7.58 4.67
N ALA A 19 -1.46 -8.31 5.31
CA ALA A 19 -1.12 -9.13 6.46
C ALA A 19 -0.23 -10.30 6.05
N ASN A 20 -0.71 -11.11 5.11
CA ASN A 20 0.05 -12.26 4.62
C ASN A 20 1.34 -11.82 3.95
N LEU A 21 1.28 -10.69 3.25
CA LEU A 21 2.44 -10.16 2.56
C LEU A 21 3.47 -9.63 3.55
N GLU A 22 3.00 -8.85 4.51
CA GLU A 22 3.88 -8.27 5.54
C GLU A 22 4.59 -9.37 6.32
N LYS A 23 4.02 -10.57 6.32
CA LYS A 23 4.61 -11.69 7.03
C LYS A 23 5.70 -12.33 6.19
N ARG A 24 5.41 -12.55 4.91
CA ARG A 24 6.38 -13.13 4.00
C ARG A 24 7.54 -12.16 3.75
N ILE A 25 7.26 -10.88 3.93
CA ILE A 25 8.27 -9.85 3.74
C ILE A 25 9.33 -9.90 4.84
N LYS A 26 8.93 -10.37 6.02
CA LYS A 26 9.83 -10.47 7.16
C LYS A 26 10.39 -11.88 7.28
N ALA A 27 9.60 -12.87 6.87
CA ALA A 27 10.01 -14.26 6.95
C ALA A 27 11.10 -14.56 5.93
N PHE A 28 10.95 -14.01 4.73
CA PHE A 28 11.94 -14.22 3.67
C PHE A 28 13.14 -13.31 3.84
N GLY A 29 12.93 -12.18 4.52
CA GLY A 29 14.01 -11.24 4.75
C GLY A 29 13.98 -10.08 3.78
N LEU A 30 12.78 -9.71 3.34
CA LEU A 30 12.61 -8.61 2.41
C LEU A 30 12.25 -7.31 3.13
N GLN A 31 12.64 -7.23 4.41
CA GLN A 31 12.36 -6.05 5.21
C GLN A 31 13.03 -4.81 4.61
N ASP A 32 14.09 -5.04 3.85
CA ASP A 32 14.82 -3.94 3.21
C ASP A 32 14.10 -3.47 1.94
N LYS A 33 13.01 -4.14 1.59
CA LYS A 33 12.25 -3.77 0.40
C LYS A 33 11.01 -2.95 0.78
N ILE A 34 10.07 -3.60 1.46
CA ILE A 34 8.85 -2.92 1.90
C ILE A 34 9.10 -2.12 3.17
N PHE A 35 8.69 -0.86 3.16
CA PHE A 35 8.89 0.01 4.32
C PHE A 35 7.58 0.61 4.81
N GLN A 36 6.81 1.20 3.90
CA GLN A 36 5.54 1.83 4.27
C GLN A 36 4.34 1.20 3.56
N VAL A 37 3.16 1.45 4.13
CA VAL A 37 1.91 0.94 3.58
C VAL A 37 0.74 1.80 4.07
N LEU A 38 0.13 2.55 3.16
CA LEU A 38 -0.98 3.44 3.53
C LEU A 38 -2.22 3.18 2.68
N ILE A 39 -3.30 3.89 3.04
CA ILE A 39 -4.58 3.78 2.35
C ILE A 39 -5.44 5.00 2.69
N PRO A 40 -5.02 6.19 2.24
CA PRO A 40 -5.72 7.46 2.51
C PRO A 40 -7.19 7.45 2.14
N THR A 41 -7.96 8.26 2.88
CA THR A 41 -9.40 8.39 2.68
C THR A 41 -9.75 9.87 2.47
N GLU A 42 -10.83 10.12 1.74
CA GLU A 42 -11.26 11.49 1.48
C GLU A 42 -12.03 12.06 2.67
N GLU A 43 -11.75 13.32 2.99
CA GLU A 43 -12.41 14.00 4.10
C GLU A 43 -13.48 14.96 3.59
N VAL A 44 -14.65 14.92 4.21
CA VAL A 44 -15.75 15.80 3.82
C VAL A 44 -16.67 16.09 5.01
N VAL A 45 -17.63 16.98 4.79
CA VAL A 45 -18.58 17.34 5.84
C VAL A 45 -20.01 17.19 5.35
N GLU A 46 -20.92 16.90 6.28
CA GLU A 46 -22.33 16.73 5.95
C GLU A 46 -23.21 17.37 7.01
N LEU A 47 -24.43 17.74 6.62
CA LEU A 47 -25.38 18.36 7.53
C LEU A 47 -26.75 17.70 7.43
N ARG A 48 -27.46 17.63 8.55
CA ARG A 48 -28.78 17.03 8.58
C ARG A 48 -29.87 18.09 8.45
N GLU A 49 -31.11 17.64 8.34
CA GLU A 49 -32.24 18.55 8.21
C GLU A 49 -32.41 19.41 9.47
N GLY A 50 -32.27 18.77 10.62
CA GLY A 50 -32.40 19.48 11.88
C GLY A 50 -31.59 18.85 13.00
N GLY A 51 -30.49 19.51 13.36
CA GLY A 51 -29.65 18.99 14.43
C GLY A 51 -28.18 19.33 14.21
N LYS A 52 -27.31 18.49 14.75
CA LYS A 52 -25.86 18.70 14.61
C LYS A 52 -25.18 17.48 14.00
N LYS A 53 -24.28 17.72 13.07
CA LYS A 53 -23.55 16.64 12.40
C LYS A 53 -22.05 16.81 12.58
N GLU A 54 -21.29 15.81 12.15
CA GLU A 54 -19.83 15.85 12.26
C GLU A 54 -19.19 15.75 10.88
N VAL A 55 -17.88 15.54 10.86
CA VAL A 55 -17.15 15.41 9.60
C VAL A 55 -17.10 13.97 9.12
N VAL A 56 -17.67 13.72 7.94
CA VAL A 56 -17.69 12.37 7.38
C VAL A 56 -16.46 12.12 6.52
N ARG A 57 -16.14 10.85 6.30
CA ARG A 57 -14.99 10.48 5.49
C ARG A 57 -15.31 9.29 4.59
N LYS A 58 -14.83 9.34 3.36
CA LYS A 58 -15.06 8.26 2.40
C LYS A 58 -13.73 7.77 1.81
N LYS A 59 -13.63 6.46 1.61
CA LYS A 59 -12.41 5.87 1.05
C LYS A 59 -11.93 6.64 -0.17
N LEU A 60 -10.63 6.94 -0.22
CA LEU A 60 -10.05 7.67 -1.33
C LEU A 60 -9.57 6.69 -2.39
N PHE A 61 -8.66 5.81 -2.00
CA PHE A 61 -8.12 4.81 -2.91
C PHE A 61 -8.56 3.40 -2.50
N PRO A 62 -9.87 3.12 -2.56
CA PRO A 62 -10.41 1.81 -2.18
C PRO A 62 -9.88 0.70 -3.09
N GLY A 63 -9.50 -0.42 -2.47
CA GLY A 63 -8.98 -1.54 -3.24
C GLY A 63 -7.57 -1.28 -3.75
N TYR A 64 -6.98 -0.16 -3.34
CA TYR A 64 -5.63 0.20 -3.76
C TYR A 64 -4.66 0.16 -2.57
N LEU A 65 -3.57 -0.58 -2.72
CA LEU A 65 -2.58 -0.68 -1.65
C LEU A 65 -1.33 0.10 -2.00
N PHE A 66 -1.03 1.12 -1.21
CA PHE A 66 0.14 1.97 -1.43
C PHE A 66 1.35 1.41 -0.69
N ILE A 67 2.17 0.62 -1.38
CA ILE A 67 3.35 0.03 -0.78
C ILE A 67 4.59 0.87 -1.05
N GLN A 68 5.16 1.44 0.01
CA GLN A 68 6.35 2.28 -0.13
C GLN A 68 7.61 1.41 -0.16
N MET A 69 7.77 0.65 -1.24
CA MET A 69 8.92 -0.22 -1.41
C MET A 69 10.04 0.52 -2.15
N ASP A 70 11.03 -0.22 -2.64
CA ASP A 70 12.14 0.36 -3.37
C ASP A 70 12.68 -0.62 -4.42
N LEU A 71 12.05 -0.63 -5.59
CA LEU A 71 12.46 -1.51 -6.67
C LEU A 71 13.66 -0.95 -7.41
N GLY A 72 13.71 0.38 -7.54
CA GLY A 72 14.81 1.02 -8.22
C GLY A 72 14.71 0.89 -9.73
N ASP A 73 14.33 1.97 -10.40
CA ASP A 73 14.19 1.97 -11.85
C ASP A 73 13.14 0.96 -12.29
N GLU A 74 12.75 1.04 -13.56
CA GLU A 74 11.74 0.14 -14.11
C GLU A 74 12.37 -0.89 -15.04
N GLU A 75 13.62 -1.27 -14.73
CA GLU A 75 14.33 -2.24 -15.55
C GLU A 75 13.85 -3.65 -15.27
N GLU A 76 14.30 -4.22 -14.16
CA GLU A 76 13.91 -5.57 -13.78
C GLU A 76 13.82 -5.70 -12.25
N PRO A 77 12.60 -5.82 -11.71
CA PRO A 77 12.38 -5.95 -10.26
C PRO A 77 13.25 -7.05 -9.64
N ASN A 78 13.45 -6.97 -8.34
CA ASN A 78 14.26 -7.95 -7.62
C ASN A 78 13.40 -9.11 -7.12
N GLU A 79 13.99 -9.96 -6.29
CA GLU A 79 13.27 -11.11 -5.74
C GLU A 79 11.98 -10.68 -5.05
N ALA A 80 11.93 -9.42 -4.61
CA ALA A 80 10.76 -8.90 -3.92
C ALA A 80 9.50 -9.13 -4.74
N TRP A 81 9.51 -8.73 -6.00
CA TRP A 81 8.37 -8.90 -6.88
C TRP A 81 7.98 -10.37 -6.99
N GLU A 82 8.98 -11.25 -6.88
CA GLU A 82 8.74 -12.68 -6.97
C GLU A 82 8.02 -13.19 -5.72
N VAL A 83 8.28 -12.55 -4.59
CA VAL A 83 7.66 -12.94 -3.32
C VAL A 83 6.27 -12.31 -3.20
N VAL A 84 6.20 -11.00 -3.39
CA VAL A 84 4.92 -10.28 -3.29
C VAL A 84 3.89 -10.86 -4.25
N ARG A 85 4.33 -11.17 -5.46
CA ARG A 85 3.43 -11.73 -6.48
C ARG A 85 3.07 -13.17 -6.14
N GLY A 86 3.90 -13.83 -5.35
CA GLY A 86 3.64 -15.21 -4.97
C GLY A 86 2.69 -15.34 -3.79
N THR A 87 2.53 -14.25 -3.04
CA THR A 87 1.65 -14.26 -1.87
C THR A 87 0.22 -14.62 -2.27
N PRO A 88 -0.47 -15.44 -1.46
CA PRO A 88 -1.85 -15.86 -1.74
C PRO A 88 -2.85 -14.74 -1.48
N GLY A 89 -3.35 -14.14 -2.55
CA GLY A 89 -4.32 -13.07 -2.41
C GLY A 89 -3.97 -11.86 -3.26
N ILE A 90 -2.72 -11.79 -3.72
CA ILE A 90 -2.27 -10.67 -4.54
C ILE A 90 -2.71 -10.87 -5.99
N THR A 91 -3.34 -9.84 -6.55
CA THR A 91 -3.81 -9.90 -7.93
C THR A 91 -2.90 -9.08 -8.85
N GLY A 92 -2.26 -8.07 -8.30
CA GLY A 92 -1.37 -7.24 -9.09
C GLY A 92 -2.06 -5.98 -9.59
N PHE A 93 -3.16 -6.16 -10.31
CA PHE A 93 -3.92 -5.04 -10.84
C PHE A 93 -5.38 -5.42 -11.06
N VAL A 94 -6.18 -4.45 -11.48
CA VAL A 94 -7.61 -4.69 -11.72
C VAL A 94 -7.81 -5.84 -12.72
N GLY A 95 -7.42 -5.60 -13.96
CA GLY A 95 -7.58 -6.63 -14.98
C GLY A 95 -6.76 -6.34 -16.22
N ALA A 96 -5.46 -6.63 -16.15
CA ALA A 96 -4.56 -6.39 -17.27
C ALA A 96 -3.16 -6.90 -16.96
N GLY A 97 -2.35 -7.07 -18.01
CA GLY A 97 -0.99 -7.56 -17.83
C GLY A 97 0.03 -6.51 -18.19
N MET A 98 0.45 -5.72 -17.21
CA MET A 98 1.45 -4.67 -17.44
C MET A 98 2.35 -4.51 -16.23
N ARG A 99 3.20 -3.50 -16.26
CA ARG A 99 4.13 -3.22 -15.16
C ARG A 99 3.41 -2.52 -14.02
N PRO A 100 4.01 -2.52 -12.81
CA PRO A 100 3.43 -1.87 -11.64
C PRO A 100 3.00 -0.43 -11.92
N VAL A 101 2.37 0.20 -10.94
CA VAL A 101 1.91 1.58 -11.11
C VAL A 101 2.31 2.44 -9.91
N PRO A 102 3.57 2.89 -9.86
CA PRO A 102 4.07 3.74 -8.78
C PRO A 102 3.62 5.19 -8.93
N LEU A 103 3.39 5.85 -7.82
CA LEU A 103 2.95 7.24 -7.83
C LEU A 103 4.16 8.19 -7.93
N SER A 104 3.88 9.44 -8.29
CA SER A 104 4.94 10.44 -8.41
C SER A 104 5.17 11.16 -7.08
N PRO A 105 6.40 11.62 -6.83
CA PRO A 105 6.75 12.34 -5.60
C PRO A 105 5.73 13.43 -5.25
N ASP A 106 5.08 13.97 -6.28
CA ASP A 106 4.10 15.02 -6.08
C ASP A 106 2.76 14.44 -5.61
N GLU A 107 2.31 13.38 -6.28
CA GLU A 107 1.05 12.74 -5.92
C GLU A 107 1.19 11.95 -4.62
N VAL A 108 2.39 11.44 -4.36
CA VAL A 108 2.65 10.67 -3.15
C VAL A 108 2.45 11.53 -1.91
N ARG A 109 3.15 12.66 -1.85
CA ARG A 109 3.05 13.56 -0.71
C ARG A 109 1.60 13.97 -0.47
N HIS A 110 0.79 13.93 -1.52
CA HIS A 110 -0.61 14.30 -1.40
C HIS A 110 -1.42 13.18 -0.76
N ILE A 111 -1.19 11.95 -1.20
CA ILE A 111 -1.89 10.79 -0.67
C ILE A 111 -1.41 10.47 0.74
N LEU A 112 -0.16 10.79 1.03
CA LEU A 112 0.41 10.54 2.35
C LEU A 112 -0.09 11.58 3.36
N GLU A 113 -0.38 12.78 2.88
CA GLU A 113 -0.87 13.85 3.73
C GLU A 113 -2.30 13.56 4.16
N VAL A 114 -3.06 12.89 3.29
CA VAL A 114 -4.44 12.54 3.58
C VAL A 114 -4.51 11.24 4.38
N SER A 115 -3.50 10.40 4.21
CA SER A 115 -3.44 9.12 4.92
C SER A 115 -3.24 9.33 6.42
N GLY A 116 -2.34 10.24 6.77
CA GLY A 116 -2.07 10.51 8.16
C GLY A 116 -0.59 10.53 8.50
N LEU A 117 0.26 10.39 7.48
CA LEU A 117 1.70 10.39 7.69
C LEU A 117 2.23 11.82 7.83
N LEU A 118 1.99 12.63 6.81
CA LEU A 118 2.43 14.03 6.82
C LEU A 118 1.32 14.95 7.29
N GLY A 119 0.07 14.55 7.04
CA GLY A 119 -1.06 15.35 7.46
C GLY A 119 -1.78 14.77 8.67
N SER A 1 14.28 9.08 -2.17
CA SER A 1 15.28 7.98 -2.04
C SER A 1 14.70 6.66 -2.54
N ILE A 2 13.38 6.53 -2.45
CA ILE A 2 12.71 5.32 -2.89
C ILE A 2 11.44 5.65 -3.68
N GLU A 3 10.60 4.65 -3.92
CA GLU A 3 9.37 4.86 -4.68
C GLU A 3 8.18 4.13 -4.06
N TRP A 4 6.99 4.68 -4.28
CA TRP A 4 5.76 4.09 -3.76
C TRP A 4 5.08 3.23 -4.83
N TYR A 5 5.31 1.93 -4.78
CA TYR A 5 4.70 1.03 -5.76
C TYR A 5 3.33 0.58 -5.29
N ALA A 6 2.31 0.81 -6.11
CA ALA A 6 0.94 0.44 -5.78
C ALA A 6 0.48 -0.77 -6.58
N VAL A 7 -0.55 -1.44 -6.07
CA VAL A 7 -1.09 -2.62 -6.72
C VAL A 7 -2.62 -2.64 -6.61
N HIS A 8 -3.26 -3.42 -7.47
CA HIS A 8 -4.72 -3.52 -7.47
C HIS A 8 -5.18 -4.63 -6.53
N THR A 9 -6.20 -4.33 -5.73
CA THR A 9 -6.74 -5.29 -4.78
C THR A 9 -8.27 -5.23 -4.74
N LEU A 10 -8.89 -6.29 -4.24
CA LEU A 10 -10.34 -6.34 -4.14
C LEU A 10 -10.82 -5.78 -2.80
N VAL A 11 -12.03 -5.23 -2.80
CA VAL A 11 -12.60 -4.66 -1.58
C VAL A 11 -12.88 -5.74 -0.54
N GLY A 12 -12.37 -5.55 0.67
CA GLY A 12 -12.57 -6.52 1.73
C GLY A 12 -11.40 -7.48 1.85
N GLN A 13 -10.67 -7.68 0.77
CA GLN A 13 -9.53 -8.58 0.77
C GLN A 13 -8.25 -7.83 1.13
N GLU A 14 -8.23 -6.53 0.85
CA GLU A 14 -7.05 -5.71 1.15
C GLU A 14 -6.70 -5.79 2.63
N GLU A 15 -7.72 -5.77 3.49
CA GLU A 15 -7.52 -5.83 4.93
C GLU A 15 -6.69 -7.06 5.31
N LYS A 16 -6.94 -8.16 4.61
CA LYS A 16 -6.22 -9.41 4.87
C LYS A 16 -4.92 -9.46 4.08
N ALA A 17 -4.92 -8.81 2.92
CA ALA A 17 -3.73 -8.79 2.06
C ALA A 17 -2.58 -8.04 2.75
N LYS A 18 -2.92 -7.00 3.50
CA LYS A 18 -1.92 -6.21 4.20
C LYS A 18 -1.15 -7.08 5.19
N ALA A 19 -1.86 -7.92 5.91
CA ALA A 19 -1.24 -8.81 6.90
C ALA A 19 -0.60 -10.01 6.21
N ASN A 20 -1.31 -10.58 5.24
CA ASN A 20 -0.81 -11.74 4.51
C ASN A 20 0.51 -11.40 3.81
N LEU A 21 0.66 -10.15 3.41
CA LEU A 21 1.88 -9.71 2.72
C LEU A 21 2.97 -9.37 3.73
N GLU A 22 2.67 -8.45 4.64
CA GLU A 22 3.63 -8.04 5.66
C GLU A 22 4.31 -9.24 6.32
N LYS A 23 3.51 -10.24 6.67
CA LYS A 23 4.02 -11.45 7.30
C LYS A 23 5.02 -12.16 6.39
N ARG A 24 4.68 -12.22 5.11
CA ARG A 24 5.55 -12.87 4.12
C ARG A 24 6.86 -12.10 3.97
N ILE A 25 6.76 -10.77 3.91
CA ILE A 25 7.92 -9.92 3.78
C ILE A 25 8.83 -10.03 5.00
N LYS A 26 8.23 -10.35 6.14
CA LYS A 26 8.98 -10.49 7.38
C LYS A 26 9.44 -11.92 7.59
N ALA A 27 8.66 -12.87 7.08
CA ALA A 27 8.99 -14.28 7.21
C ALA A 27 10.12 -14.68 6.26
N PHE A 28 10.01 -14.26 5.01
CA PHE A 28 11.02 -14.58 4.01
C PHE A 28 12.23 -13.66 4.14
N GLY A 29 12.04 -12.50 4.76
CA GLY A 29 13.12 -11.56 4.93
C GLY A 29 13.26 -10.62 3.76
N LEU A 30 12.24 -9.78 3.56
CA LEU A 30 12.24 -8.82 2.46
C LEU A 30 12.28 -7.39 2.97
N GLN A 31 12.83 -7.20 4.16
CA GLN A 31 12.93 -5.88 4.75
C GLN A 31 14.09 -5.09 4.17
N ASP A 32 14.54 -5.47 2.97
CA ASP A 32 15.65 -4.79 2.32
C ASP A 32 15.13 -3.92 1.17
N LYS A 33 13.93 -4.24 0.68
CA LYS A 33 13.33 -3.47 -0.41
C LYS A 33 12.09 -2.73 0.07
N ILE A 34 11.21 -3.45 0.78
CA ILE A 34 9.99 -2.84 1.30
C ILE A 34 10.29 -2.05 2.57
N PHE A 35 9.84 -0.80 2.60
CA PHE A 35 10.06 0.06 3.76
C PHE A 35 8.75 0.43 4.44
N GLN A 36 7.84 1.02 3.68
CA GLN A 36 6.55 1.44 4.24
C GLN A 36 5.39 0.69 3.60
N VAL A 37 4.22 0.86 4.20
CA VAL A 37 2.98 0.24 3.72
C VAL A 37 1.79 1.04 4.24
N LEU A 38 0.98 1.55 3.33
CA LEU A 38 -0.17 2.36 3.74
C LEU A 38 -1.37 2.16 2.83
N ILE A 39 -2.56 2.32 3.43
CA ILE A 39 -3.81 2.16 2.68
C ILE A 39 -4.54 3.50 2.58
N PRO A 40 -4.87 3.93 1.35
CA PRO A 40 -5.56 5.20 1.12
C PRO A 40 -7.00 5.19 1.61
N THR A 41 -7.17 5.51 2.90
CA THR A 41 -8.49 5.54 3.50
C THR A 41 -8.63 6.75 4.43
N GLU A 42 -9.83 7.31 4.50
CA GLU A 42 -10.08 8.47 5.35
C GLU A 42 -10.26 8.06 6.80
N GLU A 43 -10.02 9.00 7.71
CA GLU A 43 -10.16 8.74 9.14
C GLU A 43 -10.67 9.99 9.87
N VAL A 44 -11.92 9.95 10.30
CA VAL A 44 -12.52 11.07 11.01
C VAL A 44 -12.73 10.75 12.48
N VAL A 45 -12.22 11.61 13.35
CA VAL A 45 -12.35 11.41 14.79
C VAL A 45 -12.55 12.75 15.50
N GLU A 46 -13.36 12.73 16.56
CA GLU A 46 -13.63 13.94 17.33
C GLU A 46 -13.46 13.69 18.82
N LEU A 47 -13.41 14.77 19.59
CA LEU A 47 -13.24 14.66 21.05
C LEU A 47 -14.56 14.93 21.76
N ARG A 48 -14.77 14.25 22.88
CA ARG A 48 -16.00 14.42 23.66
C ARG A 48 -15.71 14.36 25.16
N GLU A 49 -15.43 15.51 25.74
CA GLU A 49 -15.14 15.58 27.17
C GLU A 49 -13.88 14.80 27.53
N GLY A 50 -14.01 13.48 27.63
CA GLY A 50 -12.87 12.65 27.96
C GLY A 50 -11.90 12.49 26.79
N GLY A 51 -12.42 12.03 25.66
CA GLY A 51 -11.58 11.85 24.48
C GLY A 51 -11.97 10.63 23.67
N LYS A 52 -12.74 9.73 24.27
CA LYS A 52 -13.17 8.51 23.60
C LYS A 52 -14.35 8.81 22.67
N LYS A 53 -14.16 8.53 21.38
CA LYS A 53 -15.20 8.76 20.39
C LYS A 53 -15.18 7.68 19.32
N GLU A 54 -16.08 7.80 18.34
CA GLU A 54 -16.16 6.83 17.25
C GLU A 54 -15.18 7.20 16.13
N VAL A 55 -14.42 6.21 15.68
CA VAL A 55 -13.45 6.43 14.60
C VAL A 55 -13.92 5.81 13.29
N VAL A 56 -14.51 6.63 12.43
CA VAL A 56 -15.00 6.16 11.15
C VAL A 56 -13.87 6.09 10.13
N ARG A 57 -14.07 5.30 9.07
CA ARG A 57 -13.06 5.15 8.03
C ARG A 57 -13.70 4.99 6.66
N LYS A 58 -13.27 5.81 5.71
CA LYS A 58 -13.80 5.77 4.35
C LYS A 58 -12.76 5.17 3.40
N LYS A 59 -13.05 5.22 2.11
CA LYS A 59 -12.13 4.70 1.10
C LYS A 59 -11.90 5.71 -0.01
N LEU A 60 -10.65 6.15 -0.16
CA LEU A 60 -10.31 7.12 -1.19
C LEU A 60 -9.96 6.41 -2.50
N PHE A 61 -9.00 5.50 -2.43
CA PHE A 61 -8.58 4.75 -3.61
C PHE A 61 -8.96 3.28 -3.48
N PRO A 62 -10.15 2.90 -3.97
CA PRO A 62 -10.63 1.52 -3.88
C PRO A 62 -9.67 0.52 -4.52
N GLY A 63 -9.31 -0.51 -3.76
CA GLY A 63 -8.38 -1.52 -4.25
C GLY A 63 -7.05 -0.94 -4.64
N TYR A 64 -6.54 -0.01 -3.83
CA TYR A 64 -5.25 0.61 -4.10
C TYR A 64 -4.39 0.66 -2.85
N LEU A 65 -3.27 -0.06 -2.88
CA LEU A 65 -2.35 -0.09 -1.75
C LEU A 65 -0.95 0.33 -2.20
N PHE A 66 -0.41 1.36 -1.59
CA PHE A 66 0.91 1.85 -1.94
C PHE A 66 1.98 1.31 -1.01
N ILE A 67 3.07 0.84 -1.58
CA ILE A 67 4.18 0.29 -0.81
C ILE A 67 5.47 1.02 -1.14
N GLN A 68 6.11 1.60 -0.12
CA GLN A 68 7.36 2.31 -0.32
C GLN A 68 8.53 1.34 -0.40
N MET A 69 8.64 0.69 -1.55
CA MET A 69 9.70 -0.29 -1.79
C MET A 69 10.93 0.37 -2.41
N ASP A 70 11.92 -0.43 -2.76
CA ASP A 70 13.14 0.07 -3.38
C ASP A 70 13.49 -0.73 -4.63
N LEU A 71 13.16 -0.17 -5.78
CA LEU A 71 13.45 -0.84 -7.05
C LEU A 71 14.56 -0.13 -7.81
N GLY A 72 14.72 1.15 -7.54
CA GLY A 72 15.77 1.92 -8.21
C GLY A 72 17.16 1.42 -7.88
N ASP A 73 17.60 0.38 -8.60
CA ASP A 73 18.92 -0.20 -8.39
C ASP A 73 19.32 -1.07 -9.57
N GLU A 74 18.39 -1.87 -10.05
CA GLU A 74 18.65 -2.76 -11.18
C GLU A 74 17.47 -2.75 -12.15
N GLU A 75 17.68 -3.35 -13.33
CA GLU A 75 16.64 -3.41 -14.34
C GLU A 75 15.75 -4.64 -14.15
N GLU A 76 15.96 -5.37 -13.06
CA GLU A 76 15.17 -6.56 -12.76
C GLU A 76 14.63 -6.51 -11.34
N PRO A 77 13.33 -6.18 -11.18
CA PRO A 77 12.69 -6.10 -9.86
C PRO A 77 12.55 -7.48 -9.21
N ASN A 78 13.65 -7.98 -8.66
CA ASN A 78 13.64 -9.28 -8.01
C ASN A 78 13.32 -9.15 -6.53
N GLU A 79 13.42 -10.26 -5.79
CA GLU A 79 13.15 -10.28 -4.36
C GLU A 79 11.79 -9.68 -4.03
N ALA A 80 11.74 -8.35 -3.91
CA ALA A 80 10.50 -7.65 -3.58
C ALA A 80 9.34 -8.13 -4.46
N TRP A 81 9.57 -8.20 -5.76
CA TRP A 81 8.53 -8.65 -6.69
C TRP A 81 8.36 -10.16 -6.63
N GLU A 82 9.44 -10.87 -6.30
CA GLU A 82 9.41 -12.32 -6.22
C GLU A 82 8.34 -12.77 -5.22
N VAL A 83 8.21 -12.04 -4.12
CA VAL A 83 7.24 -12.37 -3.09
C VAL A 83 5.91 -11.68 -3.36
N VAL A 84 5.96 -10.39 -3.66
CA VAL A 84 4.76 -9.62 -3.95
C VAL A 84 4.00 -10.20 -5.13
N ARG A 85 4.74 -10.58 -6.17
CA ARG A 85 4.13 -11.16 -7.37
C ARG A 85 3.61 -12.56 -7.11
N GLY A 86 4.10 -13.20 -6.04
CA GLY A 86 3.66 -14.54 -5.72
C GLY A 86 3.03 -14.64 -4.34
N THR A 87 2.54 -13.51 -3.83
CA THR A 87 1.91 -13.49 -2.51
C THR A 87 0.51 -14.10 -2.58
N PRO A 88 0.17 -14.98 -1.61
CA PRO A 88 -1.15 -15.63 -1.57
C PRO A 88 -2.27 -14.65 -1.18
N GLY A 89 -1.89 -13.45 -0.78
CA GLY A 89 -2.88 -12.46 -0.37
C GLY A 89 -3.09 -11.39 -1.43
N ILE A 90 -2.14 -11.25 -2.35
CA ILE A 90 -2.24 -10.26 -3.41
C ILE A 90 -3.14 -10.75 -4.54
N THR A 91 -4.12 -9.93 -4.91
CA THR A 91 -5.05 -10.29 -5.98
C THR A 91 -5.47 -9.05 -6.77
N GLY A 92 -5.02 -8.97 -8.01
CA GLY A 92 -5.35 -7.84 -8.85
C GLY A 92 -4.14 -7.05 -9.28
N PHE A 93 -4.15 -6.55 -10.51
CA PHE A 93 -3.05 -5.77 -11.03
C PHE A 93 -3.53 -4.77 -12.09
N VAL A 94 -2.64 -3.88 -12.51
CA VAL A 94 -2.97 -2.88 -13.51
C VAL A 94 -3.13 -3.52 -14.89
N GLY A 95 -4.37 -3.74 -15.29
CA GLY A 95 -4.65 -4.34 -16.59
C GLY A 95 -4.29 -3.42 -17.74
N ALA A 96 -3.00 -3.21 -17.95
CA ALA A 96 -2.53 -2.35 -19.02
C ALA A 96 -1.03 -2.50 -19.24
N GLY A 97 -0.56 -3.73 -19.21
CA GLY A 97 0.86 -3.99 -19.40
C GLY A 97 1.59 -4.20 -18.09
N MET A 98 2.27 -3.15 -17.61
CA MET A 98 3.01 -3.22 -16.36
C MET A 98 2.06 -3.32 -15.17
N ARG A 99 2.38 -4.21 -14.23
CA ARG A 99 1.56 -4.40 -13.05
C ARG A 99 1.86 -3.34 -11.99
N PRO A 100 3.15 -3.15 -11.65
CA PRO A 100 3.56 -2.16 -10.66
C PRO A 100 3.47 -0.74 -11.19
N VAL A 101 2.61 0.07 -10.58
CA VAL A 101 2.42 1.46 -10.99
C VAL A 101 2.86 2.43 -9.89
N PRO A 102 4.10 2.95 -9.98
CA PRO A 102 4.62 3.90 -8.99
C PRO A 102 3.96 5.27 -9.09
N LEU A 103 3.39 5.72 -7.98
CA LEU A 103 2.72 7.01 -7.93
C LEU A 103 3.74 8.16 -7.99
N SER A 104 3.27 9.33 -8.41
CA SER A 104 4.13 10.50 -8.50
C SER A 104 4.22 11.23 -7.17
N PRO A 105 5.34 11.92 -6.90
CA PRO A 105 5.54 12.66 -5.66
C PRO A 105 4.36 13.56 -5.32
N ASP A 106 3.68 14.05 -6.35
CA ASP A 106 2.53 14.92 -6.16
C ASP A 106 1.34 14.14 -5.61
N GLU A 107 1.05 13.00 -6.22
CA GLU A 107 -0.06 12.15 -5.79
C GLU A 107 0.28 11.43 -4.49
N VAL A 108 1.55 11.11 -4.31
CA VAL A 108 2.00 10.42 -3.10
C VAL A 108 1.72 11.25 -1.86
N ARG A 109 2.17 12.50 -1.87
CA ARG A 109 1.97 13.39 -0.73
C ARG A 109 0.48 13.50 -0.37
N HIS A 110 -0.36 13.54 -1.39
CA HIS A 110 -1.80 13.64 -1.18
C HIS A 110 -2.36 12.37 -0.54
N ILE A 111 -1.97 11.23 -1.10
CA ILE A 111 -2.43 9.94 -0.58
C ILE A 111 -1.79 9.62 0.76
N LEU A 112 -0.58 10.15 0.98
CA LEU A 112 0.13 9.93 2.23
C LEU A 112 -0.40 10.82 3.34
N GLU A 113 -0.92 11.99 2.96
CA GLU A 113 -1.47 12.93 3.93
C GLU A 113 -2.73 12.36 4.58
N VAL A 114 -3.36 11.41 3.90
CA VAL A 114 -4.58 10.79 4.42
C VAL A 114 -4.25 9.62 5.35
N SER A 115 -3.46 8.67 4.84
CA SER A 115 -3.07 7.51 5.63
C SER A 115 -2.41 7.94 6.94
N GLY A 116 -1.30 8.66 6.82
CA GLY A 116 -0.59 9.12 8.00
C GLY A 116 0.91 8.93 7.91
N LEU A 117 1.54 9.63 6.96
CA LEU A 117 2.98 9.54 6.77
C LEU A 117 3.62 10.93 6.74
N LEU A 118 2.99 11.85 6.03
CA LEU A 118 3.50 13.22 5.92
C LEU A 118 3.13 14.03 7.16
N GLY A 119 1.82 14.22 7.37
CA GLY A 119 1.36 14.99 8.51
C GLY A 119 0.94 14.11 9.66
N SER A 1 17.15 6.72 -2.18
CA SER A 1 15.85 7.08 -2.81
C SER A 1 14.98 5.83 -3.02
N ILE A 2 13.67 6.03 -2.95
CA ILE A 2 12.72 4.93 -3.13
C ILE A 2 11.50 5.38 -3.92
N GLU A 3 10.45 4.57 -3.92
CA GLU A 3 9.23 4.91 -4.64
C GLU A 3 8.01 4.19 -4.06
N TRP A 4 6.84 4.78 -4.29
CA TRP A 4 5.58 4.20 -3.79
C TRP A 4 4.91 3.37 -4.88
N TYR A 5 5.13 2.06 -4.83
CA TYR A 5 4.55 1.17 -5.82
C TYR A 5 3.14 0.73 -5.40
N ALA A 6 2.15 1.09 -6.20
CA ALA A 6 0.77 0.76 -5.91
C ALA A 6 0.37 -0.55 -6.60
N VAL A 7 -0.53 -1.30 -5.95
CA VAL A 7 -1.00 -2.57 -6.49
C VAL A 7 -2.50 -2.68 -6.38
N HIS A 8 -3.09 -3.57 -7.19
CA HIS A 8 -4.53 -3.78 -7.17
C HIS A 8 -4.90 -5.04 -6.41
N THR A 9 -6.08 -5.03 -5.80
CA THR A 9 -6.56 -6.17 -5.02
C THR A 9 -8.08 -6.24 -5.04
N LEU A 10 -8.63 -7.22 -4.33
CA LEU A 10 -10.08 -7.39 -4.25
C LEU A 10 -10.67 -6.60 -3.08
N VAL A 11 -11.82 -5.98 -3.32
CA VAL A 11 -12.48 -5.18 -2.29
C VAL A 11 -12.88 -6.06 -1.11
N GLY A 12 -12.38 -5.70 0.08
CA GLY A 12 -12.70 -6.46 1.27
C GLY A 12 -11.64 -7.48 1.61
N GLN A 13 -10.93 -7.96 0.59
CA GLN A 13 -9.88 -8.96 0.79
C GLN A 13 -8.53 -8.28 1.02
N GLU A 14 -8.41 -7.03 0.59
CA GLU A 14 -7.17 -6.27 0.75
C GLU A 14 -6.72 -6.27 2.20
N GLU A 15 -7.68 -6.22 3.12
CA GLU A 15 -7.37 -6.21 4.55
C GLU A 15 -6.59 -7.46 4.94
N LYS A 16 -6.84 -8.56 4.24
CA LYS A 16 -6.16 -9.82 4.51
C LYS A 16 -4.86 -9.91 3.71
N ALA A 17 -4.85 -9.30 2.53
CA ALA A 17 -3.67 -9.31 1.67
C ALA A 17 -2.50 -8.58 2.33
N LYS A 18 -2.81 -7.49 3.02
CA LYS A 18 -1.78 -6.70 3.69
C LYS A 18 -1.06 -7.54 4.73
N ALA A 19 -1.81 -8.23 5.57
CA ALA A 19 -1.23 -9.06 6.62
C ALA A 19 -0.52 -10.27 6.02
N ASN A 20 -1.17 -10.92 5.06
CA ASN A 20 -0.59 -12.09 4.41
C ASN A 20 0.71 -11.73 3.71
N LEU A 21 0.80 -10.49 3.24
CA LEU A 21 2.00 -10.02 2.55
C LEU A 21 3.07 -9.60 3.54
N GLU A 22 2.72 -8.68 4.44
CA GLU A 22 3.65 -8.20 5.46
C GLU A 22 4.36 -9.35 6.14
N LYS A 23 3.66 -10.48 6.29
CA LYS A 23 4.23 -11.65 6.93
C LYS A 23 5.29 -12.29 6.04
N ARG A 24 5.01 -12.36 4.74
CA ARG A 24 5.93 -12.94 3.79
C ARG A 24 7.17 -12.07 3.64
N ILE A 25 6.97 -10.76 3.66
CA ILE A 25 8.08 -9.81 3.54
C ILE A 25 8.99 -9.89 4.75
N LYS A 26 8.42 -10.20 5.90
CA LYS A 26 9.19 -10.30 7.14
C LYS A 26 9.68 -11.73 7.35
N ALA A 27 8.91 -12.69 6.86
CA ALA A 27 9.27 -14.10 7.00
C ALA A 27 10.50 -14.44 6.17
N PHE A 28 10.50 -14.00 4.91
CA PHE A 28 11.63 -14.25 4.02
C PHE A 28 12.78 -13.30 4.28
N GLY A 29 12.45 -12.10 4.77
CA GLY A 29 13.47 -11.11 5.06
C GLY A 29 13.66 -10.13 3.92
N LEU A 30 12.64 -9.33 3.65
CA LEU A 30 12.70 -8.35 2.58
C LEU A 30 12.45 -6.94 3.11
N GLN A 31 12.90 -6.69 4.33
CA GLN A 31 12.73 -5.39 4.96
C GLN A 31 13.66 -4.35 4.34
N ASP A 32 14.59 -4.80 3.50
CA ASP A 32 15.53 -3.90 2.85
C ASP A 32 14.89 -3.20 1.65
N LYS A 33 13.94 -3.89 1.01
CA LYS A 33 13.25 -3.33 -0.14
C LYS A 33 12.02 -2.54 0.28
N ILE A 34 11.08 -3.21 0.96
CA ILE A 34 9.87 -2.56 1.43
C ILE A 34 10.11 -1.83 2.74
N PHE A 35 9.72 -0.57 2.79
CA PHE A 35 9.89 0.25 4.00
C PHE A 35 8.55 0.70 4.55
N GLN A 36 7.74 1.34 3.70
CA GLN A 36 6.43 1.83 4.11
C GLN A 36 5.31 1.04 3.45
N VAL A 37 4.16 0.99 4.11
CA VAL A 37 3.01 0.28 3.58
C VAL A 37 1.72 0.99 3.97
N LEU A 38 1.49 2.16 3.37
CA LEU A 38 0.30 2.95 3.65
C LEU A 38 -0.91 2.41 2.88
N ILE A 39 -2.09 2.59 3.45
CA ILE A 39 -3.32 2.13 2.83
C ILE A 39 -4.16 3.30 2.34
N PRO A 40 -4.60 3.28 1.07
CA PRO A 40 -5.41 4.36 0.49
C PRO A 40 -6.75 4.51 1.18
N THR A 41 -6.75 5.05 2.39
CA THR A 41 -7.97 5.25 3.16
C THR A 41 -7.87 6.51 4.00
N GLU A 42 -8.94 7.30 4.00
CA GLU A 42 -8.98 8.54 4.77
C GLU A 42 -9.29 8.26 6.24
N GLU A 43 -8.75 9.09 7.11
CA GLU A 43 -8.97 8.94 8.55
C GLU A 43 -9.50 10.24 9.16
N VAL A 44 -10.74 10.20 9.63
CA VAL A 44 -11.35 11.37 10.24
C VAL A 44 -11.92 11.03 11.62
N VAL A 45 -11.57 11.85 12.61
CA VAL A 45 -12.03 11.65 13.97
C VAL A 45 -12.80 12.86 14.47
N GLU A 46 -14.12 12.69 14.63
CA GLU A 46 -14.97 13.78 15.10
C GLU A 46 -15.06 13.77 16.62
N LEU A 47 -15.27 14.95 17.20
CA LEU A 47 -15.37 15.09 18.65
C LEU A 47 -16.72 15.67 19.05
N ARG A 48 -17.62 14.80 19.50
CA ARG A 48 -18.96 15.22 19.90
C ARG A 48 -18.93 15.80 21.31
N GLU A 49 -20.11 16.18 21.82
CA GLU A 49 -20.22 16.75 23.15
C GLU A 49 -19.69 15.79 24.21
N GLY A 50 -20.43 14.70 24.43
CA GLY A 50 -20.01 13.72 25.42
C GLY A 50 -18.68 13.09 25.08
N GLY A 51 -18.10 12.38 26.04
CA GLY A 51 -16.82 11.73 25.81
C GLY A 51 -16.93 10.56 24.85
N LYS A 52 -17.18 10.87 23.58
CA LYS A 52 -17.30 9.85 22.55
C LYS A 52 -16.64 10.30 21.25
N LYS A 53 -15.78 9.46 20.70
CA LYS A 53 -15.08 9.77 19.46
C LYS A 53 -15.27 8.65 18.43
N GLU A 54 -15.96 8.96 17.34
CA GLU A 54 -16.21 7.99 16.28
C GLU A 54 -15.18 8.13 15.16
N VAL A 55 -14.24 7.20 15.11
CA VAL A 55 -13.20 7.22 14.09
C VAL A 55 -13.61 6.41 12.87
N VAL A 56 -14.09 7.09 11.84
CA VAL A 56 -14.52 6.43 10.61
C VAL A 56 -13.47 6.57 9.52
N ARG A 57 -13.05 5.44 8.95
CA ARG A 57 -12.05 5.44 7.88
C ARG A 57 -12.69 5.23 6.52
N LYS A 58 -12.41 6.14 5.59
CA LYS A 58 -12.96 6.05 4.24
C LYS A 58 -11.92 5.51 3.27
N LYS A 59 -12.38 5.07 2.10
CA LYS A 59 -11.50 4.52 1.09
C LYS A 59 -11.31 5.50 -0.07
N LEU A 60 -10.16 6.15 -0.12
CA LEU A 60 -9.87 7.11 -1.19
C LEU A 60 -9.62 6.39 -2.51
N PHE A 61 -8.79 5.35 -2.47
CA PHE A 61 -8.46 4.58 -3.66
C PHE A 61 -8.83 3.11 -3.47
N PRO A 62 -10.12 2.77 -3.57
CA PRO A 62 -10.60 1.40 -3.41
C PRO A 62 -9.88 0.41 -4.31
N GLY A 63 -9.36 -0.65 -3.72
CA GLY A 63 -8.65 -1.66 -4.49
C GLY A 63 -7.22 -1.27 -4.79
N TYR A 64 -6.64 -0.43 -3.94
CA TYR A 64 -5.26 0.01 -4.12
C TYR A 64 -4.47 -0.13 -2.83
N LEU A 65 -3.15 -0.23 -2.96
CA LEU A 65 -2.26 -0.37 -1.81
C LEU A 65 -0.93 0.33 -2.06
N PHE A 66 -0.66 1.38 -1.30
CA PHE A 66 0.57 2.13 -1.45
C PHE A 66 1.71 1.49 -0.67
N ILE A 67 2.76 1.10 -1.38
CA ILE A 67 3.92 0.47 -0.75
C ILE A 67 5.21 1.17 -1.16
N GLN A 68 5.85 1.84 -0.20
CA GLN A 68 7.10 2.55 -0.48
C GLN A 68 8.27 1.58 -0.50
N MET A 69 8.38 0.81 -1.58
CA MET A 69 9.45 -0.17 -1.74
C MET A 69 10.66 0.45 -2.44
N ASP A 70 11.64 -0.39 -2.75
CA ASP A 70 12.85 0.06 -3.43
C ASP A 70 13.21 -0.88 -4.57
N LEU A 71 12.65 -0.62 -5.74
CA LEU A 71 12.92 -1.45 -6.91
C LEU A 71 13.99 -0.80 -7.80
N GLY A 72 13.61 0.28 -8.48
CA GLY A 72 14.55 0.97 -9.34
C GLY A 72 15.25 0.05 -10.32
N ASP A 73 14.59 -1.05 -10.67
CA ASP A 73 15.15 -2.02 -11.60
C ASP A 73 14.72 -1.71 -13.03
N GLU A 74 15.70 -1.64 -13.93
CA GLU A 74 15.41 -1.34 -15.34
C GLU A 74 14.93 -2.59 -16.06
N GLU A 75 15.60 -3.71 -15.83
CA GLU A 75 15.24 -4.96 -16.46
C GLU A 75 14.18 -5.70 -15.65
N GLU A 76 14.62 -6.32 -14.56
CA GLU A 76 13.71 -7.06 -13.69
C GLU A 76 13.86 -6.60 -12.23
N PRO A 77 12.77 -6.61 -11.46
CA PRO A 77 12.79 -6.20 -10.06
C PRO A 77 13.53 -7.19 -9.17
N ASN A 78 13.46 -6.98 -7.87
CA ASN A 78 14.12 -7.85 -6.91
C ASN A 78 13.21 -9.00 -6.48
N GLU A 79 13.70 -9.84 -5.60
CA GLU A 79 12.93 -10.98 -5.10
C GLU A 79 11.64 -10.51 -4.43
N ALA A 80 11.61 -9.25 -4.01
CA ALA A 80 10.43 -8.69 -3.36
C ALA A 80 9.18 -8.90 -4.20
N TRP A 81 9.35 -8.89 -5.52
CA TRP A 81 8.24 -9.07 -6.44
C TRP A 81 7.81 -10.53 -6.51
N GLU A 82 8.80 -11.42 -6.46
CA GLU A 82 8.53 -12.86 -6.51
C GLU A 82 7.62 -13.29 -5.36
N VAL A 83 7.72 -12.57 -4.24
CA VAL A 83 6.92 -12.89 -3.07
C VAL A 83 5.56 -12.19 -3.13
N VAL A 84 5.59 -10.88 -3.36
CA VAL A 84 4.36 -10.09 -3.45
C VAL A 84 3.45 -10.62 -4.55
N ARG A 85 4.04 -11.07 -5.64
CA ARG A 85 3.28 -11.61 -6.77
C ARG A 85 2.74 -13.00 -6.46
N GLY A 86 3.36 -13.66 -5.49
CA GLY A 86 2.91 -15.00 -5.11
C GLY A 86 2.19 -15.03 -3.78
N THR A 87 1.88 -13.87 -3.23
CA THR A 87 1.19 -13.78 -1.94
C THR A 87 -0.32 -13.85 -2.15
N PRO A 88 -1.04 -14.55 -1.26
CA PRO A 88 -2.50 -14.69 -1.34
C PRO A 88 -3.22 -13.37 -1.09
N GLY A 89 -3.39 -12.59 -2.15
CA GLY A 89 -4.06 -11.31 -2.03
C GLY A 89 -4.00 -10.49 -3.30
N ILE A 90 -2.90 -10.65 -4.05
CA ILE A 90 -2.72 -9.92 -5.30
C ILE A 90 -3.48 -10.59 -6.44
N THR A 91 -4.30 -9.81 -7.14
CA THR A 91 -5.09 -10.32 -8.25
C THR A 91 -4.30 -10.29 -9.54
N GLY A 92 -3.91 -9.08 -9.98
CA GLY A 92 -3.15 -8.94 -11.20
C GLY A 92 -2.87 -7.49 -11.54
N PHE A 93 -2.37 -6.73 -10.56
CA PHE A 93 -2.06 -5.32 -10.75
C PHE A 93 -3.17 -4.60 -11.50
N VAL A 94 -2.89 -3.36 -11.94
CA VAL A 94 -3.88 -2.57 -12.67
C VAL A 94 -4.54 -3.37 -13.78
N GLY A 95 -3.79 -3.65 -14.85
CA GLY A 95 -4.32 -4.41 -15.95
C GLY A 95 -4.08 -3.73 -17.28
N ALA A 96 -4.05 -2.40 -17.28
CA ALA A 96 -3.83 -1.63 -18.50
C ALA A 96 -2.37 -1.72 -18.94
N GLY A 97 -1.47 -1.83 -17.96
CA GLY A 97 -0.06 -1.92 -18.27
C GLY A 97 0.48 -3.33 -18.11
N MET A 98 1.16 -3.58 -16.99
CA MET A 98 1.73 -4.89 -16.72
C MET A 98 2.40 -4.93 -15.35
N ARG A 99 3.42 -4.10 -15.18
CA ARG A 99 4.16 -4.03 -13.91
C ARG A 99 3.53 -2.99 -12.98
N PRO A 100 4.03 -2.89 -11.74
CA PRO A 100 3.52 -1.93 -10.76
C PRO A 100 3.45 -0.51 -11.32
N VAL A 101 2.70 0.35 -10.63
CA VAL A 101 2.55 1.72 -11.06
C VAL A 101 2.94 2.70 -9.95
N PRO A 102 4.18 3.20 -9.96
CA PRO A 102 4.67 4.14 -8.95
C PRO A 102 4.03 5.52 -9.09
N LEU A 103 3.34 5.95 -8.03
CA LEU A 103 2.68 7.26 -8.03
C LEU A 103 3.70 8.38 -8.11
N SER A 104 3.22 9.59 -8.40
CA SER A 104 4.10 10.76 -8.51
C SER A 104 4.24 11.45 -7.16
N PRO A 105 5.41 12.07 -6.91
CA PRO A 105 5.67 12.77 -5.65
C PRO A 105 4.59 13.79 -5.31
N ASP A 106 3.98 14.35 -6.34
CA ASP A 106 2.91 15.34 -6.16
C ASP A 106 1.63 14.68 -5.68
N GLU A 107 1.41 13.44 -6.10
CA GLU A 107 0.22 12.69 -5.72
C GLU A 107 0.45 11.93 -4.42
N VAL A 108 1.68 11.48 -4.21
CA VAL A 108 2.03 10.74 -3.00
C VAL A 108 1.86 11.60 -1.75
N ARG A 109 2.25 12.86 -1.86
CA ARG A 109 2.14 13.80 -0.74
C ARG A 109 0.70 13.90 -0.26
N HIS A 110 -0.25 13.81 -1.19
CA HIS A 110 -1.67 13.89 -0.86
C HIS A 110 -2.10 12.67 -0.06
N ILE A 111 -1.86 11.49 -0.61
CA ILE A 111 -2.22 10.25 0.06
C ILE A 111 -1.40 10.05 1.33
N LEU A 112 -0.22 10.67 1.37
CA LEU A 112 0.65 10.57 2.53
C LEU A 112 0.12 11.42 3.67
N GLU A 113 -0.48 12.56 3.33
CA GLU A 113 -1.03 13.47 4.31
C GLU A 113 -2.37 12.96 4.84
N VAL A 114 -3.11 12.26 3.98
CA VAL A 114 -4.41 11.70 4.35
C VAL A 114 -4.24 10.45 5.19
N SER A 115 -3.17 9.69 4.92
CA SER A 115 -2.90 8.46 5.66
C SER A 115 -2.65 8.76 7.13
N GLY A 116 -1.60 9.52 7.41
CA GLY A 116 -1.27 9.86 8.78
C GLY A 116 0.22 9.91 9.03
N LEU A 117 0.95 10.55 8.12
CA LEU A 117 2.40 10.66 8.24
C LEU A 117 2.83 12.13 8.18
N LEU A 118 2.33 12.84 7.17
CA LEU A 118 2.66 14.24 6.99
C LEU A 118 1.76 15.13 7.83
N GLY A 119 0.53 14.67 8.04
CA GLY A 119 -0.42 15.44 8.84
C GLY A 119 -1.15 14.59 9.85
#